data_3FZ8
#
_entry.id   3FZ8
#
_cell.length_a   116.896
_cell.length_b   116.894
_cell.length_c   208.586
_cell.angle_alpha   90.000
_cell.angle_beta   90.000
_cell.angle_gamma   120.000
#
_symmetry.space_group_name_H-M   'P 32'
#
loop_
_entity.id
_entity.type
_entity.pdbx_description
1 polymer 'Glutamate decarboxylase beta'
2 non-polymer '(5-HYDROXY-4,6-DIMETHYLPYRIDIN-3-YL)METHYL DIHYDROGEN PHOSPHATE'
3 water water
#
_entity_poly.entity_id   1
_entity_poly.type   'polypeptide(L)'
_entity_poly.pdbx_seq_one_letter_code
;MDKKQVTDLRSELLDSRFGAKSISTIAESKRFPLHEMRDDVAFQIINDELYLDGNARQNLATFCQTWDDENVHKLMDLSI
NKNWIDKEEYPQSAAIDLRCVNMVADLWHAPAPKNGQAVGTNTIGSSEACMLGGMAMKWRWRKRMEAAGKPTDKPNLVCG
PVQICWHKFARYWDVELREIPMRPGQLFMDPKRMIEACDENTIGVVPTFGVTYTGNYEFPQPLHDALDKFQADTGIDIDM
HIDAASGGFLAPFVAPDIVWDFRLPRVKSISASGHKFGLAPLGCGWVIWRDEEALPQELVFNVDYLGGQIGTFAINFSRP
AGQVIAQYYEFLRLGREGYTKVQNASYQVAAYLADEIAKLGPYEFICTGRPDEGIPAVCFKLKDGEDPGYTLYDLSERLR
LRGWQVPAFTLGGEATDIVVMRIMCRRGFEMDFAELLLEDYKASLKYLSDHPKLQGIAQQNSFKHT
;
_entity_poly.pdbx_strand_id   A,B,C,D,E,F
#
loop_
_chem_comp.id
_chem_comp.type
_chem_comp.name
_chem_comp.formula
PLR non-polymer '(5-HYDROXY-4,6-DIMETHYLPYRIDIN-3-YL)METHYL DIHYDROGEN PHOSPHATE' 'C8 H12 N O5 P'
#
# COMPACT_ATOMS: atom_id res chain seq x y z
N GLU A 12 18.84 3.08 -32.08
CA GLU A 12 18.21 2.35 -33.22
C GLU A 12 17.05 1.49 -32.71
N LEU A 13 17.35 0.44 -31.94
CA LEU A 13 16.28 -0.39 -31.32
C LEU A 13 15.64 0.31 -30.12
N LEU A 14 14.32 0.21 -30.01
CA LEU A 14 13.59 0.86 -28.93
C LEU A 14 12.73 -0.10 -28.14
N ASP A 15 12.48 0.25 -26.88
CA ASP A 15 11.61 -0.51 -25.97
C ASP A 15 10.24 0.18 -25.84
N SER A 16 9.15 -0.57 -26.04
CA SER A 16 7.82 0.03 -26.16
C SER A 16 7.27 0.47 -24.83
N ARG A 17 7.80 -0.12 -23.76
CA ARG A 17 7.39 0.21 -22.40
C ARG A 17 7.85 1.64 -22.04
N PHE A 18 9.14 1.91 -22.19
CA PHE A 18 9.75 3.16 -21.72
C PHE A 18 10.00 4.20 -22.79
N GLY A 19 9.59 3.94 -24.02
CA GLY A 19 9.87 4.86 -25.12
C GLY A 19 11.31 5.35 -25.07
N ALA A 20 12.23 4.42 -24.85
CA ALA A 20 13.66 4.71 -24.83
C ALA A 20 14.47 3.70 -25.68
N LYS A 21 15.77 3.94 -25.81
CA LYS A 21 16.67 2.94 -26.36
C LYS A 21 16.45 1.62 -25.63
N SER A 22 16.34 0.55 -26.41
CA SER A 22 16.22 -0.81 -25.91
C SER A 22 17.37 -1.17 -24.96
N ILE A 23 17.05 -1.77 -23.82
CA ILE A 23 18.08 -2.46 -23.04
C ILE A 23 17.71 -3.94 -22.91
N SER A 24 18.52 -4.80 -23.51
CA SER A 24 18.23 -6.23 -23.51
C SER A 24 18.96 -7.03 -22.42
N THR A 25 18.18 -7.83 -21.69
CA THR A 25 18.72 -8.71 -20.67
C THR A 25 19.33 -9.97 -21.26
N ILE A 26 18.93 -10.34 -22.46
CA ILE A 26 19.45 -11.56 -23.08
C ILE A 26 20.73 -11.29 -23.89
N ALA A 27 20.95 -10.03 -24.27
CA ALA A 27 22.26 -9.62 -24.81
C ALA A 27 23.25 -9.56 -23.64
N GLU A 28 23.73 -8.35 -23.30
CA GLU A 28 24.64 -8.17 -22.14
C GLU A 28 24.19 -8.91 -20.87
N SER A 29 24.21 -10.24 -20.97
CA SER A 29 23.95 -11.18 -19.90
C SER A 29 24.77 -12.41 -20.23
N LYS A 30 25.96 -12.14 -20.75
CA LYS A 30 26.96 -13.14 -20.98
C LYS A 30 28.16 -12.71 -20.16
N ARG A 31 28.22 -11.42 -19.87
CA ARG A 31 29.29 -10.83 -19.06
C ARG A 31 28.71 -9.79 -18.14
N PHE A 32 29.43 -9.50 -17.06
CA PHE A 32 29.00 -8.53 -16.08
C PHE A 32 28.79 -7.16 -16.75
N PRO A 33 27.61 -6.59 -16.56
CA PRO A 33 27.21 -5.31 -17.15
C PRO A 33 28.23 -4.19 -16.95
N LEU A 34 28.36 -3.31 -17.94
CA LEU A 34 29.34 -2.22 -17.88
C LEU A 34 28.78 -0.95 -17.28
N HIS A 35 27.48 -0.70 -17.49
CA HIS A 35 26.85 0.58 -17.14
C HIS A 35 25.77 0.58 -16.03
N GLU A 36 25.51 1.76 -15.49
CA GLU A 36 24.29 2.04 -14.71
C GLU A 36 23.06 2.07 -15.59
N MET A 37 21.92 1.93 -14.90
CA MET A 37 20.59 1.91 -15.46
C MET A 37 19.73 2.57 -14.40
N ARG A 38 18.66 3.28 -14.78
CA ARG A 38 17.75 3.84 -13.77
C ARG A 38 17.14 2.73 -12.90
N ASP A 39 16.93 3.02 -11.63
CA ASP A 39 16.51 1.98 -10.69
C ASP A 39 15.13 1.38 -10.97
N ASP A 40 14.25 2.15 -11.55
CA ASP A 40 12.91 1.65 -11.78
C ASP A 40 12.87 0.84 -13.05
N VAL A 41 13.72 1.22 -14.00
CA VAL A 41 13.79 0.55 -15.31
C VAL A 41 14.28 -0.88 -15.13
N ALA A 42 15.42 -1.04 -14.46
CA ALA A 42 15.87 -2.35 -14.04
C ALA A 42 14.72 -3.10 -13.39
N PHE A 43 14.07 -2.47 -12.42
CA PHE A 43 12.98 -3.14 -11.72
C PHE A 43 11.87 -3.66 -12.64
N GLN A 44 11.37 -2.77 -13.49
CA GLN A 44 10.36 -3.16 -14.44
C GLN A 44 10.87 -4.21 -15.42
N ILE A 45 12.10 -4.08 -15.91
CA ILE A 45 12.63 -5.12 -16.79
C ILE A 45 12.56 -6.51 -16.11
N ILE A 46 13.11 -6.65 -14.92
CA ILE A 46 13.07 -7.95 -14.24
C ILE A 46 11.66 -8.37 -13.90
N ASN A 47 10.84 -7.42 -13.46
CA ASN A 47 9.53 -7.73 -12.97
C ASN A 47 8.70 -8.29 -14.09
N ASP A 48 8.77 -7.63 -15.24
CA ASP A 48 8.10 -8.11 -16.44
C ASP A 48 8.53 -9.52 -16.76
N GLU A 49 9.81 -9.87 -16.69
CA GLU A 49 10.10 -11.22 -17.13
C GLU A 49 9.59 -12.33 -16.20
N LEU A 50 9.28 -11.95 -14.98
CA LEU A 50 8.83 -12.88 -13.94
C LEU A 50 7.39 -13.38 -14.17
N TYR A 51 6.62 -12.66 -14.98
CA TYR A 51 5.33 -13.16 -15.48
C TYR A 51 5.49 -14.39 -16.39
N LEU A 52 6.69 -14.66 -16.89
CA LEU A 52 6.93 -15.92 -17.60
C LEU A 52 6.95 -17.14 -16.64
N ASP A 53 7.29 -16.91 -15.37
CA ASP A 53 7.14 -17.93 -14.32
C ASP A 53 5.68 -18.26 -14.13
N GLY A 54 5.37 -19.52 -13.87
CA GLY A 54 3.99 -19.93 -13.52
C GLY A 54 3.64 -19.51 -12.08
N ASN A 55 2.36 -19.62 -11.70
CA ASN A 55 1.98 -19.37 -10.30
C ASN A 55 1.84 -20.61 -9.39
N ALA A 56 1.92 -21.82 -9.96
CA ALA A 56 1.85 -23.11 -9.21
C ALA A 56 0.47 -23.55 -8.70
N ARG A 57 -0.50 -22.64 -8.72
CA ARG A 57 -1.87 -22.97 -8.32
C ARG A 57 -2.43 -24.18 -9.08
N GLN A 58 -2.00 -24.35 -10.32
CA GLN A 58 -2.43 -25.49 -11.12
C GLN A 58 -1.36 -26.58 -11.20
N ASN A 59 -0.32 -26.46 -10.38
CA ASN A 59 0.76 -27.45 -10.37
C ASN A 59 0.48 -28.48 -9.31
N LEU A 60 0.25 -29.72 -9.71
CA LEU A 60 -0.01 -30.75 -8.72
C LEU A 60 1.19 -31.69 -8.50
N ALA A 61 2.37 -31.25 -8.92
CA ALA A 61 3.58 -32.03 -8.77
C ALA A 61 4.26 -31.77 -7.42
N THR A 62 4.38 -30.48 -7.09
CA THR A 62 5.17 -30.00 -5.94
C THR A 62 4.55 -30.25 -4.55
N PHE A 63 5.40 -30.63 -3.62
CA PHE A 63 5.05 -30.69 -2.24
C PHE A 63 5.00 -29.32 -1.54
N CYS A 64 5.59 -28.27 -2.16
CA CYS A 64 5.93 -27.06 -1.40
C CYS A 64 4.83 -26.06 -1.33
N GLN A 65 4.81 -25.29 -0.26
CA GLN A 65 3.78 -24.25 -0.09
C GLN A 65 3.74 -23.18 -1.20
N THR A 66 2.57 -23.09 -1.83
CA THR A 66 2.26 -22.18 -2.93
C THR A 66 1.07 -21.24 -2.67
N TRP A 67 0.39 -21.37 -1.52
CA TRP A 67 -0.78 -20.51 -1.23
C TRP A 67 -0.43 -19.22 -0.47
N ASP A 68 -0.71 -18.08 -1.09
CA ASP A 68 -0.39 -16.76 -0.53
C ASP A 68 -1.39 -16.31 0.57
N ASP A 69 -0.87 -15.99 1.76
CA ASP A 69 -1.67 -15.42 2.90
C ASP A 69 -1.09 -14.04 3.25
N GLU A 70 -1.94 -13.04 3.35
CA GLU A 70 -1.44 -11.66 3.46
C GLU A 70 -0.57 -11.44 4.69
N ASN A 71 -0.88 -12.15 5.77
CA ASN A 71 -0.16 -12.00 7.06
C ASN A 71 1.26 -12.52 7.01
N VAL A 72 1.44 -13.60 6.26
CA VAL A 72 2.75 -14.19 6.06
C VAL A 72 3.61 -13.23 5.22
N HIS A 73 3.04 -12.65 4.17
CA HIS A 73 3.75 -11.71 3.30
C HIS A 73 4.37 -10.59 4.11
N LYS A 74 3.57 -10.03 5.00
CA LYS A 74 4.01 -8.96 5.88
C LYS A 74 5.14 -9.37 6.82
N LEU A 75 5.12 -10.58 7.37
CA LEU A 75 6.16 -10.97 8.32
C LEU A 75 7.46 -11.23 7.59
N MET A 76 7.37 -11.80 6.39
CA MET A 76 8.54 -12.14 5.60
C MET A 76 9.19 -10.86 5.13
N ASP A 77 8.38 -9.81 5.03
CA ASP A 77 8.86 -8.55 4.53
C ASP A 77 9.49 -7.73 5.64
N LEU A 78 9.13 -8.05 6.88
CA LEU A 78 9.72 -7.40 8.05
C LEU A 78 11.08 -8.00 8.35
N SER A 79 11.28 -9.24 7.92
CA SER A 79 12.41 -10.04 8.35
C SER A 79 13.45 -10.23 7.27
N ILE A 80 13.28 -9.50 6.17
CA ILE A 80 14.16 -9.61 5.02
C ILE A 80 15.64 -9.41 5.39
N ASN A 81 15.91 -8.66 6.46
CA ASN A 81 17.26 -8.36 6.93
C ASN A 81 17.65 -9.02 8.23
N LYS A 82 16.70 -9.75 8.80
CA LYS A 82 16.84 -10.26 10.13
C LYS A 82 17.69 -11.52 10.08
N ASN A 83 18.93 -11.43 10.59
CA ASN A 83 19.90 -12.52 10.47
C ASN A 83 19.77 -13.65 11.51
N TRP A 84 19.51 -14.86 11.02
CA TRP A 84 19.21 -15.97 11.88
C TRP A 84 20.40 -16.26 12.77
N ILE A 85 21.61 -16.07 12.24
CA ILE A 85 22.81 -16.47 12.97
C ILE A 85 23.23 -15.39 13.97
N ASP A 86 22.67 -14.19 13.79
CA ASP A 86 23.04 -13.06 14.62
C ASP A 86 22.11 -13.01 15.81
N LYS A 87 22.32 -13.94 16.73
CA LYS A 87 21.60 -14.00 18.00
C LYS A 87 21.66 -12.70 18.82
N GLU A 88 22.57 -11.82 18.47
CA GLU A 88 22.94 -10.68 19.29
C GLU A 88 22.07 -9.49 18.91
N GLU A 89 22.03 -9.22 17.59
CA GLU A 89 21.34 -8.05 17.08
C GLU A 89 19.85 -8.28 17.00
N TYR A 90 19.45 -9.56 16.90
CA TYR A 90 18.07 -10.02 16.71
C TYR A 90 17.72 -11.00 17.80
N PRO A 91 17.66 -10.52 19.04
CA PRO A 91 17.47 -11.40 20.17
C PRO A 91 16.07 -12.04 20.18
N GLN A 92 15.09 -11.28 19.71
CA GLN A 92 13.69 -11.68 19.74
C GLN A 92 13.40 -12.80 18.76
N SER A 93 14.00 -12.70 17.57
CA SER A 93 13.99 -13.78 16.57
C SER A 93 14.63 -15.04 17.15
N ALA A 94 15.69 -14.85 17.93
CA ALA A 94 16.42 -15.96 18.51
C ALA A 94 15.50 -16.68 19.48
N ALA A 95 14.78 -15.88 20.28
CA ALA A 95 13.80 -16.40 21.22
C ALA A 95 12.73 -17.20 20.48
N ILE A 96 12.17 -16.62 19.40
CA ILE A 96 11.14 -17.30 18.61
C ILE A 96 11.64 -18.60 18.01
N ASP A 97 12.70 -18.54 17.22
CA ASP A 97 13.42 -19.75 16.77
C ASP A 97 13.48 -20.85 17.85
N LEU A 98 13.93 -20.50 19.06
CA LEU A 98 14.04 -21.48 20.15
C LEU A 98 12.69 -22.08 20.59
N ARG A 99 11.67 -21.23 20.75
CA ARG A 99 10.27 -21.67 20.97
C ARG A 99 9.79 -22.73 19.98
N CYS A 100 10.16 -22.57 18.71
CA CYS A 100 9.79 -23.52 17.69
C CYS A 100 10.46 -24.86 17.89
N VAL A 101 11.77 -24.84 18.16
CA VAL A 101 12.48 -26.08 18.39
C VAL A 101 11.70 -26.84 19.48
N ASN A 102 11.31 -26.15 20.54
CA ASN A 102 10.51 -26.76 21.59
C ASN A 102 9.16 -27.25 21.13
N MET A 103 8.45 -26.43 20.37
CA MET A 103 7.11 -26.78 19.96
C MET A 103 7.13 -28.07 19.14
N VAL A 104 7.99 -28.10 18.13
CA VAL A 104 8.13 -29.28 17.27
C VAL A 104 8.52 -30.50 18.08
N ALA A 105 9.50 -30.30 18.99
CA ALA A 105 10.00 -31.36 19.87
C ALA A 105 8.81 -32.01 20.59
N ASP A 106 8.09 -31.21 21.38
CA ASP A 106 6.84 -31.66 21.95
C ASP A 106 6.03 -32.45 20.92
N LEU A 107 5.84 -31.89 19.72
CA LEU A 107 4.91 -32.51 18.77
C LEU A 107 5.22 -33.96 18.45
N TRP A 108 6.51 -34.28 18.41
CA TRP A 108 6.96 -35.60 18.02
C TRP A 108 7.18 -36.53 19.23
N HIS A 109 6.76 -36.08 20.42
CA HIS A 109 6.87 -36.77 21.72
C HIS A 109 8.31 -36.97 22.20
N ALA A 110 9.24 -36.08 21.87
CA ALA A 110 10.53 -36.09 22.55
C ALA A 110 10.31 -36.14 24.06
N PRO A 111 11.22 -36.79 24.79
CA PRO A 111 11.16 -36.70 26.24
C PRO A 111 11.32 -35.25 26.68
N ALA A 112 10.61 -34.88 27.75
CA ALA A 112 10.61 -33.51 28.24
C ALA A 112 12.05 -33.17 28.53
N PRO A 113 12.58 -32.13 27.86
CA PRO A 113 14.01 -31.76 27.90
C PRO A 113 14.46 -31.27 29.28
N LYS A 114 15.65 -31.75 29.66
CA LYS A 114 16.23 -31.57 31.01
C LYS A 114 16.15 -30.15 31.56
N ASN A 115 16.71 -29.23 30.80
CA ASN A 115 16.91 -27.85 31.20
C ASN A 115 15.90 -26.88 30.58
N GLY A 116 14.79 -27.42 30.07
CA GLY A 116 13.74 -26.57 29.50
C GLY A 116 13.96 -26.15 28.05
N GLN A 117 14.93 -26.80 27.38
CA GLN A 117 15.18 -26.52 25.98
C GLN A 117 15.57 -27.80 25.23
N ALA A 118 14.66 -28.26 24.39
CA ALA A 118 14.86 -29.43 23.55
C ALA A 118 16.08 -29.28 22.62
N VAL A 119 16.65 -30.41 22.22
CA VAL A 119 17.86 -30.45 21.39
C VAL A 119 17.50 -30.60 19.92
N GLY A 120 17.58 -29.49 19.19
CA GLY A 120 17.26 -29.51 17.78
C GLY A 120 17.73 -28.23 17.11
N THR A 121 17.35 -28.04 15.86
CA THR A 121 17.64 -26.79 15.18
C THR A 121 16.79 -26.63 13.92
N ASN A 122 16.38 -25.38 13.66
CA ASN A 122 15.84 -24.94 12.37
C ASN A 122 16.88 -25.12 11.25
N THR A 123 16.42 -25.44 10.04
CA THR A 123 17.29 -25.55 8.89
C THR A 123 16.64 -24.93 7.67
N ILE A 124 17.37 -24.84 6.55
CA ILE A 124 16.77 -24.34 5.32
C ILE A 124 15.77 -25.34 4.76
N GLY A 125 15.99 -26.62 5.01
CA GLY A 125 15.03 -27.60 4.53
C GLY A 125 15.25 -28.97 5.11
N SER A 126 14.47 -29.94 4.66
CA SER A 126 14.74 -31.31 5.05
C SER A 126 16.15 -31.70 4.65
N SER A 127 16.55 -31.34 3.43
CA SER A 127 17.87 -31.70 2.92
C SER A 127 19.02 -31.42 3.90
N GLU A 128 19.09 -30.19 4.44
CA GLU A 128 20.13 -29.85 5.43
C GLU A 128 19.88 -30.61 6.72
N ALA A 129 18.61 -30.65 7.11
CA ALA A 129 18.14 -31.38 8.28
C ALA A 129 18.53 -32.87 8.29
N CYS A 130 18.47 -33.52 7.11
CA CYS A 130 18.95 -34.90 6.96
C CYS A 130 20.47 -34.99 6.98
N MET A 131 21.12 -33.98 6.44
CA MET A 131 22.56 -34.04 6.47
C MET A 131 23.02 -34.00 7.92
N LEU A 132 22.28 -33.25 8.72
CA LEU A 132 22.70 -33.06 10.10
C LEU A 132 22.44 -34.36 10.83
N GLY A 133 21.21 -34.85 10.75
CA GLY A 133 20.86 -36.13 11.35
C GLY A 133 21.90 -37.12 10.92
N GLY A 134 22.09 -37.21 9.59
CA GLY A 134 23.11 -38.05 8.97
C GLY A 134 24.47 -38.13 9.65
N MET A 135 25.11 -36.96 9.84
CA MET A 135 26.43 -36.89 10.48
C MET A 135 26.40 -37.34 11.91
N ALA A 136 25.36 -36.95 12.63
CA ALA A 136 25.17 -37.42 14.00
C ALA A 136 25.13 -38.98 14.05
N MET A 137 24.32 -39.59 13.19
CA MET A 137 24.38 -41.05 13.04
C MET A 137 25.79 -41.61 12.80
N LYS A 138 26.52 -41.05 11.83
CA LYS A 138 27.85 -41.55 11.57
C LYS A 138 28.77 -41.32 12.77
N TRP A 139 28.63 -40.18 13.43
CA TRP A 139 29.48 -39.91 14.59
C TRP A 139 29.15 -40.83 15.76
N ARG A 140 27.87 -40.98 16.06
CA ARG A 140 27.47 -41.88 17.13
C ARG A 140 28.12 -43.26 16.94
N TRP A 141 27.96 -43.82 15.75
CA TRP A 141 28.53 -45.10 15.37
C TRP A 141 30.04 -45.08 15.42
N ARG A 142 30.68 -44.07 14.84
CA ARG A 142 32.14 -43.98 14.96
C ARG A 142 32.62 -44.07 16.39
N LYS A 143 32.11 -43.23 17.27
CA LYS A 143 32.48 -43.20 18.68
C LYS A 143 32.35 -44.57 19.36
N ARG A 144 31.20 -45.22 19.16
CA ARG A 144 30.88 -46.48 19.82
C ARG A 144 31.83 -47.59 19.38
N MET A 145 32.14 -47.61 18.09
CA MET A 145 32.99 -48.64 17.50
C MET A 145 34.47 -48.49 17.86
N GLU A 146 34.91 -47.26 18.11
CA GLU A 146 36.26 -46.99 18.56
C GLU A 146 36.40 -47.51 19.97
N ALA A 147 35.34 -47.33 20.74
CA ALA A 147 35.33 -47.70 22.14
C ALA A 147 35.48 -49.21 22.26
N ALA A 148 34.95 -49.94 21.29
CA ALA A 148 35.03 -51.40 21.29
C ALA A 148 36.26 -51.95 20.56
N GLY A 149 37.05 -51.03 20.00
CA GLY A 149 38.30 -51.36 19.34
C GLY A 149 38.11 -51.92 17.95
N LYS A 150 37.14 -51.37 17.21
CA LYS A 150 36.82 -51.91 15.91
C LYS A 150 36.94 -50.92 14.73
N PRO A 151 37.06 -51.44 13.49
CA PRO A 151 37.23 -50.63 12.29
C PRO A 151 36.03 -49.76 11.97
N THR A 152 36.33 -48.53 11.58
CA THR A 152 35.31 -47.55 11.38
C THR A 152 35.51 -46.93 10.02
N ASP A 153 35.98 -47.70 9.07
CA ASP A 153 36.23 -47.16 7.75
C ASP A 153 35.19 -47.57 6.74
N LYS A 154 34.33 -48.52 7.09
CA LYS A 154 33.37 -49.02 6.13
C LYS A 154 31.93 -48.91 6.64
N PRO A 155 31.48 -47.67 6.96
CA PRO A 155 30.11 -47.50 7.43
C PRO A 155 29.10 -47.62 6.31
N ASN A 156 27.91 -48.10 6.66
CA ASN A 156 26.81 -48.19 5.73
C ASN A 156 25.52 -47.62 6.30
N LEU A 157 24.56 -47.36 5.42
CA LEU A 157 23.25 -46.82 5.77
C LEU A 157 22.20 -47.72 5.10
N VAL A 158 21.22 -48.17 5.87
CA VAL A 158 20.14 -48.99 5.31
C VAL A 158 18.88 -48.14 5.29
N CYS A 159 18.15 -48.24 4.18
CA CYS A 159 16.99 -47.40 3.94
C CYS A 159 16.17 -47.90 2.77
N GLY A 160 15.10 -47.16 2.46
CA GLY A 160 14.14 -47.53 1.42
C GLY A 160 14.18 -46.52 0.30
N PRO A 161 13.09 -46.42 -0.50
CA PRO A 161 13.00 -45.43 -1.58
C PRO A 161 13.15 -44.00 -1.07
N VAL A 162 14.40 -43.62 -0.74
CA VAL A 162 14.68 -42.30 -0.17
C VAL A 162 14.58 -41.20 -1.21
N GLN A 163 14.36 -39.98 -0.73
CA GLN A 163 14.46 -38.80 -1.58
C GLN A 163 15.94 -38.57 -1.91
N ILE A 164 16.19 -37.90 -3.03
CA ILE A 164 17.57 -37.67 -3.48
C ILE A 164 18.57 -37.16 -2.40
N CYS A 165 18.11 -36.53 -1.34
CA CYS A 165 19.09 -35.98 -0.41
C CYS A 165 19.93 -37.07 0.25
N TRP A 166 19.37 -38.25 0.42
CA TRP A 166 20.12 -39.35 1.02
C TRP A 166 21.17 -39.95 0.04
N HIS A 167 20.95 -39.77 -1.26
CA HIS A 167 21.89 -40.27 -2.25
C HIS A 167 23.08 -39.34 -2.18
N LYS A 168 22.74 -38.05 -2.01
CA LYS A 168 23.70 -37.00 -1.79
C LYS A 168 24.49 -37.31 -0.55
N PHE A 169 23.80 -37.44 0.60
CA PHE A 169 24.48 -37.72 1.87
C PHE A 169 25.46 -38.90 1.82
N ALA A 170 25.01 -40.02 1.24
CA ALA A 170 25.88 -41.18 1.05
C ALA A 170 27.17 -40.84 0.30
N ARG A 171 27.06 -40.08 -0.80
CA ARG A 171 28.27 -39.66 -1.54
C ARG A 171 29.21 -38.76 -0.75
N TYR A 172 28.66 -37.67 -0.23
CA TYR A 172 29.47 -36.61 0.34
C TYR A 172 30.31 -37.03 1.53
N TRP A 173 29.66 -37.80 2.41
CA TRP A 173 30.26 -38.30 3.65
C TRP A 173 30.73 -39.77 3.60
N ASP A 174 31.02 -40.31 2.42
CA ASP A 174 31.64 -41.65 2.32
C ASP A 174 30.92 -42.72 3.14
N VAL A 175 29.62 -42.84 2.95
CA VAL A 175 28.89 -43.97 3.55
C VAL A 175 28.32 -44.85 2.42
N GLU A 176 28.37 -46.16 2.60
CA GLU A 176 27.81 -47.06 1.62
C GLU A 176 26.31 -47.00 1.79
N LEU A 177 25.61 -46.58 0.73
CA LEU A 177 24.13 -46.58 0.79
C LEU A 177 23.58 -47.93 0.39
N ARG A 178 22.84 -48.55 1.29
CA ARG A 178 22.21 -49.82 0.99
C ARG A 178 20.72 -49.63 0.80
N GLU A 179 20.34 -49.03 -0.30
CA GLU A 179 18.92 -48.79 -0.57
C GLU A 179 18.21 -50.12 -0.83
N ILE A 180 17.14 -50.40 -0.09
CA ILE A 180 16.28 -51.53 -0.47
C ILE A 180 15.38 -51.08 -1.61
N PRO A 181 15.45 -51.81 -2.72
CA PRO A 181 14.80 -51.40 -3.97
C PRO A 181 13.29 -51.68 -3.98
N MET A 182 12.50 -50.71 -4.45
CA MET A 182 11.09 -51.00 -4.73
C MET A 182 11.00 -52.07 -5.82
N ARG A 183 9.97 -52.90 -5.77
CA ARG A 183 9.67 -53.88 -6.83
C ARG A 183 8.16 -54.14 -6.81
N PRO A 184 7.57 -54.47 -7.97
CA PRO A 184 6.12 -54.69 -8.04
C PRO A 184 5.56 -55.48 -6.84
N GLY A 185 4.41 -55.03 -6.34
CA GLY A 185 3.73 -55.68 -5.21
C GLY A 185 4.43 -55.47 -3.87
N GLN A 186 5.58 -54.78 -3.87
CA GLN A 186 6.38 -54.52 -2.67
C GLN A 186 7.25 -53.28 -2.90
N LEU A 187 6.69 -52.14 -2.60
CA LEU A 187 7.33 -50.92 -3.04
C LEU A 187 8.19 -50.24 -1.97
N PHE A 188 8.35 -50.88 -0.82
CA PHE A 188 8.86 -50.20 0.38
C PHE A 188 9.83 -51.08 1.15
N MET A 189 10.66 -50.46 1.99
CA MET A 189 11.49 -51.19 2.96
C MET A 189 10.62 -51.94 3.99
N ASP A 190 10.59 -53.26 3.87
CA ASP A 190 9.89 -54.14 4.79
C ASP A 190 10.87 -54.73 5.82
N PRO A 191 10.37 -55.25 6.96
CA PRO A 191 11.30 -55.74 7.99
C PRO A 191 12.36 -56.73 7.48
N LYS A 192 12.00 -57.60 6.53
CA LYS A 192 12.89 -58.70 6.17
C LYS A 192 14.11 -58.32 5.32
N ARG A 193 13.90 -57.54 4.26
CA ARG A 193 15.03 -57.03 3.49
C ARG A 193 15.83 -56.02 4.33
N MET A 194 15.14 -55.30 5.21
CA MET A 194 15.86 -54.44 6.15
C MET A 194 16.94 -55.28 6.84
N ILE A 195 16.51 -56.18 7.73
CA ILE A 195 17.42 -57.05 8.50
C ILE A 195 18.63 -57.56 7.71
N GLU A 196 18.41 -58.11 6.52
CA GLU A 196 19.49 -58.69 5.70
C GLU A 196 20.64 -57.73 5.34
N ALA A 197 20.32 -56.45 5.14
CA ALA A 197 21.35 -55.49 4.78
C ALA A 197 22.10 -54.92 5.99
N CYS A 198 21.73 -55.38 7.18
CA CYS A 198 22.29 -54.82 8.42
C CYS A 198 23.48 -55.59 8.93
N ASP A 199 24.39 -54.86 9.56
CA ASP A 199 25.50 -55.45 10.23
C ASP A 199 26.13 -54.44 11.15
N GLU A 200 27.31 -54.78 11.66
CA GLU A 200 28.02 -53.98 12.65
C GLU A 200 28.37 -52.61 12.10
N ASN A 201 28.52 -52.54 10.79
CA ASN A 201 28.89 -51.29 10.17
C ASN A 201 27.69 -50.39 9.83
N THR A 202 26.48 -50.84 10.16
CA THR A 202 25.30 -50.03 9.88
C THR A 202 25.25 -48.87 10.86
N ILE A 203 25.30 -47.66 10.34
CA ILE A 203 25.25 -46.48 11.18
C ILE A 203 23.83 -46.15 11.57
N GLY A 204 22.89 -46.61 10.75
CA GLY A 204 21.46 -46.52 11.08
C GLY A 204 20.50 -46.87 9.97
N VAL A 205 19.23 -47.02 10.33
CA VAL A 205 18.16 -47.22 9.36
C VAL A 205 17.37 -45.92 9.15
N VAL A 206 17.03 -45.61 7.90
CA VAL A 206 16.18 -44.43 7.65
C VAL A 206 14.84 -44.76 6.97
N PRO A 207 13.78 -44.94 7.77
CA PRO A 207 12.51 -45.01 7.06
C PRO A 207 12.02 -43.60 6.63
N THR A 208 11.41 -43.54 5.45
CA THR A 208 10.89 -42.29 4.95
C THR A 208 9.42 -42.29 5.36
N PHE A 209 9.06 -41.33 6.20
CA PHE A 209 7.71 -41.23 6.72
C PHE A 209 6.84 -40.41 5.79
N GLY A 210 6.54 -41.03 4.65
CA GLY A 210 5.92 -40.37 3.51
C GLY A 210 6.85 -40.36 2.32
N VAL A 211 6.80 -41.41 1.50
CA VAL A 211 7.73 -41.58 0.37
C VAL A 211 7.44 -40.57 -0.72
N THR A 212 8.49 -39.97 -1.29
CA THR A 212 8.32 -38.90 -2.28
C THR A 212 7.64 -39.41 -3.55
N TYR A 213 7.95 -40.65 -3.92
CA TYR A 213 7.53 -41.17 -5.23
C TYR A 213 6.13 -41.75 -5.23
N THR A 214 5.57 -42.01 -4.06
CA THR A 214 4.24 -42.62 -4.01
C THR A 214 3.30 -42.03 -2.96
N GLY A 215 3.85 -41.42 -1.93
CA GLY A 215 3.00 -40.84 -0.92
C GLY A 215 2.61 -41.76 0.23
N ASN A 216 2.98 -43.04 0.15
CA ASN A 216 2.79 -43.91 1.32
C ASN A 216 3.87 -43.72 2.41
N TYR A 217 3.49 -44.01 3.64
CA TYR A 217 4.39 -43.98 4.77
C TYR A 217 5.08 -45.32 4.84
N GLU A 218 6.40 -45.30 5.05
CA GLU A 218 7.09 -46.45 5.64
C GLU A 218 6.81 -46.46 7.15
N PHE A 219 6.26 -47.55 7.65
CA PHE A 219 5.89 -47.60 9.06
C PHE A 219 7.09 -48.03 9.91
N PRO A 220 7.59 -47.11 10.78
CA PRO A 220 8.80 -47.44 11.47
C PRO A 220 8.64 -48.56 12.51
N GLN A 221 7.42 -48.75 13.05
CA GLN A 221 7.22 -49.71 14.17
C GLN A 221 7.64 -51.17 13.87
N PRO A 222 7.03 -51.81 12.85
CA PRO A 222 7.43 -53.19 12.61
C PRO A 222 8.93 -53.36 12.26
N LEU A 223 9.58 -52.27 11.81
CA LEU A 223 11.03 -52.24 11.64
C LEU A 223 11.71 -52.22 13.01
N HIS A 224 11.15 -51.42 13.92
CA HIS A 224 11.69 -51.27 15.26
C HIS A 224 11.73 -52.64 15.88
N ASP A 225 10.62 -53.36 15.81
CA ASP A 225 10.56 -54.74 16.27
C ASP A 225 11.73 -55.56 15.72
N ALA A 226 11.88 -55.55 14.39
CA ALA A 226 12.98 -56.28 13.73
C ALA A 226 14.37 -55.94 14.30
N LEU A 227 14.60 -54.66 14.58
CA LEU A 227 15.85 -54.22 15.20
C LEU A 227 16.04 -54.67 16.64
N ASP A 228 14.92 -54.75 17.39
CA ASP A 228 14.91 -55.35 18.72
C ASP A 228 15.26 -56.85 18.67
N LYS A 229 14.46 -57.64 17.95
CA LYS A 229 14.77 -59.03 17.63
C LYS A 229 16.18 -59.21 17.06
N PHE A 230 16.64 -58.26 16.26
CA PHE A 230 17.98 -58.36 15.69
C PHE A 230 19.06 -58.27 16.76
N GLN A 231 18.89 -57.33 17.69
CA GLN A 231 19.85 -57.09 18.73
C GLN A 231 19.91 -58.25 19.73
N ALA A 232 18.76 -58.91 19.93
CA ALA A 232 18.67 -60.07 20.80
C ALA A 232 19.59 -61.16 20.29
N ASP A 233 19.56 -61.39 18.97
CA ASP A 233 20.34 -62.45 18.32
C ASP A 233 21.84 -62.17 18.19
N THR A 234 22.18 -60.95 17.73
CA THR A 234 23.55 -60.62 17.32
C THR A 234 24.34 -59.77 18.31
N GLY A 235 23.63 -59.04 19.16
CA GLY A 235 24.29 -58.13 20.09
C GLY A 235 24.51 -56.76 19.50
N ILE A 236 24.23 -56.62 18.20
CA ILE A 236 24.36 -55.36 17.44
C ILE A 236 23.15 -54.44 17.59
N ASP A 237 23.43 -53.19 17.96
CA ASP A 237 22.40 -52.15 18.28
C ASP A 237 22.23 -51.08 17.17
N ILE A 238 21.08 -51.07 16.51
CA ILE A 238 20.92 -50.14 15.40
C ILE A 238 19.91 -49.04 15.70
N ASP A 239 20.31 -47.79 15.42
CA ASP A 239 19.48 -46.60 15.68
C ASP A 239 18.69 -46.20 14.42
N MET A 240 17.66 -45.37 14.60
CA MET A 240 16.87 -44.88 13.49
C MET A 240 16.86 -43.35 13.38
N HIS A 241 16.66 -42.86 12.16
CA HIS A 241 16.32 -41.48 11.92
C HIS A 241 15.11 -41.49 10.98
N ILE A 242 14.05 -40.80 11.34
CA ILE A 242 12.89 -40.83 10.50
C ILE A 242 12.97 -39.66 9.56
N ASP A 243 12.82 -39.90 8.26
CA ASP A 243 12.72 -38.79 7.32
C ASP A 243 11.28 -38.37 7.22
N ALA A 244 10.87 -37.40 8.02
CA ALA A 244 9.45 -37.04 8.11
C ALA A 244 9.14 -35.79 7.34
N ALA A 245 9.83 -35.67 6.19
CA ALA A 245 9.75 -34.48 5.32
C ALA A 245 8.32 -33.97 5.18
N SER A 246 7.43 -34.89 4.80
CA SER A 246 6.04 -34.53 4.68
C SER A 246 5.21 -35.10 5.83
N GLY A 247 5.23 -36.42 6.04
CA GLY A 247 4.42 -37.02 7.10
C GLY A 247 4.61 -36.36 8.47
N GLY A 248 5.74 -35.66 8.66
CA GLY A 248 6.08 -35.08 9.94
C GLY A 248 5.01 -34.18 10.52
N PHE A 249 4.28 -33.47 9.65
CA PHE A 249 3.26 -32.53 10.09
C PHE A 249 1.87 -32.94 9.58
N LEU A 250 1.63 -34.24 9.50
CA LEU A 250 0.34 -34.74 9.07
C LEU A 250 -0.15 -35.70 10.11
N ALA A 251 0.64 -36.74 10.35
CA ALA A 251 0.25 -37.81 11.26
C ALA A 251 -0.06 -37.32 12.69
N PRO A 252 0.79 -36.42 13.24
CA PRO A 252 0.46 -36.04 14.63
C PRO A 252 -0.92 -35.39 14.74
N PHE A 253 -1.54 -34.96 13.63
CA PHE A 253 -2.88 -34.33 13.68
C PHE A 253 -4.05 -35.23 13.26
N VAL A 254 -3.91 -35.96 12.17
CA VAL A 254 -5.03 -36.78 11.68
C VAL A 254 -4.96 -38.26 12.10
N ALA A 255 -3.84 -38.68 12.66
CA ALA A 255 -3.65 -40.09 12.97
C ALA A 255 -2.53 -40.24 13.99
N PRO A 256 -2.82 -39.87 15.24
CA PRO A 256 -1.76 -39.80 16.25
C PRO A 256 -1.40 -41.14 16.92
N ASP A 257 -2.10 -42.22 16.60
CA ASP A 257 -1.70 -43.50 17.18
C ASP A 257 -0.96 -44.40 16.20
N ILE A 258 -0.51 -43.80 15.12
CA ILE A 258 0.57 -44.39 14.35
C ILE A 258 1.77 -44.03 15.20
N VAL A 259 2.46 -45.05 15.72
CA VAL A 259 3.63 -44.85 16.56
C VAL A 259 4.86 -44.76 15.65
N TRP A 260 5.34 -43.55 15.39
CA TRP A 260 6.40 -43.39 14.42
C TRP A 260 7.54 -42.52 14.93
N ASP A 261 7.31 -41.86 16.06
CA ASP A 261 8.17 -40.75 16.54
C ASP A 261 9.02 -41.11 17.77
N PHE A 262 9.38 -40.12 18.61
CA PHE A 262 10.22 -40.36 19.81
C PHE A 262 9.64 -41.35 20.84
N ARG A 263 8.39 -41.76 20.64
CA ARG A 263 7.83 -42.84 21.44
C ARG A 263 8.68 -44.08 21.29
N LEU A 264 9.13 -44.34 20.05
CA LEU A 264 10.00 -45.47 19.72
C LEU A 264 11.48 -45.27 20.12
N PRO A 265 11.94 -45.97 21.17
CA PRO A 265 13.21 -45.66 21.82
C PRO A 265 14.41 -45.59 20.89
N ARG A 266 14.35 -46.29 19.76
CA ARG A 266 15.50 -46.37 18.86
C ARG A 266 15.57 -45.17 17.94
N VAL A 267 14.45 -44.49 17.78
CA VAL A 267 14.46 -43.21 17.10
C VAL A 267 15.34 -42.24 17.92
N LYS A 268 16.43 -41.78 17.33
CA LYS A 268 17.28 -40.82 18.03
C LYS A 268 17.29 -39.45 17.35
N SER A 269 16.57 -39.32 16.24
CA SER A 269 16.41 -38.04 15.54
C SER A 269 15.29 -38.15 14.52
N ILE A 270 14.62 -37.03 14.27
CA ILE A 270 13.53 -36.93 13.28
C ILE A 270 13.72 -35.64 12.52
N SER A 271 13.37 -35.63 11.24
CA SER A 271 13.50 -34.43 10.42
C SER A 271 12.26 -34.18 9.55
N ALA A 272 11.92 -32.91 9.32
CA ALA A 272 10.78 -32.55 8.50
C ALA A 272 10.96 -31.22 7.77
N SER A 273 10.24 -31.05 6.66
CA SER A 273 10.17 -29.79 5.92
C SER A 273 9.01 -28.90 6.43
N GLY A 274 9.33 -27.70 6.89
CA GLY A 274 8.29 -26.76 7.24
C GLY A 274 7.50 -26.35 6.01
N HIS A 275 8.21 -26.15 4.90
CA HIS A 275 7.61 -25.64 3.66
C HIS A 275 6.93 -26.71 2.83
N LYS A 276 6.76 -27.88 3.36
CA LYS A 276 5.92 -28.87 2.79
C LYS A 276 4.63 -28.74 3.58
N PHE A 277 4.24 -29.75 4.36
CA PHE A 277 2.97 -29.75 5.06
C PHE A 277 2.89 -28.98 6.38
N GLY A 278 4.02 -28.49 6.87
CA GLY A 278 4.06 -27.69 8.09
C GLY A 278 3.74 -26.24 7.83
N LEU A 279 3.34 -25.96 6.59
CA LEU A 279 2.66 -24.71 6.19
C LEU A 279 3.53 -23.47 6.16
N ALA A 280 4.84 -23.62 6.40
CA ALA A 280 5.73 -22.47 6.33
C ALA A 280 6.07 -22.13 4.87
N PRO A 281 6.44 -20.87 4.58
CA PRO A 281 6.96 -20.51 3.26
C PRO A 281 8.27 -21.21 2.98
N LEU A 282 8.62 -21.35 1.69
CA LEU A 282 9.92 -21.94 1.30
C LEU A 282 11.07 -21.49 2.19
N GLY A 283 11.97 -22.41 2.54
CA GLY A 283 13.22 -22.06 3.24
C GLY A 283 13.25 -22.38 4.72
N CYS A 284 12.53 -23.42 5.11
CA CYS A 284 12.40 -23.78 6.50
C CYS A 284 12.26 -25.29 6.75
N GLY A 285 13.22 -25.84 7.49
CA GLY A 285 13.19 -27.25 7.92
C GLY A 285 13.53 -27.41 9.40
N TRP A 286 13.29 -28.60 9.91
CA TRP A 286 13.44 -28.84 11.32
C TRP A 286 14.13 -30.17 11.51
N VAL A 287 15.09 -30.22 12.43
CA VAL A 287 15.62 -31.49 12.91
C VAL A 287 15.70 -31.46 14.45
N ILE A 288 15.09 -32.46 15.07
CA ILE A 288 15.07 -32.63 16.52
C ILE A 288 15.85 -33.89 16.92
N TRP A 289 16.59 -33.81 18.02
CA TRP A 289 17.27 -34.97 18.58
C TRP A 289 16.51 -35.47 19.81
N ARG A 290 16.54 -36.78 20.11
CA ARG A 290 15.85 -37.38 21.29
C ARG A 290 16.19 -36.76 22.65
N ASP A 291 17.47 -36.44 22.81
CA ASP A 291 18.03 -35.77 23.98
C ASP A 291 19.45 -35.32 23.70
N GLU A 292 20.08 -34.72 24.70
CA GLU A 292 21.51 -34.41 24.75
C GLU A 292 22.41 -35.45 24.11
N GLU A 293 22.27 -36.69 24.54
CA GLU A 293 23.21 -37.73 24.14
C GLU A 293 23.07 -38.15 22.70
N ALA A 294 21.91 -37.86 22.11
CA ALA A 294 21.71 -38.15 20.69
C ALA A 294 22.63 -37.34 19.76
N LEU A 295 23.12 -36.20 20.26
CA LEU A 295 23.92 -35.27 19.48
C LEU A 295 25.37 -35.17 19.94
N PRO A 296 26.32 -35.82 19.21
CA PRO A 296 27.74 -35.77 19.56
C PRO A 296 28.25 -34.36 19.76
N GLN A 297 28.95 -34.13 20.87
CA GLN A 297 29.51 -32.80 21.19
C GLN A 297 30.54 -32.23 20.20
N GLU A 298 31.29 -33.10 19.52
CA GLU A 298 32.25 -32.63 18.50
C GLU A 298 31.56 -31.94 17.31
N LEU A 299 30.25 -32.16 17.15
CA LEU A 299 29.52 -31.62 16.00
C LEU A 299 29.05 -30.20 16.26
N VAL A 300 28.96 -29.83 17.54
CA VAL A 300 28.44 -28.52 17.93
C VAL A 300 29.54 -27.45 18.06
N PHE A 301 29.45 -26.37 17.27
CA PHE A 301 30.38 -25.25 17.38
C PHE A 301 29.85 -24.11 18.25
N ASN A 302 30.70 -23.68 19.18
CA ASN A 302 30.41 -22.58 20.09
C ASN A 302 30.99 -21.23 19.65
N VAL A 303 30.11 -20.39 19.07
CA VAL A 303 30.41 -18.98 18.84
C VAL A 303 30.26 -18.20 20.14
N ASP A 304 31.09 -17.17 20.28
CA ASP A 304 30.93 -16.18 21.35
C ASP A 304 30.02 -15.04 20.87
N TYR A 305 29.20 -14.56 21.81
CA TYR A 305 28.44 -13.33 21.63
C TYR A 305 28.26 -12.64 23.00
N LEU A 306 27.64 -11.44 23.02
CA LEU A 306 27.63 -10.56 24.21
C LEU A 306 26.89 -10.99 25.49
N GLY A 307 25.88 -11.84 25.37
CA GLY A 307 25.09 -12.28 26.52
C GLY A 307 25.10 -13.79 26.73
N GLY A 308 26.30 -14.34 26.88
CA GLY A 308 26.52 -15.80 26.95
C GLY A 308 27.24 -16.33 25.72
N GLN A 309 27.10 -17.63 25.46
CA GLN A 309 27.60 -18.26 24.21
C GLN A 309 26.66 -19.38 23.75
N ILE A 310 26.32 -19.39 22.46
CA ILE A 310 25.44 -20.42 21.93
C ILE A 310 26.21 -21.35 21.01
N GLY A 311 26.05 -22.65 21.24
CA GLY A 311 26.46 -23.68 20.29
C GLY A 311 25.44 -23.99 19.19
N THR A 312 25.85 -23.83 17.93
CA THR A 312 25.04 -24.24 16.80
C THR A 312 25.57 -25.52 16.18
N PHE A 313 24.67 -26.22 15.48
CA PHE A 313 25.04 -27.29 14.55
C PHE A 313 24.18 -27.06 13.30
N ALA A 314 24.83 -26.61 12.23
CA ALA A 314 24.13 -26.32 10.99
C ALA A 314 25.17 -26.11 9.90
N ILE A 315 24.76 -26.37 8.67
CA ILE A 315 25.65 -26.18 7.54
C ILE A 315 25.68 -24.70 7.16
N ASN A 316 24.52 -24.07 7.21
CA ASN A 316 24.46 -22.66 6.86
C ASN A 316 24.95 -21.69 7.98
N PHE A 317 25.33 -20.48 7.59
CA PHE A 317 25.64 -19.47 8.59
C PHE A 317 24.60 -18.37 8.48
N SER A 318 24.89 -17.30 7.76
CA SER A 318 23.96 -16.18 7.69
C SER A 318 22.84 -16.51 6.73
N ARG A 319 21.59 -16.26 7.18
CA ARG A 319 20.37 -16.40 6.38
C ARG A 319 19.21 -15.73 7.12
N PRO A 320 18.09 -15.41 6.39
CA PRO A 320 16.96 -14.69 7.02
C PRO A 320 16.31 -15.54 8.08
N ALA A 321 15.73 -14.88 9.06
CA ALA A 321 14.88 -15.55 10.02
C ALA A 321 13.41 -15.43 9.62
N GLY A 322 13.14 -14.85 8.44
CA GLY A 322 11.76 -14.66 7.95
C GLY A 322 10.84 -15.87 8.12
N GLN A 323 11.26 -17.04 7.62
CA GLN A 323 10.48 -18.27 7.63
C GLN A 323 10.24 -18.85 9.03
N VAL A 324 11.23 -18.77 9.92
CA VAL A 324 11.01 -19.20 11.32
C VAL A 324 9.89 -18.35 11.95
N ILE A 325 9.94 -17.04 11.71
CA ILE A 325 8.89 -16.20 12.20
C ILE A 325 7.57 -16.59 11.52
N ALA A 326 7.63 -16.89 10.24
CA ALA A 326 6.42 -17.34 9.54
C ALA A 326 5.91 -18.62 10.17
N GLN A 327 6.84 -19.54 10.43
CA GLN A 327 6.48 -20.86 10.93
C GLN A 327 5.82 -20.77 12.29
N TYR A 328 6.35 -19.90 13.14
CA TYR A 328 5.79 -19.59 14.45
C TYR A 328 4.34 -19.13 14.31
N TYR A 329 4.11 -18.15 13.40
CA TYR A 329 2.78 -17.57 13.12
C TYR A 329 1.76 -18.66 12.77
N GLU A 330 2.19 -19.59 11.93
CA GLU A 330 1.36 -20.72 11.57
C GLU A 330 1.09 -21.61 12.80
N PHE A 331 2.08 -21.83 13.66
CA PHE A 331 1.86 -22.62 14.88
C PHE A 331 0.83 -21.92 15.78
N LEU A 332 1.10 -20.68 16.18
CA LEU A 332 0.27 -19.92 17.13
C LEU A 332 -1.19 -19.69 16.68
N ARG A 333 -1.36 -19.36 15.40
CA ARG A 333 -2.69 -19.08 14.90
C ARG A 333 -3.47 -20.38 14.69
N LEU A 334 -2.80 -21.44 14.26
CA LEU A 334 -3.50 -22.69 13.99
C LEU A 334 -3.67 -23.61 15.20
N GLY A 335 -2.61 -23.85 15.97
CA GLY A 335 -2.59 -24.88 17.04
C GLY A 335 -2.94 -26.29 16.58
N ARG A 336 -3.01 -27.27 17.50
CA ARG A 336 -3.45 -28.65 17.19
C ARG A 336 -4.80 -28.71 16.47
N GLU A 337 -5.74 -27.89 16.93
CA GLU A 337 -7.09 -27.95 16.48
C GLU A 337 -7.14 -27.45 15.05
N GLY A 338 -6.37 -26.40 14.81
CA GLY A 338 -6.28 -25.82 13.49
C GLY A 338 -5.60 -26.75 12.51
N TYR A 339 -4.41 -27.19 12.83
CA TYR A 339 -3.70 -28.05 11.91
C TYR A 339 -4.61 -29.22 11.56
N THR A 340 -5.18 -29.88 12.58
CA THR A 340 -6.07 -31.01 12.30
C THR A 340 -7.05 -30.63 11.20
N LYS A 341 -7.76 -29.51 11.34
CA LYS A 341 -8.73 -29.10 10.34
C LYS A 341 -8.11 -28.94 8.96
N VAL A 342 -7.05 -28.14 8.91
CA VAL A 342 -6.29 -27.90 7.68
C VAL A 342 -5.92 -29.20 6.98
N GLN A 343 -5.17 -30.06 7.65
CA GLN A 343 -4.70 -31.26 7.00
C GLN A 343 -5.85 -32.16 6.54
N ASN A 344 -6.87 -32.36 7.38
CA ASN A 344 -8.03 -33.17 6.99
C ASN A 344 -8.67 -32.71 5.69
N ALA A 345 -8.74 -31.39 5.49
CA ALA A 345 -9.30 -30.83 4.27
C ALA A 345 -8.49 -31.25 3.06
N SER A 346 -7.16 -31.27 3.21
CA SER A 346 -6.31 -31.77 2.15
C SER A 346 -6.56 -33.25 1.86
N TYR A 347 -6.68 -34.05 2.91
CA TYR A 347 -7.02 -35.48 2.77
C TYR A 347 -8.38 -35.72 2.09
N GLN A 348 -9.39 -34.91 2.44
CA GLN A 348 -10.73 -35.07 1.83
C GLN A 348 -10.75 -34.80 0.34
N VAL A 349 -9.86 -33.92 -0.12
CA VAL A 349 -9.67 -33.70 -1.56
C VAL A 349 -9.00 -34.94 -2.14
N ALA A 350 -7.87 -35.31 -1.54
CA ALA A 350 -7.15 -36.49 -1.93
C ALA A 350 -8.06 -37.73 -2.01
N ALA A 351 -8.82 -38.01 -0.95
CA ALA A 351 -9.77 -39.12 -0.91
C ALA A 351 -10.82 -39.04 -2.01
N TYR A 352 -11.29 -37.84 -2.29
CA TYR A 352 -12.30 -37.64 -3.32
C TYR A 352 -11.74 -37.87 -4.73
N LEU A 353 -10.54 -37.36 -4.99
CA LEU A 353 -9.89 -37.56 -6.30
C LEU A 353 -9.71 -39.05 -6.61
N ALA A 354 -9.16 -39.78 -5.63
CA ALA A 354 -8.94 -41.21 -5.73
C ALA A 354 -10.19 -42.01 -6.11
N ASP A 355 -11.34 -41.57 -5.62
CA ASP A 355 -12.58 -42.31 -5.79
C ASP A 355 -13.12 -42.06 -7.16
N GLU A 356 -12.83 -40.85 -7.63
CA GLU A 356 -13.42 -40.36 -8.86
C GLU A 356 -12.57 -40.69 -10.05
N ILE A 357 -11.26 -40.54 -9.89
CA ILE A 357 -10.34 -40.93 -10.93
C ILE A 357 -10.61 -42.41 -11.19
N ALA A 358 -10.66 -43.20 -10.12
CA ALA A 358 -10.94 -44.64 -10.20
C ALA A 358 -11.98 -44.94 -11.29
N LYS A 359 -13.09 -44.20 -11.28
CA LYS A 359 -14.18 -44.45 -12.21
C LYS A 359 -13.88 -44.15 -13.67
N LEU A 360 -12.66 -43.67 -13.97
CA LEU A 360 -12.36 -43.16 -15.32
C LEU A 360 -11.51 -44.05 -16.27
N GLY A 361 -11.04 -45.17 -15.77
CA GLY A 361 -10.33 -46.15 -16.60
C GLY A 361 -9.63 -47.25 -15.82
N PRO A 362 -8.73 -48.01 -16.49
CA PRO A 362 -8.20 -49.22 -15.89
C PRO A 362 -6.92 -48.97 -15.07
N TYR A 363 -7.10 -48.34 -13.90
CA TYR A 363 -5.99 -48.02 -12.99
C TYR A 363 -5.94 -48.90 -11.76
N GLU A 364 -4.72 -49.07 -11.26
CA GLU A 364 -4.44 -49.75 -10.00
C GLU A 364 -3.78 -48.70 -9.12
N PHE A 365 -4.19 -48.64 -7.86
CA PHE A 365 -3.72 -47.59 -6.97
C PHE A 365 -2.60 -48.01 -6.07
N ILE A 366 -1.57 -47.20 -5.99
CA ILE A 366 -0.52 -47.43 -5.04
C ILE A 366 -0.89 -46.70 -3.75
N CYS A 367 -1.64 -45.60 -3.89
CA CYS A 367 -1.96 -44.69 -2.79
C CYS A 367 -3.21 -43.86 -3.04
N THR A 368 -4.19 -43.96 -2.14
CA THR A 368 -5.48 -43.28 -2.33
C THR A 368 -5.81 -42.21 -1.32
N GLY A 369 -4.78 -41.57 -0.76
CA GLY A 369 -4.99 -40.39 0.10
C GLY A 369 -5.73 -40.59 1.43
N ARG A 370 -5.42 -41.70 2.11
CA ARG A 370 -5.98 -42.00 3.41
C ARG A 370 -5.00 -41.62 4.51
N PRO A 371 -5.51 -41.06 5.64
CA PRO A 371 -4.66 -40.47 6.66
C PRO A 371 -3.72 -41.48 7.30
N ASP A 372 -4.13 -42.74 7.34
CA ASP A 372 -3.39 -43.78 8.08
C ASP A 372 -2.37 -44.54 7.22
N GLU A 373 -2.34 -44.24 5.93
CA GLU A 373 -1.45 -44.91 4.98
C GLU A 373 -0.36 -44.01 4.41
N GLY A 374 -0.59 -42.71 4.42
CA GLY A 374 0.34 -41.78 3.82
C GLY A 374 -0.14 -40.35 3.85
N ILE A 375 0.41 -39.54 2.94
CA ILE A 375 0.12 -38.13 2.83
C ILE A 375 -1.06 -37.90 1.82
N PRO A 376 -1.62 -36.65 1.74
CA PRO A 376 -2.73 -36.32 0.87
C PRO A 376 -2.31 -36.36 -0.57
N ALA A 377 -2.18 -37.56 -1.11
CA ALA A 377 -1.71 -37.77 -2.46
C ALA A 377 -2.45 -38.95 -3.09
N VAL A 378 -2.80 -38.79 -4.36
CA VAL A 378 -3.30 -39.88 -5.14
C VAL A 378 -2.16 -40.30 -6.07
N CYS A 379 -1.89 -41.61 -6.13
CA CYS A 379 -0.89 -42.20 -7.05
C CYS A 379 -1.28 -43.56 -7.65
N PHE A 380 -1.41 -43.57 -8.98
CA PHE A 380 -1.98 -44.72 -9.70
C PHE A 380 -1.32 -44.99 -11.04
N LYS A 381 -1.19 -46.28 -11.34
CA LYS A 381 -0.63 -46.77 -12.58
C LYS A 381 -1.70 -47.45 -13.40
N LEU A 382 -1.44 -47.62 -14.70
CA LEU A 382 -2.31 -48.42 -15.52
C LEU A 382 -2.29 -49.89 -15.08
N LYS A 383 -3.46 -50.52 -15.12
CA LYS A 383 -3.60 -51.96 -14.88
C LYS A 383 -2.77 -52.75 -15.87
N ASP A 384 -2.09 -53.76 -15.34
CA ASP A 384 -1.15 -54.56 -16.13
C ASP A 384 -1.86 -55.23 -17.31
N GLY A 385 -1.21 -55.13 -18.48
CA GLY A 385 -1.76 -55.66 -19.71
C GLY A 385 -3.16 -55.11 -20.02
N GLU A 386 -3.40 -53.85 -19.73
CA GLU A 386 -4.59 -53.20 -20.26
C GLU A 386 -4.24 -51.89 -20.95
N ASP A 387 -5.00 -51.58 -22.00
CA ASP A 387 -4.65 -50.50 -22.89
C ASP A 387 -5.92 -49.69 -23.18
N PRO A 388 -6.15 -48.63 -22.39
CA PRO A 388 -7.36 -47.85 -22.57
C PRO A 388 -7.23 -46.89 -23.74
N GLY A 389 -6.06 -46.88 -24.37
CA GLY A 389 -5.84 -46.07 -25.57
C GLY A 389 -4.90 -44.87 -25.45
N TYR A 390 -4.12 -44.82 -24.37
CA TYR A 390 -3.16 -43.73 -24.09
C TYR A 390 -2.18 -44.20 -23.02
N THR A 391 -1.02 -43.55 -22.94
CA THR A 391 -0.16 -43.75 -21.77
C THR A 391 -0.45 -42.64 -20.77
N LEU A 392 0.00 -42.83 -19.53
CA LEU A 392 -0.11 -41.78 -18.54
C LEU A 392 0.73 -40.57 -18.94
N TYR A 393 1.82 -40.78 -19.68
CA TYR A 393 2.61 -39.67 -20.27
C TYR A 393 1.77 -38.85 -21.23
N ASP A 394 1.01 -39.53 -22.09
CA ASP A 394 0.08 -38.88 -23.01
C ASP A 394 -1.06 -38.15 -22.28
N LEU A 395 -1.61 -38.79 -21.26
CA LEU A 395 -2.64 -38.13 -20.46
C LEU A 395 -2.05 -36.88 -19.84
N SER A 396 -0.88 -37.02 -19.23
CA SER A 396 -0.18 -35.92 -18.60
C SER A 396 -0.01 -34.68 -19.51
N GLU A 397 0.32 -34.93 -20.78
CA GLU A 397 0.50 -33.86 -21.78
C GLU A 397 -0.77 -33.08 -22.11
N ARG A 398 -1.88 -33.78 -22.38
CA ARG A 398 -3.18 -33.12 -22.59
C ARG A 398 -3.52 -32.32 -21.34
N LEU A 399 -3.28 -32.89 -20.15
CA LEU A 399 -3.61 -32.16 -18.93
C LEU A 399 -2.89 -30.82 -18.84
N ARG A 400 -1.63 -30.81 -19.24
CA ARG A 400 -0.84 -29.58 -19.37
C ARG A 400 -1.50 -28.54 -20.34
N LEU A 401 -1.97 -28.97 -21.51
CA LEU A 401 -2.59 -27.98 -22.42
C LEU A 401 -3.74 -27.20 -21.77
N ARG A 402 -4.37 -27.80 -20.76
CA ARG A 402 -5.40 -27.11 -20.00
C ARG A 402 -4.88 -26.55 -18.69
N GLY A 403 -3.56 -26.29 -18.64
CA GLY A 403 -2.91 -25.53 -17.55
C GLY A 403 -2.45 -26.30 -16.32
N TRP A 404 -2.57 -27.62 -16.35
CA TRP A 404 -2.37 -28.45 -15.17
C TRP A 404 -1.09 -29.24 -15.23
N GLN A 405 -0.18 -29.00 -14.29
CA GLN A 405 0.99 -29.89 -14.20
C GLN A 405 0.71 -31.18 -13.40
N VAL A 406 0.62 -32.32 -14.06
CA VAL A 406 0.33 -33.56 -13.35
C VAL A 406 1.35 -34.61 -13.77
N PRO A 407 2.44 -34.74 -13.00
CA PRO A 407 3.57 -35.56 -13.43
C PRO A 407 3.25 -37.04 -13.65
N ALA A 408 3.68 -37.55 -14.79
CA ALA A 408 3.86 -38.98 -14.94
C ALA A 408 5.35 -39.29 -14.96
N PHE A 409 5.73 -40.38 -14.30
CA PHE A 409 7.12 -40.81 -14.21
C PHE A 409 7.24 -42.28 -13.76
N THR A 410 8.45 -42.81 -13.97
CA THR A 410 8.84 -44.17 -13.58
C THR A 410 9.39 -44.20 -12.15
N LEU A 411 9.31 -45.37 -11.51
CA LEU A 411 9.89 -45.57 -10.18
C LEU A 411 11.25 -46.24 -10.32
N GLY A 412 12.06 -46.18 -9.27
CA GLY A 412 13.42 -46.75 -9.31
C GLY A 412 13.59 -48.28 -9.22
N GLY A 413 14.84 -48.69 -8.90
CA GLY A 413 15.22 -50.09 -8.59
C GLY A 413 14.71 -51.15 -9.55
N GLU A 414 13.68 -51.88 -9.12
CA GLU A 414 13.10 -53.00 -9.90
C GLU A 414 11.71 -52.68 -10.50
N ALA A 415 11.09 -51.59 -10.05
CA ALA A 415 9.82 -51.14 -10.65
C ALA A 415 10.07 -50.16 -11.83
N THR A 416 11.26 -50.29 -12.41
CA THR A 416 11.68 -49.50 -13.57
C THR A 416 10.66 -49.64 -14.69
N ASP A 417 9.88 -50.71 -14.60
CA ASP A 417 8.86 -51.06 -15.58
C ASP A 417 7.56 -50.26 -15.44
N ILE A 418 7.36 -49.70 -14.24
CA ILE A 418 6.09 -49.10 -13.88
C ILE A 418 6.11 -47.58 -14.01
N VAL A 419 5.11 -47.08 -14.73
CA VAL A 419 4.87 -45.64 -14.91
C VAL A 419 3.69 -45.24 -14.03
N VAL A 420 3.90 -44.24 -13.16
CA VAL A 420 2.83 -43.74 -12.32
C VAL A 420 2.52 -42.27 -12.59
N MET A 421 1.28 -41.89 -12.28
CA MET A 421 0.89 -40.52 -12.14
C MET A 421 0.80 -40.23 -10.63
N ARG A 422 1.35 -39.10 -10.16
CA ARG A 422 1.22 -38.67 -8.74
C ARG A 422 0.64 -37.24 -8.55
N ILE A 423 -0.61 -37.18 -8.06
CA ILE A 423 -1.30 -35.92 -7.73
C ILE A 423 -1.06 -35.52 -6.28
N MET A 424 -0.58 -34.30 -6.05
CA MET A 424 -0.35 -33.79 -4.69
C MET A 424 -1.39 -32.78 -4.21
N CYS A 425 -2.08 -33.10 -3.11
CA CYS A 425 -3.13 -32.23 -2.56
C CYS A 425 -2.64 -31.34 -1.42
N ARG A 426 -2.23 -30.12 -1.74
CA ARG A 426 -1.69 -29.25 -0.70
C ARG A 426 -2.64 -28.09 -0.40
N ARG A 427 -2.28 -27.24 0.55
CA ARG A 427 -3.23 -26.28 1.04
C ARG A 427 -3.56 -25.29 -0.04
N GLY A 428 -4.84 -25.09 -0.28
CA GLY A 428 -5.23 -24.13 -1.29
C GLY A 428 -5.78 -24.83 -2.52
N PHE A 429 -5.44 -26.08 -2.67
CA PHE A 429 -6.06 -26.89 -3.70
C PHE A 429 -7.37 -27.51 -3.16
N GLU A 430 -8.42 -26.69 -3.11
CA GLU A 430 -9.66 -27.09 -2.47
C GLU A 430 -10.58 -27.86 -3.41
N MET A 431 -11.65 -28.37 -2.81
CA MET A 431 -12.65 -29.19 -3.48
C MET A 431 -13.02 -28.61 -4.85
N ASP A 432 -13.29 -27.30 -4.92
CA ASP A 432 -13.67 -26.65 -6.21
C ASP A 432 -12.68 -26.83 -7.36
N PHE A 433 -11.40 -26.98 -7.00
CA PHE A 433 -10.33 -27.08 -7.96
C PHE A 433 -10.18 -28.56 -8.29
N ALA A 434 -10.33 -29.40 -7.28
CA ALA A 434 -10.44 -30.85 -7.51
C ALA A 434 -11.42 -31.10 -8.65
N GLU A 435 -12.59 -30.47 -8.54
CA GLU A 435 -13.69 -30.63 -9.47
C GLU A 435 -13.33 -30.23 -10.90
N LEU A 436 -12.70 -29.07 -10.99
CA LEU A 436 -12.28 -28.51 -12.26
C LEU A 436 -11.25 -29.44 -12.88
N LEU A 437 -10.23 -29.81 -12.11
CA LEU A 437 -9.29 -30.85 -12.52
C LEU A 437 -10.04 -32.03 -13.16
N LEU A 438 -10.94 -32.66 -12.42
CA LEU A 438 -11.74 -33.75 -12.98
C LEU A 438 -12.35 -33.37 -14.30
N GLU A 439 -12.96 -32.19 -14.38
CA GLU A 439 -13.64 -31.81 -15.60
C GLU A 439 -12.68 -31.73 -16.78
N ASP A 440 -11.40 -31.48 -16.47
CA ASP A 440 -10.34 -31.41 -17.47
C ASP A 440 -9.70 -32.78 -17.71
N TYR A 441 -9.74 -33.62 -16.68
CA TYR A 441 -9.31 -34.98 -16.82
C TYR A 441 -10.27 -35.68 -17.79
N LYS A 442 -11.58 -35.57 -17.53
CA LYS A 442 -12.61 -36.19 -18.36
C LYS A 442 -12.48 -35.81 -19.83
N ALA A 443 -12.24 -34.52 -20.08
CA ALA A 443 -12.14 -34.01 -21.45
C ALA A 443 -10.84 -34.45 -22.15
N SER A 444 -9.75 -34.58 -21.39
CA SER A 444 -8.50 -35.05 -21.94
C SER A 444 -8.72 -36.46 -22.45
N LEU A 445 -9.35 -37.29 -21.63
CA LEU A 445 -9.66 -38.68 -21.97
C LEU A 445 -10.56 -38.81 -23.23
N LYS A 446 -11.44 -37.85 -23.47
CA LYS A 446 -12.31 -37.88 -24.65
C LYS A 446 -11.56 -37.52 -25.93
N TYR A 447 -10.59 -36.61 -25.78
CA TYR A 447 -9.72 -36.14 -26.88
C TYR A 447 -8.79 -37.28 -27.34
N LEU A 448 -8.07 -37.86 -26.39
CA LEU A 448 -7.26 -39.01 -26.64
C LEU A 448 -8.08 -40.12 -27.24
N SER A 449 -9.34 -40.23 -26.84
CA SER A 449 -10.22 -41.25 -27.36
C SER A 449 -10.44 -40.96 -28.85
N ASP A 450 -10.80 -39.72 -29.14
CA ASP A 450 -11.06 -39.30 -30.52
C ASP A 450 -9.82 -39.17 -31.42
N HIS A 451 -8.63 -39.08 -30.83
CA HIS A 451 -7.40 -38.94 -31.60
C HIS A 451 -6.39 -40.05 -31.29
N PRO A 452 -6.69 -41.26 -31.77
CA PRO A 452 -6.01 -42.48 -31.34
C PRO A 452 -4.52 -42.48 -31.67
N LYS A 453 -4.10 -41.49 -32.46
CA LYS A 453 -2.74 -41.37 -32.98
C LYS A 453 -1.78 -40.81 -31.94
N LEU A 454 -2.32 -40.06 -30.98
CA LEU A 454 -1.53 -39.43 -29.90
C LEU A 454 -0.82 -40.41 -28.93
N GLN A 455 -1.28 -41.67 -28.96
CA GLN A 455 -0.91 -42.72 -28.03
C GLN A 455 0.57 -43.11 -28.15
N GLY A 456 1.25 -43.13 -27.01
CA GLY A 456 2.63 -43.57 -26.93
C GLY A 456 3.65 -42.61 -27.52
N ILE A 457 3.22 -41.39 -27.84
CA ILE A 457 4.13 -40.39 -28.45
C ILE A 457 5.01 -39.69 -27.41
N ALA A 458 4.39 -39.09 -26.39
CA ALA A 458 5.11 -38.40 -25.32
C ALA A 458 5.87 -39.42 -24.50
N GLN A 459 7.03 -39.04 -23.98
CA GLN A 459 7.76 -39.96 -23.08
C GLN A 459 8.77 -39.29 -22.14
N GLN A 460 8.42 -38.10 -21.65
CA GLN A 460 9.35 -37.39 -20.81
C GLN A 460 8.91 -37.41 -19.35
N ASN A 461 9.76 -37.98 -18.52
CA ASN A 461 9.57 -37.97 -17.08
C ASN A 461 9.45 -36.53 -16.60
N SER A 462 8.51 -36.28 -15.67
CA SER A 462 8.43 -34.98 -15.00
C SER A 462 9.35 -34.93 -13.78
N PHE A 463 9.70 -33.71 -13.39
CA PHE A 463 10.29 -33.46 -12.09
C PHE A 463 9.38 -34.13 -11.07
N LYS A 464 10.00 -34.96 -10.21
CA LYS A 464 9.28 -35.84 -9.25
C LYS A 464 9.69 -35.66 -7.76
N HIS A 465 10.75 -34.89 -7.50
CA HIS A 465 11.48 -34.99 -6.22
C HIS A 465 10.94 -34.15 -5.07
N THR A 466 10.03 -33.22 -5.38
CA THR A 466 9.34 -32.37 -4.39
C THR A 466 8.66 -31.22 -5.11
N LYS B 4 -12.52 -1.28 52.46
CA LYS B 4 -13.51 -0.32 51.89
C LYS B 4 -13.08 0.13 50.51
N GLN B 5 -13.74 -0.40 49.50
CA GLN B 5 -13.19 -0.41 48.14
C GLN B 5 -13.86 0.51 47.11
N VAL B 6 -13.15 0.75 46.01
CA VAL B 6 -13.57 1.74 45.01
C VAL B 6 -13.35 1.32 43.54
N THR B 7 -12.88 0.11 43.36
CA THR B 7 -12.52 -0.28 42.03
C THR B 7 -13.62 -1.13 41.40
N ASP B 8 -13.35 -1.55 40.18
CA ASP B 8 -14.32 -2.20 39.34
C ASP B 8 -13.39 -2.96 38.46
N LEU B 9 -13.12 -4.19 38.83
CA LEU B 9 -12.03 -4.90 38.21
C LEU B 9 -12.53 -6.20 37.65
N ARG B 10 -11.89 -6.69 36.60
CA ARG B 10 -12.26 -7.97 36.04
C ARG B 10 -11.33 -9.06 36.59
N SER B 11 -11.86 -10.28 36.70
CA SER B 11 -11.12 -11.39 37.33
C SER B 11 -10.52 -12.34 36.30
N GLU B 12 -9.82 -11.77 35.34
CA GLU B 12 -9.11 -12.52 34.33
C GLU B 12 -8.06 -11.58 33.80
N LEU B 13 -6.94 -12.14 33.39
CA LEU B 13 -5.88 -11.37 32.75
C LEU B 13 -6.33 -10.83 31.40
N LEU B 14 -6.08 -9.55 31.20
CA LEU B 14 -6.51 -8.89 30.01
C LEU B 14 -5.30 -8.41 29.22
N ASP B 15 -5.48 -8.25 27.91
CA ASP B 15 -4.46 -7.62 27.06
C ASP B 15 -4.93 -6.20 26.73
N SER B 16 -4.05 -5.18 26.86
CA SER B 16 -4.48 -3.79 26.60
C SER B 16 -4.55 -3.42 25.09
N ARG B 17 -3.96 -4.28 24.27
CA ARG B 17 -4.00 -4.12 22.85
C ARG B 17 -5.39 -4.48 22.40
N PHE B 18 -5.86 -5.67 22.77
CA PHE B 18 -7.05 -6.23 22.17
C PHE B 18 -8.29 -6.14 23.02
N GLY B 19 -8.13 -5.68 24.25
CA GLY B 19 -9.27 -5.56 25.18
C GLY B 19 -10.02 -6.85 25.44
N ALA B 20 -9.29 -7.95 25.45
CA ALA B 20 -9.85 -9.27 25.67
C ALA B 20 -8.87 -10.14 26.46
N LYS B 21 -9.24 -11.38 26.74
CA LYS B 21 -8.39 -12.25 27.53
C LYS B 21 -6.94 -12.24 27.01
N SER B 22 -5.99 -12.23 27.95
CA SER B 22 -4.59 -12.32 27.62
C SER B 22 -4.26 -13.71 27.08
N ILE B 23 -3.38 -13.74 26.08
CA ILE B 23 -2.77 -14.97 25.58
C ILE B 23 -1.28 -14.76 25.58
N SER B 24 -0.56 -15.50 26.42
CA SER B 24 0.90 -15.39 26.53
C SER B 24 1.63 -16.19 25.46
N THR B 25 2.72 -15.62 24.92
CA THR B 25 3.63 -16.39 24.08
C THR B 25 4.61 -17.16 24.94
N ILE B 26 4.95 -16.59 26.08
CA ILE B 26 5.88 -17.22 27.04
C ILE B 26 5.28 -18.45 27.76
N ALA B 27 4.07 -18.36 28.34
CA ALA B 27 3.33 -19.59 28.78
C ALA B 27 2.96 -20.48 27.58
N GLU B 28 2.85 -21.79 27.79
CA GLU B 28 2.91 -22.79 26.69
C GLU B 28 3.59 -22.28 25.37
N SER B 29 4.89 -22.01 25.48
CA SER B 29 5.79 -21.98 24.35
C SER B 29 6.68 -23.17 24.62
N LYS B 30 6.23 -24.01 25.54
CA LYS B 30 6.99 -25.17 25.92
C LYS B 30 6.34 -26.41 25.32
N ARG B 31 5.04 -26.33 25.05
CA ARG B 31 4.39 -27.33 24.22
C ARG B 31 3.73 -26.67 23.01
N PHE B 32 3.49 -27.48 21.99
CA PHE B 32 2.70 -27.11 20.81
C PHE B 32 1.29 -26.69 21.24
N PRO B 33 0.85 -25.47 20.82
CA PRO B 33 -0.43 -24.83 21.18
C PRO B 33 -1.59 -25.72 20.81
N LEU B 34 -2.62 -25.76 21.65
CA LEU B 34 -3.75 -26.64 21.40
C LEU B 34 -4.85 -25.95 20.57
N HIS B 35 -5.18 -24.71 20.89
CA HIS B 35 -6.30 -24.02 20.23
C HIS B 35 -5.94 -23.10 19.05
N GLU B 36 -6.95 -22.76 18.24
CA GLU B 36 -6.79 -21.71 17.23
C GLU B 36 -6.96 -20.34 17.87
N MET B 37 -6.44 -19.34 17.16
CA MET B 37 -6.47 -17.94 17.53
C MET B 37 -6.89 -17.18 16.28
N ARG B 38 -7.51 -16.01 16.44
CA ARG B 38 -7.77 -15.14 15.26
C ARG B 38 -6.44 -14.72 14.57
N ASP B 39 -6.38 -14.94 13.25
CA ASP B 39 -5.19 -14.59 12.44
C ASP B 39 -4.55 -13.22 12.77
N ASP B 40 -5.37 -12.17 12.79
CA ASP B 40 -4.82 -10.82 12.96
C ASP B 40 -4.20 -10.60 14.34
N VAL B 41 -4.80 -11.27 15.33
CA VAL B 41 -4.29 -11.28 16.69
C VAL B 41 -2.93 -12.01 16.73
N ALA B 42 -2.85 -13.17 16.09
CA ALA B 42 -1.58 -13.87 16.02
C ALA B 42 -0.56 -12.98 15.33
N PHE B 43 -0.91 -12.45 14.18
CA PHE B 43 -0.01 -11.53 13.52
C PHE B 43 0.45 -10.36 14.43
N GLN B 44 -0.50 -9.63 15.00
CA GLN B 44 -0.16 -8.52 15.89
C GLN B 44 0.68 -8.89 17.12
N ILE B 45 0.41 -10.03 17.76
CA ILE B 45 1.28 -10.49 18.86
C ILE B 45 2.71 -10.68 18.37
N ILE B 46 2.89 -11.42 17.27
CA ILE B 46 4.24 -11.65 16.76
C ILE B 46 4.95 -10.36 16.31
N ASN B 47 4.22 -9.51 15.57
CA ASN B 47 4.80 -8.28 15.03
C ASN B 47 5.30 -7.35 16.12
N ASP B 48 4.47 -7.18 17.15
CA ASP B 48 4.77 -6.42 18.36
C ASP B 48 6.02 -6.93 19.06
N GLU B 49 6.23 -8.24 19.09
CA GLU B 49 7.46 -8.68 19.73
C GLU B 49 8.65 -8.69 18.79
N LEU B 50 8.48 -8.24 17.57
CA LEU B 50 9.63 -8.03 16.71
C LEU B 50 10.21 -6.62 16.86
N TYR B 51 9.49 -5.70 17.49
CA TYR B 51 10.11 -4.41 17.76
C TYR B 51 11.28 -4.60 18.76
N LEU B 52 11.38 -5.76 19.40
CA LEU B 52 12.49 -6.05 20.30
C LEU B 52 13.83 -6.35 19.57
N ASP B 53 13.74 -6.71 18.29
CA ASP B 53 14.92 -6.89 17.42
C ASP B 53 15.56 -5.55 17.10
N GLY B 54 16.86 -5.53 16.89
CA GLY B 54 17.54 -4.32 16.42
C GLY B 54 17.22 -4.05 14.96
N ASN B 55 17.39 -2.81 14.52
CA ASN B 55 17.16 -2.50 13.11
C ASN B 55 18.45 -2.61 12.32
N ALA B 56 19.54 -2.77 13.08
CA ALA B 56 20.95 -2.89 12.60
C ALA B 56 21.65 -1.64 12.08
N ARG B 57 20.93 -0.55 11.89
CA ARG B 57 21.55 0.66 11.32
C ARG B 57 22.79 1.16 12.08
N GLN B 58 22.78 1.11 13.41
CA GLN B 58 24.02 1.40 14.15
C GLN B 58 24.81 0.16 14.60
N ASN B 59 24.61 -0.96 13.91
CA ASN B 59 25.47 -2.09 14.13
C ASN B 59 26.68 -1.93 13.21
N LEU B 60 27.88 -1.82 13.78
CA LEU B 60 29.08 -1.75 12.96
C LEU B 60 29.89 -3.03 13.06
N ALA B 61 29.28 -4.04 13.65
CA ALA B 61 29.90 -5.36 13.67
C ALA B 61 29.70 -6.08 12.33
N THR B 62 28.43 -6.21 11.89
CA THR B 62 28.05 -7.14 10.81
C THR B 62 28.44 -6.78 9.38
N PHE B 63 28.72 -7.83 8.61
CA PHE B 63 29.07 -7.69 7.19
C PHE B 63 27.85 -7.57 6.30
N CYS B 64 26.75 -8.14 6.77
CA CYS B 64 25.59 -8.39 5.92
C CYS B 64 24.81 -7.11 5.55
N GLN B 65 24.08 -7.18 4.44
CA GLN B 65 23.39 -6.04 3.91
C GLN B 65 22.25 -5.68 4.83
N THR B 66 22.13 -4.40 5.19
CA THR B 66 21.08 -4.02 6.14
C THR B 66 20.32 -2.77 5.75
N TRP B 67 20.63 -2.23 4.58
CA TRP B 67 19.95 -1.03 4.10
C TRP B 67 18.76 -1.49 3.31
N ASP B 68 17.60 -0.90 3.58
CA ASP B 68 16.38 -1.22 2.84
C ASP B 68 16.30 -0.45 1.55
N ASP B 69 16.00 -1.15 0.44
CA ASP B 69 15.71 -0.55 -0.89
C ASP B 69 14.32 -1.02 -1.28
N GLU B 70 13.44 -0.09 -1.59
CA GLU B 70 12.03 -0.41 -1.91
C GLU B 70 11.84 -1.39 -3.08
N ASN B 71 12.79 -1.44 -4.00
CA ASN B 71 12.59 -2.28 -5.17
C ASN B 71 12.95 -3.69 -4.82
N VAL B 72 13.92 -3.84 -3.92
CA VAL B 72 14.36 -5.16 -3.52
C VAL B 72 13.27 -5.85 -2.70
N HIS B 73 12.49 -5.05 -1.97
CA HIS B 73 11.40 -5.56 -1.13
C HIS B 73 10.34 -6.16 -1.98
N LYS B 74 10.06 -5.49 -3.09
CA LYS B 74 9.04 -5.94 -4.00
C LYS B 74 9.47 -7.19 -4.75
N LEU B 75 10.73 -7.30 -5.15
CA LEU B 75 11.14 -8.52 -5.84
C LEU B 75 11.09 -9.70 -4.88
N MET B 76 11.60 -9.50 -3.67
CA MET B 76 11.49 -10.53 -2.63
C MET B 76 10.04 -10.95 -2.42
N ASP B 77 9.13 -9.99 -2.26
CA ASP B 77 7.71 -10.32 -2.02
C ASP B 77 7.04 -11.08 -3.17
N LEU B 78 7.39 -10.75 -4.40
CA LEU B 78 6.91 -11.52 -5.53
C LEU B 78 7.51 -12.93 -5.55
N SER B 79 8.65 -13.14 -4.90
CA SER B 79 9.34 -14.41 -5.04
C SER B 79 9.22 -15.37 -3.86
N ILE B 80 8.34 -15.03 -2.92
CA ILE B 80 8.16 -15.79 -1.68
C ILE B 80 7.87 -17.30 -1.90
N ASN B 81 7.38 -17.67 -3.07
CA ASN B 81 6.94 -19.03 -3.35
C ASN B 81 7.63 -19.63 -4.57
N LYS B 82 8.55 -18.86 -5.13
CA LYS B 82 9.30 -19.28 -6.30
C LYS B 82 10.43 -20.25 -5.87
N ASN B 83 10.20 -21.55 -6.07
CA ASN B 83 11.16 -22.59 -5.72
C ASN B 83 12.35 -22.61 -6.68
N TRP B 84 13.53 -22.36 -6.12
CA TRP B 84 14.77 -22.26 -6.88
C TRP B 84 15.10 -23.57 -7.60
N ILE B 85 14.74 -24.69 -6.97
CA ILE B 85 15.09 -26.02 -7.43
C ILE B 85 14.09 -26.55 -8.46
N ASP B 86 12.93 -25.90 -8.57
CA ASP B 86 11.92 -26.30 -9.53
C ASP B 86 12.13 -25.54 -10.83
N LYS B 87 12.94 -26.12 -11.71
CA LYS B 87 13.29 -25.52 -13.01
C LYS B 87 12.10 -25.51 -13.97
N GLU B 88 11.14 -26.42 -13.76
CA GLU B 88 9.96 -26.55 -14.62
C GLU B 88 8.99 -25.40 -14.41
N GLU B 89 8.48 -25.25 -13.17
CA GLU B 89 7.45 -24.27 -12.88
C GLU B 89 7.94 -22.82 -12.99
N TYR B 90 9.17 -22.59 -12.59
CA TYR B 90 9.67 -21.24 -12.62
C TYR B 90 10.85 -21.17 -13.60
N PRO B 91 10.56 -21.32 -14.90
CA PRO B 91 11.64 -21.34 -15.88
C PRO B 91 12.36 -19.98 -16.03
N GLN B 92 11.67 -18.89 -15.68
CA GLN B 92 12.26 -17.57 -15.82
C GLN B 92 13.19 -17.23 -14.66
N SER B 93 12.81 -17.70 -13.47
CA SER B 93 13.71 -17.67 -12.32
C SER B 93 14.97 -18.50 -12.57
N ALA B 94 14.79 -19.55 -13.39
CA ALA B 94 15.82 -20.54 -13.72
C ALA B 94 16.81 -19.95 -14.69
N ALA B 95 16.32 -19.11 -15.60
CA ALA B 95 17.25 -18.51 -16.56
C ALA B 95 17.97 -17.35 -15.91
N ILE B 96 17.29 -16.64 -15.01
CA ILE B 96 17.95 -15.56 -14.30
C ILE B 96 19.13 -16.09 -13.48
N ASP B 97 18.89 -17.14 -12.70
CA ASP B 97 19.93 -17.77 -11.92
C ASP B 97 21.14 -18.08 -12.83
N LEU B 98 20.87 -18.64 -14.02
CA LEU B 98 21.96 -19.01 -14.94
C LEU B 98 22.73 -17.78 -15.40
N ARG B 99 22.03 -16.66 -15.54
CA ARG B 99 22.64 -15.43 -16.00
C ARG B 99 23.58 -14.82 -14.98
N CYS B 100 23.29 -15.08 -13.71
CA CYS B 100 24.13 -14.60 -12.64
C CYS B 100 25.44 -15.37 -12.62
N VAL B 101 25.34 -16.70 -12.71
CA VAL B 101 26.54 -17.55 -12.64
C VAL B 101 27.52 -17.06 -13.73
N ASN B 102 27.04 -16.98 -14.96
CA ASN B 102 27.82 -16.40 -16.03
C ASN B 102 28.44 -15.07 -15.65
N MET B 103 27.64 -14.15 -15.13
CA MET B 103 28.14 -12.83 -14.82
C MET B 103 29.23 -12.84 -13.76
N VAL B 104 29.08 -13.75 -12.79
CA VAL B 104 29.97 -13.80 -11.66
C VAL B 104 31.27 -14.44 -12.10
N ALA B 105 31.16 -15.40 -13.02
CA ALA B 105 32.34 -16.00 -13.60
C ALA B 105 33.09 -14.91 -14.34
N ASP B 106 32.40 -14.14 -15.16
CA ASP B 106 33.08 -13.11 -15.94
C ASP B 106 33.83 -12.14 -15.05
N LEU B 107 33.21 -11.80 -13.94
CA LEU B 107 33.74 -10.83 -13.01
C LEU B 107 35.05 -11.35 -12.42
N TRP B 108 35.18 -12.67 -12.28
CA TRP B 108 36.39 -13.29 -11.69
C TRP B 108 37.35 -13.90 -12.71
N HIS B 109 37.15 -13.61 -13.99
CA HIS B 109 38.07 -14.00 -15.06
C HIS B 109 38.11 -15.49 -15.28
N ALA B 110 37.08 -16.22 -14.85
CA ALA B 110 36.93 -17.60 -15.29
C ALA B 110 37.11 -17.74 -16.82
N PRO B 111 37.91 -18.72 -17.29
CA PRO B 111 38.06 -18.89 -18.73
C PRO B 111 36.74 -19.10 -19.45
N ALA B 112 36.58 -18.40 -20.57
CA ALA B 112 35.38 -18.40 -21.43
C ALA B 112 34.76 -19.79 -21.52
N PRO B 113 33.46 -19.91 -21.19
CA PRO B 113 32.84 -21.22 -21.08
C PRO B 113 32.68 -21.77 -22.48
N LYS B 114 33.07 -23.03 -22.64
CA LYS B 114 33.07 -23.73 -23.95
C LYS B 114 31.67 -23.82 -24.63
N ASN B 115 30.63 -24.04 -23.83
CA ASN B 115 29.26 -24.27 -24.32
C ASN B 115 28.30 -23.08 -24.12
N GLY B 116 28.80 -22.03 -23.47
CA GLY B 116 27.99 -20.85 -23.18
C GLY B 116 27.59 -20.71 -21.72
N GLN B 117 27.84 -21.75 -20.92
CA GLN B 117 27.49 -21.72 -19.51
C GLN B 117 28.68 -21.95 -18.58
N ALA B 118 28.93 -21.04 -17.66
CA ALA B 118 30.00 -21.26 -16.70
C ALA B 118 29.69 -22.40 -15.71
N VAL B 119 30.74 -22.96 -15.12
CA VAL B 119 30.57 -23.96 -14.07
C VAL B 119 30.56 -23.30 -12.69
N GLY B 120 29.44 -23.46 -12.01
CA GLY B 120 29.22 -22.85 -10.72
C GLY B 120 27.78 -22.89 -10.30
N THR B 121 27.50 -22.50 -9.06
CA THR B 121 26.14 -22.54 -8.56
C THR B 121 25.90 -21.49 -7.50
N ASN B 122 24.64 -21.02 -7.48
CA ASN B 122 24.15 -20.21 -6.38
C ASN B 122 24.05 -21.07 -5.14
N THR B 123 24.27 -20.42 -4.01
CA THR B 123 24.10 -21.05 -2.71
C THR B 123 23.33 -20.12 -1.80
N ILE B 124 23.14 -20.55 -0.55
CA ILE B 124 22.48 -19.72 0.48
C ILE B 124 23.43 -18.67 1.02
N GLY B 125 24.72 -19.00 1.05
CA GLY B 125 25.76 -18.15 1.66
C GLY B 125 27.12 -18.74 1.36
N SER B 126 28.17 -18.10 1.84
CA SER B 126 29.52 -18.57 1.59
C SER B 126 29.72 -19.96 2.19
N SER B 127 29.14 -20.17 3.38
CA SER B 127 29.18 -21.46 4.06
C SER B 127 28.89 -22.59 3.06
N GLU B 128 27.67 -22.65 2.52
CA GLU B 128 27.37 -23.71 1.56
C GLU B 128 28.43 -23.77 0.46
N ALA B 129 28.68 -22.63 -0.18
CA ALA B 129 29.75 -22.45 -1.16
C ALA B 129 31.11 -23.12 -0.81
N CYS B 130 31.64 -22.85 0.38
CA CYS B 130 32.97 -23.37 0.76
C CYS B 130 33.01 -24.87 0.90
N MET B 131 31.95 -25.45 1.44
CA MET B 131 31.89 -26.90 1.61
C MET B 131 31.81 -27.56 0.23
N LEU B 132 30.89 -27.05 -0.61
CA LEU B 132 30.93 -27.42 -2.01
C LEU B 132 32.38 -27.29 -2.52
N GLY B 133 33.02 -26.16 -2.28
CA GLY B 133 34.38 -25.94 -2.72
C GLY B 133 35.32 -26.95 -2.11
N GLY B 134 35.02 -27.39 -0.91
CA GLY B 134 35.94 -28.25 -0.19
C GLY B 134 35.77 -29.70 -0.56
N MET B 135 34.53 -30.08 -0.84
CA MET B 135 34.29 -31.40 -1.33
C MET B 135 34.99 -31.54 -2.69
N ALA B 136 34.69 -30.60 -3.58
CA ALA B 136 35.39 -30.47 -4.85
C ALA B 136 36.91 -30.65 -4.72
N MET B 137 37.56 -29.84 -3.87
CA MET B 137 38.97 -30.01 -3.58
C MET B 137 39.34 -31.40 -3.07
N LYS B 138 38.58 -31.90 -2.10
CA LYS B 138 38.87 -33.22 -1.50
C LYS B 138 38.85 -34.33 -2.53
N TRP B 139 37.83 -34.29 -3.39
CA TRP B 139 37.65 -35.31 -4.41
C TRP B 139 38.75 -35.26 -5.46
N ARG B 140 39.05 -34.06 -5.94
CA ARG B 140 40.12 -33.87 -6.93
C ARG B 140 41.43 -34.52 -6.49
N TRP B 141 41.80 -34.29 -5.23
CA TRP B 141 42.96 -34.89 -4.60
C TRP B 141 42.80 -36.42 -4.56
N ARG B 142 41.83 -36.80 -3.86
CA ARG B 142 41.48 -38.32 -3.73
C ARG B 142 41.83 -39.05 -5.02
N LYS B 143 41.10 -38.74 -6.08
CA LYS B 143 41.28 -39.38 -7.39
C LYS B 143 42.73 -39.40 -7.84
N ARG B 144 43.43 -38.27 -7.69
CA ARG B 144 44.82 -38.11 -8.15
C ARG B 144 45.78 -39.07 -7.46
N MET B 145 45.44 -39.46 -6.22
CA MET B 145 46.26 -40.34 -5.40
C MET B 145 45.98 -41.84 -5.63
N GLU B 146 44.71 -42.20 -5.86
CA GLU B 146 44.36 -43.59 -6.16
C GLU B 146 44.93 -43.97 -7.52
N ALA B 147 44.92 -43.01 -8.45
CA ALA B 147 45.59 -43.14 -9.73
C ALA B 147 47.05 -43.45 -9.45
N ALA B 148 47.67 -42.64 -8.60
CA ALA B 148 49.05 -42.86 -8.15
C ALA B 148 49.22 -44.11 -7.27
N GLY B 149 48.12 -44.69 -6.80
CA GLY B 149 48.17 -45.83 -5.88
C GLY B 149 48.83 -45.52 -4.54
N LYS B 150 48.52 -44.33 -4.01
CA LYS B 150 48.97 -43.87 -2.68
C LYS B 150 47.77 -43.81 -1.72
N PRO B 151 48.02 -43.85 -0.40
CA PRO B 151 46.85 -43.79 0.50
C PRO B 151 46.14 -42.40 0.57
N THR B 152 44.80 -42.48 0.53
CA THR B 152 43.90 -41.30 0.54
C THR B 152 43.22 -41.05 1.90
N ASP B 153 43.68 -41.74 2.94
CA ASP B 153 42.95 -41.72 4.21
C ASP B 153 43.50 -40.73 5.28
N LYS B 154 44.38 -39.81 4.88
CA LYS B 154 44.92 -38.80 5.79
C LYS B 154 44.98 -37.36 5.22
N PRO B 155 43.85 -36.85 4.62
CA PRO B 155 43.95 -35.56 3.93
C PRO B 155 44.09 -34.37 4.86
N ASN B 156 44.75 -33.31 4.39
CA ASN B 156 44.84 -32.05 5.15
C ASN B 156 44.65 -30.83 4.28
N LEU B 157 44.28 -29.72 4.92
CA LEU B 157 43.97 -28.44 4.27
C LEU B 157 44.81 -27.36 4.94
N VAL B 158 45.32 -26.44 4.15
CA VAL B 158 46.29 -25.48 4.64
C VAL B 158 45.73 -24.12 4.34
N CYS B 159 45.61 -23.29 5.36
CA CYS B 159 44.90 -22.02 5.25
C CYS B 159 45.32 -21.10 6.39
N GLY B 160 44.78 -19.87 6.39
CA GLY B 160 45.09 -18.88 7.45
C GLY B 160 44.01 -18.79 8.51
N PRO B 161 43.87 -17.62 9.15
CA PRO B 161 42.74 -17.40 10.07
C PRO B 161 41.40 -17.42 9.31
N VAL B 162 40.89 -18.63 9.10
CA VAL B 162 39.67 -18.81 8.34
C VAL B 162 38.45 -18.48 9.17
N GLN B 163 37.32 -18.30 8.47
CA GLN B 163 36.03 -18.12 9.10
C GLN B 163 35.59 -19.45 9.64
N ILE B 164 34.78 -19.42 10.68
CA ILE B 164 34.39 -20.62 11.38
C ILE B 164 33.96 -21.71 10.44
N CYS B 165 33.36 -21.35 9.32
CA CYS B 165 32.87 -22.37 8.37
C CYS B 165 33.93 -23.39 7.94
N TRP B 166 35.19 -22.97 7.84
CA TRP B 166 36.26 -23.91 7.51
C TRP B 166 36.58 -24.86 8.65
N HIS B 167 36.39 -24.40 9.88
CA HIS B 167 36.53 -25.28 11.04
C HIS B 167 35.51 -26.42 10.98
N LYS B 168 34.28 -26.06 10.62
CA LYS B 168 33.21 -27.02 10.36
C LYS B 168 33.55 -27.98 9.21
N PHE B 169 33.80 -27.42 8.02
CA PHE B 169 34.18 -28.25 6.89
C PHE B 169 35.16 -29.32 7.33
N ALA B 170 36.24 -28.86 7.97
CA ALA B 170 37.31 -29.71 8.49
C ALA B 170 36.80 -30.79 9.43
N ARG B 171 35.97 -30.40 10.39
CA ARG B 171 35.36 -31.37 11.29
C ARG B 171 34.53 -32.36 10.52
N TYR B 172 33.48 -31.85 9.86
CA TYR B 172 32.47 -32.68 9.19
C TYR B 172 33.07 -33.68 8.22
N TRP B 173 34.15 -33.27 7.53
CA TRP B 173 34.66 -34.05 6.41
C TRP B 173 36.01 -34.75 6.62
N ASP B 174 36.39 -34.97 7.90
CA ASP B 174 37.62 -35.70 8.27
C ASP B 174 38.84 -35.28 7.49
N VAL B 175 39.00 -33.98 7.35
CA VAL B 175 40.16 -33.39 6.76
C VAL B 175 40.85 -32.77 7.95
N GLU B 176 42.16 -32.92 7.99
CA GLU B 176 42.94 -32.31 9.05
C GLU B 176 43.18 -30.87 8.67
N LEU B 177 42.92 -29.97 9.64
CA LEU B 177 43.04 -28.53 9.44
C LEU B 177 44.46 -28.06 9.78
N ARG B 178 45.18 -27.58 8.79
CA ARG B 178 46.46 -26.96 9.11
C ARG B 178 46.29 -25.45 9.05
N GLU B 179 45.80 -24.91 10.15
CA GLU B 179 45.64 -23.48 10.26
C GLU B 179 46.93 -22.88 10.71
N ILE B 180 47.48 -22.05 9.84
CA ILE B 180 48.61 -21.21 10.15
C ILE B 180 48.18 -20.22 11.22
N PRO B 181 48.79 -20.32 12.41
CA PRO B 181 48.29 -19.54 13.52
C PRO B 181 48.53 -18.04 13.29
N MET B 182 47.78 -17.20 13.97
CA MET B 182 48.06 -15.77 13.94
C MET B 182 49.13 -15.48 14.96
N ARG B 183 49.82 -14.35 14.80
CA ARG B 183 50.83 -13.92 15.78
C ARG B 183 51.29 -12.49 15.52
N PRO B 184 51.81 -11.80 16.57
CA PRO B 184 51.99 -10.35 16.45
C PRO B 184 52.86 -10.02 15.24
N GLY B 185 52.50 -8.91 14.56
CA GLY B 185 53.15 -8.48 13.30
C GLY B 185 53.43 -9.60 12.30
N GLN B 186 52.46 -10.49 12.13
CA GLN B 186 52.51 -11.60 11.19
C GLN B 186 51.18 -12.35 11.28
N LEU B 187 50.12 -11.68 10.87
CA LEU B 187 48.81 -12.13 11.24
C LEU B 187 48.23 -13.03 10.18
N PHE B 188 48.99 -13.29 9.12
CA PHE B 188 48.41 -13.93 7.94
C PHE B 188 49.23 -15.07 7.37
N MET B 189 48.56 -15.95 6.63
CA MET B 189 49.28 -17.06 6.03
C MET B 189 50.23 -16.53 4.97
N ASP B 190 51.53 -16.46 5.31
CA ASP B 190 52.61 -16.06 4.39
C ASP B 190 53.21 -17.23 3.59
N PRO B 191 53.91 -16.92 2.49
CA PRO B 191 54.56 -17.97 1.70
C PRO B 191 55.35 -18.97 2.56
N LYS B 192 56.33 -18.48 3.30
CA LYS B 192 57.20 -19.36 4.07
C LYS B 192 56.43 -20.39 4.89
N ARG B 193 55.52 -19.92 5.73
CA ARG B 193 54.78 -20.81 6.64
C ARG B 193 53.83 -21.75 5.97
N MET B 194 53.18 -21.28 4.91
CA MET B 194 52.32 -22.12 4.08
C MET B 194 53.12 -23.34 3.58
N ILE B 195 54.18 -23.09 2.84
CA ILE B 195 55.02 -24.16 2.36
C ILE B 195 55.19 -25.25 3.42
N GLU B 196 55.61 -24.88 4.62
CA GLU B 196 55.92 -25.86 5.69
C GLU B 196 54.85 -26.88 6.03
N ALA B 197 53.59 -26.42 6.00
CA ALA B 197 52.42 -27.26 6.32
C ALA B 197 52.04 -28.20 5.18
N CYS B 198 52.57 -27.93 3.99
CA CYS B 198 52.20 -28.67 2.78
C CYS B 198 52.97 -29.97 2.62
N ASP B 199 52.26 -31.03 2.26
CA ASP B 199 52.86 -32.30 1.85
C ASP B 199 51.95 -32.96 0.82
N GLU B 200 52.18 -34.23 0.53
CA GLU B 200 51.45 -34.92 -0.54
C GLU B 200 50.00 -35.22 -0.12
N ASN B 201 49.67 -34.87 1.12
CA ASN B 201 48.34 -35.04 1.63
C ASN B 201 47.54 -33.75 1.68
N THR B 202 48.09 -32.66 1.16
CA THR B 202 47.37 -31.38 1.14
C THR B 202 46.44 -31.32 -0.07
N ILE B 203 45.12 -31.30 0.20
CA ILE B 203 44.09 -31.25 -0.84
C ILE B 203 44.11 -29.91 -1.56
N GLY B 204 44.37 -28.86 -0.78
CA GLY B 204 44.49 -27.50 -1.28
C GLY B 204 44.88 -26.48 -0.22
N VAL B 205 45.16 -25.27 -0.70
CA VAL B 205 45.40 -24.14 0.18
C VAL B 205 44.26 -23.14 0.03
N VAL B 206 43.75 -22.66 1.15
CA VAL B 206 42.66 -21.72 1.15
C VAL B 206 43.12 -20.35 1.66
N PRO B 207 43.38 -19.41 0.74
CA PRO B 207 43.57 -18.06 1.21
C PRO B 207 42.21 -17.35 1.36
N THR B 208 42.09 -16.49 2.38
CA THR B 208 40.85 -15.78 2.65
C THR B 208 41.05 -14.36 2.08
N PHE B 209 40.35 -14.05 0.99
CA PHE B 209 40.47 -12.74 0.35
C PHE B 209 39.56 -11.80 1.09
N GLY B 210 40.12 -11.20 2.15
CA GLY B 210 39.40 -10.36 3.10
C GLY B 210 39.09 -11.14 4.35
N VAL B 211 39.91 -10.94 5.40
CA VAL B 211 39.83 -11.72 6.66
C VAL B 211 38.67 -11.28 7.53
N THR B 212 38.00 -12.23 8.18
CA THR B 212 36.81 -11.87 8.93
C THR B 212 37.21 -11.00 10.10
N TYR B 213 38.28 -11.41 10.77
CA TYR B 213 38.75 -10.80 12.03
C TYR B 213 39.25 -9.38 11.90
N THR B 214 40.03 -9.11 10.86
CA THR B 214 40.65 -7.79 10.77
C THR B 214 40.23 -6.99 9.54
N GLY B 215 40.00 -7.64 8.41
CA GLY B 215 39.60 -6.91 7.21
C GLY B 215 40.64 -6.91 6.12
N ASN B 216 41.83 -7.45 6.40
CA ASN B 216 42.92 -7.52 5.42
C ASN B 216 42.75 -8.66 4.43
N TYR B 217 43.28 -8.45 3.22
CA TYR B 217 43.35 -9.48 2.19
C TYR B 217 44.55 -10.37 2.43
N GLU B 218 44.39 -11.66 2.19
CA GLU B 218 45.58 -12.48 1.99
C GLU B 218 45.75 -12.40 0.50
N PHE B 219 46.96 -12.09 0.06
CA PHE B 219 47.19 -11.95 -1.38
C PHE B 219 47.58 -13.29 -2.01
N PRO B 220 46.70 -13.85 -2.87
CA PRO B 220 46.94 -15.17 -3.47
C PRO B 220 48.20 -15.23 -4.33
N GLN B 221 48.54 -14.15 -5.01
CA GLN B 221 49.74 -14.11 -5.89
C GLN B 221 50.99 -14.67 -5.22
N PRO B 222 51.46 -14.04 -4.12
CA PRO B 222 52.72 -14.54 -3.56
C PRO B 222 52.65 -16.01 -3.16
N LEU B 223 51.52 -16.41 -2.56
CA LEU B 223 51.29 -17.82 -2.23
C LEU B 223 51.32 -18.68 -3.47
N HIS B 224 50.86 -18.13 -4.60
CA HIS B 224 50.81 -18.88 -5.85
C HIS B 224 52.21 -19.13 -6.38
N ASP B 225 53.09 -18.14 -6.20
CA ASP B 225 54.50 -18.29 -6.61
C ASP B 225 55.20 -19.35 -5.78
N ALA B 226 55.02 -19.28 -4.47
CA ALA B 226 55.53 -20.28 -3.53
C ALA B 226 55.15 -21.70 -3.96
N LEU B 227 53.90 -21.87 -4.37
CA LEU B 227 53.40 -23.17 -4.80
C LEU B 227 54.03 -23.68 -6.10
N ASP B 228 54.19 -22.79 -7.08
CA ASP B 228 54.95 -23.07 -8.30
C ASP B 228 56.40 -23.51 -7.96
N LYS B 229 57.09 -22.75 -7.11
CA LYS B 229 58.44 -23.13 -6.70
C LYS B 229 58.39 -24.51 -6.02
N PHE B 230 57.35 -24.74 -5.20
CA PHE B 230 57.16 -25.98 -4.45
C PHE B 230 56.97 -27.17 -5.37
N GLN B 231 56.37 -26.96 -6.54
CA GLN B 231 56.21 -28.05 -7.51
C GLN B 231 57.52 -28.44 -8.20
N ALA B 232 58.36 -27.45 -8.51
CA ALA B 232 59.63 -27.72 -9.14
C ALA B 232 60.47 -28.62 -8.21
N ASP B 233 60.41 -28.32 -6.92
CA ASP B 233 61.23 -29.04 -5.94
C ASP B 233 60.71 -30.46 -5.69
N THR B 234 59.43 -30.57 -5.32
CA THR B 234 58.89 -31.83 -4.82
C THR B 234 58.10 -32.63 -5.85
N GLY B 235 57.61 -31.96 -6.88
CA GLY B 235 56.74 -32.59 -7.86
C GLY B 235 55.30 -32.69 -7.38
N ILE B 236 55.02 -32.13 -6.19
CA ILE B 236 53.66 -32.10 -5.66
C ILE B 236 52.94 -30.90 -6.24
N ASP B 237 51.79 -31.18 -6.84
CA ASP B 237 51.05 -30.17 -7.54
C ASP B 237 49.83 -29.77 -6.72
N ILE B 238 49.93 -28.60 -6.09
CA ILE B 238 48.91 -28.15 -5.13
C ILE B 238 47.96 -27.06 -5.66
N ASP B 239 46.66 -27.25 -5.44
CA ASP B 239 45.60 -26.34 -5.90
C ASP B 239 45.16 -25.31 -4.85
N MET B 240 44.53 -24.22 -5.31
CA MET B 240 43.93 -23.23 -4.42
C MET B 240 42.40 -23.16 -4.59
N HIS B 241 41.72 -22.76 -3.52
CA HIS B 241 40.37 -22.25 -3.60
C HIS B 241 40.33 -20.99 -2.76
N ILE B 242 39.83 -19.91 -3.37
CA ILE B 242 39.84 -18.61 -2.73
C ILE B 242 38.50 -18.34 -2.06
N ASP B 243 38.57 -18.13 -0.74
CA ASP B 243 37.45 -17.71 0.06
C ASP B 243 37.33 -16.23 -0.09
N ALA B 244 36.72 -15.79 -1.18
CA ALA B 244 36.50 -14.36 -1.41
C ALA B 244 35.16 -13.83 -0.80
N ALA B 245 34.82 -14.36 0.37
CA ALA B 245 33.51 -14.07 0.96
C ALA B 245 33.10 -12.60 0.83
N SER B 246 34.04 -11.69 1.05
CA SER B 246 33.71 -10.29 0.92
C SER B 246 34.56 -9.63 -0.15
N GLY B 247 35.85 -9.93 -0.15
CA GLY B 247 36.73 -9.44 -1.22
C GLY B 247 36.12 -9.63 -2.61
N GLY B 248 35.36 -10.71 -2.79
CA GLY B 248 34.91 -11.15 -4.10
C GLY B 248 34.11 -10.16 -4.91
N PHE B 249 33.40 -9.25 -4.23
CA PHE B 249 32.71 -8.14 -4.91
C PHE B 249 33.30 -6.77 -4.63
N LEU B 250 34.55 -6.72 -4.17
CA LEU B 250 35.23 -5.46 -3.89
C LEU B 250 36.32 -5.22 -4.89
N ALA B 251 37.40 -5.99 -4.77
CA ALA B 251 38.56 -5.80 -5.63
C ALA B 251 38.29 -5.65 -7.14
N PRO B 252 37.41 -6.50 -7.74
CA PRO B 252 37.26 -6.37 -9.18
C PRO B 252 36.75 -5.02 -9.60
N PHE B 253 36.19 -4.25 -8.68
CA PHE B 253 35.75 -2.92 -9.04
C PHE B 253 36.73 -1.80 -8.69
N VAL B 254 37.40 -1.88 -7.53
CA VAL B 254 38.21 -0.75 -7.04
C VAL B 254 39.72 -1.01 -7.06
N ALA B 255 40.10 -2.27 -7.23
CA ALA B 255 41.48 -2.65 -7.38
C ALA B 255 41.55 -3.86 -8.34
N PRO B 256 41.32 -3.59 -9.64
CA PRO B 256 41.26 -4.68 -10.60
C PRO B 256 42.60 -5.24 -11.06
N ASP B 257 43.72 -4.70 -10.54
CA ASP B 257 45.07 -5.26 -10.85
C ASP B 257 45.68 -6.10 -9.75
N ILE B 258 44.99 -6.19 -8.61
CA ILE B 258 45.33 -7.22 -7.65
C ILE B 258 44.93 -8.58 -8.24
N VAL B 259 45.90 -9.45 -8.39
CA VAL B 259 45.71 -10.72 -9.07
C VAL B 259 45.47 -11.78 -8.00
N TRP B 260 44.24 -12.29 -8.00
CA TRP B 260 43.73 -13.10 -6.92
C TRP B 260 42.73 -14.10 -7.50
N ASP B 261 42.24 -13.85 -8.71
CA ASP B 261 41.13 -14.64 -9.25
C ASP B 261 41.57 -15.75 -10.20
N PHE B 262 40.74 -16.05 -11.20
CA PHE B 262 41.00 -17.17 -12.11
C PHE B 262 42.11 -16.88 -13.12
N ARG B 263 42.77 -15.74 -12.98
CA ARG B 263 43.96 -15.38 -13.76
C ARG B 263 45.15 -16.18 -13.29
N LEU B 264 45.11 -16.57 -12.03
CA LEU B 264 46.05 -17.54 -11.45
C LEU B 264 45.62 -18.97 -11.80
N PRO B 265 46.48 -19.71 -12.55
CA PRO B 265 46.05 -21.06 -12.96
C PRO B 265 45.79 -22.09 -11.82
N ARG B 266 46.43 -21.93 -10.67
CA ARG B 266 46.18 -22.83 -9.52
C ARG B 266 44.82 -22.62 -8.85
N VAL B 267 44.20 -21.49 -9.13
CA VAL B 267 42.85 -21.23 -8.63
C VAL B 267 41.84 -22.01 -9.47
N LYS B 268 41.18 -22.95 -8.79
CA LYS B 268 40.20 -23.89 -9.36
C LYS B 268 38.77 -23.58 -8.92
N SER B 269 38.63 -22.68 -7.97
CA SER B 269 37.31 -22.29 -7.54
C SER B 269 37.37 -21.15 -6.54
N ILE B 270 36.41 -20.25 -6.69
CA ILE B 270 36.27 -19.05 -5.87
C ILE B 270 34.86 -19.02 -5.27
N SER B 271 34.74 -18.62 -4.00
CA SER B 271 33.40 -18.47 -3.42
C SER B 271 33.24 -17.08 -2.82
N ALA B 272 32.02 -16.57 -2.72
CA ALA B 272 31.79 -15.26 -2.09
C ALA B 272 30.36 -15.17 -1.53
N SER B 273 30.12 -14.16 -0.69
CA SER B 273 28.77 -13.92 -0.19
C SER B 273 28.12 -12.72 -0.88
N GLY B 274 27.08 -13.00 -1.64
CA GLY B 274 26.25 -11.97 -2.26
C GLY B 274 25.64 -11.03 -1.24
N HIS B 275 25.31 -11.57 -0.07
CA HIS B 275 24.65 -10.79 0.98
C HIS B 275 25.62 -10.10 1.92
N LYS B 276 26.86 -9.94 1.49
CA LYS B 276 27.88 -9.15 2.12
C LYS B 276 28.14 -8.04 1.15
N PHE B 277 29.30 -7.96 0.51
CA PHE B 277 29.54 -6.85 -0.41
C PHE B 277 28.90 -6.98 -1.80
N GLY B 278 28.28 -8.14 -2.03
CA GLY B 278 27.43 -8.36 -3.21
C GLY B 278 26.14 -7.54 -3.27
N LEU B 279 25.74 -6.97 -2.13
CA LEU B 279 24.55 -6.08 -2.06
C LEU B 279 23.24 -6.85 -2.23
N ALA B 280 23.36 -8.16 -2.25
CA ALA B 280 22.20 -9.04 -2.22
C ALA B 280 21.63 -9.06 -0.83
N PRO B 281 20.29 -9.20 -0.72
CA PRO B 281 19.68 -9.37 0.60
C PRO B 281 20.04 -10.71 1.22
N LEU B 282 19.95 -10.83 2.54
CA LEU B 282 20.26 -12.11 3.23
C LEU B 282 19.83 -13.33 2.46
N GLY B 283 20.71 -14.32 2.42
CA GLY B 283 20.37 -15.61 1.85
C GLY B 283 20.90 -15.90 0.47
N CYS B 284 22.05 -15.32 0.11
CA CYS B 284 22.62 -15.46 -1.24
C CYS B 284 24.14 -15.66 -1.26
N GLY B 285 24.61 -16.72 -1.91
CA GLY B 285 26.04 -16.95 -2.06
C GLY B 285 26.40 -17.41 -3.46
N TRP B 286 27.70 -17.61 -3.74
CA TRP B 286 28.17 -18.04 -5.07
C TRP B 286 29.46 -18.86 -4.94
N VAL B 287 29.53 -20.02 -5.59
CA VAL B 287 30.81 -20.71 -5.86
C VAL B 287 31.00 -20.89 -7.39
N ILE B 288 32.17 -20.52 -7.91
CA ILE B 288 32.48 -20.67 -9.33
C ILE B 288 33.70 -21.59 -9.54
N TRP B 289 33.61 -22.56 -10.45
CA TRP B 289 34.77 -23.40 -10.76
C TRP B 289 35.48 -22.98 -12.06
N ARG B 290 36.81 -22.97 -12.05
CA ARG B 290 37.63 -22.67 -13.27
C ARG B 290 37.06 -23.21 -14.58
N ASP B 291 36.63 -24.48 -14.54
CA ASP B 291 36.09 -25.18 -15.70
C ASP B 291 35.54 -26.54 -15.34
N GLU B 292 35.00 -27.22 -16.35
CA GLU B 292 34.43 -28.58 -16.25
C GLU B 292 35.25 -29.56 -15.43
N GLU B 293 36.55 -29.62 -15.68
CA GLU B 293 37.45 -30.54 -14.99
C GLU B 293 37.65 -30.23 -13.48
N ALA B 294 37.48 -28.97 -13.09
CA ALA B 294 37.58 -28.56 -11.70
C ALA B 294 36.50 -29.18 -10.82
N LEU B 295 35.36 -29.53 -11.42
CA LEU B 295 34.25 -30.12 -10.66
C LEU B 295 34.05 -31.61 -10.94
N PRO B 296 34.48 -32.48 -10.00
CA PRO B 296 34.35 -33.93 -10.18
C PRO B 296 32.93 -34.40 -10.46
N GLN B 297 32.81 -35.13 -11.57
CA GLN B 297 31.54 -35.64 -12.02
C GLN B 297 30.75 -36.36 -10.94
N GLU B 298 31.45 -36.97 -9.98
CA GLU B 298 30.79 -37.80 -8.95
C GLU B 298 30.02 -36.97 -7.93
N LEU B 299 30.22 -35.66 -7.93
CA LEU B 299 29.51 -34.82 -7.00
C LEU B 299 28.19 -34.33 -7.59
N VAL B 300 28.12 -34.24 -8.92
CA VAL B 300 26.95 -33.71 -9.64
C VAL B 300 25.82 -34.72 -9.84
N PHE B 301 24.69 -34.43 -9.21
CA PHE B 301 23.55 -35.32 -9.36
C PHE B 301 22.63 -34.85 -10.46
N ASN B 302 22.28 -35.80 -11.31
CA ASN B 302 21.42 -35.56 -12.45
C ASN B 302 19.95 -35.83 -12.14
N VAL B 303 19.17 -34.75 -12.09
CA VAL B 303 17.73 -34.83 -11.87
C VAL B 303 16.96 -34.67 -13.19
N ASP B 304 15.90 -35.45 -13.35
CA ASP B 304 15.05 -35.33 -14.53
C ASP B 304 14.02 -34.21 -14.35
N TYR B 305 13.78 -33.46 -15.43
CA TYR B 305 12.66 -32.49 -15.51
C TYR B 305 12.16 -32.36 -16.97
N LEU B 306 11.06 -31.65 -17.21
CA LEU B 306 10.35 -31.76 -18.51
C LEU B 306 11.10 -31.40 -19.80
N GLY B 307 12.03 -30.44 -19.74
CA GLY B 307 12.80 -30.07 -20.91
C GLY B 307 14.25 -30.53 -20.88
N GLY B 308 14.46 -31.85 -20.81
CA GLY B 308 15.81 -32.42 -20.61
C GLY B 308 16.16 -32.58 -19.13
N GLN B 309 17.44 -32.63 -18.79
CA GLN B 309 17.83 -32.81 -17.37
C GLN B 309 18.97 -31.91 -16.91
N ILE B 310 18.80 -31.27 -15.76
CA ILE B 310 19.88 -30.43 -15.23
C ILE B 310 20.64 -31.16 -14.10
N GLY B 311 21.92 -30.84 -13.96
CA GLY B 311 22.75 -31.38 -12.89
C GLY B 311 22.99 -30.41 -11.74
N THR B 312 22.79 -30.88 -10.52
CA THR B 312 23.06 -30.02 -9.38
C THR B 312 24.16 -30.53 -8.46
N PHE B 313 24.99 -29.57 -8.06
CA PHE B 313 25.89 -29.73 -6.95
C PHE B 313 25.51 -28.73 -5.87
N ALA B 314 24.67 -29.17 -4.94
CA ALA B 314 24.23 -28.32 -3.84
C ALA B 314 23.90 -29.12 -2.58
N ILE B 315 24.05 -28.50 -1.42
CA ILE B 315 23.65 -29.10 -0.18
C ILE B 315 22.14 -28.88 0.03
N ASN B 316 21.67 -27.66 -0.16
CA ASN B 316 20.25 -27.36 -0.04
C ASN B 316 19.41 -27.83 -1.25
N PHE B 317 18.11 -28.05 -1.07
CA PHE B 317 17.29 -28.46 -2.22
C PHE B 317 16.23 -27.41 -2.49
N SER B 318 15.03 -27.59 -1.95
CA SER B 318 13.94 -26.63 -2.07
C SER B 318 14.32 -25.33 -1.38
N ARG B 319 13.97 -24.20 -1.99
CA ARG B 319 14.23 -22.89 -1.38
C ARG B 319 13.83 -21.75 -2.32
N PRO B 320 13.66 -20.52 -1.78
CA PRO B 320 13.23 -19.39 -2.57
C PRO B 320 14.26 -18.88 -3.56
N ALA B 321 13.80 -18.48 -4.74
CA ALA B 321 14.61 -17.77 -5.71
C ALA B 321 14.62 -16.24 -5.44
N GLY B 322 14.08 -15.81 -4.31
CA GLY B 322 13.95 -14.39 -4.02
C GLY B 322 15.29 -13.68 -4.10
N GLN B 323 16.33 -14.31 -3.59
CA GLN B 323 17.58 -13.62 -3.43
C GLN B 323 18.33 -13.46 -4.75
N VAL B 324 18.35 -14.55 -5.55
CA VAL B 324 18.96 -14.57 -6.89
C VAL B 324 18.37 -13.44 -7.73
N ILE B 325 17.03 -13.38 -7.77
CA ILE B 325 16.33 -12.35 -8.52
C ILE B 325 16.81 -10.98 -8.05
N ALA B 326 16.78 -10.74 -6.75
CA ALA B 326 17.24 -9.50 -6.19
C ALA B 326 18.69 -9.22 -6.56
N GLN B 327 19.56 -10.23 -6.41
CA GLN B 327 20.97 -10.07 -6.72
C GLN B 327 21.22 -9.75 -8.19
N TYR B 328 20.42 -10.37 -9.07
CA TYR B 328 20.41 -10.01 -10.49
C TYR B 328 20.06 -8.52 -10.69
N TYR B 329 18.99 -8.07 -10.02
CA TYR B 329 18.61 -6.65 -10.04
C TYR B 329 19.79 -5.72 -9.71
N GLU B 330 20.47 -6.01 -8.60
CA GLU B 330 21.67 -5.28 -8.20
C GLU B 330 22.62 -5.23 -9.38
N PHE B 331 22.97 -6.41 -9.90
CA PHE B 331 23.92 -6.52 -11.02
C PHE B 331 23.50 -5.64 -12.18
N LEU B 332 22.22 -5.70 -12.48
CA LEU B 332 21.66 -5.04 -13.65
C LEU B 332 21.63 -3.54 -13.51
N ARG B 333 21.16 -3.04 -12.36
CA ARG B 333 21.02 -1.61 -12.17
C ARG B 333 22.38 -0.96 -11.96
N LEU B 334 23.28 -1.69 -11.32
CA LEU B 334 24.52 -1.07 -10.97
C LEU B 334 25.54 -1.17 -12.05
N GLY B 335 25.86 -2.40 -12.46
CA GLY B 335 26.95 -2.64 -13.42
C GLY B 335 28.33 -2.30 -12.86
N ARG B 336 29.36 -2.55 -13.66
CA ARG B 336 30.72 -2.22 -13.31
C ARG B 336 30.89 -0.76 -12.87
N GLU B 337 30.42 0.14 -13.74
CA GLU B 337 30.37 1.59 -13.48
C GLU B 337 29.82 1.90 -12.11
N GLY B 338 28.73 1.21 -11.74
CA GLY B 338 27.99 1.45 -10.48
C GLY B 338 28.59 0.84 -9.23
N TYR B 339 28.92 -0.45 -9.26
CA TYR B 339 29.55 -1.09 -8.10
C TYR B 339 30.75 -0.28 -7.69
N THR B 340 31.66 0.00 -8.63
CA THR B 340 32.80 0.86 -8.34
C THR B 340 32.38 2.07 -7.48
N LYS B 341 31.38 2.82 -7.93
CA LYS B 341 30.93 3.98 -7.16
C LYS B 341 30.47 3.62 -5.73
N VAL B 342 29.48 2.72 -5.65
CA VAL B 342 28.97 2.19 -4.39
C VAL B 342 30.12 1.70 -3.49
N GLN B 343 30.98 0.83 -4.01
CA GLN B 343 32.07 0.34 -3.21
C GLN B 343 33.00 1.47 -2.76
N ASN B 344 33.39 2.33 -3.69
CA ASN B 344 34.26 3.45 -3.36
C ASN B 344 33.73 4.28 -2.21
N ALA B 345 32.46 4.60 -2.27
CA ALA B 345 31.84 5.40 -1.21
C ALA B 345 32.26 4.86 0.12
N SER B 346 32.07 3.54 0.29
CA SER B 346 32.30 2.80 1.56
C SER B 346 33.74 2.80 2.03
N TYR B 347 34.67 2.56 1.10
CA TYR B 347 36.10 2.72 1.32
C TYR B 347 36.50 4.12 1.81
N GLN B 348 35.76 5.15 1.34
CA GLN B 348 35.96 6.54 1.74
C GLN B 348 35.56 6.78 3.18
N VAL B 349 34.54 6.04 3.63
CA VAL B 349 34.09 6.12 5.00
C VAL B 349 35.10 5.45 5.93
N ALA B 350 35.59 4.27 5.53
CA ALA B 350 36.59 3.57 6.35
C ALA B 350 37.82 4.44 6.49
N ALA B 351 38.22 5.05 5.38
CA ALA B 351 39.49 5.77 5.33
C ALA B 351 39.38 6.99 6.21
N TYR B 352 38.24 7.66 6.15
CA TYR B 352 38.02 8.79 7.00
C TYR B 352 37.99 8.35 8.47
N LEU B 353 37.25 7.28 8.78
CA LEU B 353 37.19 6.83 10.17
C LEU B 353 38.57 6.57 10.73
N ALA B 354 39.44 6.01 9.90
CA ALA B 354 40.76 5.58 10.36
C ALA B 354 41.65 6.77 10.67
N ASP B 355 41.58 7.77 9.80
CA ASP B 355 42.40 8.99 9.91
C ASP B 355 42.04 9.80 11.12
N GLU B 356 40.75 9.76 11.43
CA GLU B 356 40.17 10.51 12.53
C GLU B 356 40.36 9.82 13.86
N ILE B 357 40.17 8.50 13.88
CA ILE B 357 40.27 7.68 15.10
C ILE B 357 41.69 7.63 15.62
N ALA B 358 42.65 7.67 14.69
CA ALA B 358 44.07 7.66 15.03
C ALA B 358 44.43 8.83 15.93
N LYS B 359 43.76 9.96 15.70
CA LYS B 359 44.03 11.19 16.44
C LYS B 359 43.62 11.21 17.91
N LEU B 360 42.95 10.15 18.38
CA LEU B 360 42.26 10.24 19.67
C LEU B 360 42.81 9.33 20.74
N GLY B 361 43.82 8.54 20.40
CA GLY B 361 44.38 7.65 21.38
C GLY B 361 45.58 6.89 20.89
N PRO B 362 46.19 6.12 21.77
CA PRO B 362 47.37 5.33 21.43
C PRO B 362 47.01 4.03 20.72
N TYR B 363 46.73 4.12 19.42
CA TYR B 363 46.29 2.94 18.65
C TYR B 363 47.34 2.51 17.64
N GLU B 364 47.39 1.21 17.35
CA GLU B 364 48.19 0.72 16.26
C GLU B 364 47.18 0.05 15.35
N PHE B 365 47.22 0.35 14.05
CA PHE B 365 46.21 -0.14 13.12
C PHE B 365 46.64 -1.39 12.40
N ILE B 366 45.79 -2.42 12.47
CA ILE B 366 45.97 -3.62 11.64
C ILE B 366 45.35 -3.38 10.23
N CYS B 367 44.37 -2.49 10.15
CA CYS B 367 43.64 -2.31 8.90
C CYS B 367 42.97 -0.94 8.78
N THR B 368 43.48 -0.11 7.86
CA THR B 368 43.04 1.27 7.74
C THR B 368 42.06 1.45 6.59
N GLY B 369 41.41 0.34 6.18
CA GLY B 369 40.29 0.34 5.22
C GLY B 369 40.61 0.90 3.85
N ARG B 370 41.60 0.30 3.21
CA ARG B 370 42.19 0.85 1.99
C ARG B 370 42.14 -0.12 0.81
N PRO B 371 41.60 0.32 -0.35
CA PRO B 371 41.16 -0.57 -1.42
C PRO B 371 42.20 -1.61 -1.80
N ASP B 372 43.47 -1.26 -1.66
CA ASP B 372 44.55 -2.15 -2.05
C ASP B 372 45.00 -3.13 -0.95
N GLU B 373 44.47 -3.00 0.26
CA GLU B 373 44.88 -3.84 1.44
C GLU B 373 43.83 -4.76 2.02
N GLY B 374 42.57 -4.48 1.74
CA GLY B 374 41.49 -5.26 2.33
C GLY B 374 40.17 -4.62 2.03
N ILE B 375 39.15 -5.07 2.75
CA ILE B 375 37.80 -4.59 2.55
C ILE B 375 37.61 -3.19 3.21
N PRO B 376 36.39 -2.61 3.14
CA PRO B 376 36.21 -1.32 3.82
C PRO B 376 35.98 -1.44 5.36
N ALA B 377 37.06 -1.62 6.11
CA ALA B 377 36.96 -1.90 7.54
C ALA B 377 38.11 -1.24 8.30
N VAL B 378 37.82 -0.70 9.49
CA VAL B 378 38.90 -0.26 10.36
C VAL B 378 39.11 -1.29 11.45
N CYS B 379 40.37 -1.70 11.60
CA CYS B 379 40.75 -2.58 12.69
C CYS B 379 42.00 -2.04 13.39
N PHE B 380 41.92 -1.93 14.71
CA PHE B 380 43.05 -1.40 15.51
C PHE B 380 43.13 -2.04 16.87
N LYS B 381 44.29 -1.90 17.49
CA LYS B 381 44.52 -2.39 18.83
C LYS B 381 45.21 -1.29 19.64
N LEU B 382 45.19 -1.40 20.96
CA LEU B 382 46.00 -0.51 21.80
C LEU B 382 47.49 -0.85 21.64
N LYS B 383 48.33 0.17 21.47
CA LYS B 383 49.77 -0.02 21.40
C LYS B 383 50.26 -0.74 22.64
N ASP B 384 51.32 -1.52 22.50
CA ASP B 384 51.86 -2.26 23.64
C ASP B 384 52.45 -1.37 24.71
N GLY B 385 52.34 -1.83 25.96
CA GLY B 385 52.88 -1.08 27.10
C GLY B 385 52.37 0.34 27.23
N GLU B 386 51.29 0.67 26.52
CA GLU B 386 50.62 1.96 26.67
C GLU B 386 49.28 1.80 27.37
N ASP B 387 49.06 2.55 28.44
CA ASP B 387 47.75 2.52 29.10
C ASP B 387 47.07 3.90 29.05
N PRO B 388 46.02 4.02 28.22
CA PRO B 388 45.35 5.31 28.06
C PRO B 388 44.20 5.52 29.04
N GLY B 389 43.87 4.48 29.81
CA GLY B 389 42.91 4.59 30.90
C GLY B 389 41.60 3.87 30.65
N TYR B 390 41.62 2.90 29.74
CA TYR B 390 40.48 2.02 29.40
C TYR B 390 41.02 0.90 28.55
N THR B 391 40.27 -0.20 28.46
CA THR B 391 40.53 -1.16 27.39
C THR B 391 39.50 -0.93 26.33
N LEU B 392 39.72 -1.52 25.16
CA LEU B 392 38.80 -1.37 24.04
C LEU B 392 37.44 -1.98 24.37
N TYR B 393 37.44 -2.97 25.25
CA TYR B 393 36.19 -3.51 25.80
C TYR B 393 35.33 -2.40 26.40
N ASP B 394 35.92 -1.62 27.30
CA ASP B 394 35.25 -0.54 28.02
C ASP B 394 34.73 0.51 27.09
N LEU B 395 35.55 0.89 26.10
CA LEU B 395 35.13 1.85 25.10
C LEU B 395 33.90 1.34 24.36
N SER B 396 33.93 0.07 23.96
CA SER B 396 32.82 -0.58 23.29
C SER B 396 31.52 -0.49 24.11
N GLU B 397 31.65 -0.54 25.43
CA GLU B 397 30.46 -0.52 26.29
C GLU B 397 29.85 0.87 26.39
N ARG B 398 30.67 1.92 26.55
CA ARG B 398 30.13 3.26 26.53
C ARG B 398 29.50 3.50 25.18
N LEU B 399 30.19 3.10 24.11
CA LEU B 399 29.66 3.23 22.75
C LEU B 399 28.33 2.54 22.56
N ARG B 400 28.16 1.37 23.17
CA ARG B 400 26.91 0.65 23.07
C ARG B 400 25.77 1.48 23.66
N LEU B 401 26.08 2.21 24.74
CA LEU B 401 25.11 3.05 25.45
C LEU B 401 24.57 4.20 24.59
N ARG B 402 25.22 4.47 23.46
CA ARG B 402 24.70 5.44 22.50
C ARG B 402 24.07 4.76 21.27
N GLY B 403 23.91 3.44 21.30
CA GLY B 403 23.25 2.72 20.20
C GLY B 403 24.19 1.92 19.29
N TRP B 404 25.48 2.21 19.37
CA TRP B 404 26.48 1.64 18.46
C TRP B 404 26.95 0.30 18.95
N GLN B 405 26.94 -0.66 18.05
CA GLN B 405 27.43 -1.98 18.36
C GLN B 405 28.74 -2.14 17.64
N VAL B 406 29.81 -1.92 18.40
CA VAL B 406 31.20 -1.88 17.91
C VAL B 406 32.00 -2.89 18.70
N PRO B 407 32.29 -4.03 18.09
CA PRO B 407 32.83 -5.23 18.72
C PRO B 407 34.30 -5.19 19.11
N ALA B 408 34.57 -5.51 20.38
CA ALA B 408 35.93 -5.70 20.84
C ALA B 408 36.08 -7.15 21.27
N PHE B 409 37.04 -7.85 20.66
CA PHE B 409 37.27 -9.28 20.87
C PHE B 409 38.75 -9.56 20.72
N THR B 410 39.13 -10.81 20.96
CA THR B 410 40.52 -11.22 20.89
C THR B 410 40.72 -11.95 19.58
N LEU B 411 41.96 -11.97 19.09
CA LEU B 411 42.29 -12.70 17.86
C LEU B 411 42.70 -14.13 18.22
N GLY B 412 43.03 -14.93 17.20
CA GLY B 412 43.30 -16.36 17.40
C GLY B 412 44.76 -16.74 17.43
N GLY B 413 45.00 -18.05 17.32
CA GLY B 413 46.35 -18.64 17.31
C GLY B 413 47.14 -18.26 18.53
N GLU B 414 48.19 -17.47 18.31
CA GLU B 414 49.10 -17.01 19.36
C GLU B 414 48.84 -15.53 19.72
N ALA B 415 48.04 -14.84 18.92
CA ALA B 415 47.57 -13.51 19.27
C ALA B 415 46.24 -13.55 20.07
N THR B 416 45.99 -14.71 20.69
CA THR B 416 45.02 -14.90 21.76
C THR B 416 45.14 -13.77 22.80
N ASP B 417 46.31 -13.16 22.84
CA ASP B 417 46.65 -12.19 23.85
C ASP B 417 46.11 -10.81 23.50
N ILE B 418 45.84 -10.58 22.23
CA ILE B 418 45.59 -9.23 21.71
C ILE B 418 44.08 -8.92 21.54
N VAL B 419 43.65 -7.76 22.05
CA VAL B 419 42.25 -7.32 21.96
C VAL B 419 42.13 -6.22 20.87
N VAL B 420 41.25 -6.43 19.89
CA VAL B 420 41.03 -5.46 18.80
C VAL B 420 39.60 -4.91 18.75
N MET B 421 39.43 -3.71 18.18
CA MET B 421 38.12 -3.12 17.86
C MET B 421 38.00 -3.10 16.36
N ARG B 422 36.86 -3.52 15.83
CA ARG B 422 36.69 -3.63 14.39
C ARG B 422 35.46 -2.88 13.89
N ILE B 423 35.67 -1.88 13.06
CA ILE B 423 34.56 -1.20 12.44
C ILE B 423 34.38 -1.68 11.00
N MET B 424 33.15 -2.08 10.66
CA MET B 424 32.78 -2.47 9.29
C MET B 424 31.93 -1.40 8.65
N CYS B 425 32.39 -0.86 7.52
CA CYS B 425 31.61 0.11 6.76
C CYS B 425 30.87 -0.54 5.60
N ARG B 426 29.54 -0.59 5.70
CA ARG B 426 28.79 -1.24 4.64
C ARG B 426 27.80 -0.27 4.03
N ARG B 427 27.11 -0.70 2.97
CA ARG B 427 26.19 0.20 2.27
C ARG B 427 25.12 0.78 3.21
N GLY B 428 25.05 2.10 3.22
CA GLY B 428 24.10 2.80 4.05
C GLY B 428 24.76 3.39 5.29
N PHE B 429 26.01 3.03 5.57
CA PHE B 429 26.72 3.73 6.62
C PHE B 429 27.51 4.91 6.04
N GLU B 430 26.82 6.03 5.82
CA GLU B 430 27.41 7.10 5.06
C GLU B 430 28.24 8.05 5.89
N MET B 431 28.98 8.93 5.22
CA MET B 431 29.82 9.92 5.90
C MET B 431 29.12 10.69 7.05
N ASP B 432 27.87 11.09 6.85
CA ASP B 432 27.10 11.71 7.93
C ASP B 432 27.02 10.91 9.22
N PHE B 433 26.87 9.59 9.09
CA PHE B 433 26.73 8.71 10.24
C PHE B 433 28.08 8.58 10.89
N ALA B 434 29.06 8.11 10.14
CA ALA B 434 30.45 8.16 10.59
C ALA B 434 30.70 9.36 11.53
N GLU B 435 30.30 10.56 11.07
CA GLU B 435 30.42 11.79 11.86
C GLU B 435 29.82 11.65 13.26
N LEU B 436 28.58 11.16 13.26
CA LEU B 436 27.80 11.01 14.45
C LEU B 436 28.47 10.02 15.36
N LEU B 437 29.03 8.95 14.78
CA LEU B 437 29.78 7.93 15.56
C LEU B 437 30.97 8.59 16.21
N LEU B 438 31.80 9.24 15.40
CA LEU B 438 32.93 9.99 15.95
C LEU B 438 32.55 10.86 17.16
N GLU B 439 31.45 11.59 17.05
CA GLU B 439 31.05 12.46 18.13
C GLU B 439 30.73 11.70 19.39
N ASP B 440 30.16 10.51 19.19
CA ASP B 440 29.83 9.63 20.28
C ASP B 440 31.06 8.90 20.84
N TYR B 441 32.09 8.79 20.00
CA TYR B 441 33.33 8.11 20.38
C TYR B 441 34.13 9.04 21.27
N LYS B 442 34.27 10.30 20.85
CA LYS B 442 34.88 11.33 21.71
C LYS B 442 34.16 11.49 23.06
N ALA B 443 32.84 11.70 23.04
CA ALA B 443 32.02 11.66 24.25
C ALA B 443 32.43 10.50 25.17
N SER B 444 32.36 9.28 24.63
CA SER B 444 32.79 8.09 25.38
C SER B 444 34.18 8.25 26.00
N LEU B 445 35.19 8.62 25.21
CA LEU B 445 36.52 8.85 25.74
C LEU B 445 36.45 9.79 26.95
N LYS B 446 35.83 10.96 26.76
CA LYS B 446 35.64 11.94 27.84
C LYS B 446 34.90 11.37 29.04
N TYR B 447 33.94 10.48 28.81
CA TYR B 447 33.21 9.93 29.94
C TYR B 447 34.08 8.98 30.75
N LEU B 448 34.89 8.19 30.06
CA LEU B 448 35.76 7.23 30.70
C LEU B 448 36.89 7.93 31.44
N SER B 449 37.37 8.99 30.83
CA SER B 449 38.37 9.85 31.42
C SER B 449 37.94 10.39 32.81
N ASP B 450 36.72 10.92 32.91
CA ASP B 450 36.15 11.43 34.16
C ASP B 450 35.71 10.33 35.14
N HIS B 451 35.60 9.10 34.66
CA HIS B 451 35.14 8.00 35.49
C HIS B 451 36.17 6.85 35.53
N PRO B 452 37.31 7.09 36.18
CA PRO B 452 38.47 6.17 36.11
C PRO B 452 38.18 4.73 36.58
N LYS B 453 37.24 4.60 37.53
CA LYS B 453 36.89 3.32 38.13
C LYS B 453 36.33 2.33 37.09
N LEU B 454 35.80 2.88 35.99
CA LEU B 454 35.22 2.12 34.86
C LEU B 454 36.19 1.19 34.16
N GLN B 455 37.47 1.56 34.20
CA GLN B 455 38.56 0.83 33.53
C GLN B 455 38.68 -0.65 33.92
N GLY B 456 38.76 -1.50 32.91
CA GLY B 456 39.04 -2.92 33.06
C GLY B 456 37.89 -3.82 33.52
N ILE B 457 36.70 -3.25 33.73
CA ILE B 457 35.61 -4.04 34.29
C ILE B 457 34.95 -4.93 33.25
N ALA B 458 34.69 -4.38 32.07
CA ALA B 458 34.03 -5.12 30.99
C ALA B 458 35.02 -6.01 30.28
N GLN B 459 34.61 -7.26 30.02
CA GLN B 459 35.48 -8.28 29.41
C GLN B 459 34.73 -9.33 28.58
N GLN B 460 33.55 -8.97 28.11
CA GLN B 460 32.79 -9.90 27.28
C GLN B 460 33.14 -9.70 25.82
N ASN B 461 33.48 -10.80 25.14
CA ASN B 461 33.71 -10.76 23.70
C ASN B 461 32.43 -10.47 22.93
N SER B 462 32.52 -9.65 21.89
CA SER B 462 31.41 -9.49 20.98
C SER B 462 31.41 -10.56 19.90
N PHE B 463 30.21 -10.83 19.37
CA PHE B 463 30.04 -11.65 18.17
C PHE B 463 30.90 -11.07 17.03
N LYS B 464 31.86 -11.88 16.58
CA LYS B 464 32.90 -11.47 15.62
C LYS B 464 32.78 -12.07 14.22
N HIS B 465 32.00 -13.14 14.11
CA HIS B 465 32.05 -14.07 12.98
C HIS B 465 31.38 -13.64 11.66
N THR B 466 30.46 -12.67 11.72
CA THR B 466 29.89 -11.98 10.54
C THR B 466 28.88 -10.94 10.97
N GLU C 12 36.94 12.70 -4.71
CA GLU C 12 35.61 13.30 -4.38
C GLU C 12 34.55 12.39 -3.70
N LEU C 13 33.71 12.97 -2.87
CA LEU C 13 32.84 12.15 -2.04
C LEU C 13 31.61 11.57 -2.74
N LEU C 14 31.39 10.28 -2.50
CA LEU C 14 30.26 9.53 -3.04
C LEU C 14 29.44 8.84 -1.94
N ASP C 15 28.21 8.47 -2.28
CA ASP C 15 27.25 7.84 -1.37
C ASP C 15 26.82 6.45 -1.88
N SER C 16 26.92 5.42 -1.05
CA SER C 16 26.74 4.03 -1.52
C SER C 16 25.27 3.61 -1.63
N ARG C 17 24.39 4.43 -1.08
CA ARG C 17 22.95 4.32 -1.31
C ARG C 17 22.62 4.68 -2.73
N PHE C 18 23.03 5.89 -3.10
CA PHE C 18 22.71 6.51 -4.37
C PHE C 18 23.77 6.42 -5.48
N GLY C 19 24.94 5.85 -5.19
CA GLY C 19 26.04 5.78 -6.16
C GLY C 19 26.29 7.07 -6.95
N ALA C 20 26.16 8.21 -6.26
CA ALA C 20 26.44 9.55 -6.84
C ALA C 20 27.10 10.50 -5.82
N LYS C 21 27.41 11.72 -6.25
CA LYS C 21 28.02 12.72 -5.38
C LYS C 21 27.29 12.85 -4.05
N SER C 22 28.07 12.79 -2.97
CA SER C 22 27.57 12.84 -1.61
C SER C 22 26.86 14.15 -1.32
N ILE C 23 25.71 14.06 -0.64
CA ILE C 23 25.09 15.22 -0.02
C ILE C 23 25.00 14.98 1.49
N SER C 24 25.94 15.56 2.23
CA SER C 24 25.94 15.53 3.70
C SER C 24 24.94 16.55 4.29
N THR C 25 24.02 16.09 5.16
CA THR C 25 23.07 16.99 5.85
C THR C 25 23.68 17.71 7.04
N ILE C 26 24.85 17.23 7.46
CA ILE C 26 25.61 17.78 8.60
C ILE C 26 26.53 18.93 8.14
N ALA C 27 27.09 18.83 6.93
CA ALA C 27 27.68 19.99 6.23
C ALA C 27 26.54 20.95 5.87
N GLU C 28 26.83 22.24 5.63
CA GLU C 28 25.78 23.20 5.22
C GLU C 28 24.44 23.03 5.98
N SER C 29 24.53 22.68 7.27
CA SER C 29 23.37 22.46 8.13
C SER C 29 23.11 23.68 8.98
N LYS C 30 24.00 24.65 8.84
CA LYS C 30 23.93 25.86 9.63
C LYS C 30 23.34 27.01 8.83
N ARG C 31 23.32 26.89 7.51
CA ARG C 31 22.64 27.89 6.68
C ARG C 31 21.60 27.26 5.75
N PHE C 32 20.69 28.09 5.23
CA PHE C 32 19.65 27.61 4.34
C PHE C 32 20.29 27.07 3.04
N PRO C 33 19.93 25.84 2.61
CA PRO C 33 20.59 25.27 1.44
C PRO C 33 20.24 26.07 0.19
N LEU C 34 21.13 26.05 -0.78
CA LEU C 34 21.02 26.91 -1.93
C LEU C 34 20.32 26.17 -3.02
N HIS C 35 20.74 24.93 -3.22
CA HIS C 35 20.35 24.14 -4.38
C HIS C 35 19.27 23.12 -4.08
N GLU C 36 18.56 22.76 -5.14
CA GLU C 36 17.53 21.75 -5.11
C GLU C 36 18.14 20.35 -5.12
N MET C 37 17.29 19.39 -4.77
CA MET C 37 17.65 18.01 -4.66
C MET C 37 16.50 17.27 -5.31
N ARG C 38 16.73 16.07 -5.83
CA ARG C 38 15.64 15.20 -6.28
C ARG C 38 14.79 14.83 -5.07
N ASP C 39 13.48 14.94 -5.23
CA ASP C 39 12.53 14.79 -4.12
C ASP C 39 12.65 13.46 -3.38
N ASP C 40 13.00 12.40 -4.10
CA ASP C 40 13.07 11.05 -3.54
C ASP C 40 14.39 10.73 -2.84
N VAL C 41 15.42 11.47 -3.19
CA VAL C 41 16.71 11.44 -2.50
C VAL C 41 16.52 12.18 -1.17
N ALA C 42 16.05 13.42 -1.21
CA ALA C 42 15.80 14.11 0.03
C ALA C 42 15.00 13.22 0.99
N PHE C 43 13.94 12.57 0.50
CA PHE C 43 13.12 11.69 1.34
C PHE C 43 13.96 10.56 1.91
N GLN C 44 14.67 9.86 1.04
CA GLN C 44 15.56 8.79 1.48
C GLN C 44 16.63 9.21 2.50
N ILE C 45 17.29 10.35 2.26
CA ILE C 45 18.27 10.91 3.22
C ILE C 45 17.68 11.12 4.64
N ILE C 46 16.50 11.73 4.71
CA ILE C 46 15.81 11.97 5.97
C ILE C 46 15.26 10.67 6.61
N ASN C 47 14.70 9.81 5.76
CA ASN C 47 14.21 8.50 6.22
C ASN C 47 15.29 7.64 6.87
N ASP C 48 16.42 7.53 6.18
CA ASP C 48 17.57 6.86 6.76
C ASP C 48 18.00 7.46 8.09
N GLU C 49 17.92 8.78 8.28
CA GLU C 49 18.47 9.25 9.55
C GLU C 49 17.52 9.09 10.72
N LEU C 50 16.24 8.93 10.42
CA LEU C 50 15.25 8.62 11.47
C LEU C 50 15.42 7.23 12.11
N TYR C 51 16.12 6.29 11.46
CA TYR C 51 16.36 4.97 12.09
C TYR C 51 17.25 5.11 13.35
N LEU C 52 17.82 6.28 13.56
CA LEU C 52 18.56 6.54 14.77
C LEU C 52 17.63 6.84 15.94
N ASP C 53 16.37 7.13 15.63
CA ASP C 53 15.34 7.38 16.63
C ASP C 53 14.85 6.07 17.25
N GLY C 54 14.59 6.10 18.55
CA GLY C 54 14.04 4.94 19.24
C GLY C 54 12.62 4.66 18.78
N ASN C 55 12.23 3.38 18.80
CA ASN C 55 10.84 3.06 18.55
C ASN C 55 9.99 3.13 19.84
N ALA C 56 10.66 3.29 20.99
CA ALA C 56 10.04 3.52 22.31
C ALA C 56 9.37 2.30 22.95
N ARG C 57 9.31 1.18 22.22
CA ARG C 57 8.64 0.00 22.76
C ARG C 57 9.31 -0.49 24.04
N GLN C 58 10.62 -0.30 24.17
CA GLN C 58 11.31 -0.70 25.40
C GLN C 58 11.55 0.49 26.36
N ASN C 59 10.93 1.61 26.04
CA ASN C 59 10.98 2.78 26.90
C ASN C 59 9.84 2.74 27.89
N LEU C 60 10.18 2.61 29.17
CA LEU C 60 9.21 2.67 30.27
C LEU C 60 9.24 4.02 30.97
N ALA C 61 9.97 4.96 30.40
CA ALA C 61 9.99 6.31 30.94
C ALA C 61 8.72 7.13 30.59
N THR C 62 8.28 7.07 29.34
CA THR C 62 7.19 7.92 28.82
C THR C 62 5.76 7.50 29.19
N PHE C 63 4.88 8.49 29.26
CA PHE C 63 3.46 8.31 29.53
C PHE C 63 2.69 8.22 28.21
N CYS C 64 3.28 8.78 27.16
CA CYS C 64 2.65 8.90 25.84
C CYS C 64 2.46 7.64 25.00
N GLN C 65 1.42 7.67 24.18
CA GLN C 65 1.09 6.53 23.34
C GLN C 65 2.18 6.17 22.33
N THR C 66 2.55 4.88 22.29
CA THR C 66 3.63 4.37 21.44
C THR C 66 3.22 3.08 20.74
N TRP C 67 2.00 2.61 20.99
CA TRP C 67 1.49 1.41 20.31
C TRP C 67 0.85 1.80 18.96
N ASP C 68 1.38 1.30 17.84
CA ASP C 68 0.75 1.50 16.51
C ASP C 68 -0.48 0.62 16.27
N ASP C 69 -1.49 1.26 15.68
CA ASP C 69 -2.78 0.69 15.36
C ASP C 69 -3.09 1.21 13.95
N GLU C 70 -3.22 0.26 13.01
CA GLU C 70 -3.37 0.53 11.59
C GLU C 70 -4.51 1.51 11.27
N ASN C 71 -5.60 1.42 12.03
CA ASN C 71 -6.78 2.26 11.81
C ASN C 71 -6.60 3.72 12.21
N VAL C 72 -5.77 3.93 13.22
CA VAL C 72 -5.34 5.28 13.65
C VAL C 72 -4.44 5.89 12.57
N HIS C 73 -3.55 5.07 12.04
CA HIS C 73 -2.60 5.51 11.05
C HIS C 73 -3.36 6.04 9.87
N LYS C 74 -4.37 5.29 9.47
CA LYS C 74 -5.24 5.65 8.36
C LYS C 74 -6.00 6.93 8.63
N LEU C 75 -6.55 7.07 9.84
CA LEU C 75 -7.28 8.29 10.16
C LEU C 75 -6.38 9.51 10.16
N MET C 76 -5.19 9.37 10.74
CA MET C 76 -4.23 10.44 10.81
C MET C 76 -3.75 10.83 9.42
N ASP C 77 -3.67 9.84 8.54
CA ASP C 77 -3.21 10.15 7.24
C ASP C 77 -4.23 10.95 6.43
N LEU C 78 -5.51 10.59 6.52
CA LEU C 78 -6.57 11.39 5.87
C LEU C 78 -6.63 12.82 6.43
N SER C 79 -6.27 12.96 7.71
CA SER C 79 -6.51 14.17 8.47
C SER C 79 -5.36 15.17 8.41
N ILE C 80 -4.31 14.81 7.68
CA ILE C 80 -3.09 15.61 7.53
C ILE C 80 -3.32 17.10 7.20
N ASN C 81 -4.32 17.41 6.36
CA ASN C 81 -4.63 18.81 5.94
C ASN C 81 -5.94 19.38 6.52
N LYS C 82 -6.58 18.61 7.41
CA LYS C 82 -7.84 19.05 7.99
C LYS C 82 -7.57 20.10 9.08
N ASN C 83 -8.14 21.29 8.94
CA ASN C 83 -7.86 22.38 9.86
C ASN C 83 -8.79 22.53 11.07
N TRP C 84 -8.29 22.22 12.26
CA TRP C 84 -9.11 22.27 13.45
C TRP C 84 -9.84 23.59 13.61
N ILE C 85 -9.22 24.69 13.18
CA ILE C 85 -9.79 26.02 13.43
C ILE C 85 -10.72 26.43 12.31
N ASP C 86 -10.79 25.66 11.25
CA ASP C 86 -11.62 26.05 10.12
C ASP C 86 -12.90 25.25 10.17
N LYS C 87 -13.85 25.71 10.96
CA LYS C 87 -15.13 25.04 11.09
C LYS C 87 -15.91 25.11 9.78
N GLU C 88 -15.53 26.01 8.89
CA GLU C 88 -16.29 26.25 7.65
C GLU C 88 -16.10 25.13 6.64
N GLU C 89 -14.84 24.86 6.28
CA GLU C 89 -14.48 23.93 5.20
C GLU C 89 -14.50 22.44 5.65
N TYR C 90 -14.24 22.21 6.94
CA TYR C 90 -14.26 20.87 7.49
C TYR C 90 -15.42 20.76 8.50
N PRO C 91 -16.67 20.83 7.98
CA PRO C 91 -17.80 20.93 8.88
C PRO C 91 -17.98 19.67 9.70
N GLN C 92 -17.43 18.55 9.23
CA GLN C 92 -17.67 17.28 9.89
C GLN C 92 -16.66 17.00 10.99
N SER C 93 -15.39 17.35 10.76
CA SER C 93 -14.41 17.37 11.85
C SER C 93 -14.89 18.34 12.93
N ALA C 94 -15.41 19.49 12.52
CA ALA C 94 -15.97 20.41 13.50
C ALA C 94 -16.97 19.66 14.42
N ALA C 95 -17.86 18.87 13.81
CA ALA C 95 -18.85 18.08 14.53
C ALA C 95 -18.23 17.05 15.51
N ILE C 96 -17.24 16.28 15.02
CA ILE C 96 -16.61 15.22 15.81
C ILE C 96 -15.91 15.79 17.05
N ASP C 97 -15.33 16.98 16.87
CA ASP C 97 -14.68 17.68 17.98
C ASP C 97 -15.73 18.03 19.05
N LEU C 98 -16.91 18.51 18.63
CA LEU C 98 -17.95 18.93 19.60
C LEU C 98 -18.53 17.76 20.40
N ARG C 99 -18.56 16.59 19.76
CA ARG C 99 -18.99 15.33 20.37
C ARG C 99 -18.03 14.90 21.45
N CYS C 100 -16.74 14.90 21.11
CA CYS C 100 -15.72 14.54 22.08
C CYS C 100 -15.76 15.46 23.30
N VAL C 101 -15.94 16.77 23.10
CA VAL C 101 -16.10 17.64 24.25
C VAL C 101 -17.26 17.12 25.13
N ASN C 102 -18.47 17.10 24.58
CA ASN C 102 -19.62 16.42 25.21
C ASN C 102 -19.35 15.09 25.93
N MET C 103 -18.75 14.13 25.21
CA MET C 103 -18.45 12.82 25.76
C MET C 103 -17.49 12.88 26.94
N VAL C 104 -16.51 13.77 26.90
CA VAL C 104 -15.58 13.91 28.04
C VAL C 104 -16.30 14.54 29.24
N ALA C 105 -17.05 15.61 28.99
CA ALA C 105 -17.81 16.21 30.05
C ALA C 105 -18.58 15.13 30.81
N ASP C 106 -19.39 14.37 30.07
CA ASP C 106 -20.13 13.25 30.62
C ASP C 106 -19.27 12.33 31.46
N LEU C 107 -18.16 11.87 30.90
CA LEU C 107 -17.23 10.99 31.61
C LEU C 107 -16.83 11.51 33.00
N TRP C 108 -16.76 12.84 33.11
CA TRP C 108 -16.32 13.49 34.33
C TRP C 108 -17.47 13.97 35.19
N HIS C 109 -18.69 13.52 34.85
CA HIS C 109 -19.93 13.87 35.55
C HIS C 109 -20.29 15.36 35.51
N ALA C 110 -20.09 16.01 34.37
CA ALA C 110 -20.45 17.42 34.22
C ALA C 110 -21.97 17.60 34.35
N PRO C 111 -22.43 18.70 35.01
CA PRO C 111 -23.89 18.90 35.06
C PRO C 111 -24.39 18.84 33.64
N ALA C 112 -25.38 17.99 33.42
CA ALA C 112 -26.03 17.92 32.12
C ALA C 112 -26.18 19.34 31.54
N PRO C 113 -25.66 19.56 30.31
CA PRO C 113 -25.53 20.91 29.75
C PRO C 113 -26.86 21.44 29.28
N LYS C 114 -27.16 22.66 29.68
CA LYS C 114 -28.47 23.30 29.43
C LYS C 114 -28.99 23.24 27.95
N ASN C 115 -28.15 23.67 26.99
CA ASN C 115 -28.52 23.75 25.57
C ASN C 115 -27.96 22.61 24.70
N GLY C 116 -27.36 21.59 25.34
CA GLY C 116 -26.88 20.40 24.62
C GLY C 116 -25.43 20.39 24.17
N GLN C 117 -24.64 21.31 24.73
CA GLN C 117 -23.21 21.43 24.45
C GLN C 117 -22.43 21.87 25.69
N ALA C 118 -21.57 20.99 26.18
CA ALA C 118 -20.77 21.25 27.36
C ALA C 118 -19.73 22.33 27.11
N VAL C 119 -19.32 23.01 28.18
CA VAL C 119 -18.35 24.08 28.11
C VAL C 119 -16.96 23.46 28.20
N GLY C 120 -16.19 23.58 27.13
CA GLY C 120 -14.83 23.02 27.10
C GLY C 120 -14.24 23.03 25.71
N THR C 121 -13.05 22.43 25.55
CA THR C 121 -12.36 22.48 24.26
C THR C 121 -11.17 21.55 24.08
N ASN C 122 -10.97 21.08 22.84
CA ASN C 122 -9.81 20.25 22.55
C ASN C 122 -8.57 21.08 22.81
N THR C 123 -7.43 20.45 22.99
CA THR C 123 -6.14 21.15 23.02
C THR C 123 -5.00 20.29 22.44
N ILE C 124 -3.84 20.90 22.24
CA ILE C 124 -2.66 20.16 21.83
C ILE C 124 -2.21 19.23 22.94
N GLY C 125 -2.36 19.65 24.19
CA GLY C 125 -1.99 18.79 25.32
C GLY C 125 -2.52 19.29 26.65
N SER C 126 -2.09 18.67 27.74
CA SER C 126 -2.48 19.13 29.06
C SER C 126 -1.79 20.45 29.29
N SER C 127 -0.51 20.55 28.95
CA SER C 127 0.12 21.87 29.01
C SER C 127 -0.83 23.01 28.63
N GLU C 128 -1.44 22.99 27.43
CA GLU C 128 -2.32 24.13 26.97
C GLU C 128 -3.62 24.15 27.70
N ALA C 129 -4.10 22.96 28.03
CA ALA C 129 -5.32 22.82 28.80
C ALA C 129 -5.15 23.33 30.25
N CYS C 130 -3.96 23.23 30.81
CA CYS C 130 -3.75 23.67 32.17
C CYS C 130 -3.63 25.17 32.26
N MET C 131 -2.90 25.79 31.34
CA MET C 131 -2.82 27.26 31.27
C MET C 131 -4.22 27.85 31.08
N LEU C 132 -4.99 27.24 30.17
CA LEU C 132 -6.36 27.69 29.90
C LEU C 132 -7.17 27.67 31.20
N GLY C 133 -7.14 26.52 31.87
CA GLY C 133 -7.78 26.39 33.17
C GLY C 133 -7.25 27.37 34.20
N GLY C 134 -5.93 27.57 34.21
CA GLY C 134 -5.25 28.46 35.12
C GLY C 134 -5.75 29.85 34.82
N MET C 135 -5.69 30.26 33.57
CA MET C 135 -6.18 31.58 33.22
C MET C 135 -7.60 31.80 33.78
N ALA C 136 -8.51 30.85 33.54
CA ALA C 136 -9.90 30.99 33.98
C ALA C 136 -10.01 31.12 35.51
N MET C 137 -9.10 30.46 36.23
CA MET C 137 -9.00 30.61 37.66
C MET C 137 -8.63 32.05 38.01
N LYS C 138 -7.59 32.55 37.37
CA LYS C 138 -7.10 33.88 37.67
C LYS C 138 -8.19 34.92 37.42
N TRP C 139 -8.88 34.82 36.29
CA TRP C 139 -9.93 35.78 36.01
C TRP C 139 -11.08 35.66 36.99
N ARG C 140 -11.49 34.43 37.32
CA ARG C 140 -12.62 34.23 38.24
C ARG C 140 -12.37 34.93 39.56
N TRP C 141 -11.15 34.72 40.07
CA TRP C 141 -10.69 35.32 41.32
C TRP C 141 -10.63 36.84 41.22
N ARG C 142 -9.87 37.37 40.26
CA ARG C 142 -9.87 38.83 39.99
C ARG C 142 -11.27 39.40 40.17
N LYS C 143 -12.19 38.99 39.30
CA LYS C 143 -13.57 39.49 39.29
C LYS C 143 -14.24 39.49 40.67
N ARG C 144 -13.96 38.47 41.49
CA ARG C 144 -14.49 38.38 42.86
C ARG C 144 -13.93 39.42 43.86
N MET C 145 -12.61 39.60 43.87
CA MET C 145 -11.93 40.64 44.66
C MET C 145 -12.32 42.08 44.24
N GLU C 146 -12.32 42.35 42.93
CA GLU C 146 -12.77 43.63 42.38
C GLU C 146 -14.12 44.00 42.97
N ALA C 147 -15.07 43.08 42.83
CA ALA C 147 -16.42 43.23 43.41
C ALA C 147 -16.37 43.55 44.90
N ALA C 148 -15.52 42.87 45.66
CA ALA C 148 -15.32 43.16 47.10
C ALA C 148 -14.36 44.34 47.38
N GLY C 149 -13.95 45.04 46.32
CA GLY C 149 -13.16 46.26 46.42
C GLY C 149 -11.72 46.10 46.88
N LYS C 150 -11.21 44.88 46.80
CA LYS C 150 -9.90 44.55 47.35
C LYS C 150 -8.77 44.52 46.32
N PRO C 151 -7.50 44.62 46.77
CA PRO C 151 -6.36 44.60 45.85
C PRO C 151 -6.23 43.25 45.15
N THR C 152 -5.71 43.28 43.91
CA THR C 152 -5.59 42.09 43.06
C THR C 152 -4.18 41.88 42.49
N ASP C 153 -3.17 42.46 43.13
CA ASP C 153 -1.82 42.49 42.56
C ASP C 153 -0.92 41.31 42.92
N LYS C 154 -1.33 40.51 43.91
CA LYS C 154 -0.53 39.39 44.45
C LYS C 154 -1.22 38.01 44.36
N PRO C 155 -1.61 37.58 43.14
CA PRO C 155 -2.25 36.26 43.06
C PRO C 155 -1.33 35.07 43.31
N ASN C 156 -1.81 34.12 44.11
CA ASN C 156 -1.09 32.87 44.34
C ASN C 156 -1.96 31.67 44.10
N LEU C 157 -1.28 30.57 43.80
CA LEU C 157 -1.85 29.29 43.39
C LEU C 157 -1.27 28.22 44.33
N VAL C 158 -2.11 27.34 44.86
CA VAL C 158 -1.63 26.39 45.87
C VAL C 158 -1.74 24.98 45.33
N CYS C 159 -0.65 24.23 45.43
CA CYS C 159 -0.54 22.97 44.70
C CYS C 159 0.49 21.97 45.29
N GLY C 160 0.44 20.73 44.79
CA GLY C 160 1.43 19.75 45.21
C GLY C 160 2.64 19.73 44.29
N PRO C 161 3.32 18.55 44.21
CA PRO C 161 4.46 18.28 43.31
C PRO C 161 4.02 18.23 41.83
N VAL C 162 3.59 19.37 41.30
CA VAL C 162 3.05 19.52 39.94
C VAL C 162 4.03 19.36 38.81
N GLN C 163 3.57 18.77 37.70
CA GLN C 163 4.30 18.72 36.43
C GLN C 163 4.68 20.12 36.01
N ILE C 164 5.82 20.18 35.32
CA ILE C 164 6.52 21.43 35.02
C ILE C 164 5.64 22.48 34.39
N CYS C 165 4.71 22.06 33.54
CA CYS C 165 3.77 22.98 32.93
C CYS C 165 3.15 24.03 33.89
N TRP C 166 3.02 23.71 35.18
CA TRP C 166 2.46 24.63 36.16
C TRP C 166 3.47 25.66 36.65
N HIS C 167 4.75 25.29 36.68
CA HIS C 167 5.80 26.23 37.02
C HIS C 167 5.70 27.32 35.97
N LYS C 168 5.51 26.89 34.71
CA LYS C 168 5.40 27.81 33.56
C LYS C 168 4.26 28.79 33.74
N PHE C 169 3.07 28.24 33.97
CA PHE C 169 1.87 29.02 34.19
C PHE C 169 2.11 30.14 35.22
N ALA C 170 2.60 29.76 36.40
CA ALA C 170 2.93 30.74 37.43
C ALA C 170 3.79 31.87 36.87
N ARG C 171 4.85 31.50 36.15
CA ARG C 171 5.84 32.44 35.64
C ARG C 171 5.26 33.39 34.61
N TYR C 172 4.70 32.80 33.55
CA TYR C 172 4.23 33.56 32.42
C TYR C 172 3.06 34.47 32.81
N TRP C 173 2.29 34.12 33.85
CA TRP C 173 1.07 34.86 34.18
C TRP C 173 1.09 35.56 35.55
N ASP C 174 2.30 35.72 36.09
CA ASP C 174 2.54 36.52 37.31
C ASP C 174 1.73 36.03 38.49
N VAL C 175 1.86 34.73 38.75
CA VAL C 175 1.19 34.15 39.88
C VAL C 175 2.25 33.52 40.76
N GLU C 176 2.08 33.74 42.06
CA GLU C 176 2.98 33.19 43.05
C GLU C 176 2.58 31.75 43.16
N LEU C 177 3.53 30.85 42.91
CA LEU C 177 3.25 29.43 43.02
C LEU C 177 3.62 28.93 44.41
N ARG C 178 2.62 28.61 45.21
CA ARG C 178 2.91 27.94 46.48
C ARG C 178 2.96 26.40 46.32
N GLU C 179 4.08 25.91 45.80
CA GLU C 179 4.24 24.48 45.69
C GLU C 179 4.52 23.91 47.06
N ILE C 180 3.61 23.05 47.55
CA ILE C 180 3.84 22.38 48.83
C ILE C 180 4.95 21.34 48.64
N PRO C 181 6.02 21.48 49.42
CA PRO C 181 7.25 20.73 49.13
C PRO C 181 7.15 19.24 49.44
N MET C 182 7.68 18.40 48.53
CA MET C 182 7.86 16.99 48.81
C MET C 182 8.82 16.81 49.96
N ARG C 183 8.49 15.92 50.88
CA ARG C 183 9.42 15.57 51.98
C ARG C 183 9.28 14.10 52.35
N PRO C 184 10.31 13.51 52.99
CA PRO C 184 10.26 12.07 53.34
C PRO C 184 9.03 11.73 54.19
N GLY C 185 8.36 10.63 53.85
CA GLY C 185 7.10 10.26 54.50
C GLY C 185 5.97 11.27 54.35
N GLN C 186 6.23 12.31 53.54
CA GLN C 186 5.25 13.34 53.32
C GLN C 186 5.29 13.86 51.88
N LEU C 187 4.94 12.98 50.95
CA LEU C 187 5.27 13.23 49.57
C LEU C 187 4.31 14.14 48.83
N PHE C 188 3.09 14.29 49.33
CA PHE C 188 2.09 15.01 48.56
C PHE C 188 1.42 16.13 49.34
N MET C 189 0.53 16.83 48.65
CA MET C 189 -0.24 17.88 49.27
C MET C 189 -1.28 17.27 50.20
N ASP C 190 -1.11 17.52 51.49
CA ASP C 190 -2.05 17.07 52.51
C ASP C 190 -3.02 18.21 52.84
N PRO C 191 -4.19 17.90 53.45
CA PRO C 191 -5.08 19.02 53.73
C PRO C 191 -4.44 20.09 54.61
N LYS C 192 -3.65 19.69 55.61
CA LYS C 192 -3.11 20.65 56.58
C LYS C 192 -2.13 21.65 55.96
N ARG C 193 -1.14 21.12 55.25
CA ARG C 193 -0.16 21.97 54.59
C ARG C 193 -0.81 22.81 53.50
N MET C 194 -1.90 22.29 52.95
CA MET C 194 -2.65 23.01 51.94
C MET C 194 -3.31 24.24 52.55
N ILE C 195 -3.84 24.09 53.76
CA ILE C 195 -4.55 25.19 54.42
C ILE C 195 -3.62 26.30 54.91
N GLU C 196 -2.40 25.95 55.33
CA GLU C 196 -1.45 26.94 55.81
C GLU C 196 -0.96 27.83 54.69
N ALA C 197 -0.97 27.28 53.48
CA ALA C 197 -0.60 28.00 52.29
C ALA C 197 -1.73 28.83 51.69
N CYS C 198 -2.96 28.68 52.17
CA CYS C 198 -4.07 29.43 51.58
C CYS C 198 -4.29 30.85 52.16
N ASP C 199 -4.83 31.76 51.34
CA ASP C 199 -5.35 33.07 51.80
C ASP C 199 -6.32 33.71 50.79
N GLU C 200 -6.73 34.96 51.02
CA GLU C 200 -7.68 35.63 50.11
C GLU C 200 -7.11 35.83 48.72
N ASN C 201 -5.79 35.68 48.60
CA ASN C 201 -5.11 35.80 47.32
C ASN C 201 -4.98 34.50 46.54
N THR C 202 -5.35 33.39 47.18
CA THR C 202 -5.30 32.07 46.55
C THR C 202 -6.37 32.00 45.44
N ILE C 203 -5.90 31.89 44.20
CA ILE C 203 -6.80 31.87 43.05
C ILE C 203 -7.41 30.50 42.87
N GLY C 204 -6.86 29.54 43.61
CA GLY C 204 -7.35 28.17 43.57
C GLY C 204 -6.32 27.15 44.01
N VAL C 205 -6.78 25.92 44.19
CA VAL C 205 -5.91 24.82 44.55
C VAL C 205 -5.92 23.83 43.39
N VAL C 206 -4.76 23.25 43.10
CA VAL C 206 -4.63 22.28 42.01
C VAL C 206 -4.06 20.94 42.54
N PRO C 207 -4.93 19.97 42.80
CA PRO C 207 -4.39 18.64 43.02
C PRO C 207 -4.03 18.03 41.68
N THR C 208 -3.02 17.18 41.68
CA THR C 208 -2.62 16.46 40.48
C THR C 208 -3.14 15.02 40.63
N PHE C 209 -4.14 14.68 39.83
CA PHE C 209 -4.75 13.39 39.94
C PHE C 209 -3.93 12.40 39.16
N GLY C 210 -2.69 12.26 39.56
CA GLY C 210 -1.74 11.40 38.89
C GLY C 210 -0.43 12.13 38.82
N VAL C 211 0.31 12.10 39.93
CA VAL C 211 1.59 12.79 40.04
C VAL C 211 2.63 12.25 39.07
N THR C 212 3.20 13.15 38.28
CA THR C 212 4.16 12.78 37.22
C THR C 212 5.36 12.00 37.74
N TYR C 213 5.93 12.42 38.87
CA TYR C 213 7.18 11.85 39.34
C TYR C 213 7.03 10.46 39.96
N THR C 214 5.85 10.14 40.50
CA THR C 214 5.67 8.90 41.24
C THR C 214 4.46 8.05 40.84
N GLY C 215 3.41 8.66 40.30
CA GLY C 215 2.21 7.92 39.90
C GLY C 215 1.03 7.91 40.87
N ASN C 216 1.24 8.44 42.06
CA ASN C 216 0.17 8.52 43.06
C ASN C 216 -0.88 9.57 42.74
N TYR C 217 -2.11 9.28 43.15
CA TYR C 217 -3.17 10.27 43.08
C TYR C 217 -3.12 11.18 44.29
N GLU C 218 -3.30 12.46 44.03
CA GLU C 218 -3.67 13.39 45.09
C GLU C 218 -5.20 13.39 45.12
N PHE C 219 -5.78 12.90 46.19
CA PHE C 219 -7.20 12.73 46.18
C PHE C 219 -7.86 14.07 46.51
N PRO C 220 -8.71 14.57 45.61
CA PRO C 220 -9.33 15.86 45.80
C PRO C 220 -10.28 15.89 46.96
N GLN C 221 -10.88 14.76 47.33
CA GLN C 221 -11.96 14.78 48.36
C GLN C 221 -11.55 15.28 49.77
N PRO C 222 -10.49 14.70 50.39
CA PRO C 222 -10.02 15.23 51.66
C PRO C 222 -9.68 16.73 51.62
N LEU C 223 -9.12 17.19 50.50
CA LEU C 223 -8.67 18.58 50.35
C LEU C 223 -9.89 19.45 50.23
N HIS C 224 -10.90 18.92 49.54
CA HIS C 224 -12.19 19.57 49.40
C HIS C 224 -12.84 19.83 50.75
N ASP C 225 -12.85 18.82 51.63
CA ASP C 225 -13.31 18.98 53.02
C ASP C 225 -12.59 20.13 53.73
N ALA C 226 -11.25 20.11 53.69
CA ALA C 226 -10.41 21.18 54.26
C ALA C 226 -10.76 22.59 53.79
N LEU C 227 -11.08 22.75 52.51
CA LEU C 227 -11.52 24.03 51.98
C LEU C 227 -12.91 24.40 52.47
N ASP C 228 -13.75 23.40 52.69
CA ASP C 228 -15.08 23.65 53.16
C ASP C 228 -14.99 24.20 54.57
N LYS C 229 -14.16 23.56 55.38
CA LYS C 229 -13.88 24.02 56.74
C LYS C 229 -13.20 25.38 56.72
N PHE C 230 -12.30 25.58 55.76
CA PHE C 230 -11.65 26.86 55.63
C PHE C 230 -12.64 27.96 55.31
N GLN C 231 -13.62 27.70 54.44
CA GLN C 231 -14.60 28.75 54.13
C GLN C 231 -15.48 29.10 55.33
N ALA C 232 -15.84 28.07 56.07
CA ALA C 232 -16.56 28.23 57.31
C ALA C 232 -15.78 29.15 58.29
N ASP C 233 -14.47 28.94 58.41
CA ASP C 233 -13.61 29.70 59.34
C ASP C 233 -13.24 31.14 58.95
N THR C 234 -13.04 31.39 57.65
CA THR C 234 -12.53 32.70 57.18
C THR C 234 -13.45 33.49 56.23
N GLY C 235 -14.34 32.81 55.53
CA GLY C 235 -15.22 33.49 54.58
C GLY C 235 -14.62 33.34 53.21
N ILE C 236 -13.38 32.87 53.17
CA ILE C 236 -12.62 32.72 51.94
C ILE C 236 -13.11 31.51 51.13
N ASP C 237 -13.62 31.76 49.92
CA ASP C 237 -14.14 30.67 49.09
C ASP C 237 -13.14 30.27 48.00
N ILE C 238 -12.47 29.14 48.18
CA ILE C 238 -11.44 28.74 47.21
C ILE C 238 -11.88 27.61 46.26
N ASP C 239 -11.69 27.84 44.94
CA ASP C 239 -12.04 26.87 43.89
C ASP C 239 -10.96 25.84 43.68
N MET C 240 -11.22 24.88 42.81
CA MET C 240 -10.19 23.91 42.45
C MET C 240 -10.11 23.69 40.94
N HIS C 241 -8.94 23.32 40.47
CA HIS C 241 -8.80 22.74 39.14
C HIS C 241 -7.97 21.47 39.27
N ILE C 242 -8.48 20.36 38.75
CA ILE C 242 -7.80 19.07 38.87
C ILE C 242 -6.89 18.84 37.70
N ASP C 243 -5.61 18.64 37.94
CA ASP C 243 -4.72 18.25 36.88
C ASP C 243 -4.80 16.74 36.70
N ALA C 244 -5.77 16.30 35.89
CA ALA C 244 -6.07 14.88 35.64
C ALA C 244 -5.37 14.38 34.39
N ALA C 245 -4.15 14.87 34.17
CA ALA C 245 -3.36 14.53 33.01
C ALA C 245 -3.39 13.06 32.68
N SER C 246 -3.10 12.22 33.67
CA SER C 246 -3.22 10.80 33.43
C SER C 246 -4.47 10.27 34.12
N GLY C 247 -4.78 10.80 35.29
CA GLY C 247 -5.88 10.22 36.02
C GLY C 247 -7.23 10.33 35.33
N GLY C 248 -7.32 11.24 34.37
CA GLY C 248 -8.63 11.56 33.80
C GLY C 248 -9.24 10.44 33.00
N PHE C 249 -8.39 9.58 32.42
CA PHE C 249 -8.88 8.41 31.68
C PHE C 249 -8.54 7.08 32.31
N LEU C 250 -8.44 7.06 33.64
CA LEU C 250 -8.17 5.85 34.36
C LEU C 250 -9.28 5.63 35.37
N ALA C 251 -9.35 6.48 36.41
CA ALA C 251 -10.34 6.32 37.47
C ALA C 251 -11.75 6.13 36.97
N PRO C 252 -12.23 6.95 36.00
CA PRO C 252 -13.64 6.79 35.61
C PRO C 252 -14.05 5.38 35.26
N PHE C 253 -13.07 4.55 34.93
CA PHE C 253 -13.30 3.18 34.47
C PHE C 253 -12.91 2.13 35.47
N VAL C 254 -11.74 2.23 36.10
CA VAL C 254 -11.32 1.15 37.00
C VAL C 254 -11.61 1.40 38.47
N ALA C 255 -11.91 2.66 38.81
CA ALA C 255 -12.13 3.08 40.19
C ALA C 255 -13.16 4.21 40.20
N PRO C 256 -14.41 3.87 39.89
CA PRO C 256 -15.35 4.95 39.61
C PRO C 256 -15.89 5.60 40.84
N ASP C 257 -15.70 5.02 42.02
CA ASP C 257 -16.21 5.71 43.21
C ASP C 257 -15.22 6.50 44.03
N ILE C 258 -13.95 6.56 43.60
CA ILE C 258 -13.11 7.68 43.96
C ILE C 258 -13.77 8.97 43.44
N VAL C 259 -14.25 9.80 44.37
CA VAL C 259 -14.95 11.05 44.05
C VAL C 259 -13.96 12.21 43.78
N TRP C 260 -13.61 12.45 42.53
CA TRP C 260 -12.54 13.41 42.22
C TRP C 260 -12.95 14.52 41.22
N ASP C 261 -14.11 14.37 40.61
CA ASP C 261 -14.48 15.14 39.40
C ASP C 261 -15.56 16.17 39.67
N PHE C 262 -16.39 16.49 38.67
CA PHE C 262 -17.42 17.52 38.87
C PHE C 262 -18.51 17.16 39.87
N ARG C 263 -18.37 16.03 40.55
CA ARG C 263 -19.32 15.69 41.60
C ARG C 263 -19.06 16.60 42.80
N LEU C 264 -17.88 17.19 42.85
CA LEU C 264 -17.50 18.04 43.96
C LEU C 264 -17.75 19.49 43.58
N PRO C 265 -18.56 20.18 44.39
CA PRO C 265 -18.99 21.54 44.03
C PRO C 265 -17.86 22.53 43.76
N ARG C 266 -16.72 22.42 44.44
CA ARG C 266 -15.57 23.32 44.19
C ARG C 266 -14.78 23.12 42.87
N VAL C 267 -14.64 21.87 42.40
CA VAL C 267 -13.96 21.60 41.13
C VAL C 267 -14.70 22.30 40.01
N LYS C 268 -14.07 23.31 39.43
CA LYS C 268 -14.73 24.12 38.42
C LYS C 268 -14.29 23.74 37.03
N SER C 269 -13.19 22.99 36.95
CA SER C 269 -12.68 22.60 35.64
C SER C 269 -11.70 21.43 35.73
N ILE C 270 -11.66 20.61 34.71
CA ILE C 270 -10.78 19.44 34.74
C ILE C 270 -9.97 19.41 33.44
N SER C 271 -8.75 18.89 33.51
CA SER C 271 -7.96 18.79 32.31
C SER C 271 -7.29 17.41 32.25
N ALA C 272 -7.04 16.92 31.04
CA ALA C 272 -6.31 15.66 30.88
C ALA C 272 -5.58 15.56 29.55
N SER C 273 -4.70 14.57 29.45
CA SER C 273 -4.06 14.23 28.17
C SER C 273 -4.76 13.07 27.41
N GLY C 274 -5.17 13.36 26.18
CA GLY C 274 -5.72 12.34 25.29
C GLY C 274 -4.62 11.37 24.86
N HIS C 275 -3.39 11.90 24.78
CA HIS C 275 -2.23 11.12 24.33
C HIS C 275 -1.50 10.37 25.47
N LYS C 276 -1.95 10.46 26.71
CA LYS C 276 -1.51 9.64 27.81
C LYS C 276 -2.48 8.43 27.89
N PHE C 277 -3.28 8.27 28.95
CA PHE C 277 -4.17 7.12 29.10
C PHE C 277 -5.49 7.30 28.37
N GLY C 278 -5.68 8.50 27.82
CA GLY C 278 -6.69 8.73 26.80
C GLY C 278 -6.57 7.87 25.53
N LEU C 279 -5.41 7.23 25.36
CA LEU C 279 -5.16 6.38 24.20
C LEU C 279 -5.11 7.11 22.83
N ALA C 280 -5.26 8.44 22.82
CA ALA C 280 -5.24 9.21 21.57
C ALA C 280 -3.79 9.32 21.17
N PRO C 281 -3.49 9.47 19.86
CA PRO C 281 -2.11 9.71 19.40
C PRO C 281 -1.57 11.07 19.83
N LEU C 282 -0.24 11.24 19.88
CA LEU C 282 0.38 12.53 20.24
C LEU C 282 -0.28 13.82 19.74
N GLY C 283 -0.52 14.75 20.66
CA GLY C 283 -0.97 16.07 20.29
C GLY C 283 -2.43 16.31 20.55
N CYS C 284 -2.93 15.73 21.65
CA CYS C 284 -4.37 15.79 21.97
C CYS C 284 -4.65 15.91 23.46
N GLY C 285 -5.37 16.96 23.84
CA GLY C 285 -5.66 17.21 25.24
C GLY C 285 -7.03 17.80 25.47
N TRP C 286 -7.55 17.65 26.68
CA TRP C 286 -8.89 18.12 26.96
C TRP C 286 -8.98 19.03 28.18
N VAL C 287 -9.87 20.01 28.13
CA VAL C 287 -10.25 20.76 29.32
C VAL C 287 -11.73 21.03 29.27
N ILE C 288 -12.38 20.75 30.39
CA ILE C 288 -13.81 20.88 30.55
C ILE C 288 -14.13 21.78 31.75
N TRP C 289 -15.08 22.69 31.57
CA TRP C 289 -15.56 23.50 32.68
C TRP C 289 -16.94 23.03 33.12
N ARG C 290 -17.16 23.13 34.42
CA ARG C 290 -18.38 22.68 35.09
C ARG C 290 -19.65 23.17 34.41
N ASP C 291 -19.68 24.46 34.14
CA ASP C 291 -20.79 25.13 33.49
C ASP C 291 -20.32 26.46 32.91
N GLU C 292 -21.23 27.12 32.19
CA GLU C 292 -21.01 28.46 31.63
C GLU C 292 -20.27 29.43 32.56
N GLU C 293 -20.60 29.46 33.83
CA GLU C 293 -19.99 30.44 34.74
C GLU C 293 -18.57 30.16 35.16
N ALA C 294 -18.09 28.93 35.00
CA ALA C 294 -16.70 28.67 35.24
C ALA C 294 -15.81 29.36 34.18
N LEU C 295 -16.39 29.75 33.04
CA LEU C 295 -15.58 30.32 31.96
C LEU C 295 -15.86 31.80 31.81
N PRO C 296 -14.93 32.64 32.27
CA PRO C 296 -15.26 34.06 32.07
C PRO C 296 -15.41 34.38 30.58
N GLN C 297 -16.49 35.06 30.21
CA GLN C 297 -16.73 35.40 28.80
C GLN C 297 -15.57 36.18 28.14
N GLU C 298 -14.93 37.08 28.90
CA GLU C 298 -13.84 37.93 28.41
C GLU C 298 -12.69 37.13 27.81
N LEU C 299 -12.57 35.87 28.22
CA LEU C 299 -11.53 34.99 27.70
C LEU C 299 -11.84 34.39 26.35
N VAL C 300 -13.14 34.27 26.06
CA VAL C 300 -13.64 33.67 24.83
C VAL C 300 -13.67 34.65 23.66
N PHE C 301 -13.09 34.22 22.54
CA PHE C 301 -13.00 35.03 21.33
C PHE C 301 -13.86 34.45 20.23
N ASN C 302 -14.70 35.32 19.68
CA ASN C 302 -15.63 34.94 18.63
C ASN C 302 -15.09 35.10 17.23
N VAL C 303 -15.20 34.04 16.46
CA VAL C 303 -14.78 34.04 15.07
C VAL C 303 -16.01 33.91 14.14
N ASP C 304 -16.16 34.85 13.22
CA ASP C 304 -17.19 34.77 12.19
C ASP C 304 -16.89 33.65 11.22
N TYR C 305 -17.92 32.87 10.86
CA TYR C 305 -17.86 32.00 9.67
C TYR C 305 -19.21 32.05 8.89
N LEU C 306 -19.42 31.12 7.96
CA LEU C 306 -20.62 31.18 7.10
C LEU C 306 -21.92 30.76 7.79
N GLY C 307 -21.87 29.66 8.55
CA GLY C 307 -23.04 29.15 9.25
C GLY C 307 -23.28 29.78 10.62
N GLY C 308 -22.84 31.04 10.79
CA GLY C 308 -22.98 31.76 12.06
C GLY C 308 -21.67 32.28 12.64
N GLN C 309 -21.41 31.98 13.92
CA GLN C 309 -20.14 32.32 14.57
C GLN C 309 -19.87 31.47 15.81
N ILE C 310 -18.64 30.95 15.92
CA ILE C 310 -18.26 30.09 17.07
C ILE C 310 -17.24 30.80 18.00
N GLY C 311 -17.41 30.57 19.31
CA GLY C 311 -16.45 31.08 20.29
C GLY C 311 -15.37 30.06 20.66
N THR C 312 -14.09 30.47 20.57
CA THR C 312 -13.00 29.61 21.01
C THR C 312 -12.14 30.21 22.13
N PHE C 313 -11.78 29.35 23.07
CA PHE C 313 -10.81 29.71 24.08
C PHE C 313 -9.64 28.76 23.88
N ALA C 314 -8.59 29.26 23.22
CA ALA C 314 -7.52 28.38 22.83
C ALA C 314 -6.29 29.16 22.38
N ILE C 315 -5.13 28.67 22.79
CA ILE C 315 -3.90 29.35 22.54
C ILE C 315 -3.48 29.19 21.08
N ASN C 316 -3.49 27.96 20.59
CA ASN C 316 -3.12 27.69 19.23
C ASN C 316 -4.19 28.18 18.26
N PHE C 317 -3.87 28.24 16.97
CA PHE C 317 -4.91 28.58 15.98
C PHE C 317 -5.09 27.45 14.96
N SER C 318 -4.49 27.58 13.78
CA SER C 318 -4.51 26.48 12.82
C SER C 318 -3.69 25.32 13.36
N ARG C 319 -4.21 24.11 13.19
CA ARG C 319 -3.53 22.86 13.58
C ARG C 319 -4.40 21.70 13.13
N PRO C 320 -3.81 20.50 12.93
CA PRO C 320 -4.59 19.39 12.37
C PRO C 320 -5.74 18.94 13.24
N ALA C 321 -6.78 18.41 12.61
CA ALA C 321 -7.87 17.73 13.29
C ALA C 321 -7.66 16.20 13.43
N GLY C 322 -6.61 15.66 12.82
CA GLY C 322 -6.30 14.23 12.96
C GLY C 322 -6.55 13.68 14.35
N GLN C 323 -5.84 14.21 15.33
CA GLN C 323 -5.90 13.75 16.71
C GLN C 323 -7.33 13.63 17.26
N VAL C 324 -8.09 14.71 17.18
CA VAL C 324 -9.49 14.70 17.62
C VAL C 324 -10.24 13.50 17.05
N ILE C 325 -10.07 13.30 15.74
CA ILE C 325 -10.72 12.23 15.03
C ILE C 325 -10.21 10.89 15.53
N ALA C 326 -8.91 10.69 15.60
CA ALA C 326 -8.40 9.45 16.21
C ALA C 326 -8.96 9.25 17.65
N GLN C 327 -8.96 10.30 18.46
CA GLN C 327 -9.46 10.21 19.83
C GLN C 327 -10.93 9.76 19.84
N TYR C 328 -11.70 10.16 18.83
CA TYR C 328 -13.08 9.73 18.70
C TYR C 328 -13.14 8.26 18.38
N TYR C 329 -12.41 7.85 17.35
CA TYR C 329 -12.29 6.43 17.05
C TYR C 329 -12.05 5.60 18.29
N GLU C 330 -11.01 5.95 19.06
CA GLU C 330 -10.83 5.32 20.35
C GLU C 330 -12.18 5.26 21.11
N PHE C 331 -12.83 6.43 21.35
CA PHE C 331 -14.08 6.47 22.15
C PHE C 331 -15.17 5.57 21.57
N LEU C 332 -15.37 5.62 20.26
CA LEU C 332 -16.42 4.85 19.60
C LEU C 332 -16.16 3.36 19.70
N ARG C 333 -14.93 2.97 19.43
CA ARG C 333 -14.65 1.56 19.32
C ARG C 333 -14.59 0.90 20.70
N LEU C 334 -14.13 1.64 21.72
CA LEU C 334 -13.94 1.05 23.04
C LEU C 334 -15.12 1.21 23.98
N GLY C 335 -15.60 2.44 24.15
CA GLY C 335 -16.63 2.72 25.15
C GLY C 335 -16.16 2.53 26.58
N ARG C 336 -17.11 2.55 27.50
CA ARG C 336 -16.86 2.33 28.92
C ARG C 336 -16.39 0.91 29.17
N GLU C 337 -16.96 -0.01 28.42
CA GLU C 337 -16.61 -1.40 28.54
C GLU C 337 -15.15 -1.52 28.10
N GLY C 338 -14.91 -1.08 26.87
CA GLY C 338 -13.60 -1.19 26.25
C GLY C 338 -12.50 -0.64 27.10
N TYR C 339 -12.65 0.61 27.51
CA TYR C 339 -11.62 1.25 28.30
C TYR C 339 -11.39 0.52 29.63
N THR C 340 -12.48 0.15 30.32
CA THR C 340 -12.36 -0.61 31.55
C THR C 340 -11.40 -1.82 31.38
N LYS C 341 -11.54 -2.59 30.30
CA LYS C 341 -10.64 -3.71 30.05
C LYS C 341 -9.23 -3.24 29.70
N VAL C 342 -9.09 -2.29 28.78
CA VAL C 342 -7.77 -1.74 28.43
C VAL C 342 -7.01 -1.21 29.65
N GLN C 343 -7.54 -0.23 30.39
CA GLN C 343 -6.90 0.20 31.63
C GLN C 343 -6.60 -0.93 32.65
N ASN C 344 -7.53 -1.86 32.75
CA ASN C 344 -7.31 -2.99 33.62
C ASN C 344 -6.04 -3.77 33.30
N ALA C 345 -5.86 -4.10 32.02
CA ALA C 345 -4.70 -4.83 31.57
C ALA C 345 -3.40 -4.16 32.07
N SER C 346 -3.28 -2.84 31.88
CA SER C 346 -2.14 -2.10 32.39
C SER C 346 -1.96 -2.24 33.90
N TYR C 347 -3.05 -2.13 34.64
CA TYR C 347 -2.94 -2.19 36.08
C TYR C 347 -2.44 -3.54 36.56
N GLN C 348 -2.70 -4.59 35.78
CA GLN C 348 -2.37 -5.94 36.21
C GLN C 348 -0.87 -6.13 36.06
N VAL C 349 -0.33 -5.56 35.00
CA VAL C 349 1.09 -5.58 34.69
C VAL C 349 1.89 -4.84 35.77
N ALA C 350 1.48 -3.63 36.10
CA ALA C 350 2.23 -2.84 37.07
C ALA C 350 2.22 -3.57 38.40
N ALA C 351 1.08 -4.15 38.75
CA ALA C 351 0.91 -4.88 40.01
C ALA C 351 1.80 -6.09 40.02
N TYR C 352 1.69 -6.93 39.01
CA TYR C 352 2.67 -7.98 38.80
C TYR C 352 4.11 -7.49 39.02
N LEU C 353 4.55 -6.48 38.27
CA LEU C 353 5.91 -5.93 38.39
C LEU C 353 6.27 -5.46 39.78
N ALA C 354 5.38 -4.75 40.44
CA ALA C 354 5.70 -4.25 41.76
C ALA C 354 5.84 -5.41 42.74
N ASP C 355 5.06 -6.46 42.54
CA ASP C 355 5.05 -7.58 43.47
C ASP C 355 6.27 -8.44 43.28
N GLU C 356 6.75 -8.45 42.05
CA GLU C 356 7.85 -9.30 41.69
C GLU C 356 9.14 -8.61 42.07
N ILE C 357 9.21 -7.31 41.77
CA ILE C 357 10.37 -6.49 42.08
C ILE C 357 10.63 -6.38 43.59
N ALA C 358 9.58 -6.21 44.39
CA ALA C 358 9.75 -6.22 45.86
C ALA C 358 10.61 -7.40 46.41
N LYS C 359 10.74 -8.46 45.61
CA LYS C 359 11.46 -9.66 46.03
C LYS C 359 12.96 -9.60 45.69
N LEU C 360 13.35 -8.68 44.82
CA LEU C 360 14.69 -8.72 44.23
C LEU C 360 15.72 -7.86 44.95
N GLY C 361 15.29 -7.20 46.02
CA GLY C 361 16.18 -6.34 46.77
C GLY C 361 15.52 -5.53 47.87
N PRO C 362 16.33 -4.78 48.65
CA PRO C 362 15.83 -4.00 49.76
C PRO C 362 15.15 -2.70 49.28
N TYR C 363 13.94 -2.81 48.77
CA TYR C 363 13.25 -1.67 48.15
C TYR C 363 12.03 -1.25 48.92
N GLU C 364 11.81 0.07 49.03
CA GLU C 364 10.62 0.61 49.70
C GLU C 364 9.75 1.38 48.70
N PHE C 365 8.51 0.94 48.53
CA PHE C 365 7.67 1.42 47.42
C PHE C 365 6.87 2.66 47.73
N ILE C 366 7.01 3.68 46.89
CA ILE C 366 6.11 4.82 46.92
C ILE C 366 4.84 4.60 46.10
N CYS C 367 4.86 3.64 45.18
CA CYS C 367 3.73 3.35 44.28
C CYS C 367 3.73 1.92 43.79
N THR C 368 2.62 1.24 43.98
CA THR C 368 2.59 -0.19 43.70
C THR C 368 1.60 -0.53 42.61
N GLY C 369 1.16 0.49 41.88
CA GLY C 369 0.28 0.33 40.72
C GLY C 369 -1.12 -0.22 40.96
N ARG C 370 -1.75 0.23 42.04
CA ARG C 370 -3.06 -0.25 42.41
C ARG C 370 -4.05 0.80 41.94
N PRO C 371 -5.18 0.37 41.37
CA PRO C 371 -6.11 1.30 40.73
C PRO C 371 -6.70 2.27 41.71
N ASP C 372 -6.52 2.05 43.00
CA ASP C 372 -7.16 2.89 43.98
C ASP C 372 -6.18 3.83 44.61
N GLU C 373 -4.94 3.74 44.16
CA GLU C 373 -3.89 4.63 44.65
C GLU C 373 -3.35 5.57 43.57
N GLY C 374 -3.33 5.09 42.33
CA GLY C 374 -2.69 5.82 41.28
C GLY C 374 -2.86 5.30 39.88
N ILE C 375 -1.96 5.73 39.02
CA ILE C 375 -1.96 5.32 37.64
C ILE C 375 -1.19 3.99 37.58
N PRO C 376 -1.18 3.32 36.44
CA PRO C 376 -0.43 2.09 36.41
C PRO C 376 1.09 2.32 36.31
N ALA C 377 1.74 2.56 37.44
CA ALA C 377 3.19 2.78 37.46
C ALA C 377 3.73 2.15 38.69
N VAL C 378 4.96 1.65 38.62
CA VAL C 378 5.68 1.20 39.80
C VAL C 378 6.76 2.24 40.15
N CYS C 379 6.84 2.61 41.42
CA CYS C 379 7.82 3.62 41.84
C CYS C 379 8.48 3.29 43.17
N PHE C 380 9.79 3.12 43.17
CA PHE C 380 10.45 2.75 44.42
C PHE C 380 11.82 3.35 44.62
N LYS C 381 12.31 3.25 45.85
CA LYS C 381 13.61 3.75 46.24
C LYS C 381 14.24 2.65 47.09
N LEU C 382 15.57 2.71 47.30
CA LEU C 382 16.25 1.84 48.24
C LEU C 382 15.86 2.20 49.66
N LYS C 383 15.65 1.19 50.49
CA LYS C 383 15.42 1.40 51.93
C LYS C 383 16.52 2.25 52.50
N ASP C 384 16.16 3.09 53.45
CA ASP C 384 17.18 3.89 54.13
C ASP C 384 18.15 2.98 54.88
N GLY C 385 19.43 3.34 54.87
CA GLY C 385 20.47 2.63 55.64
C GLY C 385 20.81 1.23 55.16
N GLU C 386 20.27 0.86 54.00
CA GLU C 386 20.56 -0.42 53.40
C GLU C 386 21.38 -0.23 52.14
N ASP C 387 22.40 -1.07 51.97
CA ASP C 387 23.25 -0.92 50.82
C ASP C 387 23.46 -2.24 50.07
N PRO C 388 22.68 -2.46 49.01
CA PRO C 388 22.71 -3.71 48.25
C PRO C 388 23.88 -3.86 47.28
N GLY C 389 24.74 -2.84 47.18
CA GLY C 389 25.95 -2.89 46.37
C GLY C 389 25.83 -2.14 45.06
N TYR C 390 24.78 -1.32 44.93
CA TYR C 390 24.48 -0.58 43.69
C TYR C 390 23.47 0.53 44.01
N THR C 391 23.49 1.63 43.23
CA THR C 391 22.40 2.61 43.27
C THR C 391 21.39 2.32 42.17
N LEU C 392 20.25 2.98 42.21
CA LEU C 392 19.26 2.78 41.17
C LEU C 392 19.71 3.46 39.89
N TYR C 393 20.73 4.32 39.94
CA TYR C 393 21.30 4.82 38.70
C TYR C 393 22.05 3.66 38.04
N ASP C 394 22.92 3.01 38.82
CA ASP C 394 23.66 1.82 38.35
C ASP C 394 22.79 0.74 37.70
N LEU C 395 21.66 0.44 38.32
CA LEU C 395 20.74 -0.52 37.77
C LEU C 395 20.16 0.02 36.47
N SER C 396 19.87 1.32 36.45
CA SER C 396 19.25 1.97 35.27
C SER C 396 20.10 1.87 34.02
N GLU C 397 21.41 1.97 34.22
CA GLU C 397 22.39 1.83 33.16
C GLU C 397 22.52 0.40 32.73
N ARG C 398 22.55 -0.55 33.65
CA ARG C 398 22.64 -1.95 33.22
C ARG C 398 21.44 -2.23 32.34
N LEU C 399 20.26 -1.82 32.78
CA LEU C 399 19.07 -2.04 32.00
C LEU C 399 19.19 -1.44 30.61
N ARG C 400 19.70 -0.22 30.52
CA ARG C 400 19.81 0.50 29.22
C ARG C 400 20.63 -0.27 28.21
N LEU C 401 21.54 -1.12 28.69
CA LEU C 401 22.37 -1.95 27.82
C LEU C 401 21.58 -3.11 27.23
N ARG C 402 20.43 -3.41 27.80
CA ARG C 402 19.61 -4.45 27.22
C ARG C 402 18.37 -3.78 26.60
N GLY C 403 18.55 -2.53 26.16
CA GLY C 403 17.51 -1.80 25.45
C GLY C 403 16.41 -1.09 26.24
N TRP C 404 16.35 -1.28 27.56
CA TRP C 404 15.22 -0.75 28.33
C TRP C 404 15.55 0.62 28.89
N GLN C 405 14.57 1.51 28.79
CA GLN C 405 14.72 2.83 29.40
C GLN C 405 13.93 2.89 30.69
N VAL C 406 14.58 2.66 31.80
CA VAL C 406 13.91 2.66 33.06
C VAL C 406 14.53 3.76 33.88
N PRO C 407 13.92 4.97 33.89
CA PRO C 407 14.55 6.17 34.44
C PRO C 407 14.80 6.06 35.93
N ALA C 408 15.92 6.57 36.43
CA ALA C 408 16.05 6.89 37.86
C ALA C 408 16.45 8.35 38.00
N PHE C 409 15.80 9.04 38.92
CA PHE C 409 16.00 10.47 39.11
C PHE C 409 15.79 10.75 40.59
N THR C 410 15.89 12.03 40.96
CA THR C 410 15.73 12.47 42.37
C THR C 410 14.44 13.26 42.47
N LEU C 411 13.83 13.30 43.66
CA LEU C 411 12.54 13.98 43.83
C LEU C 411 12.76 15.46 44.10
N GLY C 412 11.69 16.25 44.08
CA GLY C 412 11.79 17.73 44.23
C GLY C 412 12.06 18.25 45.65
N GLY C 413 11.42 19.37 46.01
CA GLY C 413 11.53 20.02 47.36
C GLY C 413 12.53 19.57 48.44
N GLU C 414 12.03 18.96 49.51
CA GLU C 414 12.88 18.41 50.59
C GLU C 414 13.16 16.89 50.43
N ALA C 415 12.54 16.29 49.41
CA ALA C 415 12.83 14.91 49.02
C ALA C 415 13.98 14.84 48.00
N THR C 416 14.69 15.97 47.89
CA THR C 416 15.75 16.19 46.91
C THR C 416 16.87 15.22 47.12
N ASP C 417 16.88 14.66 48.31
CA ASP C 417 17.84 13.66 48.73
C ASP C 417 17.55 12.33 48.03
N ILE C 418 16.27 12.05 47.82
CA ILE C 418 15.78 10.73 47.42
C ILE C 418 15.97 10.41 45.94
N VAL C 419 16.65 9.31 45.66
CA VAL C 419 16.65 8.75 44.31
C VAL C 419 15.52 7.71 44.17
N VAL C 420 14.74 7.81 43.09
CA VAL C 420 13.78 6.78 42.76
C VAL C 420 13.95 6.28 41.33
N MET C 421 13.42 5.08 41.09
CA MET C 421 13.25 4.47 39.80
C MET C 421 11.74 4.38 39.64
N ARG C 422 11.21 4.78 38.47
CA ARG C 422 9.77 4.75 38.19
C ARG C 422 9.47 4.02 36.88
N ILE C 423 8.76 2.89 36.98
CA ILE C 423 8.36 2.17 35.80
C ILE C 423 6.94 2.54 35.40
N MET C 424 6.81 3.14 34.20
CA MET C 424 5.52 3.46 33.58
C MET C 424 4.97 2.29 32.71
N CYS C 425 3.70 1.92 32.93
CA CYS C 425 3.03 0.86 32.18
C CYS C 425 1.95 1.38 31.28
N ARG C 426 2.20 1.40 29.98
CA ARG C 426 1.18 1.90 29.07
C ARG C 426 0.78 0.87 28.05
N ARG C 427 -0.30 1.17 27.33
CA ARG C 427 -0.79 0.26 26.32
C ARG C 427 0.28 -0.22 25.35
N GLY C 428 0.49 -1.52 25.34
CA GLY C 428 1.47 -2.15 24.47
C GLY C 428 2.43 -2.96 25.33
N PHE C 429 2.57 -2.51 26.58
CA PHE C 429 3.47 -3.16 27.50
C PHE C 429 2.79 -4.33 28.20
N GLU C 430 2.70 -5.45 27.51
CA GLU C 430 1.94 -6.54 28.07
C GLU C 430 2.74 -7.47 28.98
N MET C 431 2.00 -8.28 29.73
CA MET C 431 2.57 -9.27 30.61
C MET C 431 3.80 -9.99 30.02
N ASP C 432 3.77 -10.39 28.75
CA ASP C 432 4.98 -11.06 28.18
C ASP C 432 6.26 -10.21 28.23
N PHE C 433 6.09 -8.90 28.19
CA PHE C 433 7.21 -8.01 28.02
C PHE C 433 7.70 -7.73 29.40
N ALA C 434 6.77 -7.47 30.30
CA ALA C 434 7.08 -7.39 31.71
C ALA C 434 7.90 -8.61 32.19
N GLU C 435 7.63 -9.80 31.64
CA GLU C 435 8.46 -10.97 31.89
C GLU C 435 9.89 -10.82 31.33
N LEU C 436 9.99 -10.41 30.08
CA LEU C 436 11.29 -10.07 29.50
C LEU C 436 12.05 -9.11 30.42
N LEU C 437 11.33 -8.11 30.93
CA LEU C 437 11.92 -7.08 31.77
C LEU C 437 12.44 -7.69 33.08
N LEU C 438 11.62 -8.51 33.75
CA LEU C 438 12.06 -9.20 34.96
C LEU C 438 13.35 -9.99 34.79
N GLU C 439 13.48 -10.68 33.67
CA GLU C 439 14.70 -11.42 33.41
C GLU C 439 15.91 -10.52 33.25
N ASP C 440 15.73 -9.39 32.58
CA ASP C 440 16.86 -8.50 32.31
C ASP C 440 17.20 -7.76 33.59
N TYR C 441 16.21 -7.64 34.46
CA TYR C 441 16.38 -7.02 35.77
C TYR C 441 17.29 -7.91 36.60
N LYS C 442 16.88 -9.17 36.80
CA LYS C 442 17.67 -10.17 37.51
C LYS C 442 19.09 -10.32 36.93
N ALA C 443 19.22 -10.34 35.61
CA ALA C 443 20.52 -10.52 34.99
C ALA C 443 21.43 -9.35 35.37
N SER C 444 20.83 -8.17 35.46
CA SER C 444 21.54 -6.93 35.80
C SER C 444 21.99 -6.97 37.25
N LEU C 445 21.08 -7.35 38.15
CA LEU C 445 21.42 -7.48 39.58
C LEU C 445 22.65 -8.38 39.80
N LYS C 446 22.73 -9.44 38.97
CA LYS C 446 23.80 -10.45 38.99
C LYS C 446 25.12 -9.92 38.47
N TYR C 447 25.09 -9.17 37.37
CA TYR C 447 26.31 -8.58 36.82
C TYR C 447 26.81 -7.53 37.79
N LEU C 448 25.87 -6.74 38.31
CA LEU C 448 26.21 -5.71 39.28
C LEU C 448 26.82 -6.33 40.54
N SER C 449 26.35 -7.53 40.89
CA SER C 449 26.90 -8.29 42.01
C SER C 449 28.30 -8.85 41.78
N ASP C 450 28.56 -9.35 40.58
CA ASP C 450 29.88 -9.90 40.23
C ASP C 450 30.86 -8.79 39.92
N HIS C 451 30.38 -7.59 39.67
CA HIS C 451 31.28 -6.50 39.34
C HIS C 451 31.11 -5.31 40.32
N PRO C 452 31.54 -5.47 41.59
CA PRO C 452 31.32 -4.44 42.62
C PRO C 452 31.81 -3.05 42.25
N LYS C 453 32.84 -3.00 41.43
CA LYS C 453 33.53 -1.76 41.11
C LYS C 453 32.64 -0.76 40.43
N LEU C 454 31.62 -1.26 39.73
CA LEU C 454 30.61 -0.44 39.04
C LEU C 454 29.77 0.46 39.95
N GLN C 455 29.63 0.12 41.25
CA GLN C 455 28.79 0.88 42.18
C GLN C 455 29.22 2.32 42.27
N GLY C 456 28.24 3.21 42.26
CA GLY C 456 28.45 4.65 42.42
C GLY C 456 28.94 5.42 41.20
N ILE C 457 29.13 4.73 40.09
CA ILE C 457 29.72 5.38 38.95
C ILE C 457 28.74 6.25 38.22
N ALA C 458 27.55 5.73 37.89
CA ALA C 458 26.53 6.51 37.18
C ALA C 458 25.76 7.47 38.10
N GLN C 459 25.59 8.70 37.62
CA GLN C 459 24.95 9.74 38.41
C GLN C 459 24.10 10.73 37.59
N GLN C 460 23.61 10.29 36.44
CA GLN C 460 22.89 11.17 35.56
C GLN C 460 21.40 10.95 35.66
N ASN C 461 20.69 12.02 35.97
CA ASN C 461 19.21 12.03 36.01
C ASN C 461 18.58 11.81 34.61
N SER C 462 17.60 10.91 34.51
CA SER C 462 16.92 10.67 33.24
C SER C 462 15.73 11.61 33.09
N PHE C 463 15.37 11.91 31.84
CA PHE C 463 14.14 12.66 31.53
C PHE C 463 12.97 12.09 32.35
N LYS C 464 12.34 12.96 33.14
CA LYS C 464 11.30 12.55 34.08
C LYS C 464 9.88 13.08 33.83
N HIS C 465 9.75 14.26 33.23
CA HIS C 465 8.46 15.00 33.22
C HIS C 465 7.34 14.44 32.33
N THR C 466 7.56 13.30 31.67
CA THR C 466 6.54 12.62 30.81
C THR C 466 7.09 11.61 29.80
N GLU D 12 -35.72 -3.71 14.34
CA GLU D 12 -35.75 -2.28 13.90
C GLU D 12 -34.64 -1.97 12.89
N LEU D 13 -33.83 -0.95 13.18
CA LEU D 13 -33.00 -0.30 12.17
C LEU D 13 -31.73 -0.99 11.69
N LEU D 14 -31.63 -1.11 10.36
CA LEU D 14 -30.50 -1.74 9.70
C LEU D 14 -29.61 -0.71 9.03
N ASP D 15 -28.36 -1.07 8.79
CA ASP D 15 -27.41 -0.21 8.10
C ASP D 15 -27.08 -0.86 6.76
N SER D 16 -27.09 -0.08 5.68
CA SER D 16 -26.94 -0.69 4.36
C SER D 16 -25.51 -1.03 4.00
N ARG D 17 -24.56 -0.45 4.72
CA ARG D 17 -23.17 -0.77 4.52
C ARG D 17 -22.88 -2.10 5.14
N PHE D 18 -23.36 -2.27 6.36
CA PHE D 18 -22.92 -3.39 7.11
C PHE D 18 -23.88 -4.57 7.00
N GLY D 19 -25.10 -4.30 6.59
CA GLY D 19 -26.12 -5.34 6.64
C GLY D 19 -26.41 -5.79 8.06
N ALA D 20 -26.24 -4.90 9.03
CA ALA D 20 -26.47 -5.21 10.45
C ALA D 20 -27.18 -4.09 11.18
N LYS D 21 -27.57 -4.37 12.44
CA LYS D 21 -28.32 -3.43 13.27
C LYS D 21 -27.57 -2.10 13.33
N SER D 22 -28.31 -0.99 13.18
CA SER D 22 -27.74 0.34 12.97
C SER D 22 -27.04 0.89 14.23
N ILE D 23 -25.88 1.50 14.10
CA ILE D 23 -25.33 2.26 15.22
C ILE D 23 -25.26 3.72 14.81
N SER D 24 -26.02 4.59 15.48
CA SER D 24 -26.10 5.99 15.08
C SER D 24 -25.16 6.89 15.85
N THR D 25 -24.18 7.45 15.18
CA THR D 25 -23.23 8.33 15.83
C THR D 25 -23.91 9.54 16.45
N ILE D 26 -25.09 9.89 15.94
CA ILE D 26 -25.82 11.11 16.33
C ILE D 26 -26.72 10.90 17.55
N ALA D 27 -27.30 9.71 17.73
CA ALA D 27 -27.85 9.36 19.06
C ALA D 27 -26.63 9.20 19.96
N GLU D 28 -26.80 8.75 21.19
CA GLU D 28 -25.65 8.42 22.06
C GLU D 28 -24.31 9.12 21.67
N SER D 29 -24.43 10.43 21.41
CA SER D 29 -23.29 11.30 21.16
C SER D 29 -23.37 12.39 22.19
N LYS D 30 -24.40 12.27 23.04
CA LYS D 30 -24.57 13.15 24.18
C LYS D 30 -23.77 12.67 25.38
N ARG D 31 -23.57 11.35 25.47
CA ARG D 31 -22.80 10.72 26.57
C ARG D 31 -21.63 9.87 26.08
N PHE D 32 -20.85 9.31 27.00
CA PHE D 32 -19.71 8.48 26.64
C PHE D 32 -20.26 7.13 26.26
N PRO D 33 -19.77 6.51 25.15
CA PRO D 33 -20.40 5.23 24.79
C PRO D 33 -20.30 4.11 25.85
N LEU D 34 -21.32 3.26 25.92
CA LEU D 34 -21.31 2.15 26.86
C LEU D 34 -20.54 0.93 26.32
N HIS D 35 -20.78 0.51 25.08
CA HIS D 35 -20.27 -0.79 24.65
C HIS D 35 -19.18 -0.67 23.62
N GLU D 36 -18.42 -1.73 23.43
CA GLU D 36 -17.43 -1.75 22.36
C GLU D 36 -18.14 -2.09 21.08
N MET D 37 -17.43 -1.87 19.98
CA MET D 37 -17.92 -2.02 18.62
C MET D 37 -16.72 -2.61 17.88
N ARG D 38 -16.94 -3.45 16.88
CA ARG D 38 -15.81 -3.98 16.09
C ARG D 38 -14.94 -2.87 15.45
N ASP D 39 -13.63 -3.02 15.57
CA ASP D 39 -12.66 -1.97 15.17
C ASP D 39 -12.90 -1.37 13.81
N ASP D 40 -12.96 -2.22 12.80
CA ASP D 40 -13.08 -1.76 11.42
C ASP D 40 -14.45 -1.13 11.14
N VAL D 41 -15.44 -1.45 11.98
CA VAL D 41 -16.76 -0.86 11.84
C VAL D 41 -16.68 0.56 12.34
N ALA D 42 -16.04 0.76 13.48
CA ALA D 42 -15.80 2.10 14.00
C ALA D 42 -15.05 2.91 12.95
N PHE D 43 -13.96 2.34 12.43
CA PHE D 43 -13.20 3.02 11.40
C PHE D 43 -14.08 3.45 10.22
N GLN D 44 -14.88 2.52 9.68
CA GLN D 44 -15.69 2.80 8.50
C GLN D 44 -16.78 3.84 8.69
N ILE D 45 -17.44 3.79 9.83
CA ILE D 45 -18.46 4.78 10.18
C ILE D 45 -17.93 6.23 10.15
N ILE D 46 -16.74 6.41 10.75
CA ILE D 46 -16.03 7.70 10.84
C ILE D 46 -15.46 8.11 9.48
N ASN D 47 -14.87 7.15 8.79
CA ASN D 47 -14.23 7.46 7.54
C ASN D 47 -15.25 8.05 6.60
N ASP D 48 -16.41 7.39 6.55
CA ASP D 48 -17.54 7.78 5.71
C ASP D 48 -18.05 9.13 6.09
N GLU D 49 -18.09 9.46 7.37
CA GLU D 49 -18.60 10.80 7.60
C GLU D 49 -17.58 11.91 7.31
N LEU D 50 -16.31 11.57 7.23
CA LEU D 50 -15.33 12.54 6.80
C LEU D 50 -15.51 12.99 5.35
N TYR D 51 -16.12 12.16 4.52
CA TYR D 51 -16.41 12.54 3.14
C TYR D 51 -17.21 13.85 3.09
N LEU D 52 -17.85 14.21 4.20
CA LEU D 52 -18.58 15.46 4.29
C LEU D 52 -17.66 16.67 4.45
N ASP D 53 -16.40 16.42 4.75
CA ASP D 53 -15.42 17.49 4.82
C ASP D 53 -15.13 18.01 3.41
N GLY D 54 -14.83 19.29 3.25
CA GLY D 54 -14.30 19.77 1.97
C GLY D 54 -12.87 19.26 1.73
N ASN D 55 -12.39 19.32 0.48
CA ASN D 55 -10.97 19.01 0.25
C ASN D 55 -10.09 20.25 0.15
N ALA D 56 -10.72 21.41 0.03
CA ALA D 56 -9.99 22.71 0.02
C ALA D 56 -9.27 23.08 -1.28
N ARG D 57 -9.31 22.20 -2.28
CA ARG D 57 -8.65 22.48 -3.56
C ARG D 57 -9.34 23.62 -4.27
N GLN D 58 -10.65 23.69 -4.12
CA GLN D 58 -11.39 24.85 -4.58
C GLN D 58 -11.60 25.94 -3.52
N ASN D 59 -10.79 25.93 -2.45
CA ASN D 59 -10.89 26.94 -1.39
C ASN D 59 -9.83 28.00 -1.58
N LEU D 60 -10.27 29.21 -1.90
CA LEU D 60 -9.32 30.31 -2.09
C LEU D 60 -9.28 31.25 -0.91
N ALA D 61 -9.89 30.84 0.21
CA ALA D 61 -9.85 31.65 1.42
C ALA D 61 -8.61 31.35 2.25
N THR D 62 -8.18 30.09 2.23
CA THR D 62 -7.25 29.66 3.24
C THR D 62 -5.79 29.86 2.87
N PHE D 63 -5.02 30.21 3.88
CA PHE D 63 -3.60 30.38 3.80
C PHE D 63 -2.84 29.05 3.84
N CYS D 64 -3.48 28.04 4.44
CA CYS D 64 -2.80 26.83 4.91
C CYS D 64 -2.65 25.79 3.84
N GLN D 65 -1.50 25.11 3.85
CA GLN D 65 -1.16 24.08 2.87
C GLN D 65 -2.28 23.07 2.70
N THR D 66 -2.64 22.81 1.44
CA THR D 66 -3.72 21.89 1.11
C THR D 66 -3.32 20.87 0.03
N TRP D 67 -2.12 21.03 -0.54
CA TRP D 67 -1.65 20.15 -1.58
C TRP D 67 -1.02 18.95 -0.92
N ASP D 68 -1.27 17.77 -1.47
CA ASP D 68 -0.69 16.56 -0.92
C ASP D 68 0.53 16.22 -1.75
N ASP D 69 1.58 15.82 -1.05
CA ASP D 69 2.83 15.28 -1.60
C ASP D 69 3.01 13.87 -1.01
N GLU D 70 3.27 12.87 -1.84
CA GLU D 70 3.32 11.50 -1.30
C GLU D 70 4.44 11.32 -0.26
N ASN D 71 5.47 12.13 -0.36
CA ASN D 71 6.59 11.99 0.52
C ASN D 71 6.33 12.58 1.90
N VAL D 72 5.63 13.71 1.93
CA VAL D 72 5.20 14.30 3.20
C VAL D 72 4.26 13.33 3.99
N HIS D 73 3.37 12.64 3.28
CA HIS D 73 2.48 11.68 3.92
C HIS D 73 3.27 10.59 4.63
N LYS D 74 4.25 10.01 3.94
CA LYS D 74 5.10 8.98 4.57
C LYS D 74 5.87 9.52 5.78
N LEU D 75 6.46 10.70 5.66
CA LEU D 75 7.22 11.24 6.78
C LEU D 75 6.30 11.48 7.99
N MET D 76 5.19 12.17 7.74
CA MET D 76 4.20 12.31 8.80
C MET D 76 3.85 10.92 9.38
N ASP D 77 3.59 9.92 8.54
CA ASP D 77 3.16 8.62 9.06
C ASP D 77 4.16 7.88 9.95
N LEU D 78 5.45 7.98 9.61
CA LEU D 78 6.54 7.44 10.41
C LEU D 78 6.67 8.19 11.71
N SER D 79 6.30 9.46 11.71
CA SER D 79 6.56 10.34 12.85
C SER D 79 5.35 10.45 13.76
N ILE D 80 4.37 9.56 13.60
CA ILE D 80 3.09 9.70 14.28
C ILE D 80 3.24 9.74 15.83
N ASN D 81 4.20 8.96 16.33
CA ASN D 81 4.48 8.83 17.77
C ASN D 81 5.76 9.46 18.23
N LYS D 82 6.52 10.07 17.32
CA LYS D 82 7.78 10.68 17.74
C LYS D 82 7.48 11.93 18.57
N ASN D 83 7.76 11.85 19.88
CA ASN D 83 7.55 12.98 20.79
C ASN D 83 8.62 14.10 20.67
N TRP D 84 8.18 15.30 20.28
CA TRP D 84 9.07 16.43 20.09
C TRP D 84 9.77 16.79 21.39
N ILE D 85 9.05 16.71 22.51
CA ILE D 85 9.60 17.11 23.81
C ILE D 85 10.58 16.11 24.39
N ASP D 86 10.53 14.90 23.85
CA ASP D 86 11.39 13.79 24.27
C ASP D 86 12.68 13.74 23.46
N LYS D 87 13.68 14.48 23.94
CA LYS D 87 14.94 14.65 23.24
C LYS D 87 15.83 13.40 23.35
N GLU D 88 15.40 12.48 24.21
CA GLU D 88 16.19 11.35 24.68
C GLU D 88 15.91 10.12 23.82
N GLU D 89 14.64 9.79 23.65
CA GLU D 89 14.22 8.64 22.87
C GLU D 89 14.32 8.91 21.34
N TYR D 90 14.17 10.18 20.98
CA TYR D 90 14.16 10.61 19.59
C TYR D 90 15.29 11.66 19.36
N PRO D 91 16.57 11.23 19.48
CA PRO D 91 17.69 12.16 19.37
C PRO D 91 17.87 12.71 17.96
N GLN D 92 17.39 11.98 16.96
CA GLN D 92 17.59 12.35 15.59
C GLN D 92 16.60 13.39 15.20
N SER D 93 15.35 13.20 15.65
CA SER D 93 14.31 14.22 15.47
C SER D 93 14.75 15.54 16.11
N ALA D 94 15.27 15.45 17.33
CA ALA D 94 15.76 16.61 18.07
C ALA D 94 16.83 17.34 17.26
N ALA D 95 17.73 16.58 16.67
CA ALA D 95 18.79 17.12 15.86
C ALA D 95 18.25 17.90 14.68
N ILE D 96 17.41 17.23 13.88
CA ILE D 96 16.71 17.86 12.76
C ILE D 96 15.99 19.15 13.13
N ASP D 97 15.33 19.16 14.29
CA ASP D 97 14.68 20.36 14.79
C ASP D 97 15.73 21.46 14.90
N LEU D 98 16.83 21.18 15.61
CA LEU D 98 17.78 22.22 15.89
C LEU D 98 18.31 22.76 14.59
N ARG D 99 18.49 21.89 13.61
CA ARG D 99 18.91 22.34 12.28
C ARG D 99 17.95 23.37 11.74
N CYS D 100 16.69 22.99 11.66
CA CYS D 100 15.73 23.93 11.18
C CYS D 100 15.88 25.28 11.88
N VAL D 101 15.94 25.31 13.22
CA VAL D 101 16.00 26.59 13.95
C VAL D 101 17.03 27.51 13.29
N ASN D 102 18.24 26.97 13.10
CA ASN D 102 19.34 27.64 12.42
C ASN D 102 19.01 28.09 10.99
N MET D 103 18.50 27.19 10.17
CA MET D 103 18.25 27.50 8.76
C MET D 103 17.26 28.65 8.60
N VAL D 104 16.22 28.66 9.44
CA VAL D 104 15.27 29.76 9.48
C VAL D 104 15.94 31.06 9.98
N ALA D 105 16.71 30.95 11.08
CA ALA D 105 17.51 32.05 11.60
C ALA D 105 18.34 32.69 10.52
N ASP D 106 19.05 31.86 9.76
CA ASP D 106 19.86 32.32 8.64
C ASP D 106 18.99 33.03 7.59
N LEU D 107 17.89 32.42 7.20
CA LEU D 107 17.05 32.97 6.13
C LEU D 107 16.62 34.42 6.40
N TRP D 108 16.70 34.80 7.66
CA TRP D 108 16.17 36.09 8.15
C TRP D 108 17.28 37.07 8.56
N HIS D 109 18.54 36.69 8.29
CA HIS D 109 19.74 37.45 8.64
C HIS D 109 19.96 37.65 10.15
N ALA D 110 19.62 36.65 10.96
CA ALA D 110 19.96 36.71 12.38
C ALA D 110 21.49 36.75 12.48
N PRO D 111 22.03 37.55 13.39
CA PRO D 111 23.48 37.50 13.59
C PRO D 111 23.99 36.06 13.74
N ALA D 112 25.16 35.78 13.15
CA ALA D 112 25.78 34.48 13.30
C ALA D 112 25.76 34.17 14.79
N PRO D 113 25.19 33.03 15.17
CA PRO D 113 25.07 32.71 16.60
C PRO D 113 26.40 32.32 17.25
N LYS D 114 26.51 32.69 18.53
CA LYS D 114 27.74 32.64 19.31
C LYS D 114 28.49 31.29 19.30
N ASN D 115 27.75 30.22 19.64
CA ASN D 115 28.27 28.85 19.81
C ASN D 115 27.91 27.90 18.66
N GLY D 116 27.21 28.41 17.66
CA GLY D 116 26.73 27.58 16.56
C GLY D 116 25.22 27.32 16.53
N GLN D 117 24.55 27.56 17.66
CA GLN D 117 23.12 27.31 17.76
C GLN D 117 22.29 28.59 18.02
N ALA D 118 21.41 28.90 17.06
CA ALA D 118 20.60 30.12 17.08
C ALA D 118 19.49 30.11 18.13
N VAL D 119 19.12 31.29 18.60
CA VAL D 119 18.12 31.41 19.64
C VAL D 119 16.74 31.48 19.00
N GLY D 120 16.03 30.34 18.98
CA GLY D 120 14.66 30.26 18.47
C GLY D 120 14.03 28.93 18.84
N THR D 121 12.75 28.77 18.53
CA THR D 121 12.12 27.47 18.74
C THR D 121 11.04 27.16 17.72
N ASN D 122 10.81 25.87 17.51
CA ASN D 122 9.64 25.43 16.77
C ASN D 122 8.40 25.70 17.64
N THR D 123 7.23 25.76 17.00
CA THR D 123 5.95 25.95 17.69
C THR D 123 4.88 25.26 16.86
N ILE D 124 3.65 25.27 17.35
CA ILE D 124 2.53 24.66 16.63
C ILE D 124 2.08 25.57 15.48
N GLY D 125 2.27 26.87 15.64
CA GLY D 125 1.87 27.83 14.62
C GLY D 125 2.38 29.21 14.96
N SER D 126 1.95 30.21 14.21
CA SER D 126 2.34 31.57 14.51
C SER D 126 1.62 32.04 15.77
N SER D 127 0.40 31.57 15.98
CA SER D 127 -0.27 31.93 17.24
C SER D 127 0.65 31.77 18.48
N GLU D 128 1.22 30.59 18.65
CA GLU D 128 2.12 30.30 19.76
C GLU D 128 3.42 31.13 19.68
N ALA D 129 4.01 31.18 18.46
CA ALA D 129 5.19 31.99 18.23
C ALA D 129 4.97 33.45 18.66
N CYS D 130 3.76 33.96 18.45
CA CYS D 130 3.45 35.35 18.80
C CYS D 130 3.38 35.67 20.29
N MET D 131 2.57 34.95 21.06
CA MET D 131 2.63 35.06 22.53
C MET D 131 4.05 34.87 23.08
N LEU D 132 4.79 33.86 22.61
CA LEU D 132 6.18 33.74 22.99
C LEU D 132 6.94 35.05 22.65
N GLY D 133 6.70 35.56 21.44
CA GLY D 133 7.31 36.83 21.01
C GLY D 133 6.88 37.95 21.92
N GLY D 134 5.59 37.99 22.18
CA GLY D 134 5.02 38.97 23.06
C GLY D 134 5.55 38.89 24.48
N MET D 135 5.66 37.68 25.05
CA MET D 135 6.06 37.54 26.45
C MET D 135 7.45 38.09 26.72
N ALA D 136 8.40 37.81 25.82
CA ALA D 136 9.76 38.33 25.94
C ALA D 136 9.77 39.84 25.75
N MET D 137 8.99 40.32 24.77
CA MET D 137 8.74 41.74 24.58
C MET D 137 8.27 42.46 25.86
N LYS D 138 7.28 41.88 26.53
CA LYS D 138 6.80 42.38 27.80
C LYS D 138 7.88 42.26 28.89
N TRP D 139 8.61 41.16 28.91
CA TRP D 139 9.60 40.92 29.93
C TRP D 139 10.76 41.89 29.84
N ARG D 140 11.22 42.20 28.61
CA ARG D 140 12.35 43.12 28.40
C ARG D 140 11.97 44.50 28.88
N TRP D 141 10.82 45.00 28.38
CA TRP D 141 10.22 46.27 28.82
C TRP D 141 10.13 46.36 30.35
N ARG D 142 9.48 45.39 31.00
CA ARG D 142 9.40 45.28 32.48
C ARG D 142 10.72 45.41 33.24
N LYS D 143 11.71 44.59 32.89
CA LYS D 143 13.00 44.60 33.58
C LYS D 143 13.64 45.99 33.53
N ARG D 144 13.79 46.48 32.30
CA ARG D 144 14.29 47.81 31.99
C ARG D 144 13.57 48.85 32.86
N MET D 145 12.26 48.68 33.00
CA MET D 145 11.41 49.63 33.71
C MET D 145 11.56 49.60 35.23
N GLU D 146 11.83 48.42 35.80
CA GLU D 146 12.15 48.29 37.23
C GLU D 146 13.55 48.83 37.48
N ALA D 147 14.49 48.47 36.61
CA ALA D 147 15.84 49.07 36.63
C ALA D 147 15.76 50.60 36.93
N ALA D 148 15.08 51.34 36.04
CA ALA D 148 14.84 52.80 36.15
C ALA D 148 14.04 53.24 37.38
N GLY D 149 13.27 52.33 37.98
CA GLY D 149 12.50 52.64 39.18
C GLY D 149 11.10 53.21 38.95
N LYS D 150 10.51 52.92 37.79
CA LYS D 150 9.16 53.44 37.39
C LYS D 150 8.04 52.36 37.47
N PRO D 151 6.74 52.80 37.46
CA PRO D 151 5.62 51.84 37.46
C PRO D 151 5.66 51.00 36.20
N THR D 152 5.25 49.76 36.34
CA THR D 152 5.34 48.79 35.27
C THR D 152 4.07 48.00 35.22
N ASP D 153 2.94 48.63 35.51
CA ASP D 153 1.69 47.89 35.57
C ASP D 153 0.78 48.16 34.38
N LYS D 154 1.17 49.09 33.51
CA LYS D 154 0.33 49.49 32.37
C LYS D 154 1.00 49.38 30.98
N PRO D 155 1.37 48.16 30.57
CA PRO D 155 2.05 47.99 29.28
C PRO D 155 1.06 48.02 28.16
N ASN D 156 1.46 48.66 27.08
CA ASN D 156 0.69 48.64 25.86
C ASN D 156 1.54 48.16 24.69
N LEU D 157 0.86 47.71 23.65
CA LEU D 157 1.47 47.18 22.46
C LEU D 157 0.97 48.00 21.24
N VAL D 158 1.89 48.44 20.37
CA VAL D 158 1.47 49.23 19.20
C VAL D 158 1.56 48.39 17.95
N CYS D 159 0.50 48.38 17.14
CA CYS D 159 0.39 47.53 15.95
C CYS D 159 -0.66 47.96 14.91
N GLY D 160 -0.68 47.22 13.81
CA GLY D 160 -1.61 47.48 12.71
C GLY D 160 -2.85 46.61 12.79
N PRO D 161 -3.51 46.42 11.64
CA PRO D 161 -4.58 45.45 11.47
C PRO D 161 -4.02 44.03 11.64
N VAL D 162 -3.78 43.65 12.90
CA VAL D 162 -3.14 42.40 13.24
C VAL D 162 -4.14 41.28 13.10
N GLN D 163 -3.62 40.06 12.95
CA GLN D 163 -4.50 38.90 12.97
C GLN D 163 -5.00 38.74 14.38
N ILE D 164 -6.14 38.06 14.53
CA ILE D 164 -6.76 37.87 15.85
C ILE D 164 -5.83 37.48 16.98
N CYS D 165 -4.82 36.66 16.74
CA CYS D 165 -4.02 36.13 17.85
C CYS D 165 -3.41 37.20 18.70
N TRP D 166 -3.03 38.31 18.07
CA TRP D 166 -2.53 39.48 18.81
C TRP D 166 -3.53 40.03 19.80
N HIS D 167 -4.83 39.98 19.48
CA HIS D 167 -5.90 40.46 20.39
C HIS D 167 -5.99 39.60 21.65
N LYS D 168 -5.92 38.28 21.45
CA LYS D 168 -5.77 37.27 22.51
C LYS D 168 -4.59 37.59 23.42
N PHE D 169 -3.37 37.60 22.86
CA PHE D 169 -2.17 37.95 23.63
C PHE D 169 -2.45 39.14 24.53
N ALA D 170 -2.87 40.24 23.90
CA ALA D 170 -3.29 41.42 24.60
C ALA D 170 -4.16 41.13 25.85
N ARG D 171 -5.34 40.53 25.65
CA ARG D 171 -6.21 40.16 26.77
C ARG D 171 -5.54 39.18 27.75
N TYR D 172 -5.06 38.06 27.22
CA TYR D 172 -4.43 36.98 28.01
C TYR D 172 -3.21 37.40 28.81
N TRP D 173 -2.53 38.46 28.37
CA TRP D 173 -1.37 38.97 29.09
C TRP D 173 -1.53 40.31 29.82
N ASP D 174 -2.74 40.87 29.79
CA ASP D 174 -3.03 42.22 30.32
C ASP D 174 -2.16 43.34 29.69
N VAL D 175 -2.02 43.33 28.37
CA VAL D 175 -1.29 44.39 27.67
C VAL D 175 -2.36 45.19 26.97
N GLU D 176 -2.25 46.51 27.03
CA GLU D 176 -3.20 47.42 26.41
C GLU D 176 -2.87 47.47 24.93
N LEU D 177 -3.80 47.07 24.08
CA LEU D 177 -3.52 46.98 22.64
C LEU D 177 -3.87 48.28 21.91
N ARG D 178 -2.88 48.98 21.41
CA ARG D 178 -3.20 50.12 20.56
C ARG D 178 -3.04 49.71 19.11
N GLU D 179 -4.11 49.17 18.53
CA GLU D 179 -4.11 48.78 17.13
C GLU D 179 -4.54 49.98 16.33
N ILE D 180 -3.63 50.48 15.49
CA ILE D 180 -3.94 51.63 14.64
C ILE D 180 -5.04 51.24 13.65
N PRO D 181 -6.20 51.93 13.73
CA PRO D 181 -7.38 51.43 13.06
C PRO D 181 -7.32 51.63 11.55
N MET D 182 -7.84 50.66 10.82
CA MET D 182 -7.87 50.71 9.36
C MET D 182 -8.77 51.86 8.97
N ARG D 183 -8.43 52.53 7.88
CA ARG D 183 -9.29 53.60 7.38
C ARG D 183 -9.10 53.78 5.90
N PRO D 184 -10.16 54.27 5.21
CA PRO D 184 -10.15 54.33 3.74
C PRO D 184 -8.93 55.07 3.16
N GLY D 185 -8.34 54.48 2.13
CA GLY D 185 -7.09 55.01 1.56
C GLY D 185 -6.00 55.25 2.59
N GLN D 186 -6.07 54.55 3.72
CA GLN D 186 -5.01 54.53 4.72
C GLN D 186 -5.15 53.26 5.54
N LEU D 187 -4.81 52.14 4.91
CA LEU D 187 -5.25 50.87 5.44
C LEU D 187 -4.37 50.23 6.51
N PHE D 188 -3.13 50.72 6.68
CA PHE D 188 -2.14 50.05 7.54
C PHE D 188 -1.54 50.98 8.57
N MET D 189 -0.49 50.51 9.26
CA MET D 189 0.24 51.35 10.19
C MET D 189 1.27 52.18 9.43
N ASP D 190 1.04 53.48 9.36
CA ASP D 190 2.03 54.34 8.78
C ASP D 190 2.88 54.91 9.90
N PRO D 191 4.10 55.41 9.57
CA PRO D 191 4.96 56.05 10.55
C PRO D 191 4.19 56.96 11.51
N LYS D 192 3.47 57.93 10.93
CA LYS D 192 2.90 59.02 11.72
C LYS D 192 2.01 58.53 12.86
N ARG D 193 1.02 57.70 12.55
CA ARG D 193 0.07 57.28 13.58
C ARG D 193 0.69 56.32 14.57
N MET D 194 1.80 55.69 14.19
CA MET D 194 2.52 54.83 15.13
C MET D 194 3.08 55.75 16.22
N ILE D 195 3.94 56.68 15.84
CA ILE D 195 4.59 57.62 16.80
C ILE D 195 3.56 58.29 17.74
N GLU D 196 2.35 58.50 17.25
CA GLU D 196 1.34 59.08 18.10
C GLU D 196 0.94 58.12 19.20
N ALA D 197 0.99 56.81 18.92
CA ALA D 197 0.60 55.80 19.89
C ALA D 197 1.73 55.30 20.84
N CYS D 198 2.93 55.87 20.76
CA CYS D 198 4.04 55.41 21.62
C CYS D 198 4.37 56.34 22.79
N ASP D 199 4.75 55.72 23.92
CA ASP D 199 5.27 56.39 25.12
C ASP D 199 6.12 55.37 25.89
N GLU D 200 6.49 55.66 27.15
CA GLU D 200 7.37 54.76 27.89
C GLU D 200 6.72 53.43 28.24
N ASN D 201 5.39 53.37 28.16
CA ASN D 201 4.67 52.17 28.52
C ASN D 201 4.49 51.23 27.37
N THR D 202 5.10 51.55 26.22
CA THR D 202 5.03 50.69 25.05
C THR D 202 6.09 49.58 25.20
N ILE D 203 5.65 48.33 25.29
CA ILE D 203 6.60 47.21 25.27
C ILE D 203 7.26 47.01 23.89
N GLY D 204 6.55 47.37 22.83
CA GLY D 204 7.06 47.24 21.49
C GLY D 204 6.04 47.46 20.38
N VAL D 205 6.57 47.51 19.15
CA VAL D 205 5.77 47.78 17.97
C VAL D 205 5.75 46.54 17.10
N VAL D 206 4.57 46.13 16.63
CA VAL D 206 4.39 44.89 15.88
C VAL D 206 3.85 45.11 14.47
N PRO D 207 4.74 45.30 13.47
CA PRO D 207 4.26 45.35 12.07
C PRO D 207 3.89 43.97 11.50
N THR D 208 2.80 43.93 10.72
CA THR D 208 2.36 42.67 10.10
C THR D 208 2.86 42.49 8.67
N PHE D 209 3.81 41.58 8.51
CA PHE D 209 4.48 41.40 7.24
C PHE D 209 3.68 40.42 6.41
N GLY D 210 2.62 40.96 5.81
CA GLY D 210 1.63 40.11 5.18
C GLY D 210 0.39 40.14 6.05
N VAL D 211 -0.35 41.24 5.92
CA VAL D 211 -1.64 41.43 6.55
C VAL D 211 -2.65 40.37 6.08
N THR D 212 -3.31 39.74 7.04
CA THR D 212 -4.34 38.71 6.78
C THR D 212 -5.49 39.22 5.91
N TYR D 213 -6.06 40.36 6.29
CA TYR D 213 -7.25 40.89 5.64
C TYR D 213 -7.00 41.18 4.17
N THR D 214 -5.81 41.72 3.86
CA THR D 214 -5.60 42.29 2.51
C THR D 214 -4.46 41.69 1.69
N GLY D 215 -3.44 41.15 2.37
CA GLY D 215 -2.31 40.54 1.68
C GLY D 215 -1.10 41.45 1.61
N ASN D 216 -1.32 42.74 1.85
CA ASN D 216 -0.28 43.74 1.73
C ASN D 216 0.75 43.58 2.80
N TYR D 217 2.01 43.85 2.46
CA TYR D 217 3.08 43.99 3.48
C TYR D 217 2.97 45.30 4.28
N GLU D 218 3.23 45.21 5.57
CA GLU D 218 3.56 46.37 6.36
C GLU D 218 5.07 46.45 6.39
N PHE D 219 5.62 47.59 5.97
CA PHE D 219 7.04 47.69 5.72
C PHE D 219 7.79 48.13 6.96
N PRO D 220 8.57 47.22 7.53
CA PRO D 220 9.21 47.60 8.76
C PRO D 220 10.25 48.73 8.66
N GLN D 221 10.76 49.02 7.46
CA GLN D 221 11.87 49.98 7.36
C GLN D 221 11.53 51.48 7.59
N PRO D 222 10.46 51.99 6.95
CA PRO D 222 10.01 53.35 7.27
C PRO D 222 9.65 53.51 8.75
N LEU D 223 9.08 52.44 9.30
CA LEU D 223 8.69 52.37 10.68
C LEU D 223 9.91 52.36 11.58
N HIS D 224 10.96 51.68 11.12
CA HIS D 224 12.20 51.58 11.88
C HIS D 224 12.83 52.97 12.03
N ASP D 225 12.91 53.71 10.92
CA ASP D 225 13.36 55.12 10.88
C ASP D 225 12.71 56.03 11.92
N ALA D 226 11.37 55.99 11.97
CA ALA D 226 10.56 56.82 12.85
C ALA D 226 10.80 56.47 14.33
N LEU D 227 11.21 55.23 14.58
CA LEU D 227 11.52 54.79 15.96
C LEU D 227 12.92 55.21 16.39
N ASP D 228 13.80 55.41 15.41
CA ASP D 228 15.13 55.96 15.63
C ASP D 228 15.08 57.45 15.90
N LYS D 229 14.26 58.15 15.12
CA LYS D 229 14.07 59.57 15.30
C LYS D 229 13.41 59.75 16.66
N PHE D 230 12.50 58.82 16.98
CA PHE D 230 11.79 58.86 18.26
C PHE D 230 12.77 58.81 19.41
N GLN D 231 13.68 57.83 19.37
CA GLN D 231 14.70 57.72 20.42
C GLN D 231 15.49 59.02 20.55
N ALA D 232 16.06 59.53 19.46
CA ALA D 232 16.79 60.79 19.54
C ALA D 232 15.94 61.80 20.30
N ASP D 233 14.73 62.07 19.80
CA ASP D 233 13.79 63.05 20.38
C ASP D 233 13.42 62.87 21.87
N THR D 234 13.14 61.64 22.29
CA THR D 234 12.54 61.42 23.60
C THR D 234 13.37 60.51 24.50
N GLY D 235 14.48 60.01 23.97
CA GLY D 235 15.30 59.05 24.70
C GLY D 235 14.59 57.74 25.04
N ILE D 236 13.45 57.46 24.39
CA ILE D 236 12.66 56.24 24.64
C ILE D 236 12.96 55.15 23.62
N ASP D 237 13.62 54.10 24.08
CA ASP D 237 14.02 53.05 23.14
C ASP D 237 12.89 52.05 22.88
N ILE D 238 12.65 51.78 21.60
CA ILE D 238 11.51 50.94 21.26
C ILE D 238 11.94 49.77 20.39
N ASP D 239 11.54 48.56 20.76
CA ASP D 239 11.85 47.37 19.98
C ASP D 239 10.73 47.04 19.04
N MET D 240 10.97 46.11 18.12
CA MET D 240 9.93 45.65 17.18
C MET D 240 9.85 44.15 17.16
N HIS D 241 8.69 43.62 16.84
CA HIS D 241 8.61 42.21 16.57
C HIS D 241 7.86 42.05 15.28
N ILE D 242 8.41 41.28 14.35
CA ILE D 242 7.76 41.14 13.05
C ILE D 242 6.88 39.89 13.04
N ASP D 243 5.59 40.11 12.82
CA ASP D 243 4.69 39.01 12.55
C ASP D 243 4.76 38.74 11.08
N ALA D 244 5.62 37.80 10.72
CA ALA D 244 5.85 37.44 9.33
C ALA D 244 5.06 36.16 9.00
N ALA D 245 3.81 36.09 9.48
CA ALA D 245 3.04 34.86 9.48
C ALA D 245 3.08 34.23 8.12
N SER D 246 2.90 35.05 7.09
CA SER D 246 3.13 34.61 5.70
C SER D 246 4.32 35.26 5.04
N GLY D 247 4.61 36.51 5.40
CA GLY D 247 5.75 37.21 4.82
C GLY D 247 7.05 36.41 4.86
N GLY D 248 7.36 35.88 6.03
CA GLY D 248 8.66 35.29 6.29
C GLY D 248 9.21 34.25 5.32
N PHE D 249 8.37 33.59 4.52
CA PHE D 249 8.84 32.56 3.58
C PHE D 249 8.55 32.90 2.14
N LEU D 250 8.23 34.18 1.93
CA LEU D 250 8.02 34.75 0.62
C LEU D 250 9.13 35.72 0.31
N ALA D 251 9.25 36.77 1.13
CA ALA D 251 10.15 37.88 0.80
C ALA D 251 11.59 37.46 0.59
N PRO D 252 12.12 36.62 1.49
CA PRO D 252 13.53 36.21 1.42
C PRO D 252 13.94 35.70 0.05
N PHE D 253 12.96 35.17 -0.69
CA PHE D 253 13.18 34.49 -1.96
C PHE D 253 12.84 35.33 -3.16
N VAL D 254 11.68 35.97 -3.15
CA VAL D 254 11.22 36.76 -4.30
C VAL D 254 11.52 38.25 -4.22
N ALA D 255 11.84 38.75 -3.03
CA ALA D 255 12.30 40.14 -2.85
C ALA D 255 13.32 40.26 -1.71
N PRO D 256 14.55 39.78 -1.97
CA PRO D 256 15.57 39.72 -0.95
C PRO D 256 16.10 41.10 -0.52
N ASP D 257 15.75 42.15 -1.25
CA ASP D 257 16.16 43.52 -0.87
C ASP D 257 15.10 44.38 -0.19
N ILE D 258 13.94 43.79 0.13
CA ILE D 258 13.08 44.43 1.13
C ILE D 258 13.71 44.20 2.51
N VAL D 259 14.13 45.27 3.16
CA VAL D 259 14.77 45.14 4.46
C VAL D 259 13.70 45.24 5.58
N TRP D 260 13.55 44.15 6.31
CA TRP D 260 12.42 43.96 7.23
C TRP D 260 12.84 43.05 8.37
N ASP D 261 13.80 42.18 8.07
CA ASP D 261 14.26 41.15 8.98
C ASP D 261 15.27 41.68 9.98
N PHE D 262 16.20 40.82 10.38
CA PHE D 262 17.13 41.12 11.45
C PHE D 262 18.16 42.12 11.02
N ARG D 263 18.23 42.37 9.72
CA ARG D 263 19.09 43.42 9.20
C ARG D 263 18.76 44.75 9.89
N LEU D 264 17.55 44.83 10.44
CA LEU D 264 17.09 45.99 11.16
C LEU D 264 17.36 45.85 12.66
N PRO D 265 18.23 46.73 13.24
CA PRO D 265 18.69 46.49 14.60
C PRO D 265 17.58 46.49 15.66
N ARG D 266 16.44 47.10 15.32
CA ARG D 266 15.35 47.13 16.28
C ARG D 266 14.57 45.84 16.33
N VAL D 267 14.61 45.06 15.26
CA VAL D 267 13.86 43.83 15.28
C VAL D 267 14.57 42.91 16.24
N LYS D 268 13.89 42.48 17.29
CA LYS D 268 14.48 41.50 18.23
C LYS D 268 13.98 40.07 18.06
N SER D 269 12.92 39.91 17.27
CA SER D 269 12.40 38.59 16.95
C SER D 269 11.41 38.60 15.77
N ILE D 270 11.32 37.44 15.13
CA ILE D 270 10.49 37.27 13.97
C ILE D 270 9.84 35.92 14.14
N SER D 271 8.55 35.87 13.82
CA SER D 271 7.78 34.63 13.82
C SER D 271 7.11 34.40 12.45
N ALA D 272 6.71 33.17 12.20
CA ALA D 272 6.13 32.77 10.91
C ALA D 272 5.44 31.42 11.03
N SER D 273 4.39 31.23 10.24
CA SER D 273 3.74 29.93 10.12
C SER D 273 4.37 29.07 9.02
N GLY D 274 4.94 27.94 9.39
CA GLY D 274 5.56 27.07 8.42
C GLY D 274 4.48 26.47 7.54
N HIS D 275 3.29 26.31 8.12
CA HIS D 275 2.19 25.68 7.40
C HIS D 275 1.41 26.67 6.56
N LYS D 276 1.93 27.88 6.44
CA LYS D 276 1.46 28.80 5.44
C LYS D 276 2.42 28.75 4.26
N PHE D 277 3.09 29.82 3.90
CA PHE D 277 3.91 29.74 2.71
C PHE D 277 5.21 29.01 2.91
N GLY D 278 5.44 28.53 4.12
CA GLY D 278 6.62 27.72 4.41
C GLY D 278 6.50 26.27 3.97
N LEU D 279 5.33 25.93 3.41
CA LEU D 279 5.11 24.67 2.74
C LEU D 279 5.09 23.47 3.67
N ALA D 280 5.15 23.73 4.99
CA ALA D 280 5.02 22.64 5.94
C ALA D 280 3.58 22.23 6.03
N PRO D 281 3.33 20.97 6.40
CA PRO D 281 1.96 20.54 6.74
C PRO D 281 1.45 21.27 7.97
N LEU D 282 0.13 21.34 8.13
CA LEU D 282 -0.49 21.95 9.31
C LEU D 282 0.16 21.51 10.64
N GLY D 283 0.52 22.47 11.48
CA GLY D 283 1.02 22.14 12.79
C GLY D 283 2.42 22.62 13.04
N CYS D 284 2.87 23.57 12.22
CA CYS D 284 4.26 23.98 12.25
C CYS D 284 4.48 25.49 12.27
N GLY D 285 5.20 25.96 13.28
CA GLY D 285 5.50 27.39 13.45
C GLY D 285 6.91 27.67 13.95
N TRP D 286 7.40 28.89 13.74
CA TRP D 286 8.74 29.23 14.13
C TRP D 286 8.81 30.61 14.76
N VAL D 287 9.72 30.74 15.74
CA VAL D 287 10.12 32.06 16.23
C VAL D 287 11.65 32.13 16.45
N ILE D 288 12.31 33.19 15.98
CA ILE D 288 13.76 33.34 16.15
C ILE D 288 14.11 34.67 16.81
N TRP D 289 14.90 34.64 17.88
CA TRP D 289 15.37 35.88 18.50
C TRP D 289 16.75 36.31 18.02
N ARG D 290 16.97 37.62 17.92
CA ARG D 290 18.23 38.19 17.42
C ARG D 290 19.46 37.50 18.03
N ASP D 291 19.47 37.39 19.35
CA ASP D 291 20.60 36.86 20.07
C ASP D 291 20.20 36.52 21.49
N GLU D 292 21.11 35.87 22.21
CA GLU D 292 20.89 35.42 23.59
C GLU D 292 20.21 36.47 24.45
N GLU D 293 20.35 37.73 24.09
CA GLU D 293 19.88 38.78 24.95
C GLU D 293 18.47 39.20 24.69
N ALA D 294 17.96 38.89 23.50
CA ALA D 294 16.58 39.22 23.17
C ALA D 294 15.62 38.37 24.03
N LEU D 295 16.08 37.17 24.36
CA LEU D 295 15.29 36.20 25.11
C LEU D 295 15.62 36.14 26.61
N PRO D 296 14.79 36.78 27.47
CA PRO D 296 14.96 36.75 28.93
C PRO D 296 15.12 35.35 29.53
N GLN D 297 16.11 35.19 30.42
CA GLN D 297 16.43 33.89 31.03
C GLN D 297 15.34 33.35 31.95
N GLU D 298 14.53 34.23 32.53
CA GLU D 298 13.44 33.85 33.40
C GLU D 298 12.32 33.13 32.65
N LEU D 299 12.36 33.17 31.32
CA LEU D 299 11.30 32.53 30.55
C LEU D 299 11.70 31.10 30.16
N VAL D 300 13.01 30.87 30.13
CA VAL D 300 13.59 29.58 29.78
C VAL D 300 13.60 28.61 30.96
N PHE D 301 12.97 27.44 30.78
CA PHE D 301 13.01 26.36 31.75
C PHE D 301 13.91 25.22 31.26
N ASN D 302 14.98 24.94 32.01
CA ASN D 302 15.91 23.83 31.72
C ASN D 302 15.40 22.52 32.30
N VAL D 303 15.13 21.55 31.44
CA VAL D 303 14.68 20.24 31.89
C VAL D 303 15.82 19.24 31.83
N ASP D 304 15.94 18.40 32.85
CA ASP D 304 16.99 17.37 32.86
C ASP D 304 16.67 16.21 31.93
N TYR D 305 17.67 15.78 31.18
CA TYR D 305 17.62 14.51 30.45
C TYR D 305 18.97 13.74 30.53
N LEU D 306 19.10 12.62 29.80
CA LEU D 306 20.27 11.72 29.96
C LEU D 306 21.66 12.25 29.57
N GLY D 307 21.77 12.93 28.43
CA GLY D 307 23.07 13.42 27.98
C GLY D 307 23.22 14.91 28.13
N GLY D 308 22.90 15.43 29.32
CA GLY D 308 22.90 16.87 29.56
C GLY D 308 21.49 17.45 29.74
N GLN D 309 21.34 18.76 29.56
CA GLN D 309 20.06 19.44 29.85
C GLN D 309 19.67 20.55 28.86
N ILE D 310 18.56 20.34 28.14
CA ILE D 310 18.05 21.35 27.20
C ILE D 310 16.93 22.23 27.76
N GLY D 311 17.13 23.54 27.63
CA GLY D 311 16.19 24.54 28.04
C GLY D 311 15.22 24.90 26.94
N THR D 312 13.95 25.00 27.32
CA THR D 312 12.84 25.30 26.42
C THR D 312 12.06 26.55 26.83
N PHE D 313 11.62 27.31 25.83
CA PHE D 313 10.63 28.35 26.02
C PHE D 313 9.49 28.07 25.07
N ALA D 314 8.49 27.34 25.56
CA ALA D 314 7.37 26.96 24.74
C ALA D 314 6.13 26.72 25.60
N ILE D 315 4.95 26.93 25.02
CA ILE D 315 3.70 26.68 25.71
C ILE D 315 3.33 25.20 25.70
N ASN D 316 3.34 24.60 24.51
CA ASN D 316 3.06 23.16 24.42
C ASN D 316 4.22 22.27 24.89
N PHE D 317 3.86 21.12 25.44
CA PHE D 317 4.84 20.14 25.93
C PHE D 317 4.97 18.96 24.95
N SER D 318 4.36 17.81 25.25
CA SER D 318 4.43 16.69 24.30
C SER D 318 3.66 17.10 23.06
N ARG D 319 4.13 16.66 21.90
CA ARG D 319 3.42 16.86 20.63
C ARG D 319 4.24 16.20 19.56
N PRO D 320 3.59 15.87 18.41
CA PRO D 320 4.29 15.09 17.38
C PRO D 320 5.37 15.92 16.78
N ALA D 321 6.49 15.27 16.47
CA ALA D 321 7.59 15.88 15.75
C ALA D 321 7.43 15.75 14.23
N GLY D 322 6.35 15.10 13.79
CA GLY D 322 6.02 14.98 12.36
C GLY D 322 6.26 16.20 11.49
N GLN D 323 5.73 17.35 11.91
CA GLN D 323 5.75 18.58 11.10
C GLN D 323 7.13 19.20 10.92
N VAL D 324 7.96 19.14 11.97
CA VAL D 324 9.37 19.57 11.89
C VAL D 324 10.11 18.78 10.82
N ILE D 325 9.92 17.45 10.85
CA ILE D 325 10.55 16.55 9.86
C ILE D 325 10.15 16.91 8.40
N ALA D 326 8.86 17.15 8.21
CA ALA D 326 8.32 17.63 6.96
C ALA D 326 8.91 18.98 6.57
N GLN D 327 8.88 19.91 7.50
CA GLN D 327 9.38 21.21 7.18
C GLN D 327 10.79 21.05 6.70
N TYR D 328 11.57 20.24 7.41
CA TYR D 328 12.96 19.99 7.03
C TYR D 328 13.03 19.45 5.60
N TYR D 329 12.17 18.48 5.30
CA TYR D 329 12.09 17.88 3.96
C TYR D 329 11.82 18.93 2.87
N GLU D 330 10.86 19.82 3.08
CA GLU D 330 10.70 20.91 2.15
C GLU D 330 12.02 21.70 2.05
N PHE D 331 12.55 22.19 3.16
CA PHE D 331 13.84 22.93 3.19
C PHE D 331 14.94 22.27 2.35
N LEU D 332 15.30 21.05 2.71
CA LEU D 332 16.28 20.23 1.99
C LEU D 332 16.08 20.03 0.46
N ARG D 333 14.85 19.72 0.04
CA ARG D 333 14.59 19.36 -1.36
C ARG D 333 14.60 20.58 -2.26
N LEU D 334 14.03 21.68 -1.78
CA LEU D 334 13.92 22.93 -2.51
C LEU D 334 15.11 23.85 -2.41
N GLY D 335 15.56 24.15 -1.19
CA GLY D 335 16.61 25.17 -0.98
C GLY D 335 16.16 26.57 -1.42
N ARG D 336 17.09 27.54 -1.40
CA ARG D 336 16.81 28.89 -1.92
C ARG D 336 16.29 28.87 -3.36
N GLU D 337 17.16 28.44 -4.26
CA GLU D 337 16.83 28.18 -5.64
C GLU D 337 15.41 27.64 -5.79
N GLY D 338 15.09 26.54 -5.07
CA GLY D 338 13.79 25.87 -5.19
C GLY D 338 12.58 26.60 -4.66
N TYR D 339 12.73 27.24 -3.49
CA TYR D 339 11.65 28.09 -2.95
C TYR D 339 11.29 29.20 -3.91
N THR D 340 12.29 29.96 -4.37
CA THR D 340 12.10 30.98 -5.40
C THR D 340 11.22 30.52 -6.59
N LYS D 341 11.34 29.27 -7.02
CA LYS D 341 10.53 28.82 -8.15
C LYS D 341 9.11 28.59 -7.71
N VAL D 342 8.93 27.85 -6.62
CA VAL D 342 7.62 27.75 -5.99
C VAL D 342 6.93 29.11 -5.71
N GLN D 343 7.54 30.00 -4.94
CA GLN D 343 6.84 31.22 -4.62
C GLN D 343 6.51 32.04 -5.88
N ASN D 344 7.46 32.16 -6.80
CA ASN D 344 7.16 32.87 -8.05
C ASN D 344 6.01 32.28 -8.87
N ALA D 345 5.91 30.96 -8.93
CA ALA D 345 4.74 30.31 -9.55
C ALA D 345 3.43 30.91 -9.04
N SER D 346 3.33 31.04 -7.71
CA SER D 346 2.14 31.59 -7.09
C SER D 346 1.92 33.08 -7.39
N TYR D 347 2.96 33.89 -7.25
CA TYR D 347 2.84 35.29 -7.65
C TYR D 347 2.34 35.50 -9.07
N GLN D 348 2.78 34.62 -9.99
CA GLN D 348 2.36 34.62 -11.39
C GLN D 348 0.87 34.42 -11.52
N VAL D 349 0.33 33.48 -10.74
CA VAL D 349 -1.11 33.19 -10.73
C VAL D 349 -1.94 34.34 -10.14
N ALA D 350 -1.53 34.79 -8.95
CA ALA D 350 -2.12 35.98 -8.34
C ALA D 350 -2.15 37.09 -9.37
N ALA D 351 -0.96 37.48 -9.85
CA ALA D 351 -0.82 38.60 -10.81
C ALA D 351 -1.75 38.46 -11.99
N TYR D 352 -1.76 37.30 -12.61
CA TYR D 352 -2.64 37.07 -13.74
C TYR D 352 -4.11 37.28 -13.38
N LEU D 353 -4.55 36.70 -12.25
CA LEU D 353 -5.92 36.89 -11.78
C LEU D 353 -6.25 38.36 -11.55
N ALA D 354 -5.34 39.10 -10.93
CA ALA D 354 -5.52 40.53 -10.75
C ALA D 354 -5.76 41.28 -12.07
N ASP D 355 -4.95 41.01 -13.09
CA ASP D 355 -5.10 41.65 -14.40
C ASP D 355 -6.40 41.30 -15.12
N GLU D 356 -6.84 40.06 -14.92
CA GLU D 356 -8.03 39.58 -15.60
C GLU D 356 -9.33 40.00 -14.90
N ILE D 357 -9.28 40.06 -13.58
CA ILE D 357 -10.44 40.46 -12.82
C ILE D 357 -10.72 41.95 -12.92
N ALA D 358 -9.72 42.77 -13.24
CA ALA D 358 -9.97 44.21 -13.42
C ALA D 358 -10.84 44.49 -14.65
N LYS D 359 -10.67 43.67 -15.67
CA LYS D 359 -11.41 43.83 -16.91
C LYS D 359 -12.92 43.58 -16.75
N LEU D 360 -13.30 42.96 -15.64
CA LEU D 360 -14.63 42.36 -15.56
C LEU D 360 -15.64 43.24 -14.83
N GLY D 361 -15.13 44.15 -14.03
CA GLY D 361 -16.01 45.06 -13.32
C GLY D 361 -15.29 46.30 -12.91
N PRO D 362 -16.03 47.24 -12.30
CA PRO D 362 -15.48 48.47 -11.76
C PRO D 362 -14.96 48.15 -10.37
N TYR D 363 -13.70 47.75 -10.29
CA TYR D 363 -13.12 47.30 -9.01
C TYR D 363 -11.98 48.22 -8.54
N GLU D 364 -11.72 48.26 -7.24
CA GLU D 364 -10.55 48.98 -6.72
C GLU D 364 -9.64 47.97 -6.03
N PHE D 365 -8.37 47.99 -6.40
CA PHE D 365 -7.48 46.97 -5.87
C PHE D 365 -6.71 47.44 -4.64
N ILE D 366 -6.89 46.71 -3.55
CA ILE D 366 -6.06 46.89 -2.36
C ILE D 366 -4.77 46.07 -2.50
N CYS D 367 -4.77 45.07 -3.39
CA CYS D 367 -3.64 44.17 -3.52
C CYS D 367 -3.59 43.43 -4.85
N THR D 368 -2.59 43.72 -5.67
CA THR D 368 -2.57 43.11 -7.01
C THR D 368 -1.65 41.92 -7.16
N GLY D 369 -1.18 41.38 -6.02
CA GLY D 369 -0.33 40.18 -6.00
C GLY D 369 1.08 40.35 -6.56
N ARG D 370 1.79 41.33 -6.01
CA ARG D 370 3.10 41.69 -6.53
C ARG D 370 4.13 41.46 -5.47
N PRO D 371 5.24 40.78 -5.82
CA PRO D 371 6.24 40.28 -4.86
C PRO D 371 6.76 41.37 -3.92
N ASP D 372 6.74 42.62 -4.38
CA ASP D 372 7.31 43.73 -3.65
C ASP D 372 6.31 44.48 -2.73
N GLU D 373 5.01 44.22 -2.87
CA GLU D 373 4.00 44.91 -2.07
C GLU D 373 3.33 44.02 -1.03
N GLY D 374 3.45 42.70 -1.21
CA GLY D 374 2.82 41.74 -0.30
C GLY D 374 2.85 40.30 -0.79
N ILE D 375 1.97 39.50 -0.22
CA ILE D 375 1.93 38.07 -0.50
C ILE D 375 1.17 37.78 -1.82
N PRO D 376 1.17 36.52 -2.28
CA PRO D 376 0.48 36.19 -3.53
C PRO D 376 -1.04 36.19 -3.39
N ALA D 377 -1.64 37.36 -3.30
CA ALA D 377 -3.08 37.45 -3.14
C ALA D 377 -3.68 38.66 -3.85
N VAL D 378 -4.84 38.44 -4.47
CA VAL D 378 -5.65 39.52 -5.08
C VAL D 378 -6.77 39.96 -4.12
N CYS D 379 -6.82 41.25 -3.82
CA CYS D 379 -7.85 41.75 -2.94
C CYS D 379 -8.45 43.08 -3.43
N PHE D 380 -9.76 43.06 -3.66
CA PHE D 380 -10.44 44.19 -4.29
C PHE D 380 -11.81 44.51 -3.69
N LYS D 381 -12.25 45.76 -3.90
CA LYS D 381 -13.53 46.27 -3.41
C LYS D 381 -14.23 46.95 -4.56
N LEU D 382 -15.54 47.13 -4.44
CA LEU D 382 -16.26 47.84 -5.48
C LEU D 382 -15.92 49.32 -5.42
N LYS D 383 -15.63 49.95 -6.58
CA LYS D 383 -15.40 51.41 -6.67
C LYS D 383 -16.55 52.14 -5.98
N ASP D 384 -16.21 53.13 -5.16
CA ASP D 384 -17.18 53.87 -4.33
C ASP D 384 -18.37 54.49 -5.09
N GLY D 385 -19.57 54.17 -4.60
CA GLY D 385 -20.81 54.68 -5.21
C GLY D 385 -21.05 54.32 -6.67
N GLU D 386 -20.41 53.24 -7.13
CA GLU D 386 -20.70 52.65 -8.45
C GLU D 386 -21.47 51.36 -8.23
N ASP D 387 -22.46 51.08 -9.09
CA ASP D 387 -23.32 49.93 -8.87
C ASP D 387 -23.52 49.10 -10.14
N PRO D 388 -22.73 48.04 -10.27
CA PRO D 388 -22.77 47.15 -11.42
C PRO D 388 -23.89 46.10 -11.35
N GLY D 389 -24.69 46.15 -10.28
CA GLY D 389 -25.89 45.31 -10.14
C GLY D 389 -25.80 44.15 -9.15
N TYR D 390 -24.79 44.17 -8.29
CA TYR D 390 -24.52 43.07 -7.38
C TYR D 390 -23.51 43.52 -6.34
N THR D 391 -23.60 42.94 -5.14
CA THR D 391 -22.52 43.08 -4.15
C THR D 391 -21.48 41.92 -4.28
N LEU D 392 -20.32 42.06 -3.67
CA LEU D 392 -19.34 41.00 -3.77
C LEU D 392 -19.77 39.77 -2.95
N TYR D 393 -20.54 40.00 -1.90
CA TYR D 393 -21.25 38.92 -1.23
C TYR D 393 -22.05 38.13 -2.28
N ASP D 394 -22.91 38.82 -3.01
CA ASP D 394 -23.72 38.16 -4.05
C ASP D 394 -22.86 37.32 -5.01
N LEU D 395 -21.71 37.86 -5.40
CA LEU D 395 -20.82 37.23 -6.35
C LEU D 395 -20.15 36.01 -5.74
N SER D 396 -19.69 36.17 -4.51
CA SER D 396 -19.20 35.05 -3.70
C SER D 396 -20.18 33.89 -3.72
N GLU D 397 -21.48 34.19 -3.57
CA GLU D 397 -22.51 33.14 -3.48
C GLU D 397 -22.67 32.36 -4.78
N ARG D 398 -22.71 33.09 -5.91
CA ARG D 398 -22.84 32.41 -7.20
C ARG D 398 -21.65 31.49 -7.36
N LEU D 399 -20.46 31.98 -7.04
CA LEU D 399 -19.21 31.21 -7.18
C LEU D 399 -19.17 30.00 -6.28
N ARG D 400 -19.71 30.10 -5.07
CA ARG D 400 -19.82 28.92 -4.20
C ARG D 400 -20.69 27.83 -4.87
N LEU D 401 -21.77 28.20 -5.53
CA LEU D 401 -22.54 27.23 -6.32
C LEU D 401 -21.70 26.56 -7.41
N ARG D 402 -20.48 27.00 -7.57
CA ARG D 402 -19.62 26.35 -8.54
C ARG D 402 -18.48 25.57 -7.89
N GLY D 403 -18.46 25.56 -6.55
CA GLY D 403 -17.46 24.81 -5.78
C GLY D 403 -16.40 25.69 -5.15
N TRP D 404 -16.44 26.96 -5.53
CA TRP D 404 -15.36 27.89 -5.21
C TRP D 404 -15.67 28.62 -3.94
N GLN D 405 -14.74 28.52 -3.01
CA GLN D 405 -14.84 29.36 -1.84
C GLN D 405 -14.00 30.63 -2.01
N VAL D 406 -14.67 31.71 -2.37
CA VAL D 406 -14.02 32.98 -2.42
C VAL D 406 -14.79 33.84 -1.45
N PRO D 407 -14.13 34.30 -0.37
CA PRO D 407 -14.80 35.03 0.68
C PRO D 407 -14.99 36.52 0.38
N ALA D 408 -16.14 37.05 0.74
CA ALA D 408 -16.30 38.50 0.85
C ALA D 408 -16.61 38.89 2.30
N PHE D 409 -16.07 40.04 2.72
CA PHE D 409 -16.22 40.51 4.10
C PHE D 409 -15.97 42.02 4.25
N THR D 410 -16.12 42.50 5.48
CA THR D 410 -15.88 43.91 5.84
C THR D 410 -14.55 44.04 6.60
N LEU D 411 -13.85 45.16 6.41
CA LEU D 411 -12.59 45.38 7.13
C LEU D 411 -12.82 45.96 8.53
N GLY D 412 -11.80 45.86 9.37
CA GLY D 412 -11.80 46.47 10.71
C GLY D 412 -11.78 48.02 10.75
N GLY D 413 -11.54 48.57 11.94
CA GLY D 413 -11.36 50.01 12.13
C GLY D 413 -12.44 50.99 11.68
N GLU D 414 -12.03 51.94 10.86
CA GLU D 414 -12.93 52.99 10.37
C GLU D 414 -13.35 52.68 8.92
N ALA D 415 -12.80 51.56 8.41
CA ALA D 415 -13.15 50.98 7.10
C ALA D 415 -14.00 49.72 7.33
N THR D 416 -14.69 49.73 8.46
CA THR D 416 -15.80 48.82 8.77
C THR D 416 -16.87 48.86 7.66
N ASP D 417 -16.91 49.98 6.96
CA ASP D 417 -17.85 50.28 5.91
C ASP D 417 -17.67 49.38 4.68
N ILE D 418 -16.40 49.10 4.37
CA ILE D 418 -15.99 48.53 3.09
C ILE D 418 -16.02 47.00 3.06
N VAL D 419 -16.59 46.49 1.97
CA VAL D 419 -16.65 45.06 1.67
C VAL D 419 -15.58 44.74 0.63
N VAL D 420 -14.72 43.80 0.92
CA VAL D 420 -13.71 43.43 -0.05
C VAL D 420 -13.82 41.93 -0.41
N MET D 421 -13.24 41.55 -1.56
CA MET D 421 -13.00 40.15 -1.92
C MET D 421 -11.50 39.87 -1.90
N ARG D 422 -11.10 38.73 -1.36
CA ARG D 422 -9.70 38.37 -1.27
C ARG D 422 -9.51 36.94 -1.75
N ILE D 423 -8.64 36.81 -2.74
CA ILE D 423 -8.26 35.53 -3.28
C ILE D 423 -6.83 35.14 -2.82
N MET D 424 -6.67 33.90 -2.37
CA MET D 424 -5.35 33.43 -1.93
C MET D 424 -4.84 32.36 -2.85
N CYS D 425 -3.68 32.67 -3.45
CA CYS D 425 -2.93 31.78 -4.33
C CYS D 425 -1.89 30.96 -3.59
N ARG D 426 -2.25 29.77 -3.12
CA ARG D 426 -1.24 28.93 -2.47
C ARG D 426 -0.80 27.81 -3.39
N ARG D 427 0.07 26.94 -2.86
CA ARG D 427 0.68 25.91 -3.69
C ARG D 427 -0.37 24.92 -4.12
N GLY D 428 -0.39 24.60 -5.41
CA GLY D 428 -1.33 23.64 -5.96
C GLY D 428 -2.50 24.28 -6.69
N PHE D 429 -2.61 25.61 -6.56
CA PHE D 429 -3.54 26.43 -7.34
C PHE D 429 -2.78 26.95 -8.59
N GLU D 430 -2.67 26.08 -9.58
CA GLU D 430 -1.85 26.36 -10.75
C GLU D 430 -2.61 27.16 -11.74
N MET D 431 -1.89 27.56 -12.80
CA MET D 431 -2.41 28.47 -13.83
C MET D 431 -3.75 27.95 -14.35
N ASP D 432 -3.82 26.65 -14.64
CA ASP D 432 -5.05 26.06 -15.21
C ASP D 432 -6.31 26.17 -14.34
N PHE D 433 -6.15 26.19 -13.02
CA PHE D 433 -7.30 26.27 -12.12
C PHE D 433 -7.72 27.72 -12.09
N ALA D 434 -6.74 28.60 -11.96
CA ALA D 434 -6.91 30.01 -12.23
C ALA D 434 -7.80 30.21 -13.43
N GLU D 435 -7.47 29.56 -14.54
CA GLU D 435 -8.27 29.67 -15.75
C GLU D 435 -9.72 29.34 -15.45
N LEU D 436 -9.92 28.17 -14.85
CA LEU D 436 -11.23 27.67 -14.48
C LEU D 436 -12.00 28.72 -13.67
N LEU D 437 -11.39 29.18 -12.59
CA LEU D 437 -11.95 30.19 -11.76
C LEU D 437 -12.52 31.31 -12.60
N LEU D 438 -11.71 31.91 -13.47
CA LEU D 438 -12.16 32.99 -14.37
C LEU D 438 -13.37 32.65 -15.25
N GLU D 439 -13.41 31.46 -15.83
CA GLU D 439 -14.60 31.02 -16.56
C GLU D 439 -15.88 30.96 -15.70
N ASP D 440 -15.76 30.36 -14.51
CA ASP D 440 -16.78 30.45 -13.48
C ASP D 440 -17.05 31.88 -13.01
N TYR D 441 -16.03 32.76 -13.07
CA TYR D 441 -16.18 34.12 -12.55
C TYR D 441 -17.07 34.91 -13.47
N LYS D 442 -16.84 34.75 -14.77
CA LYS D 442 -17.62 35.40 -15.83
C LYS D 442 -19.04 34.84 -15.86
N ALA D 443 -19.15 33.52 -15.80
CA ALA D 443 -20.46 32.87 -15.73
C ALA D 443 -21.30 33.51 -14.62
N SER D 444 -20.66 33.81 -13.50
CA SER D 444 -21.34 34.41 -12.39
C SER D 444 -21.82 35.83 -12.69
N LEU D 445 -21.01 36.63 -13.37
CA LEU D 445 -21.43 38.00 -13.71
C LEU D 445 -22.59 37.96 -14.67
N LYS D 446 -22.53 37.05 -15.62
CA LYS D 446 -23.60 36.92 -16.59
C LYS D 446 -24.93 36.50 -15.91
N TYR D 447 -24.87 35.54 -14.97
CA TYR D 447 -26.08 35.08 -14.29
C TYR D 447 -26.65 36.19 -13.43
N LEU D 448 -25.78 36.91 -12.73
CA LEU D 448 -26.22 38.03 -11.89
C LEU D 448 -26.84 39.12 -12.76
N SER D 449 -26.31 39.31 -13.95
CA SER D 449 -26.83 40.26 -14.89
C SER D 449 -28.25 39.91 -15.30
N ASP D 450 -28.47 38.62 -15.58
CA ASP D 450 -29.74 38.15 -16.10
C ASP D 450 -30.83 38.01 -15.04
N HIS D 451 -30.45 38.10 -13.76
CA HIS D 451 -31.43 38.01 -12.68
C HIS D 451 -31.19 39.12 -11.66
N PRO D 452 -31.62 40.35 -11.98
CA PRO D 452 -31.28 41.53 -11.17
C PRO D 452 -31.83 41.48 -9.73
N LYS D 453 -32.89 40.69 -9.54
CA LYS D 453 -33.49 40.47 -8.23
C LYS D 453 -32.48 39.87 -7.24
N LEU D 454 -31.45 39.22 -7.77
CA LEU D 454 -30.41 38.57 -6.95
C LEU D 454 -29.51 39.51 -6.16
N GLN D 455 -29.54 40.80 -6.54
CA GLN D 455 -28.82 41.92 -5.89
C GLN D 455 -29.17 42.13 -4.42
N GLY D 456 -28.14 42.33 -3.59
CA GLY D 456 -28.32 42.70 -2.21
C GLY D 456 -28.76 41.62 -1.22
N ILE D 457 -29.05 40.41 -1.70
CA ILE D 457 -29.62 39.38 -0.82
C ILE D 457 -28.60 38.74 0.14
N ALA D 458 -27.47 38.28 -0.38
CA ALA D 458 -26.46 37.71 0.50
C ALA D 458 -25.75 38.83 1.26
N GLN D 459 -25.31 38.50 2.47
CA GLN D 459 -24.68 39.44 3.40
C GLN D 459 -23.85 38.73 4.52
N GLN D 460 -23.51 37.46 4.31
CA GLN D 460 -22.77 36.75 5.34
C GLN D 460 -21.26 36.88 5.12
N ASN D 461 -20.59 37.43 6.12
CA ASN D 461 -19.11 37.47 6.18
C ASN D 461 -18.53 36.06 6.24
N SER D 462 -17.52 35.78 5.41
CA SER D 462 -16.86 34.46 5.39
C SER D 462 -15.69 34.35 6.39
N PHE D 463 -15.17 33.14 6.57
CA PHE D 463 -13.98 32.91 7.41
C PHE D 463 -12.76 33.62 6.81
N LYS D 464 -12.27 34.61 7.56
CA LYS D 464 -11.27 35.54 7.03
C LYS D 464 -9.87 35.40 7.65
N HIS D 465 -9.80 34.75 8.81
CA HIS D 465 -8.63 34.82 9.73
C HIS D 465 -7.40 33.97 9.37
N THR D 466 -7.60 32.97 8.51
CA THR D 466 -6.52 32.21 7.84
C THR D 466 -7.04 31.29 6.75
N LYS E 3 12.14 37.98 -20.17
CA LYS E 3 13.03 39.08 -20.64
C LYS E 3 12.39 39.89 -21.80
N LYS E 4 13.24 40.37 -22.74
CA LYS E 4 12.86 40.90 -24.09
C LYS E 4 12.20 39.83 -24.97
N GLN E 5 11.53 38.88 -24.32
CA GLN E 5 11.07 37.63 -24.91
C GLN E 5 9.55 37.65 -25.12
N VAL E 6 9.16 38.35 -26.18
CA VAL E 6 7.77 38.64 -26.53
C VAL E 6 6.77 37.69 -25.88
N THR E 7 5.82 38.29 -25.17
CA THR E 7 4.82 37.59 -24.34
C THR E 7 4.07 36.40 -24.99
N ASP E 8 3.89 36.45 -26.31
CA ASP E 8 3.21 35.38 -27.08
C ASP E 8 4.16 34.37 -27.75
N LEU E 9 5.47 34.48 -27.48
CA LEU E 9 6.47 33.49 -27.95
C LEU E 9 7.04 32.58 -26.85
N ARG E 10 6.30 32.50 -25.74
CA ARG E 10 6.60 31.59 -24.65
C ARG E 10 5.44 30.61 -24.54
N SER E 11 5.75 29.34 -24.27
CA SER E 11 4.73 28.28 -24.25
C SER E 11 4.47 27.80 -22.82
N GLU E 12 5.48 27.93 -21.96
CA GLU E 12 5.44 27.41 -20.61
C GLU E 12 5.63 28.51 -19.55
N LEU E 13 5.06 28.29 -18.35
CA LEU E 13 5.26 29.17 -17.17
C LEU E 13 5.71 28.35 -15.94
N LEU E 14 5.97 28.96 -14.78
CA LEU E 14 6.33 28.16 -13.61
C LEU E 14 5.11 27.47 -12.94
N ASP E 15 5.32 26.25 -12.44
CA ASP E 15 4.32 25.47 -11.66
C ASP E 15 4.87 25.38 -10.24
N SER E 16 4.01 25.52 -9.22
CA SER E 16 4.45 25.50 -7.81
C SER E 16 4.57 24.08 -7.27
N ARG E 17 4.01 23.13 -8.00
CA ARG E 17 4.15 21.72 -7.63
C ARG E 17 5.50 21.22 -8.02
N PHE E 18 5.86 21.42 -9.28
CA PHE E 18 7.03 20.78 -9.82
C PHE E 18 8.26 21.62 -9.71
N GLY E 19 8.07 22.91 -9.42
CA GLY E 19 9.19 23.84 -9.20
C GLY E 19 10.08 23.88 -10.42
N ALA E 20 9.43 23.77 -11.58
CA ALA E 20 10.05 23.89 -12.91
C ALA E 20 8.94 24.23 -13.92
N LYS E 21 9.26 24.16 -15.22
CA LYS E 21 8.41 24.78 -16.24
C LYS E 21 7.05 24.11 -16.61
N SER E 22 6.03 24.96 -16.66
CA SER E 22 4.59 24.64 -16.79
C SER E 22 4.19 24.11 -18.15
N ILE E 23 3.40 23.04 -18.13
CA ILE E 23 2.67 22.69 -19.32
C ILE E 23 1.21 22.93 -18.96
N SER E 24 0.58 23.91 -19.60
CA SER E 24 -0.86 24.16 -19.42
C SER E 24 -1.71 23.19 -20.24
N THR E 25 -2.72 22.59 -19.61
CA THR E 25 -3.59 21.62 -20.29
C THR E 25 -4.84 22.27 -20.95
N ILE E 26 -5.01 23.58 -20.74
CA ILE E 26 -6.12 24.34 -21.30
C ILE E 26 -5.75 25.00 -22.65
N ALA E 27 -4.46 25.04 -22.95
CA ALA E 27 -4.01 25.07 -24.33
C ALA E 27 -3.47 23.67 -24.58
N GLU E 28 -2.86 23.41 -25.73
CA GLU E 28 -2.28 22.09 -26.02
C GLU E 28 -3.35 21.01 -25.91
N SER E 29 -4.59 21.48 -25.73
CA SER E 29 -5.74 20.66 -25.38
C SER E 29 -6.69 20.61 -26.57
N LYS E 30 -6.29 21.32 -27.61
CA LYS E 30 -7.04 21.36 -28.84
C LYS E 30 -6.21 20.78 -29.96
N ARG E 31 -4.98 20.40 -29.65
CA ARG E 31 -4.16 19.65 -30.57
C ARG E 31 -3.61 18.43 -29.83
N PHE E 32 -3.19 17.40 -30.55
CA PHE E 32 -2.48 16.28 -29.90
C PHE E 32 -1.12 16.81 -29.38
N PRO E 33 -0.84 16.60 -28.08
CA PRO E 33 0.43 17.08 -27.52
C PRO E 33 1.66 16.57 -28.29
N LEU E 34 2.63 17.46 -28.44
CA LEU E 34 3.81 17.24 -29.28
C LEU E 34 4.88 16.42 -28.61
N HIS E 35 5.17 16.75 -27.35
CA HIS E 35 6.33 16.18 -26.68
C HIS E 35 5.99 15.20 -25.57
N GLU E 36 6.99 14.50 -25.05
CA GLU E 36 6.82 13.63 -23.91
C GLU E 36 6.84 14.46 -22.64
N MET E 37 6.46 13.84 -21.54
CA MET E 37 6.48 14.46 -20.25
C MET E 37 6.83 13.29 -19.34
N ARG E 38 7.53 13.60 -18.26
CA ARG E 38 7.91 12.59 -17.28
C ARG E 38 6.60 11.95 -16.79
N ASP E 39 6.58 10.63 -16.60
CA ASP E 39 5.36 9.93 -16.19
C ASP E 39 4.73 10.45 -14.89
N ASP E 40 5.54 10.62 -13.83
CA ASP E 40 5.01 11.03 -12.52
C ASP E 40 4.42 12.44 -12.52
N VAL E 41 4.93 13.27 -13.44
CA VAL E 41 4.39 14.60 -13.65
C VAL E 41 2.97 14.55 -14.26
N ALA E 42 2.81 13.87 -15.39
CA ALA E 42 1.50 13.73 -16.01
C ALA E 42 0.52 13.23 -14.97
N PHE E 43 0.91 12.16 -14.27
CA PHE E 43 0.02 11.56 -13.29
C PHE E 43 -0.48 12.61 -12.29
N GLN E 44 0.43 13.43 -11.77
CA GLN E 44 0.01 14.41 -10.79
C GLN E 44 -0.85 15.49 -11.41
N ILE E 45 -0.47 15.97 -12.59
CA ILE E 45 -1.28 16.96 -13.27
C ILE E 45 -2.76 16.53 -13.28
N ILE E 46 -2.98 15.28 -13.72
CA ILE E 46 -4.31 14.69 -13.86
C ILE E 46 -4.96 14.33 -12.51
N ASN E 47 -4.17 13.76 -11.59
CA ASN E 47 -4.71 13.33 -10.31
C ASN E 47 -5.18 14.54 -9.54
N ASP E 48 -4.43 15.62 -9.73
CA ASP E 48 -4.72 16.90 -9.13
C ASP E 48 -6.01 17.48 -9.65
N GLU E 49 -6.28 17.34 -10.95
CA GLU E 49 -7.46 18.01 -11.43
C GLU E 49 -8.71 17.24 -11.19
N LEU E 50 -8.55 15.96 -10.91
CA LEU E 50 -9.66 15.12 -10.50
C LEU E 50 -10.28 15.52 -9.15
N TYR E 51 -9.57 16.28 -8.33
CA TYR E 51 -10.16 16.82 -7.11
C TYR E 51 -11.40 17.67 -7.36
N LEU E 52 -11.44 18.31 -8.53
CA LEU E 52 -12.57 19.17 -8.94
C LEU E 52 -13.86 18.39 -9.13
N ASP E 53 -13.76 17.06 -9.27
CA ASP E 53 -14.93 16.19 -9.27
C ASP E 53 -15.55 16.12 -7.86
N GLY E 54 -16.86 15.85 -7.79
CA GLY E 54 -17.53 15.57 -6.53
C GLY E 54 -17.37 14.11 -6.15
N ASN E 55 -17.48 13.79 -4.86
CA ASN E 55 -17.38 12.39 -4.43
C ASN E 55 -18.72 11.60 -4.40
N ALA E 56 -19.83 12.33 -4.58
CA ALA E 56 -21.21 11.82 -4.71
C ALA E 56 -21.88 11.41 -3.41
N ARG E 57 -21.20 11.61 -2.29
CA ARG E 57 -21.73 11.19 -1.00
C ARG E 57 -22.92 12.04 -0.52
N GLN E 58 -23.06 13.23 -1.10
CA GLN E 58 -24.18 14.09 -0.77
C GLN E 58 -25.09 14.32 -1.98
N ASN E 59 -24.89 13.50 -3.01
CA ASN E 59 -25.67 13.60 -4.23
C ASN E 59 -26.85 12.66 -4.05
N LEU E 60 -28.06 13.20 -4.01
CA LEU E 60 -29.24 12.35 -3.88
C LEU E 60 -30.04 12.21 -5.18
N ALA E 61 -29.40 12.50 -6.32
CA ALA E 61 -30.05 12.39 -7.64
C ALA E 61 -29.74 11.07 -8.30
N THR E 62 -28.49 10.68 -8.30
CA THR E 62 -28.06 9.55 -9.10
C THR E 62 -28.52 8.25 -8.48
N PHE E 63 -28.76 7.26 -9.33
CA PHE E 63 -29.16 5.94 -8.89
C PHE E 63 -27.98 5.03 -8.61
N CYS E 64 -26.78 5.40 -9.06
CA CYS E 64 -25.62 4.49 -9.13
C CYS E 64 -24.74 4.36 -7.88
N GLN E 65 -24.07 3.21 -7.80
CA GLN E 65 -23.32 2.92 -6.61
C GLN E 65 -22.29 4.01 -6.41
N THR E 66 -22.13 4.45 -5.17
CA THR E 66 -21.15 5.48 -4.85
C THR E 66 -20.43 5.20 -3.55
N TRP E 67 -20.83 4.13 -2.86
CA TRP E 67 -20.16 3.75 -1.62
C TRP E 67 -18.97 2.89 -1.96
N ASP E 68 -17.83 3.19 -1.32
CA ASP E 68 -16.57 2.49 -1.60
C ASP E 68 -16.32 1.38 -0.60
N ASP E 69 -15.94 0.21 -1.10
CA ASP E 69 -15.67 -0.97 -0.27
C ASP E 69 -14.34 -1.50 -0.76
N GLU E 70 -13.34 -1.51 0.12
CA GLU E 70 -12.00 -1.90 -0.30
C GLU E 70 -11.93 -3.26 -1.03
N ASN E 71 -12.69 -4.24 -0.57
CA ASN E 71 -12.73 -5.55 -1.24
C ASN E 71 -13.08 -5.47 -2.74
N VAL E 72 -14.02 -4.56 -3.06
CA VAL E 72 -14.40 -4.25 -4.45
C VAL E 72 -13.26 -3.56 -5.18
N HIS E 73 -12.61 -2.63 -4.50
CA HIS E 73 -11.61 -1.82 -5.13
C HIS E 73 -10.51 -2.70 -5.66
N LYS E 74 -10.21 -3.75 -4.89
CA LYS E 74 -9.07 -4.60 -5.11
C LYS E 74 -9.44 -5.57 -6.17
N LEU E 75 -10.71 -5.97 -6.23
CA LEU E 75 -11.12 -6.96 -7.24
C LEU E 75 -10.98 -6.35 -8.63
N MET E 76 -11.62 -5.20 -8.80
CA MET E 76 -11.53 -4.38 -9.98
C MET E 76 -10.11 -4.12 -10.42
N ASP E 77 -9.17 -4.01 -9.47
CA ASP E 77 -7.76 -3.68 -9.78
C ASP E 77 -6.98 -4.81 -10.45
N LEU E 78 -7.23 -6.03 -9.99
CA LEU E 78 -6.79 -7.25 -10.64
C LEU E 78 -7.49 -7.46 -11.99
N SER E 79 -8.72 -6.98 -12.10
CA SER E 79 -9.52 -7.32 -13.25
C SER E 79 -9.22 -6.39 -14.40
N ILE E 80 -8.46 -5.35 -14.13
CA ILE E 80 -8.25 -4.26 -15.08
C ILE E 80 -7.97 -4.69 -16.54
N ASN E 81 -7.27 -5.81 -16.70
CA ASN E 81 -6.82 -6.33 -18.01
C ASN E 81 -7.55 -7.57 -18.49
N LYS E 82 -8.31 -8.18 -17.60
CA LYS E 82 -9.07 -9.38 -17.84
C LYS E 82 -10.17 -9.07 -18.86
N ASN E 83 -10.05 -9.65 -20.07
CA ASN E 83 -10.95 -9.36 -21.20
C ASN E 83 -12.25 -10.21 -21.21
N TRP E 84 -13.39 -9.55 -21.04
CA TRP E 84 -14.63 -10.27 -20.90
C TRP E 84 -15.00 -11.12 -22.11
N ILE E 85 -14.48 -10.75 -23.28
CA ILE E 85 -14.83 -11.40 -24.52
C ILE E 85 -13.84 -12.50 -24.83
N ASP E 86 -12.73 -12.52 -24.11
CA ASP E 86 -11.70 -13.52 -24.41
C ASP E 86 -11.91 -14.71 -23.52
N LYS E 87 -12.84 -15.59 -23.91
CA LYS E 87 -13.21 -16.72 -23.08
C LYS E 87 -12.07 -17.70 -22.99
N GLU E 88 -11.07 -17.51 -23.85
CA GLU E 88 -9.93 -18.43 -23.98
C GLU E 88 -8.88 -18.21 -22.90
N GLU E 89 -8.39 -16.97 -22.81
CA GLU E 89 -7.29 -16.59 -21.91
C GLU E 89 -7.79 -16.44 -20.49
N TYR E 90 -9.07 -16.09 -20.37
CA TYR E 90 -9.72 -15.76 -19.09
C TYR E 90 -10.89 -16.69 -18.79
N PRO E 91 -10.62 -17.99 -18.68
CA PRO E 91 -11.64 -19.00 -18.62
C PRO E 91 -12.33 -19.01 -17.28
N GLN E 92 -11.66 -18.51 -16.27
CA GLN E 92 -12.21 -18.50 -14.94
C GLN E 92 -13.14 -17.31 -14.80
N SER E 93 -12.79 -16.21 -15.48
CA SER E 93 -13.61 -15.02 -15.52
C SER E 93 -14.84 -15.38 -16.28
N ALA E 94 -14.66 -16.07 -17.38
CA ALA E 94 -15.77 -16.55 -18.16
C ALA E 94 -16.72 -17.38 -17.28
N ALA E 95 -16.12 -18.27 -16.49
CA ALA E 95 -16.88 -19.17 -15.63
C ALA E 95 -17.74 -18.37 -14.67
N ILE E 96 -17.19 -17.29 -14.13
CA ILE E 96 -17.93 -16.50 -13.15
C ILE E 96 -19.11 -15.85 -13.83
N ASP E 97 -18.86 -15.18 -14.95
CA ASP E 97 -19.93 -14.64 -15.78
C ASP E 97 -21.14 -15.60 -15.86
N LEU E 98 -20.93 -16.79 -16.40
CA LEU E 98 -22.05 -17.71 -16.56
C LEU E 98 -22.76 -18.00 -15.23
N ARG E 99 -22.01 -18.02 -14.12
CA ARG E 99 -22.59 -18.26 -12.79
C ARG E 99 -23.56 -17.19 -12.38
N CYS E 100 -23.17 -15.92 -12.54
CA CYS E 100 -24.09 -14.80 -12.35
C CYS E 100 -25.36 -14.85 -13.18
N VAL E 101 -25.21 -15.25 -14.44
CA VAL E 101 -26.36 -15.39 -15.29
C VAL E 101 -27.32 -16.39 -14.64
N ASN E 102 -26.81 -17.54 -14.21
CA ASN E 102 -27.69 -18.54 -13.60
C ASN E 102 -28.34 -18.06 -12.34
N MET E 103 -27.64 -17.17 -11.62
CA MET E 103 -28.06 -16.70 -10.32
C MET E 103 -29.16 -15.65 -10.44
N VAL E 104 -28.95 -14.68 -11.32
CA VAL E 104 -29.97 -13.69 -11.59
C VAL E 104 -31.23 -14.35 -12.15
N ALA E 105 -31.07 -15.32 -13.05
CA ALA E 105 -32.23 -15.93 -13.69
C ALA E 105 -33.03 -16.69 -12.65
N ASP E 106 -32.30 -17.36 -11.73
CA ASP E 106 -32.93 -18.02 -10.63
C ASP E 106 -33.71 -17.04 -9.76
N LEU E 107 -33.20 -15.80 -9.65
CA LEU E 107 -33.79 -14.79 -8.76
C LEU E 107 -35.07 -14.26 -9.36
N TRP E 108 -35.13 -14.26 -10.69
CA TRP E 108 -36.34 -13.77 -11.35
C TRP E 108 -37.32 -14.88 -11.71
N HIS E 109 -37.11 -16.08 -11.15
CA HIS E 109 -38.01 -17.26 -11.32
C HIS E 109 -38.02 -17.73 -12.77
N ALA E 110 -36.90 -17.54 -13.45
CA ALA E 110 -36.70 -18.09 -14.78
C ALA E 110 -36.90 -19.60 -14.71
N PRO E 111 -37.74 -20.17 -15.59
CA PRO E 111 -37.91 -21.61 -15.61
C PRO E 111 -36.55 -22.27 -15.60
N ALA E 112 -36.37 -23.28 -14.75
CA ALA E 112 -35.10 -24.00 -14.61
C ALA E 112 -34.60 -24.37 -16.00
N PRO E 113 -33.38 -23.90 -16.35
CA PRO E 113 -32.83 -24.06 -17.69
C PRO E 113 -32.61 -25.52 -18.05
N LYS E 114 -33.12 -25.91 -19.22
CA LYS E 114 -33.08 -27.31 -19.72
C LYS E 114 -31.73 -28.03 -19.50
N ASN E 115 -30.64 -27.30 -19.85
CA ASN E 115 -29.28 -27.82 -19.92
C ASN E 115 -28.30 -27.15 -18.94
N GLY E 116 -28.76 -26.91 -17.71
CA GLY E 116 -27.91 -26.37 -16.66
C GLY E 116 -27.62 -24.86 -16.74
N GLN E 117 -27.54 -24.33 -17.96
CA GLN E 117 -27.13 -22.94 -18.21
C GLN E 117 -28.23 -22.00 -18.76
N ALA E 118 -28.63 -21.03 -17.94
CA ALA E 118 -29.69 -20.10 -18.31
C ALA E 118 -29.37 -19.28 -19.55
N VAL E 119 -30.41 -18.64 -20.11
CA VAL E 119 -30.30 -17.86 -21.35
C VAL E 119 -30.27 -16.37 -21.03
N GLY E 120 -29.08 -15.80 -20.97
CA GLY E 120 -28.98 -14.40 -20.65
C GLY E 120 -27.58 -13.88 -20.85
N THR E 121 -27.37 -12.60 -20.58
CA THR E 121 -26.01 -12.05 -20.74
C THR E 121 -25.73 -10.82 -19.86
N ASN E 122 -24.49 -10.73 -19.41
CA ASN E 122 -23.97 -9.49 -18.80
C ASN E 122 -23.83 -8.43 -19.87
N THR E 123 -24.06 -7.18 -19.47
CA THR E 123 -23.95 -6.04 -20.36
C THR E 123 -23.31 -4.88 -19.60
N ILE E 124 -22.99 -3.79 -20.29
CA ILE E 124 -22.39 -2.63 -19.64
C ILE E 124 -23.35 -1.84 -18.77
N GLY E 125 -24.65 -2.10 -18.91
CA GLY E 125 -25.69 -1.34 -18.20
C GLY E 125 -27.05 -1.69 -18.75
N SER E 126 -28.10 -1.12 -18.18
CA SER E 126 -29.44 -1.40 -18.69
C SER E 126 -29.64 -0.98 -20.13
N SER E 127 -29.04 0.15 -20.54
CA SER E 127 -29.17 0.63 -21.92
C SER E 127 -28.83 -0.46 -22.93
N GLU E 128 -27.76 -1.20 -22.74
CA GLU E 128 -27.43 -2.24 -23.70
C GLU E 128 -28.40 -3.38 -23.55
N ALA E 129 -28.68 -3.78 -22.32
CA ALA E 129 -29.63 -4.86 -22.07
C ALA E 129 -31.02 -4.64 -22.72
N CYS E 130 -31.55 -3.41 -22.60
CA CYS E 130 -32.84 -3.06 -23.19
C CYS E 130 -32.83 -3.20 -24.69
N MET E 131 -31.80 -2.64 -25.32
CA MET E 131 -31.71 -2.69 -26.77
C MET E 131 -31.60 -4.14 -27.19
N LEU E 132 -30.92 -4.93 -26.38
CA LEU E 132 -30.85 -6.35 -26.67
C LEU E 132 -32.24 -6.94 -26.55
N GLY E 133 -32.92 -6.58 -25.47
CA GLY E 133 -34.27 -7.10 -25.23
C GLY E 133 -35.21 -6.70 -26.34
N GLY E 134 -35.11 -5.42 -26.72
CA GLY E 134 -35.89 -4.81 -27.78
C GLY E 134 -35.70 -5.49 -29.13
N MET E 135 -34.46 -5.69 -29.53
CA MET E 135 -34.20 -6.36 -30.80
C MET E 135 -34.86 -7.70 -30.83
N ALA E 136 -34.69 -8.46 -29.76
CA ALA E 136 -35.22 -9.81 -29.63
C ALA E 136 -36.72 -9.81 -29.78
N MET E 137 -37.37 -8.87 -29.09
CA MET E 137 -38.81 -8.66 -29.20
C MET E 137 -39.12 -8.34 -30.61
N LYS E 138 -38.39 -7.37 -31.18
CA LYS E 138 -38.68 -6.95 -32.55
C LYS E 138 -38.53 -8.11 -33.52
N TRP E 139 -37.53 -8.96 -33.30
CA TRP E 139 -37.30 -10.10 -34.17
C TRP E 139 -38.36 -11.18 -34.03
N ARG E 140 -38.80 -11.44 -32.79
CA ARG E 140 -39.80 -12.48 -32.51
C ARG E 140 -41.10 -12.15 -33.24
N TRP E 141 -41.48 -10.88 -33.18
CA TRP E 141 -42.67 -10.34 -33.81
C TRP E 141 -42.52 -10.46 -35.31
N ARG E 142 -41.39 -10.00 -35.85
CA ARG E 142 -41.14 -10.07 -37.29
C ARG E 142 -41.40 -11.47 -37.82
N LYS E 143 -40.76 -12.46 -37.22
CA LYS E 143 -40.88 -13.84 -37.66
C LYS E 143 -42.34 -14.34 -37.68
N ARG E 144 -43.07 -14.04 -36.61
CA ARG E 144 -44.44 -14.50 -36.42
C ARG E 144 -45.36 -13.98 -37.51
N MET E 145 -45.18 -12.70 -37.85
CA MET E 145 -45.95 -12.01 -38.90
C MET E 145 -45.61 -12.51 -40.32
N GLU E 146 -44.34 -12.82 -40.56
CA GLU E 146 -43.90 -13.40 -41.82
C GLU E 146 -44.55 -14.73 -41.98
N ALA E 147 -44.51 -15.55 -40.94
CA ALA E 147 -45.15 -16.86 -40.98
C ALA E 147 -46.67 -16.72 -41.17
N ALA E 148 -47.25 -15.60 -40.76
CA ALA E 148 -48.71 -15.39 -40.86
C ALA E 148 -49.17 -14.71 -42.16
N GLY E 149 -48.17 -14.35 -42.99
CA GLY E 149 -48.39 -13.75 -44.30
C GLY E 149 -48.65 -12.25 -44.29
N LYS E 150 -48.33 -11.59 -43.17
CA LYS E 150 -48.68 -10.17 -42.97
C LYS E 150 -47.52 -9.16 -42.99
N PRO E 151 -47.82 -7.90 -43.37
CA PRO E 151 -46.74 -6.94 -43.54
C PRO E 151 -45.98 -6.62 -42.21
N THR E 152 -44.66 -6.44 -42.30
CA THR E 152 -43.81 -6.25 -41.13
C THR E 152 -43.06 -4.92 -41.07
N ASP E 153 -43.54 -3.89 -41.73
CA ASP E 153 -42.76 -2.66 -41.82
C ASP E 153 -43.27 -1.55 -40.92
N LYS E 154 -44.23 -1.83 -40.05
CA LYS E 154 -44.67 -0.81 -39.10
C LYS E 154 -44.76 -1.33 -37.67
N PRO E 155 -43.63 -1.74 -37.08
CA PRO E 155 -43.69 -2.15 -35.69
C PRO E 155 -43.89 -0.93 -34.81
N ASN E 156 -44.66 -1.10 -33.74
CA ASN E 156 -44.72 -0.12 -32.67
C ASN E 156 -44.48 -0.83 -31.35
N LEU E 157 -44.09 -0.07 -30.33
CA LEU E 157 -43.80 -0.55 -28.98
C LEU E 157 -44.70 0.25 -28.06
N VAL E 158 -45.31 -0.39 -27.08
CA VAL E 158 -46.21 0.29 -26.12
C VAL E 158 -45.59 0.30 -24.73
N CYS E 159 -45.54 1.48 -24.13
CA CYS E 159 -44.84 1.67 -22.85
C CYS E 159 -45.34 2.87 -22.04
N GLY E 160 -44.84 2.95 -20.81
CA GLY E 160 -45.13 4.06 -19.93
C GLY E 160 -44.02 5.09 -20.01
N PRO E 161 -43.85 5.88 -18.92
CA PRO E 161 -42.81 6.91 -18.82
C PRO E 161 -41.42 6.29 -18.74
N VAL E 162 -40.94 5.80 -19.89
CA VAL E 162 -39.68 5.07 -19.96
C VAL E 162 -38.45 5.94 -19.78
N GLN E 163 -37.36 5.31 -19.33
CA GLN E 163 -36.06 5.96 -19.27
C GLN E 163 -35.62 6.22 -20.69
N ILE E 164 -34.75 7.21 -20.83
CA ILE E 164 -34.31 7.65 -22.14
C ILE E 164 -33.80 6.57 -23.10
N CYS E 165 -33.35 5.45 -22.59
CA CYS E 165 -32.75 4.46 -23.46
C CYS E 165 -33.74 3.84 -24.43
N TRP E 166 -35.01 3.78 -24.02
CA TRP E 166 -36.11 3.30 -24.89
C TRP E 166 -36.45 4.24 -26.06
N HIS E 167 -36.44 5.55 -25.82
CA HIS E 167 -36.52 6.51 -26.90
C HIS E 167 -35.42 6.27 -27.89
N LYS E 168 -34.20 6.06 -27.42
CA LYS E 168 -33.08 5.77 -28.31
C LYS E 168 -33.42 4.56 -29.16
N PHE E 169 -33.68 3.43 -28.48
CA PHE E 169 -34.06 2.18 -29.14
C PHE E 169 -35.02 2.41 -30.31
N ALA E 170 -36.18 2.97 -30.00
CA ALA E 170 -37.22 3.21 -30.98
C ALA E 170 -36.67 3.90 -32.26
N ARG E 171 -35.80 4.89 -32.02
CA ARG E 171 -35.21 5.68 -33.08
C ARG E 171 -34.29 4.80 -33.89
N TYR E 172 -33.33 4.19 -33.22
CA TYR E 172 -32.25 3.49 -33.90
C TYR E 172 -32.77 2.32 -34.70
N TRP E 173 -33.89 1.77 -34.26
CA TRP E 173 -34.37 0.52 -34.83
C TRP E 173 -35.70 0.63 -35.58
N ASP E 174 -36.11 1.87 -35.86
CA ASP E 174 -37.34 2.18 -36.65
C ASP E 174 -38.62 1.60 -36.06
N VAL E 175 -38.77 1.69 -34.74
CA VAL E 175 -39.99 1.24 -34.08
C VAL E 175 -40.77 2.48 -33.61
N GLU E 176 -42.08 2.52 -33.88
CA GLU E 176 -42.94 3.63 -33.45
C GLU E 176 -43.17 3.59 -31.95
N LEU E 177 -42.69 4.59 -31.22
CA LEU E 177 -42.87 4.53 -29.79
C LEU E 177 -44.25 5.01 -29.39
N ARG E 178 -45.07 4.14 -28.83
CA ARG E 178 -46.34 4.63 -28.31
C ARG E 178 -46.23 4.77 -26.80
N GLU E 179 -45.56 5.83 -26.37
CA GLU E 179 -45.40 6.10 -24.95
C GLU E 179 -46.72 6.60 -24.39
N ILE E 180 -47.35 5.83 -23.52
CA ILE E 180 -48.52 6.32 -22.82
C ILE E 180 -48.15 7.53 -21.99
N PRO E 181 -48.82 8.68 -22.24
CA PRO E 181 -48.34 9.92 -21.64
C PRO E 181 -48.64 10.04 -20.14
N MET E 182 -47.75 10.71 -19.40
CA MET E 182 -48.05 11.05 -18.00
C MET E 182 -49.04 12.18 -18.07
N ARG E 183 -49.88 12.31 -17.05
CA ARG E 183 -50.76 13.46 -16.93
C ARG E 183 -51.36 13.43 -15.53
N PRO E 184 -51.83 14.59 -15.02
CA PRO E 184 -51.93 14.66 -13.56
C PRO E 184 -52.95 13.66 -13.02
N GLY E 185 -52.65 13.07 -11.87
CA GLY E 185 -53.45 11.97 -11.29
C GLY E 185 -53.57 10.70 -12.14
N GLN E 186 -52.60 10.45 -13.02
CA GLN E 186 -52.57 9.27 -13.90
C GLN E 186 -51.19 9.24 -14.53
N LEU E 187 -50.18 9.04 -13.69
CA LEU E 187 -48.81 9.21 -14.16
C LEU E 187 -48.21 7.97 -14.82
N PHE E 188 -48.87 6.82 -14.72
CA PHE E 188 -48.30 5.53 -15.20
C PHE E 188 -49.17 4.76 -16.14
N MET E 189 -48.54 3.93 -16.96
CA MET E 189 -49.23 2.99 -17.84
C MET E 189 -50.17 2.05 -17.05
N ASP E 190 -51.46 2.32 -17.21
CA ASP E 190 -52.56 1.50 -16.66
C ASP E 190 -53.08 0.58 -17.78
N PRO E 191 -53.88 -0.44 -17.41
CA PRO E 191 -54.43 -1.38 -18.37
C PRO E 191 -55.21 -0.71 -19.50
N LYS E 192 -56.18 0.14 -19.15
CA LYS E 192 -57.08 0.67 -20.16
C LYS E 192 -56.39 1.40 -21.31
N ARG E 193 -55.52 2.35 -20.95
CA ARG E 193 -54.78 3.15 -21.92
C ARG E 193 -53.74 2.33 -22.66
N MET E 194 -53.25 1.28 -22.00
CA MET E 194 -52.27 0.41 -22.62
C MET E 194 -52.93 -0.24 -23.82
N ILE E 195 -54.10 -0.80 -23.57
CA ILE E 195 -54.85 -1.56 -24.58
C ILE E 195 -55.21 -0.71 -25.80
N GLU E 196 -55.74 0.49 -25.56
CA GLU E 196 -56.09 1.42 -26.63
C GLU E 196 -54.97 1.61 -27.63
N ALA E 197 -53.74 1.33 -27.19
CA ALA E 197 -52.52 1.55 -27.98
C ALA E 197 -51.97 0.32 -28.70
N CYS E 198 -52.49 -0.86 -28.35
CA CYS E 198 -52.02 -2.12 -28.92
C CYS E 198 -52.75 -2.49 -30.20
N ASP E 199 -52.03 -3.09 -31.13
CA ASP E 199 -52.59 -3.65 -32.35
C ASP E 199 -51.61 -4.65 -32.92
N GLU E 200 -51.98 -5.33 -34.01
CA GLU E 200 -51.22 -6.45 -34.60
C GLU E 200 -49.73 -6.15 -34.78
N ASN E 201 -49.38 -4.88 -34.63
CA ASN E 201 -48.06 -4.40 -34.95
C ASN E 201 -47.30 -4.02 -33.71
N THR E 202 -47.87 -4.36 -32.57
CA THR E 202 -47.19 -4.15 -31.32
C THR E 202 -46.21 -5.28 -31.12
N ILE E 203 -44.92 -4.94 -31.06
CA ILE E 203 -43.89 -5.95 -30.91
C ILE E 203 -43.85 -6.34 -29.47
N GLY E 204 -44.37 -5.48 -28.61
CA GLY E 204 -44.43 -5.77 -27.18
C GLY E 204 -44.81 -4.61 -26.27
N VAL E 205 -44.85 -4.89 -24.97
CA VAL E 205 -45.25 -3.91 -23.97
C VAL E 205 -44.16 -3.84 -22.90
N VAL E 206 -43.69 -2.63 -22.60
CA VAL E 206 -42.58 -2.46 -21.65
C VAL E 206 -43.01 -1.72 -20.40
N PRO E 207 -43.45 -2.47 -19.38
CA PRO E 207 -43.64 -1.80 -18.11
C PRO E 207 -42.27 -1.47 -17.55
N THR E 208 -42.17 -0.36 -16.85
CA THR E 208 -40.92 0.01 -16.20
C THR E 208 -41.03 -0.34 -14.72
N PHE E 209 -40.42 -1.42 -14.30
CA PHE E 209 -40.55 -1.82 -12.91
C PHE E 209 -39.68 -0.95 -12.01
N GLY E 210 -40.06 0.31 -11.83
CA GLY E 210 -39.24 1.26 -11.11
C GLY E 210 -38.95 2.44 -12.01
N VAL E 211 -39.91 3.36 -12.05
CA VAL E 211 -39.90 4.51 -12.94
C VAL E 211 -38.79 5.52 -12.58
N THR E 212 -37.91 5.79 -13.53
CA THR E 212 -36.77 6.67 -13.27
C THR E 212 -37.20 8.04 -12.73
N TYR E 213 -38.31 8.55 -13.19
CA TYR E 213 -38.63 9.92 -12.87
C TYR E 213 -39.18 10.08 -11.47
N THR E 214 -39.86 9.05 -10.99
CA THR E 214 -40.59 9.16 -9.74
C THR E 214 -40.30 8.06 -8.75
N GLY E 215 -39.70 6.97 -9.19
CA GLY E 215 -39.43 5.89 -8.25
C GLY E 215 -40.52 4.85 -8.06
N ASN E 216 -41.70 5.04 -8.66
CA ASN E 216 -42.80 4.04 -8.55
C ASN E 216 -42.67 2.82 -9.43
N TYR E 217 -43.18 1.69 -8.97
CA TYR E 217 -43.28 0.54 -9.82
C TYR E 217 -44.49 0.76 -10.72
N GLU E 218 -44.38 0.48 -12.03
CA GLU E 218 -45.53 0.12 -12.86
C GLU E 218 -45.69 -1.40 -12.70
N PHE E 219 -46.82 -1.86 -12.19
CA PHE E 219 -47.01 -3.29 -11.87
C PHE E 219 -47.45 -4.11 -13.06
N PRO E 220 -46.62 -5.12 -13.44
CA PRO E 220 -46.85 -6.04 -14.55
C PRO E 220 -48.12 -6.89 -14.51
N GLN E 221 -48.50 -7.44 -13.36
CA GLN E 221 -49.71 -8.28 -13.30
C GLN E 221 -51.00 -7.65 -13.87
N PRO E 222 -51.44 -6.51 -13.33
CA PRO E 222 -52.65 -5.93 -13.89
C PRO E 222 -52.58 -5.84 -15.41
N LEU E 223 -51.41 -5.51 -15.96
CA LEU E 223 -51.26 -5.43 -17.39
C LEU E 223 -51.35 -6.82 -18.03
N HIS E 224 -50.77 -7.81 -17.37
CA HIS E 224 -50.77 -9.16 -17.90
C HIS E 224 -52.20 -9.74 -17.99
N ASP E 225 -53.04 -9.45 -17.00
CA ASP E 225 -54.48 -9.74 -17.17
C ASP E 225 -55.05 -9.07 -18.41
N ALA E 226 -54.86 -7.76 -18.51
CA ALA E 226 -55.35 -6.98 -19.65
C ALA E 226 -55.04 -7.64 -20.98
N LEU E 227 -53.80 -8.13 -21.11
CA LEU E 227 -53.29 -8.72 -22.36
C LEU E 227 -53.87 -10.10 -22.63
N ASP E 228 -54.08 -10.89 -21.59
CA ASP E 228 -54.73 -12.19 -21.72
C ASP E 228 -56.15 -12.05 -22.24
N LYS E 229 -56.85 -11.00 -21.81
CA LYS E 229 -58.18 -10.69 -22.29
C LYS E 229 -58.08 -10.18 -23.73
N PHE E 230 -57.07 -9.38 -23.99
CA PHE E 230 -56.92 -8.73 -25.28
C PHE E 230 -56.74 -9.76 -26.35
N GLN E 231 -55.95 -10.79 -26.04
CA GLN E 231 -55.72 -11.92 -26.94
C GLN E 231 -56.98 -12.73 -27.16
N ALA E 232 -57.83 -12.80 -26.15
CA ALA E 232 -59.06 -13.58 -26.29
C ALA E 232 -60.10 -12.94 -27.23
N ASP E 233 -60.24 -11.61 -27.17
CA ASP E 233 -61.24 -10.91 -27.99
C ASP E 233 -60.75 -10.82 -29.43
N THR E 234 -59.46 -10.49 -29.57
CA THR E 234 -58.87 -10.19 -30.86
C THR E 234 -58.00 -11.29 -31.42
N GLY E 235 -57.53 -12.21 -30.59
CA GLY E 235 -56.56 -13.22 -31.04
C GLY E 235 -55.13 -12.72 -31.22
N ILE E 236 -54.86 -11.49 -30.79
CA ILE E 236 -53.50 -10.92 -30.87
C ILE E 236 -52.68 -11.23 -29.61
N ASP E 237 -51.61 -11.98 -29.79
CA ASP E 237 -50.76 -12.42 -28.69
C ASP E 237 -49.60 -11.48 -28.47
N ILE E 238 -49.63 -10.74 -27.38
CA ILE E 238 -48.57 -9.77 -27.13
C ILE E 238 -47.66 -10.20 -25.97
N ASP E 239 -46.34 -10.04 -26.14
CA ASP E 239 -45.33 -10.34 -25.11
C ASP E 239 -44.92 -9.11 -24.25
N MET E 240 -44.25 -9.39 -23.14
CA MET E 240 -43.70 -8.34 -22.31
C MET E 240 -42.23 -8.46 -22.15
N HIS E 241 -41.57 -7.31 -22.04
CA HIS E 241 -40.24 -7.20 -21.48
C HIS E 241 -40.35 -6.16 -20.40
N ILE E 242 -39.82 -6.51 -19.23
CA ILE E 242 -39.79 -5.65 -18.05
C ILE E 242 -38.43 -4.98 -17.96
N ASP E 243 -38.46 -3.64 -17.92
CA ASP E 243 -37.30 -2.78 -17.65
C ASP E 243 -37.12 -2.72 -16.14
N ALA E 244 -36.57 -3.77 -15.54
CA ALA E 244 -36.35 -3.82 -14.08
C ALA E 244 -35.02 -3.15 -13.61
N ALA E 245 -34.68 -2.01 -14.21
CA ALA E 245 -33.39 -1.33 -14.06
C ALA E 245 -32.96 -1.20 -12.63
N SER E 246 -33.86 -0.65 -11.82
CA SER E 246 -33.64 -0.65 -10.37
C SER E 246 -34.44 -1.74 -9.69
N GLY E 247 -35.73 -1.81 -10.00
CA GLY E 247 -36.61 -2.78 -9.37
C GLY E 247 -36.10 -4.20 -9.35
N GLY E 248 -35.30 -4.55 -10.35
CA GLY E 248 -34.81 -5.92 -10.53
C GLY E 248 -34.16 -6.52 -9.30
N PHE E 249 -33.45 -5.69 -8.54
CA PHE E 249 -32.72 -6.14 -7.36
C PHE E 249 -33.26 -5.69 -6.00
N LEU E 250 -34.51 -5.26 -5.98
CA LEU E 250 -35.14 -4.81 -4.75
C LEU E 250 -36.29 -5.74 -4.42
N ALA E 251 -37.32 -5.70 -5.28
CA ALA E 251 -38.50 -6.57 -5.20
C ALA E 251 -38.22 -8.01 -4.75
N PRO E 252 -37.27 -8.71 -5.41
CA PRO E 252 -37.07 -10.10 -5.06
C PRO E 252 -36.81 -10.30 -3.60
N PHE E 253 -36.27 -9.28 -2.93
CA PHE E 253 -35.88 -9.42 -1.52
C PHE E 253 -36.83 -8.79 -0.50
N VAL E 254 -37.39 -7.61 -0.80
CA VAL E 254 -38.25 -6.93 0.20
C VAL E 254 -39.74 -7.13 -0.02
N ALA E 255 -40.11 -7.47 -1.26
CA ALA E 255 -41.49 -7.71 -1.67
C ALA E 255 -41.58 -8.89 -2.62
N PRO E 256 -41.23 -10.11 -2.17
CA PRO E 256 -41.15 -11.26 -3.10
C PRO E 256 -42.49 -11.76 -3.70
N ASP E 257 -43.61 -11.22 -3.21
CA ASP E 257 -44.96 -11.59 -3.68
C ASP E 257 -45.60 -10.66 -4.71
N ILE E 258 -45.01 -9.48 -4.91
CA ILE E 258 -45.31 -8.72 -6.10
C ILE E 258 -44.86 -9.62 -7.24
N VAL E 259 -45.84 -10.07 -8.02
CA VAL E 259 -45.61 -10.97 -9.15
C VAL E 259 -45.35 -10.08 -10.35
N TRP E 260 -44.09 -10.02 -10.76
CA TRP E 260 -43.66 -9.05 -11.77
C TRP E 260 -42.77 -9.70 -12.82
N ASP E 261 -42.42 -10.96 -12.56
CA ASP E 261 -41.30 -11.58 -13.26
C ASP E 261 -41.68 -12.75 -14.20
N PHE E 262 -40.82 -13.77 -14.25
CA PHE E 262 -40.98 -14.87 -15.17
C PHE E 262 -42.05 -15.81 -14.66
N ARG E 263 -42.59 -15.51 -13.49
CA ARG E 263 -43.80 -16.16 -13.07
C ARG E 263 -44.95 -15.78 -14.02
N LEU E 264 -44.77 -14.71 -14.79
CA LEU E 264 -45.78 -14.22 -15.72
C LEU E 264 -45.51 -14.72 -17.14
N PRO E 265 -46.29 -15.72 -17.60
CA PRO E 265 -45.97 -16.44 -18.85
C PRO E 265 -45.62 -15.52 -20.03
N ARG E 266 -46.18 -14.30 -20.03
CA ARG E 266 -45.99 -13.36 -21.12
C ARG E 266 -44.69 -12.58 -21.04
N VAL E 267 -44.11 -12.43 -19.84
CA VAL E 267 -42.82 -11.74 -19.67
C VAL E 267 -41.74 -12.63 -20.26
N LYS E 268 -41.21 -12.24 -21.41
CA LYS E 268 -40.26 -13.08 -22.14
C LYS E 268 -38.78 -12.72 -21.85
N SER E 269 -38.59 -11.63 -21.13
CA SER E 269 -37.25 -11.14 -20.80
C SER E 269 -37.31 -10.01 -19.79
N ILE E 270 -36.30 -9.96 -18.94
CA ILE E 270 -36.22 -8.96 -17.90
C ILE E 270 -34.80 -8.39 -17.97
N SER E 271 -34.65 -7.11 -17.63
CA SER E 271 -33.35 -6.43 -17.66
C SER E 271 -33.12 -5.58 -16.41
N ALA E 272 -31.88 -5.52 -15.96
CA ALA E 272 -31.57 -4.72 -14.80
C ALA E 272 -30.17 -4.13 -14.81
N SER E 273 -29.97 -3.13 -13.98
CA SER E 273 -28.68 -2.54 -13.83
C SER E 273 -28.02 -3.08 -12.54
N GLY E 274 -26.94 -3.84 -12.70
CA GLY E 274 -26.17 -4.23 -11.52
C GLY E 274 -25.58 -3.03 -10.76
N HIS E 275 -25.16 -2.00 -11.49
CA HIS E 275 -24.58 -0.83 -10.86
C HIS E 275 -25.60 0.12 -10.29
N LYS E 276 -26.86 -0.27 -10.22
CA LYS E 276 -27.84 0.50 -9.46
C LYS E 276 -28.02 -0.23 -8.15
N PHE E 277 -29.20 -0.74 -7.83
CA PHE E 277 -29.38 -1.50 -6.58
C PHE E 277 -28.88 -2.94 -6.61
N GLY E 278 -28.30 -3.35 -7.73
CA GLY E 278 -27.59 -4.63 -7.75
C GLY E 278 -26.27 -4.58 -6.97
N LEU E 279 -25.93 -3.37 -6.49
CA LEU E 279 -24.73 -3.15 -5.66
C LEU E 279 -23.37 -3.31 -6.40
N ALA E 280 -23.39 -3.62 -7.70
CA ALA E 280 -22.16 -3.79 -8.45
C ALA E 280 -21.59 -2.42 -8.78
N PRO E 281 -20.29 -2.32 -9.05
CA PRO E 281 -19.79 -0.97 -9.38
C PRO E 281 -20.19 -0.53 -10.81
N LEU E 282 -20.15 0.77 -11.12
CA LEU E 282 -20.40 1.23 -12.51
C LEU E 282 -19.82 0.31 -13.59
N GLY E 283 -20.68 -0.09 -14.51
CA GLY E 283 -20.27 -0.81 -15.71
C GLY E 283 -20.85 -2.21 -15.79
N CYS E 284 -22.10 -2.38 -15.37
CA CYS E 284 -22.69 -3.72 -15.19
C CYS E 284 -24.19 -3.80 -15.42
N GLY E 285 -24.60 -4.51 -16.47
CA GLY E 285 -26.03 -4.74 -16.71
C GLY E 285 -26.36 -6.21 -16.94
N TRP E 286 -27.63 -6.59 -16.71
CA TRP E 286 -28.05 -7.96 -17.01
C TRP E 286 -29.31 -8.02 -17.91
N VAL E 287 -29.39 -9.09 -18.70
CA VAL E 287 -30.60 -9.39 -19.44
C VAL E 287 -30.72 -10.90 -19.48
N ILE E 288 -31.89 -11.36 -19.08
CA ILE E 288 -32.21 -12.79 -19.06
C ILE E 288 -33.49 -13.06 -19.87
N TRP E 289 -33.45 -14.10 -20.71
CA TRP E 289 -34.61 -14.54 -21.46
C TRP E 289 -35.28 -15.75 -20.78
N ARG E 290 -36.60 -15.83 -20.94
CA ARG E 290 -37.40 -16.90 -20.37
C ARG E 290 -36.89 -18.30 -20.71
N ASP E 291 -36.55 -18.51 -21.98
CA ASP E 291 -35.98 -19.77 -22.43
C ASP E 291 -35.32 -19.66 -23.82
N GLU E 292 -34.63 -20.72 -24.23
CA GLU E 292 -34.05 -20.86 -25.60
C GLU E 292 -34.84 -20.14 -26.69
N GLU E 293 -36.16 -20.25 -26.61
CA GLU E 293 -37.06 -19.78 -27.66
C GLU E 293 -37.40 -18.30 -27.58
N ALA E 294 -37.12 -17.67 -26.44
CA ALA E 294 -37.38 -16.24 -26.25
C ALA E 294 -36.38 -15.43 -27.01
N LEU E 295 -35.23 -16.03 -27.28
CA LEU E 295 -34.11 -15.38 -27.96
C LEU E 295 -33.82 -15.96 -29.34
N PRO E 296 -34.26 -15.28 -30.42
CA PRO E 296 -34.01 -15.68 -31.82
C PRO E 296 -32.54 -16.01 -32.18
N GLN E 297 -32.35 -17.08 -32.94
CA GLN E 297 -31.00 -17.58 -33.22
C GLN E 297 -30.24 -16.64 -34.13
N GLU E 298 -30.99 -15.89 -34.94
CA GLU E 298 -30.40 -14.95 -35.89
C GLU E 298 -29.54 -13.89 -35.19
N LEU E 299 -29.88 -13.58 -33.95
CA LEU E 299 -29.24 -12.51 -33.23
C LEU E 299 -27.98 -12.97 -32.52
N VAL E 300 -27.90 -14.28 -32.27
CA VAL E 300 -26.78 -14.88 -31.56
C VAL E 300 -25.61 -15.13 -32.52
N PHE E 301 -24.46 -14.53 -32.18
CA PHE E 301 -23.24 -14.75 -32.93
C PHE E 301 -22.31 -15.71 -32.25
N ASN E 302 -22.00 -16.79 -32.99
CA ASN E 302 -21.05 -17.80 -32.57
C ASN E 302 -19.65 -17.41 -33.00
N VAL E 303 -18.72 -17.53 -32.05
CA VAL E 303 -17.32 -17.29 -32.28
C VAL E 303 -16.58 -18.59 -32.05
N ASP E 304 -15.65 -18.88 -32.95
CA ASP E 304 -14.70 -19.96 -32.74
C ASP E 304 -13.74 -19.53 -31.64
N TYR E 305 -13.48 -20.43 -30.68
CA TYR E 305 -12.35 -20.28 -29.75
C TYR E 305 -11.71 -21.69 -29.53
N LEU E 306 -10.75 -21.83 -28.62
CA LEU E 306 -9.96 -23.08 -28.51
C LEU E 306 -10.66 -24.31 -27.94
N GLY E 307 -11.56 -24.13 -26.97
CA GLY E 307 -12.23 -25.26 -26.34
C GLY E 307 -13.68 -25.43 -26.76
N GLY E 308 -13.93 -25.41 -28.06
CA GLY E 308 -15.29 -25.40 -28.62
C GLY E 308 -15.72 -23.99 -29.03
N GLN E 309 -17.02 -23.72 -29.07
CA GLN E 309 -17.48 -22.39 -29.49
C GLN E 309 -18.65 -21.84 -28.67
N ILE E 310 -18.53 -20.56 -28.26
CA ILE E 310 -19.60 -19.87 -27.49
C ILE E 310 -20.28 -18.74 -28.29
N GLY E 311 -21.62 -18.79 -28.33
CA GLY E 311 -22.40 -17.77 -29.01
C GLY E 311 -22.70 -16.60 -28.09
N THR E 312 -22.61 -15.37 -28.61
CA THR E 312 -22.85 -14.16 -27.84
C THR E 312 -23.80 -13.21 -28.54
N PHE E 313 -24.69 -12.67 -27.75
CA PHE E 313 -25.56 -11.64 -28.22
C PHE E 313 -25.23 -10.39 -27.44
N ALA E 314 -24.46 -9.48 -28.04
CA ALA E 314 -24.11 -8.29 -27.30
C ALA E 314 -23.62 -7.22 -28.24
N ILE E 315 -23.87 -5.97 -27.85
CA ILE E 315 -23.47 -4.85 -28.68
C ILE E 315 -21.98 -4.64 -28.64
N ASN E 316 -21.40 -4.53 -27.44
CA ASN E 316 -19.94 -4.39 -27.26
C ASN E 316 -19.10 -5.64 -27.56
N PHE E 317 -17.78 -5.48 -27.57
CA PHE E 317 -16.90 -6.61 -27.80
C PHE E 317 -15.94 -6.79 -26.61
N SER E 318 -14.69 -6.37 -26.79
CA SER E 318 -13.75 -6.40 -25.72
C SER E 318 -14.20 -5.40 -24.68
N ARG E 319 -13.90 -5.68 -23.42
CA ARG E 319 -14.20 -4.81 -22.27
C ARG E 319 -13.73 -5.50 -21.00
N PRO E 320 -13.65 -4.75 -19.86
CA PRO E 320 -13.12 -5.42 -18.65
C PRO E 320 -14.12 -6.43 -18.07
N ALA E 321 -13.61 -7.40 -17.34
CA ALA E 321 -14.46 -8.34 -16.61
C ALA E 321 -14.45 -8.05 -15.10
N GLY E 322 -13.90 -6.90 -14.73
CA GLY E 322 -13.96 -6.38 -13.36
C GLY E 322 -15.35 -6.42 -12.75
N GLN E 323 -16.34 -5.88 -13.45
CA GLN E 323 -17.66 -5.67 -12.84
C GLN E 323 -18.45 -6.95 -12.59
N VAL E 324 -18.35 -7.94 -13.47
CA VAL E 324 -18.97 -9.23 -13.24
C VAL E 324 -18.31 -9.90 -12.03
N ILE E 325 -16.97 -9.86 -11.98
CA ILE E 325 -16.27 -10.35 -10.82
C ILE E 325 -16.85 -9.68 -9.58
N ALA E 326 -16.87 -8.35 -9.55
CA ALA E 326 -17.35 -7.60 -8.38
C ALA E 326 -18.81 -7.93 -8.00
N GLN E 327 -19.67 -7.97 -9.01
CA GLN E 327 -21.09 -8.30 -8.88
C GLN E 327 -21.25 -9.72 -8.31
N TYR E 328 -20.31 -10.59 -8.62
CA TYR E 328 -20.25 -11.94 -8.04
C TYR E 328 -19.90 -11.88 -6.54
N TYR E 329 -18.97 -11.01 -6.17
CA TYR E 329 -18.60 -10.82 -4.76
C TYR E 329 -19.83 -10.42 -3.98
N GLU E 330 -20.48 -9.34 -4.42
CA GLU E 330 -21.70 -8.90 -3.80
C GLU E 330 -22.72 -10.05 -3.68
N PHE E 331 -22.87 -10.89 -4.72
CA PHE E 331 -23.83 -12.02 -4.64
C PHE E 331 -23.49 -13.05 -3.59
N LEU E 332 -22.21 -13.48 -3.58
CA LEU E 332 -21.71 -14.48 -2.66
C LEU E 332 -21.62 -14.01 -1.22
N ARG E 333 -21.31 -12.74 -1.02
CA ARG E 333 -21.04 -12.25 0.31
C ARG E 333 -22.30 -11.82 1.04
N LEU E 334 -23.37 -11.53 0.30
CA LEU E 334 -24.63 -11.05 0.88
C LEU E 334 -25.67 -12.17 0.82
N GLY E 335 -25.91 -12.71 -0.37
CA GLY E 335 -26.95 -13.74 -0.58
C GLY E 335 -28.31 -13.13 -0.31
N ARG E 336 -29.35 -13.94 -0.30
CA ARG E 336 -30.70 -13.41 -0.22
C ARG E 336 -30.88 -12.70 1.09
N GLU E 337 -30.62 -13.44 2.16
CA GLU E 337 -30.62 -12.90 3.52
C GLU E 337 -29.90 -11.54 3.59
N GLY E 338 -28.70 -11.48 3.01
CA GLY E 338 -27.86 -10.28 3.03
C GLY E 338 -28.44 -9.09 2.30
N TYR E 339 -28.85 -9.30 1.05
CA TYR E 339 -29.46 -8.22 0.27
C TYR E 339 -30.70 -7.74 0.97
N THR E 340 -31.52 -8.68 1.48
CA THR E 340 -32.76 -8.30 2.16
C THR E 340 -32.45 -7.22 3.17
N LYS E 341 -31.44 -7.49 4.02
CA LYS E 341 -30.98 -6.54 5.02
C LYS E 341 -30.42 -5.23 4.44
N VAL E 342 -29.55 -5.32 3.44
CA VAL E 342 -29.08 -4.10 2.79
C VAL E 342 -30.24 -3.28 2.19
N GLN E 343 -31.06 -3.91 1.34
CA GLN E 343 -32.12 -3.14 0.70
C GLN E 343 -33.03 -2.47 1.73
N ASN E 344 -33.45 -3.23 2.76
CA ASN E 344 -34.30 -2.66 3.80
C ASN E 344 -33.79 -1.36 4.45
N ALA E 345 -32.49 -1.31 4.76
CA ALA E 345 -31.90 -0.13 5.40
C ALA E 345 -32.24 1.12 4.60
N SER E 346 -32.08 1.02 3.28
CA SER E 346 -32.32 2.13 2.38
C SER E 346 -33.80 2.54 2.37
N TYR E 347 -34.71 1.57 2.23
CA TYR E 347 -36.17 1.78 2.39
C TYR E 347 -36.56 2.48 3.71
N GLN E 348 -35.80 2.22 4.78
CA GLN E 348 -36.13 2.77 6.07
C GLN E 348 -35.76 4.24 6.05
N VAL E 349 -34.59 4.53 5.48
CA VAL E 349 -34.11 5.90 5.35
C VAL E 349 -35.05 6.69 4.43
N ALA E 350 -35.52 6.04 3.36
CA ALA E 350 -36.52 6.59 2.49
C ALA E 350 -37.82 6.85 3.25
N ALA E 351 -38.28 5.89 4.04
CA ALA E 351 -39.59 6.05 4.69
C ALA E 351 -39.51 7.16 5.70
N TYR E 352 -38.32 7.30 6.30
CA TYR E 352 -38.05 8.35 7.29
C TYR E 352 -38.09 9.79 6.75
N LEU E 353 -37.39 10.01 5.65
CA LEU E 353 -37.45 11.30 4.94
C LEU E 353 -38.88 11.64 4.50
N ALA E 354 -39.64 10.65 4.04
CA ALA E 354 -41.03 10.88 3.61
C ALA E 354 -41.90 11.44 4.75
N ASP E 355 -41.91 10.78 5.90
CA ASP E 355 -42.73 11.18 7.05
C ASP E 355 -42.39 12.55 7.56
N GLU E 356 -41.09 12.84 7.50
CA GLU E 356 -40.49 14.03 8.11
C GLU E 356 -40.60 15.26 7.26
N ILE E 357 -40.44 15.07 5.95
CA ILE E 357 -40.43 16.15 4.99
C ILE E 357 -41.86 16.67 4.85
N ALA E 358 -42.84 15.75 4.89
CA ALA E 358 -44.26 16.07 4.83
C ALA E 358 -44.67 17.12 5.86
N LYS E 359 -44.01 17.09 7.02
CA LYS E 359 -44.31 18.00 8.11
C LYS E 359 -43.81 19.41 7.86
N LEU E 360 -43.08 19.62 6.77
CA LEU E 360 -42.30 20.86 6.57
C LEU E 360 -42.86 21.85 5.58
N GLY E 361 -43.73 21.39 4.70
CA GLY E 361 -44.35 22.29 3.74
C GLY E 361 -45.58 21.63 3.19
N PRO E 362 -46.33 22.33 2.31
CA PRO E 362 -47.52 21.74 1.70
C PRO E 362 -47.13 20.92 0.48
N TYR E 363 -46.89 19.64 0.70
CA TYR E 363 -46.38 18.80 -0.37
C TYR E 363 -47.36 17.72 -0.74
N GLU E 364 -47.28 17.24 -1.98
CA GLU E 364 -48.05 16.08 -2.40
C GLU E 364 -47.11 15.00 -2.97
N PHE E 365 -47.13 13.82 -2.34
CA PHE E 365 -46.16 12.77 -2.62
C PHE E 365 -46.71 11.86 -3.65
N ILE E 366 -45.85 11.54 -4.60
CA ILE E 366 -46.13 10.64 -5.69
C ILE E 366 -45.53 9.32 -5.27
N CYS E 367 -44.55 9.40 -4.38
CA CYS E 367 -43.82 8.23 -3.98
C CYS E 367 -43.14 8.42 -2.62
N THR E 368 -43.45 7.49 -1.71
CA THR E 368 -43.14 7.67 -0.29
C THR E 368 -42.24 6.56 0.28
N GLY E 369 -41.33 6.08 -0.58
CA GLY E 369 -40.31 5.07 -0.27
C GLY E 369 -40.80 3.77 0.36
N ARG E 370 -41.81 3.14 -0.24
CA ARG E 370 -42.39 1.95 0.39
C ARG E 370 -42.11 0.69 -0.42
N PRO E 371 -41.72 -0.42 0.24
CA PRO E 371 -41.22 -1.55 -0.49
C PRO E 371 -42.18 -2.02 -1.56
N ASP E 372 -43.47 -1.98 -1.23
CA ASP E 372 -44.52 -2.61 -2.03
C ASP E 372 -45.04 -1.72 -3.13
N GLU E 373 -44.49 -0.50 -3.22
CA GLU E 373 -44.92 0.53 -4.16
C GLU E 373 -43.85 0.96 -5.15
N GLY E 374 -42.58 0.74 -4.81
CA GLY E 374 -41.50 1.25 -5.64
C GLY E 374 -40.15 1.07 -4.99
N ILE E 375 -39.15 1.82 -5.49
CA ILE E 375 -37.76 1.80 -4.99
C ILE E 375 -37.64 2.74 -3.78
N PRO E 376 -36.47 2.81 -3.11
CA PRO E 376 -36.35 3.72 -1.98
C PRO E 376 -36.20 5.18 -2.40
N ALA E 377 -37.25 5.80 -2.91
CA ALA E 377 -37.11 7.21 -3.21
C ALA E 377 -38.31 8.00 -2.73
N VAL E 378 -38.05 9.25 -2.40
CA VAL E 378 -39.07 10.18 -2.02
C VAL E 378 -39.20 11.18 -3.16
N CYS E 379 -40.41 11.27 -3.71
CA CYS E 379 -40.69 12.15 -4.83
C CYS E 379 -42.01 12.86 -4.58
N PHE E 380 -41.95 14.19 -4.50
CA PHE E 380 -43.14 14.98 -4.17
C PHE E 380 -43.18 16.24 -5.04
N LYS E 381 -44.24 16.99 -4.85
CA LYS E 381 -44.52 18.19 -5.63
C LYS E 381 -45.33 19.11 -4.69
N LEU E 382 -45.29 20.42 -4.91
CA LEU E 382 -46.14 21.28 -4.12
C LEU E 382 -47.60 21.01 -4.49
N LYS E 383 -48.46 20.91 -3.47
CA LYS E 383 -49.94 20.85 -3.63
C LYS E 383 -50.43 21.97 -4.52
N ASP E 384 -51.51 21.70 -5.26
CA ASP E 384 -51.97 22.67 -6.25
C ASP E 384 -52.52 23.95 -5.62
N GLY E 385 -52.21 25.09 -6.25
CA GLY E 385 -52.80 26.37 -5.86
C GLY E 385 -52.26 26.86 -4.52
N GLU E 386 -51.30 26.12 -4.00
CA GLU E 386 -50.65 26.46 -2.74
C GLU E 386 -49.28 27.04 -3.05
N ASP E 387 -48.95 28.17 -2.42
CA ASP E 387 -47.67 28.83 -2.63
C ASP E 387 -47.02 29.08 -1.26
N PRO E 388 -46.00 28.27 -0.92
CA PRO E 388 -45.25 28.43 0.33
C PRO E 388 -44.18 29.54 0.30
N GLY E 389 -44.07 30.24 -0.82
CA GLY E 389 -43.13 31.38 -0.95
C GLY E 389 -41.75 31.05 -1.51
N TYR E 390 -41.66 29.86 -2.12
CA TYR E 390 -40.49 29.32 -2.82
C TYR E 390 -41.00 28.28 -3.82
N THR E 391 -40.18 27.98 -4.82
CA THR E 391 -40.44 26.87 -5.75
C THR E 391 -39.48 25.76 -5.36
N LEU E 392 -39.69 24.57 -5.92
CA LEU E 392 -38.78 23.48 -5.58
C LEU E 392 -37.39 23.71 -6.16
N TYR E 393 -37.29 24.49 -7.25
CA TYR E 393 -35.99 24.86 -7.81
C TYR E 393 -35.22 25.71 -6.80
N ASP E 394 -35.94 26.59 -6.12
CA ASP E 394 -35.30 27.50 -5.20
C ASP E 394 -34.70 26.76 -4.01
N LEU E 395 -35.38 25.70 -3.61
CA LEU E 395 -35.01 24.95 -2.42
C LEU E 395 -33.85 24.03 -2.75
N SER E 396 -33.94 23.45 -3.95
CA SER E 396 -32.89 22.65 -4.49
C SER E 396 -31.56 23.43 -4.50
N GLU E 397 -31.62 24.74 -4.83
CA GLU E 397 -30.42 25.60 -4.89
C GLU E 397 -29.86 25.89 -3.50
N ARG E 398 -30.70 26.39 -2.58
CA ARG E 398 -30.25 26.60 -1.20
C ARG E 398 -29.56 25.31 -0.72
N LEU E 399 -30.15 24.14 -1.09
CA LEU E 399 -29.60 22.84 -0.68
C LEU E 399 -28.26 22.53 -1.33
N ARG E 400 -28.07 22.95 -2.59
CA ARG E 400 -26.77 22.77 -3.23
C ARG E 400 -25.77 23.66 -2.53
N LEU E 401 -26.23 24.80 -2.02
CA LEU E 401 -25.33 25.67 -1.28
C LEU E 401 -24.80 24.99 -0.04
N ARG E 402 -25.50 23.96 0.43
CA ARG E 402 -25.07 23.23 1.63
C ARG E 402 -24.42 21.88 1.33
N GLY E 403 -24.16 21.64 0.04
CA GLY E 403 -23.36 20.49 -0.41
C GLY E 403 -24.19 19.37 -1.00
N TRP E 404 -25.50 19.42 -0.74
CA TRP E 404 -26.42 18.43 -1.22
C TRP E 404 -26.86 18.71 -2.67
N GLN E 405 -26.84 17.68 -3.49
CA GLN E 405 -27.51 17.76 -4.77
C GLN E 405 -28.82 17.03 -4.63
N VAL E 406 -29.90 17.81 -4.66
CA VAL E 406 -31.27 17.27 -4.63
C VAL E 406 -32.08 17.80 -5.83
N PRO E 407 -32.30 16.94 -6.84
CA PRO E 407 -32.75 17.41 -8.14
C PRO E 407 -34.23 17.78 -8.18
N ALA E 408 -34.53 18.98 -8.68
CA ALA E 408 -35.90 19.34 -9.07
C ALA E 408 -35.99 19.47 -10.59
N PHE E 409 -37.06 18.92 -11.18
CA PHE E 409 -37.24 18.91 -12.65
C PHE E 409 -38.69 18.65 -13.00
N THR E 410 -39.03 18.83 -14.27
CA THR E 410 -40.41 18.64 -14.77
C THR E 410 -40.66 17.23 -15.32
N LEU E 411 -41.84 16.69 -15.02
CA LEU E 411 -42.26 15.42 -15.64
C LEU E 411 -42.63 15.58 -17.15
N GLY E 412 -42.81 14.46 -17.85
CA GLY E 412 -43.11 14.45 -19.29
C GLY E 412 -44.59 14.57 -19.69
N GLY E 413 -44.86 14.32 -20.97
CA GLY E 413 -46.23 14.27 -21.54
C GLY E 413 -47.12 15.49 -21.33
N GLU E 414 -48.30 15.26 -20.73
CA GLU E 414 -49.27 16.31 -20.44
C GLU E 414 -49.06 16.87 -19.03
N ALA E 415 -47.99 16.38 -18.38
CA ALA E 415 -47.60 16.79 -17.03
C ALA E 415 -46.27 17.59 -17.01
N THR E 416 -45.80 18.00 -18.19
CA THR E 416 -44.74 19.01 -18.34
C THR E 416 -44.90 20.26 -17.46
N ASP E 417 -46.13 20.53 -17.04
CA ASP E 417 -46.38 21.59 -16.11
C ASP E 417 -45.79 21.24 -14.72
N ILE E 418 -45.90 19.96 -14.32
CA ILE E 418 -45.58 19.54 -12.93
C ILE E 418 -44.09 19.46 -12.58
N VAL E 419 -43.67 20.27 -11.62
CA VAL E 419 -42.29 20.30 -11.14
C VAL E 419 -42.21 19.42 -9.90
N VAL E 420 -41.28 18.45 -9.90
CA VAL E 420 -41.10 17.52 -8.77
C VAL E 420 -39.73 17.64 -8.09
N MET E 421 -39.63 17.16 -6.86
CA MET E 421 -38.35 16.84 -6.24
C MET E 421 -38.29 15.33 -6.05
N ARG E 422 -37.07 14.79 -6.15
CA ARG E 422 -36.82 13.36 -5.98
C ARG E 422 -35.54 13.13 -5.21
N ILE E 423 -35.66 12.37 -4.14
CA ILE E 423 -34.52 11.98 -3.34
C ILE E 423 -34.25 10.48 -3.47
N MET E 424 -33.00 10.14 -3.81
CA MET E 424 -32.62 8.74 -3.97
C MET E 424 -31.80 8.27 -2.81
N CYS E 425 -32.31 7.27 -2.11
CA CYS E 425 -31.61 6.70 -0.98
C CYS E 425 -30.91 5.46 -1.45
N ARG E 426 -29.61 5.54 -1.66
CA ARG E 426 -28.86 4.38 -2.10
C ARG E 426 -27.88 3.99 -1.01
N ARG E 427 -27.09 2.94 -1.24
CA ARG E 427 -26.23 2.42 -0.21
C ARG E 427 -25.16 3.43 0.16
N GLY E 428 -25.04 3.67 1.46
CA GLY E 428 -24.10 4.63 2.01
C GLY E 428 -24.88 5.73 2.68
N PHE E 429 -26.08 6.00 2.17
CA PHE E 429 -26.89 7.09 2.69
C PHE E 429 -27.68 6.62 3.89
N GLU E 430 -26.98 6.51 5.02
CA GLU E 430 -27.60 5.99 6.21
C GLU E 430 -28.39 7.03 6.99
N MET E 431 -29.27 6.54 7.84
CA MET E 431 -30.04 7.32 8.80
C MET E 431 -29.31 8.56 9.32
N ASP E 432 -28.04 8.43 9.68
CA ASP E 432 -27.29 9.59 10.17
C ASP E 432 -27.19 10.72 9.18
N PHE E 433 -27.00 10.40 7.89
CA PHE E 433 -26.78 11.43 6.88
C PHE E 433 -28.11 12.06 6.57
N ALA E 434 -29.14 11.21 6.46
CA ALA E 434 -30.52 11.67 6.37
C ALA E 434 -30.80 12.74 7.46
N GLU E 435 -30.44 12.44 8.72
CA GLU E 435 -30.54 13.43 9.82
C GLU E 435 -30.03 14.82 9.45
N LEU E 436 -28.86 14.84 8.80
CA LEU E 436 -28.13 16.04 8.43
C LEU E 436 -28.80 16.74 7.24
N LEU E 437 -29.41 15.95 6.37
CA LEU E 437 -30.21 16.48 5.28
C LEU E 437 -31.36 17.31 5.82
N LEU E 438 -32.16 16.68 6.69
CA LEU E 438 -33.30 17.35 7.32
C LEU E 438 -32.97 18.71 7.90
N GLU E 439 -31.85 18.81 8.58
CA GLU E 439 -31.48 20.07 9.16
C GLU E 439 -31.14 21.12 8.13
N ASP E 440 -30.34 20.74 7.14
CA ASP E 440 -30.05 21.63 6.02
C ASP E 440 -31.34 22.04 5.31
N TYR E 441 -32.22 21.05 5.13
CA TYR E 441 -33.51 21.28 4.54
C TYR E 441 -34.25 22.36 5.34
N LYS E 442 -34.50 22.10 6.62
CA LYS E 442 -35.09 23.11 7.52
C LYS E 442 -34.41 24.49 7.45
N ALA E 443 -33.07 24.52 7.48
CA ALA E 443 -32.32 25.77 7.40
C ALA E 443 -32.65 26.48 6.11
N SER E 444 -32.73 25.73 5.01
CA SER E 444 -33.05 26.29 3.70
C SER E 444 -34.45 26.92 3.68
N LEU E 445 -35.46 26.21 4.17
CA LEU E 445 -36.80 26.78 4.31
C LEU E 445 -36.81 28.06 5.14
N LYS E 446 -35.93 28.14 6.14
CA LYS E 446 -35.86 29.30 7.01
C LYS E 446 -35.27 30.46 6.24
N TYR E 447 -34.21 30.19 5.47
CA TYR E 447 -33.52 31.23 4.72
C TYR E 447 -34.46 31.85 3.70
N LEU E 448 -35.09 31.00 2.89
CA LEU E 448 -36.07 31.43 1.88
C LEU E 448 -37.19 32.25 2.51
N SER E 449 -37.54 31.90 3.75
CA SER E 449 -38.62 32.52 4.47
C SER E 449 -38.22 33.96 4.85
N ASP E 450 -36.93 34.16 5.10
CA ASP E 450 -36.37 35.48 5.44
C ASP E 450 -35.86 36.27 4.22
N HIS E 451 -35.90 35.67 3.03
CA HIS E 451 -35.43 36.35 1.81
C HIS E 451 -36.39 36.16 0.63
N PRO E 452 -37.63 36.65 0.80
CA PRO E 452 -38.76 36.35 -0.06
C PRO E 452 -38.50 36.70 -1.52
N LYS E 453 -37.50 37.54 -1.76
CA LYS E 453 -37.15 37.94 -3.12
C LYS E 453 -36.60 36.77 -3.96
N LEU E 454 -35.90 35.83 -3.30
CA LEU E 454 -35.32 34.61 -3.92
C LEU E 454 -36.31 33.70 -4.69
N GLN E 455 -37.62 33.85 -4.42
CA GLN E 455 -38.65 33.01 -5.02
C GLN E 455 -38.71 33.21 -6.51
N GLY E 456 -38.88 32.11 -7.25
CA GLY E 456 -39.02 32.18 -8.68
C GLY E 456 -37.75 32.33 -9.50
N ILE E 457 -36.64 32.72 -8.88
CA ILE E 457 -35.39 32.98 -9.62
C ILE E 457 -34.76 31.74 -10.27
N ALA E 458 -34.40 30.74 -9.48
CA ALA E 458 -33.78 29.53 -10.03
C ALA E 458 -34.80 28.85 -10.87
N GLN E 459 -34.34 28.18 -11.93
CA GLN E 459 -35.25 27.55 -12.90
C GLN E 459 -34.61 26.57 -13.88
N GLN E 460 -33.34 26.26 -13.69
CA GLN E 460 -32.71 25.28 -14.55
C GLN E 460 -32.99 23.88 -14.02
N ASN E 461 -33.51 23.03 -14.89
CA ASN E 461 -33.71 21.61 -14.54
C ASN E 461 -32.39 20.89 -14.14
N SER E 462 -32.49 19.87 -13.29
CA SER E 462 -31.31 19.11 -12.89
C SER E 462 -31.29 17.85 -13.72
N PHE E 463 -30.13 17.20 -13.79
CA PHE E 463 -30.01 15.88 -14.41
C PHE E 463 -30.96 14.86 -13.73
N LYS E 464 -31.68 14.09 -14.54
CA LYS E 464 -32.79 13.26 -14.04
C LYS E 464 -32.80 11.81 -14.52
N HIS E 465 -31.90 11.45 -15.43
CA HIS E 465 -32.03 10.18 -16.14
C HIS E 465 -31.33 8.97 -15.49
N THR E 466 -30.50 9.23 -14.48
CA THR E 466 -29.80 8.22 -13.65
C THR E 466 -28.77 8.85 -12.72
N GLU F 12 -19.43 -32.99 5.87
CA GLU F 12 -18.49 -32.45 6.89
C GLU F 12 -17.21 -31.86 6.27
N LEU F 13 -17.27 -31.47 5.00
CA LEU F 13 -16.06 -31.06 4.28
C LEU F 13 -15.49 -29.76 4.80
N LEU F 14 -14.17 -29.66 4.77
CA LEU F 14 -13.47 -28.48 5.22
C LEU F 14 -12.72 -27.82 4.06
N ASP F 15 -12.39 -26.54 4.24
CA ASP F 15 -11.44 -25.82 3.38
C ASP F 15 -10.09 -25.68 4.12
N SER F 16 -8.95 -25.81 3.44
CA SER F 16 -7.65 -25.81 4.15
C SER F 16 -7.08 -24.42 4.33
N ARG F 17 -7.72 -23.45 3.69
CA ARG F 17 -7.30 -22.07 3.75
C ARG F 17 -7.81 -21.47 5.02
N PHE F 18 -9.04 -21.83 5.35
CA PHE F 18 -9.77 -21.18 6.41
C PHE F 18 -9.85 -22.03 7.63
N GLY F 19 -9.55 -23.32 7.45
CA GLY F 19 -9.71 -24.29 8.53
C GLY F 19 -11.10 -24.19 9.12
N ALA F 20 -12.11 -24.31 8.24
CA ALA F 20 -13.53 -24.17 8.57
C ALA F 20 -14.36 -24.94 7.55
N LYS F 21 -15.65 -25.05 7.83
CA LYS F 21 -16.60 -25.75 6.97
C LYS F 21 -16.54 -25.18 5.58
N SER F 22 -16.47 -26.09 4.60
CA SER F 22 -16.26 -25.74 3.19
C SER F 22 -17.46 -25.03 2.58
N ILE F 23 -17.17 -23.91 1.93
CA ILE F 23 -18.14 -23.30 1.03
C ILE F 23 -17.65 -23.42 -0.41
N SER F 24 -18.46 -24.10 -1.21
CA SER F 24 -18.13 -24.43 -2.59
C SER F 24 -18.85 -23.52 -3.58
N THR F 25 -18.08 -22.91 -4.49
CA THR F 25 -18.66 -22.00 -5.47
C THR F 25 -19.27 -22.72 -6.65
N ILE F 26 -18.80 -23.93 -6.95
CA ILE F 26 -19.44 -24.74 -7.99
C ILE F 26 -20.71 -25.31 -7.39
N ALA F 27 -20.54 -25.98 -6.26
CA ALA F 27 -21.66 -26.57 -5.52
C ALA F 27 -22.90 -25.69 -5.60
N GLU F 28 -22.85 -24.46 -5.04
CA GLU F 28 -24.05 -23.59 -5.10
C GLU F 28 -23.98 -22.34 -5.98
N SER F 29 -24.05 -22.62 -7.27
CA SER F 29 -23.96 -21.65 -8.32
C SER F 29 -25.13 -21.85 -9.27
N LYS F 30 -26.02 -22.77 -8.90
CA LYS F 30 -27.13 -23.08 -9.75
C LYS F 30 -28.27 -22.16 -9.43
N ARG F 31 -28.36 -21.75 -8.18
CA ARG F 31 -29.35 -20.76 -7.79
C ARG F 31 -28.69 -19.57 -7.08
N PHE F 32 -29.46 -18.54 -6.77
CA PHE F 32 -28.99 -17.42 -5.95
C PHE F 32 -28.73 -17.92 -4.54
N PRO F 33 -27.55 -17.58 -3.95
CA PRO F 33 -27.18 -18.02 -2.58
C PRO F 33 -28.15 -17.50 -1.53
N LEU F 34 -28.36 -18.26 -0.46
CA LEU F 34 -29.38 -17.90 0.54
C LEU F 34 -28.78 -17.15 1.70
N HIS F 35 -27.53 -17.45 2.00
CA HIS F 35 -26.92 -17.02 3.23
C HIS F 35 -25.78 -16.07 3.02
N GLU F 36 -25.56 -15.21 4.01
CA GLU F 36 -24.40 -14.33 3.99
C GLU F 36 -23.13 -15.10 4.23
N MET F 37 -22.04 -14.44 3.87
CA MET F 37 -20.73 -14.97 4.05
C MET F 37 -19.98 -13.80 4.66
N ARG F 38 -18.86 -14.09 5.31
CA ARG F 38 -17.94 -13.06 5.80
C ARG F 38 -17.25 -12.44 4.60
N ASP F 39 -17.01 -11.14 4.67
CA ASP F 39 -16.50 -10.42 3.52
C ASP F 39 -15.18 -10.93 2.99
N ASP F 40 -14.23 -11.23 3.88
CA ASP F 40 -12.91 -11.61 3.45
C ASP F 40 -12.83 -13.06 3.05
N VAL F 41 -13.80 -13.85 3.48
CA VAL F 41 -13.84 -15.21 3.00
C VAL F 41 -14.30 -15.12 1.53
N ALA F 42 -15.38 -14.39 1.27
CA ALA F 42 -15.77 -14.12 -0.12
C ALA F 42 -14.62 -13.63 -1.03
N PHE F 43 -13.91 -12.62 -0.59
CA PHE F 43 -12.80 -12.08 -1.37
C PHE F 43 -11.70 -13.11 -1.59
N GLN F 44 -11.35 -13.85 -0.55
CA GLN F 44 -10.33 -14.87 -0.72
C GLN F 44 -10.75 -15.99 -1.71
N ILE F 45 -11.99 -16.45 -1.57
CA ILE F 45 -12.53 -17.44 -2.49
C ILE F 45 -12.47 -17.03 -3.98
N ILE F 46 -12.96 -15.84 -4.28
CA ILE F 46 -12.95 -15.30 -5.65
C ILE F 46 -11.56 -14.98 -6.11
N ASN F 47 -10.75 -14.39 -5.23
CA ASN F 47 -9.38 -14.03 -5.58
C ASN F 47 -8.63 -15.27 -5.94
N ASP F 48 -8.77 -16.27 -5.09
CA ASP F 48 -8.09 -17.53 -5.31
C ASP F 48 -8.48 -18.16 -6.63
N GLU F 49 -9.72 -17.98 -7.09
CA GLU F 49 -10.02 -18.68 -8.32
C GLU F 49 -9.68 -17.89 -9.52
N LEU F 50 -9.33 -16.63 -9.30
CA LEU F 50 -8.88 -15.80 -10.38
C LEU F 50 -7.45 -16.10 -10.81
N TYR F 51 -6.75 -16.97 -10.08
CA TYR F 51 -5.40 -17.38 -10.52
C TYR F 51 -5.42 -18.31 -11.72
N LEU F 52 -6.57 -18.95 -11.98
CA LEU F 52 -6.72 -19.85 -13.13
C LEU F 52 -6.88 -19.07 -14.44
N ASP F 53 -6.92 -17.76 -14.33
CA ASP F 53 -6.95 -16.91 -15.50
C ASP F 53 -5.52 -16.75 -15.97
N GLY F 54 -5.30 -16.73 -17.28
CA GLY F 54 -3.97 -16.44 -17.80
C GLY F 54 -3.63 -14.99 -17.52
N ASN F 55 -2.34 -14.65 -17.61
CA ASN F 55 -1.94 -13.25 -17.51
C ASN F 55 -1.68 -12.58 -18.86
N ALA F 56 -1.91 -13.32 -19.94
CA ALA F 56 -1.84 -12.79 -21.31
C ALA F 56 -0.49 -12.19 -21.76
N ARG F 57 0.52 -12.21 -20.87
CA ARG F 57 1.89 -11.83 -21.24
C ARG F 57 2.52 -12.74 -22.33
N GLN F 58 2.11 -14.00 -22.38
CA GLN F 58 2.59 -14.85 -23.45
C GLN F 58 1.52 -15.02 -24.50
N ASN F 59 0.45 -14.26 -24.41
CA ASN F 59 -0.59 -14.32 -25.41
C ASN F 59 -0.29 -13.40 -26.59
N LEU F 60 -0.21 -14.00 -27.79
CA LEU F 60 0.15 -13.25 -29.01
C LEU F 60 -1.02 -13.18 -29.99
N ALA F 61 -2.22 -13.50 -29.48
CA ALA F 61 -3.41 -13.54 -30.31
C ALA F 61 -4.04 -12.16 -30.23
N THR F 62 -4.08 -11.61 -29.01
CA THR F 62 -4.86 -10.38 -28.68
C THR F 62 -4.21 -9.00 -28.94
N PHE F 63 -5.06 -8.05 -29.34
CA PHE F 63 -4.66 -6.71 -29.73
C PHE F 63 -4.59 -5.79 -28.51
N CYS F 64 -5.38 -6.18 -27.50
CA CYS F 64 -5.71 -5.38 -26.32
C CYS F 64 -4.57 -5.26 -25.32
N GLN F 65 -4.43 -4.06 -24.80
CA GLN F 65 -3.39 -3.75 -23.86
C GLN F 65 -3.36 -4.74 -22.69
N THR F 66 -2.22 -5.34 -22.49
CA THR F 66 -2.07 -6.27 -21.41
C THR F 66 -0.88 -5.93 -20.50
N TRP F 67 -0.20 -4.80 -20.73
CA TRP F 67 0.96 -4.41 -19.93
C TRP F 67 0.48 -3.53 -18.79
N ASP F 68 1.00 -3.74 -17.57
CA ASP F 68 0.56 -2.99 -16.40
C ASP F 68 1.52 -1.86 -16.12
N ASP F 69 0.97 -0.72 -15.69
CA ASP F 69 1.70 0.51 -15.44
C ASP F 69 1.05 1.03 -14.18
N GLU F 70 1.87 1.28 -13.17
CA GLU F 70 1.35 1.67 -11.87
C GLU F 70 0.45 2.90 -11.94
N ASN F 71 0.80 3.85 -12.81
CA ASN F 71 0.05 5.10 -12.85
C ASN F 71 -1.37 4.91 -13.37
N VAL F 72 -1.52 4.22 -14.50
CA VAL F 72 -2.84 3.79 -14.98
C VAL F 72 -3.66 3.07 -13.88
N HIS F 73 -3.01 2.17 -13.09
CA HIS F 73 -3.69 1.43 -12.00
C HIS F 73 -4.30 2.32 -10.93
N LYS F 74 -3.63 3.44 -10.67
CA LYS F 74 -4.08 4.40 -9.64
C LYS F 74 -5.17 5.30 -10.17
N LEU F 75 -5.05 5.69 -11.44
CA LEU F 75 -6.10 6.48 -12.04
C LEU F 75 -7.37 5.62 -12.09
N MET F 76 -7.27 4.39 -12.61
CA MET F 76 -8.42 3.47 -12.70
C MET F 76 -9.07 3.27 -11.32
N ASP F 77 -8.24 3.18 -10.29
CA ASP F 77 -8.77 2.99 -8.96
C ASP F 77 -9.54 4.20 -8.41
N LEU F 78 -9.11 5.39 -8.78
CA LEU F 78 -9.74 6.57 -8.25
C LEU F 78 -11.09 6.73 -8.93
N SER F 79 -11.18 6.19 -10.14
CA SER F 79 -12.25 6.54 -11.04
C SER F 79 -13.32 5.49 -11.03
N ILE F 80 -13.23 4.56 -10.10
CA ILE F 80 -14.16 3.44 -10.07
C ILE F 80 -15.64 3.88 -10.11
N ASN F 81 -15.95 5.01 -9.47
CA ASN F 81 -17.33 5.48 -9.32
C ASN F 81 -17.68 6.74 -10.09
N LYS F 82 -16.67 7.32 -10.73
CA LYS F 82 -16.86 8.44 -11.62
C LYS F 82 -17.77 8.00 -12.79
N ASN F 83 -18.95 8.62 -12.91
CA ASN F 83 -19.86 8.26 -14.01
C ASN F 83 -19.66 9.11 -15.25
N TRP F 84 -19.27 8.46 -16.34
CA TRP F 84 -19.04 9.15 -17.56
C TRP F 84 -20.28 9.94 -18.01
N ILE F 85 -21.49 9.44 -17.71
CA ILE F 85 -22.71 10.08 -18.25
C ILE F 85 -23.15 11.26 -17.39
N ASP F 86 -22.61 11.35 -16.18
CA ASP F 86 -23.00 12.37 -15.22
C ASP F 86 -22.13 13.61 -15.30
N LYS F 87 -22.49 14.49 -16.23
CA LYS F 87 -21.70 15.66 -16.54
C LYS F 87 -21.71 16.66 -15.39
N GLU F 88 -22.74 16.53 -14.56
CA GLU F 88 -23.06 17.44 -13.49
C GLU F 88 -22.23 17.17 -12.26
N GLU F 89 -22.21 15.93 -11.76
CA GLU F 89 -21.44 15.61 -10.55
C GLU F 89 -19.95 15.45 -10.78
N TYR F 90 -19.56 15.06 -11.97
CA TYR F 90 -18.14 14.88 -12.27
C TYR F 90 -17.77 15.78 -13.43
N PRO F 91 -17.75 17.13 -13.18
CA PRO F 91 -17.55 18.14 -14.22
C PRO F 91 -16.14 18.07 -14.80
N GLN F 92 -15.17 17.78 -13.93
CA GLN F 92 -13.79 17.73 -14.33
C GLN F 92 -13.50 16.53 -15.20
N SER F 93 -14.08 15.37 -14.88
CA SER F 93 -13.97 14.19 -15.75
C SER F 93 -14.52 14.48 -17.15
N ALA F 94 -15.70 15.10 -17.18
CA ALA F 94 -16.34 15.54 -18.40
C ALA F 94 -15.37 16.41 -19.19
N ALA F 95 -14.76 17.38 -18.51
CA ALA F 95 -13.80 18.25 -19.16
C ALA F 95 -12.76 17.41 -19.90
N ILE F 96 -12.26 16.37 -19.24
CA ILE F 96 -11.19 15.57 -19.81
C ILE F 96 -11.68 14.71 -20.99
N ASP F 97 -12.90 14.19 -20.90
CA ASP F 97 -13.54 13.52 -22.04
C ASP F 97 -13.47 14.42 -23.30
N LEU F 98 -13.80 15.71 -23.17
CA LEU F 98 -13.92 16.56 -24.35
C LEU F 98 -12.57 16.91 -24.93
N ARG F 99 -11.60 17.05 -24.05
CA ARG F 99 -10.22 17.22 -24.47
C ARG F 99 -9.78 16.08 -25.39
N CYS F 100 -10.08 14.85 -25.03
CA CYS F 100 -9.64 13.73 -25.85
C CYS F 100 -10.36 13.77 -27.19
N VAL F 101 -11.66 14.02 -27.18
CA VAL F 101 -12.38 14.03 -28.44
C VAL F 101 -11.66 15.02 -29.35
N ASN F 102 -11.28 16.14 -28.77
CA ASN F 102 -10.56 17.15 -29.53
C ASN F 102 -9.27 16.64 -30.09
N MET F 103 -8.49 15.98 -29.22
CA MET F 103 -7.14 15.56 -29.55
C MET F 103 -7.18 14.44 -30.58
N VAL F 104 -8.12 13.52 -30.45
CA VAL F 104 -8.24 12.48 -31.45
C VAL F 104 -8.63 13.10 -32.80
N ALA F 105 -9.57 14.03 -32.77
CA ALA F 105 -10.10 14.65 -33.99
C ALA F 105 -8.96 15.37 -34.70
N ASP F 106 -8.20 16.14 -33.92
CA ASP F 106 -7.01 16.78 -34.46
C ASP F 106 -6.03 15.74 -35.00
N LEU F 107 -5.91 14.63 -34.28
CA LEU F 107 -4.98 13.58 -34.64
C LEU F 107 -5.31 13.11 -36.04
N TRP F 108 -6.60 13.04 -36.34
CA TRP F 108 -7.06 12.49 -37.62
C TRP F 108 -7.37 13.50 -38.71
N HIS F 109 -6.93 14.74 -38.52
CA HIS F 109 -7.07 15.86 -39.47
C HIS F 109 -8.51 16.26 -39.70
N ALA F 110 -9.37 16.11 -38.72
CA ALA F 110 -10.72 16.70 -38.87
C ALA F 110 -10.57 18.19 -39.18
N PRO F 111 -11.49 18.75 -40.00
CA PRO F 111 -11.54 20.19 -40.12
C PRO F 111 -11.66 20.84 -38.74
N ALA F 112 -10.98 21.97 -38.60
CA ALA F 112 -11.07 22.84 -37.43
C ALA F 112 -12.51 23.03 -37.03
N PRO F 113 -12.87 22.58 -35.83
CA PRO F 113 -14.24 22.66 -35.35
C PRO F 113 -14.71 24.12 -35.23
N LYS F 114 -15.92 24.38 -35.73
CA LYS F 114 -16.52 25.72 -35.78
C LYS F 114 -16.38 26.47 -34.47
N ASN F 115 -16.81 25.82 -33.38
CA ASN F 115 -16.92 26.41 -32.05
C ASN F 115 -15.98 25.81 -30.98
N GLY F 116 -14.77 25.42 -31.42
CA GLY F 116 -13.75 24.88 -30.53
C GLY F 116 -14.04 23.47 -30.01
N GLN F 117 -15.05 22.80 -30.54
CA GLN F 117 -15.35 21.45 -30.07
C GLN F 117 -15.67 20.43 -31.20
N ALA F 118 -14.74 19.50 -31.40
CA ALA F 118 -14.86 18.50 -32.45
C ALA F 118 -16.12 17.68 -32.29
N VAL F 119 -16.70 17.24 -33.39
CA VAL F 119 -17.90 16.43 -33.29
C VAL F 119 -17.49 14.98 -33.09
N GLY F 120 -17.82 14.42 -31.93
CA GLY F 120 -17.44 13.02 -31.66
C GLY F 120 -17.78 12.47 -30.29
N THR F 121 -17.45 11.21 -30.06
CA THR F 121 -17.73 10.59 -28.78
C THR F 121 -16.82 9.44 -28.40
N ASN F 122 -16.50 9.39 -27.11
CA ASN F 122 -15.94 8.20 -26.49
C ASN F 122 -16.93 7.08 -26.48
N THR F 123 -16.45 5.87 -26.65
CA THR F 123 -17.28 4.68 -26.51
C THR F 123 -16.54 3.63 -25.71
N ILE F 124 -17.25 2.55 -25.38
CA ILE F 124 -16.67 1.39 -24.71
C ILE F 124 -15.59 0.71 -25.60
N GLY F 125 -15.71 0.86 -26.92
CA GLY F 125 -14.69 0.37 -27.86
C GLY F 125 -15.12 0.58 -29.31
N SER F 126 -14.37 0.01 -30.25
CA SER F 126 -14.69 0.12 -31.67
C SER F 126 -16.09 -0.42 -31.99
N SER F 127 -16.47 -1.56 -31.42
CA SER F 127 -17.82 -2.08 -31.65
C SER F 127 -18.89 -0.98 -31.60
N GLU F 128 -19.00 -0.28 -30.47
CA GLU F 128 -20.01 0.78 -30.27
C GLU F 128 -19.76 1.94 -31.20
N ALA F 129 -18.51 2.37 -31.27
CA ALA F 129 -18.14 3.42 -32.23
C ALA F 129 -18.63 3.11 -33.66
N CYS F 130 -18.35 1.91 -34.19
CA CYS F 130 -18.84 1.44 -35.51
C CYS F 130 -20.37 1.40 -35.69
N MET F 131 -21.10 1.00 -34.64
CA MET F 131 -22.54 0.92 -34.77
C MET F 131 -23.01 2.32 -34.93
N LEU F 132 -22.34 3.25 -34.24
CA LEU F 132 -22.80 4.63 -34.29
C LEU F 132 -22.42 5.18 -35.66
N GLY F 133 -21.28 4.76 -36.16
CA GLY F 133 -20.82 5.14 -37.50
C GLY F 133 -21.79 4.67 -38.56
N GLY F 134 -22.17 3.40 -38.47
CA GLY F 134 -23.08 2.78 -39.43
C GLY F 134 -24.47 3.39 -39.38
N MET F 135 -24.99 3.65 -38.18
CA MET F 135 -26.28 4.32 -38.09
C MET F 135 -26.22 5.65 -38.82
N ALA F 136 -25.30 6.54 -38.40
CA ALA F 136 -25.03 7.81 -39.09
C ALA F 136 -25.07 7.71 -40.63
N MET F 137 -24.30 6.77 -41.18
CA MET F 137 -24.25 6.48 -42.60
C MET F 137 -25.60 6.13 -43.18
N LYS F 138 -26.29 5.18 -42.55
CA LYS F 138 -27.62 4.77 -42.94
C LYS F 138 -28.58 5.94 -42.89
N TRP F 139 -28.49 6.74 -41.84
CA TRP F 139 -29.38 7.89 -41.70
C TRP F 139 -29.09 8.97 -42.71
N ARG F 140 -27.81 9.24 -42.94
CA ARG F 140 -27.42 10.24 -43.91
C ARG F 140 -27.97 9.85 -45.26
N TRP F 141 -27.75 8.58 -45.62
CA TRP F 141 -28.26 7.98 -46.86
C TRP F 141 -29.77 8.06 -46.91
N ARG F 142 -30.48 7.55 -45.91
CA ARG F 142 -31.93 7.64 -45.92
C ARG F 142 -32.41 9.01 -46.37
N LYS F 143 -31.97 10.06 -45.68
CA LYS F 143 -32.46 11.39 -45.95
C LYS F 143 -32.27 11.78 -47.41
N ARG F 144 -31.05 11.65 -47.90
CA ARG F 144 -30.72 12.00 -49.27
C ARG F 144 -31.63 11.32 -50.29
N MET F 145 -32.12 10.11 -49.99
CA MET F 145 -32.98 9.37 -50.91
C MET F 145 -34.42 9.87 -50.84
N GLU F 146 -34.93 10.09 -49.63
CA GLU F 146 -36.28 10.63 -49.41
C GLU F 146 -36.43 12.00 -50.08
N ALA F 147 -35.35 12.78 -50.07
CA ALA F 147 -35.26 14.04 -50.83
C ALA F 147 -35.52 13.79 -52.31
N ALA F 148 -34.82 12.80 -52.88
CA ALA F 148 -34.92 12.50 -54.30
C ALA F 148 -36.17 11.69 -54.63
N GLY F 149 -36.93 11.36 -53.60
CA GLY F 149 -38.19 10.63 -53.79
C GLY F 149 -37.99 9.19 -54.23
N LYS F 150 -36.91 8.58 -53.77
CA LYS F 150 -36.61 7.20 -54.10
C LYS F 150 -36.98 6.22 -52.96
N PRO F 151 -37.02 4.91 -53.24
CA PRO F 151 -37.39 4.00 -52.17
C PRO F 151 -36.19 3.81 -51.23
N THR F 152 -36.46 3.52 -49.96
CA THR F 152 -35.43 3.53 -48.94
C THR F 152 -35.36 2.24 -48.12
N ASP F 153 -35.85 1.15 -48.71
CA ASP F 153 -36.06 -0.10 -47.98
C ASP F 153 -35.04 -1.18 -48.25
N LYS F 154 -34.09 -0.92 -49.12
CA LYS F 154 -33.01 -1.90 -49.39
C LYS F 154 -31.58 -1.32 -49.23
N PRO F 155 -31.23 -0.89 -48.02
CA PRO F 155 -29.86 -0.39 -47.84
C PRO F 155 -28.80 -1.48 -48.04
N ASN F 156 -27.63 -1.13 -48.56
CA ASN F 156 -26.51 -2.06 -48.54
C ASN F 156 -25.21 -1.37 -48.21
N LEU F 157 -24.27 -2.12 -47.64
CA LEU F 157 -23.03 -1.58 -47.10
C LEU F 157 -21.89 -2.35 -47.75
N VAL F 158 -20.93 -1.65 -48.31
CA VAL F 158 -19.86 -2.35 -49.06
C VAL F 158 -18.55 -2.26 -48.30
N CYS F 159 -17.90 -3.42 -48.14
CA CYS F 159 -16.71 -3.53 -47.31
C CYS F 159 -15.87 -4.79 -47.61
N GLY F 160 -14.65 -4.79 -47.09
CA GLY F 160 -13.76 -5.94 -47.18
C GLY F 160 -13.92 -6.96 -46.04
N PRO F 161 -12.82 -7.69 -45.72
CA PRO F 161 -12.80 -8.66 -44.61
C PRO F 161 -12.92 -7.95 -43.26
N VAL F 162 -14.12 -7.49 -42.93
CA VAL F 162 -14.35 -6.72 -41.72
C VAL F 162 -14.33 -7.56 -40.45
N GLN F 163 -14.05 -6.91 -39.32
CA GLN F 163 -14.23 -7.49 -38.00
C GLN F 163 -15.67 -7.89 -37.84
N ILE F 164 -15.91 -8.85 -36.97
CA ILE F 164 -17.26 -9.36 -36.77
C ILE F 164 -18.29 -8.32 -36.29
N CYS F 165 -17.85 -7.19 -35.77
CA CYS F 165 -18.82 -6.16 -35.35
C CYS F 165 -19.62 -5.61 -36.52
N TRP F 166 -19.05 -5.64 -37.72
CA TRP F 166 -19.72 -5.16 -38.93
C TRP F 166 -20.78 -6.11 -39.39
N HIS F 167 -20.50 -7.40 -39.26
CA HIS F 167 -21.50 -8.45 -39.47
C HIS F 167 -22.73 -8.23 -38.60
N LYS F 168 -22.51 -7.98 -37.31
CA LYS F 168 -23.60 -7.74 -36.40
C LYS F 168 -24.37 -6.50 -36.82
N PHE F 169 -23.66 -5.40 -37.16
CA PHE F 169 -24.31 -4.15 -37.54
C PHE F 169 -25.24 -4.36 -38.71
N ALA F 170 -24.75 -5.07 -39.73
CA ALA F 170 -25.60 -5.54 -40.81
C ALA F 170 -26.84 -6.28 -40.31
N ARG F 171 -26.70 -7.23 -39.40
CA ARG F 171 -27.86 -8.02 -38.99
C ARG F 171 -28.89 -7.19 -38.26
N TYR F 172 -28.39 -6.53 -37.22
CA TYR F 172 -29.19 -5.78 -36.25
C TYR F 172 -29.96 -4.60 -36.82
N TRP F 173 -29.41 -3.97 -37.88
CA TRP F 173 -30.01 -2.78 -38.50
C TRP F 173 -30.60 -3.03 -39.88
N ASP F 174 -30.67 -4.29 -40.25
CA ASP F 174 -31.30 -4.74 -41.51
C ASP F 174 -30.64 -4.15 -42.74
N VAL F 175 -29.31 -4.19 -42.79
CA VAL F 175 -28.55 -3.68 -43.94
C VAL F 175 -27.88 -4.84 -44.62
N GLU F 176 -28.07 -4.98 -45.94
CA GLU F 176 -27.49 -6.08 -46.73
C GLU F 176 -26.02 -5.81 -46.75
N LEU F 177 -25.25 -6.81 -46.30
CA LEU F 177 -23.80 -6.69 -46.24
C LEU F 177 -23.16 -7.18 -47.53
N ARG F 178 -22.53 -6.29 -48.28
CA ARG F 178 -21.80 -6.74 -49.46
C ARG F 178 -20.30 -6.81 -49.18
N GLU F 179 -19.90 -7.91 -48.54
CA GLU F 179 -18.51 -8.17 -48.14
C GLU F 179 -17.72 -8.73 -49.31
N ILE F 180 -16.88 -7.90 -49.94
CA ILE F 180 -15.97 -8.41 -50.95
C ILE F 180 -15.12 -9.57 -50.37
N PRO F 181 -15.26 -10.75 -50.98
CA PRO F 181 -14.63 -11.97 -50.50
C PRO F 181 -13.12 -11.90 -50.47
N MET F 182 -12.53 -12.59 -49.49
CA MET F 182 -11.10 -12.88 -49.51
C MET F 182 -10.86 -13.94 -50.56
N ARG F 183 -9.78 -13.81 -51.31
CA ARG F 183 -9.40 -14.91 -52.18
C ARG F 183 -7.90 -14.93 -52.40
N PRO F 184 -7.34 -16.12 -52.74
CA PRO F 184 -5.88 -16.25 -52.82
C PRO F 184 -5.30 -15.30 -53.85
N GLY F 185 -4.25 -14.58 -53.45
CA GLY F 185 -3.60 -13.62 -54.33
C GLY F 185 -4.29 -12.27 -54.31
N GLN F 186 -5.44 -12.20 -53.64
CA GLN F 186 -6.27 -10.99 -53.65
C GLN F 186 -7.06 -10.86 -52.35
N LEU F 187 -6.36 -10.54 -51.27
CA LEU F 187 -6.95 -10.76 -49.97
C LEU F 187 -7.90 -9.67 -49.44
N PHE F 188 -8.06 -8.57 -50.15
CA PHE F 188 -8.72 -7.41 -49.58
C PHE F 188 -9.63 -6.74 -50.59
N MET F 189 -10.25 -5.64 -50.18
CA MET F 189 -11.12 -4.91 -51.05
C MET F 189 -10.31 -3.98 -51.92
N ASP F 190 -10.20 -4.39 -53.18
CA ASP F 190 -9.59 -3.56 -54.22
C ASP F 190 -10.64 -2.64 -54.85
N PRO F 191 -10.19 -1.52 -55.45
CA PRO F 191 -11.08 -0.60 -56.13
C PRO F 191 -12.07 -1.25 -57.11
N LYS F 192 -11.64 -2.29 -57.81
CA LYS F 192 -12.44 -2.76 -58.91
C LYS F 192 -13.65 -3.55 -58.40
N ARG F 193 -13.45 -4.49 -57.48
CA ARG F 193 -14.57 -5.30 -56.97
C ARG F 193 -15.48 -4.48 -56.10
N MET F 194 -14.89 -3.46 -55.47
CA MET F 194 -15.63 -2.51 -54.69
C MET F 194 -16.69 -1.95 -55.59
N ILE F 195 -16.26 -1.23 -56.62
CA ILE F 195 -17.16 -0.57 -57.56
C ILE F 195 -18.33 -1.44 -58.05
N GLU F 196 -18.02 -2.68 -58.44
CA GLU F 196 -19.04 -3.63 -58.86
C GLU F 196 -20.14 -3.85 -57.83
N ALA F 197 -19.81 -3.63 -56.56
CA ALA F 197 -20.77 -3.78 -55.47
C ALA F 197 -21.62 -2.53 -55.17
N CYS F 198 -21.24 -1.36 -55.68
CA CYS F 198 -21.96 -0.11 -55.38
C CYS F 198 -23.21 0.14 -56.27
N ASP F 199 -24.27 0.71 -55.68
CA ASP F 199 -25.47 1.08 -56.44
C ASP F 199 -26.24 2.10 -55.65
N GLU F 200 -27.32 2.67 -56.19
CA GLU F 200 -27.94 3.80 -55.50
C GLU F 200 -28.26 3.45 -54.06
N ASN F 201 -28.21 2.18 -53.72
CA ASN F 201 -28.55 1.73 -52.38
C ASN F 201 -27.36 1.54 -51.39
N THR F 202 -26.15 1.84 -51.86
CA THR F 202 -24.96 1.72 -51.02
C THR F 202 -24.89 2.85 -50.01
N ILE F 203 -25.09 2.54 -48.73
CA ILE F 203 -25.16 3.55 -47.67
C ILE F 203 -23.77 4.08 -47.32
N GLY F 204 -22.76 3.41 -47.88
CA GLY F 204 -21.35 3.72 -47.63
C GLY F 204 -20.42 2.53 -47.83
N VAL F 205 -19.12 2.81 -47.84
CA VAL F 205 -18.05 1.82 -48.02
C VAL F 205 -17.19 1.86 -46.76
N VAL F 206 -16.74 0.71 -46.28
CA VAL F 206 -15.95 0.68 -45.06
C VAL F 206 -14.67 -0.10 -45.29
N PRO F 207 -13.56 0.63 -45.46
CA PRO F 207 -12.29 -0.03 -45.48
C PRO F 207 -11.79 -0.18 -44.06
N THR F 208 -11.26 -1.34 -43.76
CA THR F 208 -10.62 -1.59 -42.47
C THR F 208 -9.17 -1.12 -42.55
N PHE F 209 -8.82 -0.13 -41.74
CA PHE F 209 -7.43 0.33 -41.68
C PHE F 209 -6.68 -0.49 -40.65
N GLY F 210 -6.39 -1.72 -41.00
CA GLY F 210 -5.78 -2.64 -40.06
C GLY F 210 -6.69 -3.83 -39.91
N VAL F 211 -6.54 -4.77 -40.83
CA VAL F 211 -7.43 -5.93 -40.94
C VAL F 211 -7.13 -6.94 -39.87
N THR F 212 -8.17 -7.35 -39.13
CA THR F 212 -7.98 -8.23 -37.97
C THR F 212 -7.30 -9.52 -38.37
N TYR F 213 -7.77 -10.12 -39.46
CA TYR F 213 -7.30 -11.45 -39.81
C TYR F 213 -5.82 -11.49 -40.15
N THR F 214 -5.30 -10.40 -40.74
CA THR F 214 -3.96 -10.46 -41.32
C THR F 214 -2.99 -9.38 -40.86
N GLY F 215 -3.50 -8.20 -40.52
CA GLY F 215 -2.64 -7.07 -40.19
C GLY F 215 -2.46 -6.00 -41.27
N ASN F 216 -2.81 -6.31 -42.51
CA ASN F 216 -2.64 -5.32 -43.59
C ASN F 216 -3.66 -4.18 -43.51
N TYR F 217 -3.19 -2.99 -43.84
CA TYR F 217 -4.08 -1.88 -44.04
C TYR F 217 -4.79 -2.10 -45.36
N GLU F 218 -6.14 -1.97 -45.39
CA GLU F 218 -6.84 -1.57 -46.64
C GLU F 218 -6.62 -0.05 -46.80
N PHE F 219 -6.04 0.39 -47.92
CA PHE F 219 -5.71 1.82 -48.12
C PHE F 219 -6.86 2.65 -48.68
N PRO F 220 -7.43 3.57 -47.88
CA PRO F 220 -8.58 4.40 -48.32
C PRO F 220 -8.36 5.18 -49.62
N GLN F 221 -7.16 5.74 -49.83
CA GLN F 221 -6.95 6.64 -50.96
C GLN F 221 -7.29 6.08 -52.35
N PRO F 222 -6.72 4.91 -52.76
CA PRO F 222 -7.08 4.41 -54.12
C PRO F 222 -8.59 4.18 -54.29
N LEU F 223 -9.24 3.74 -53.21
CA LEU F 223 -10.68 3.52 -53.21
C LEU F 223 -11.43 4.83 -53.35
N HIS F 224 -10.94 5.87 -52.70
CA HIS F 224 -11.49 7.22 -52.88
C HIS F 224 -11.47 7.70 -54.37
N ASP F 225 -10.37 7.46 -55.08
CA ASP F 225 -10.31 7.87 -56.49
C ASP F 225 -11.25 7.06 -57.38
N ALA F 226 -11.48 5.80 -57.01
CA ALA F 226 -12.49 4.92 -57.60
C ALA F 226 -13.90 5.48 -57.39
N LEU F 227 -14.21 5.85 -56.14
CA LEU F 227 -15.50 6.43 -55.78
C LEU F 227 -15.76 7.80 -56.40
N ASP F 228 -14.69 8.60 -56.50
CA ASP F 228 -14.68 9.88 -57.23
C ASP F 228 -15.04 9.74 -58.70
N LYS F 229 -14.35 8.81 -59.36
CA LYS F 229 -14.54 8.48 -60.75
C LYS F 229 -15.97 7.93 -60.99
N PHE F 230 -16.40 7.09 -60.04
CA PHE F 230 -17.72 6.47 -60.03
C PHE F 230 -18.83 7.50 -59.89
N GLN F 231 -18.60 8.54 -59.09
CA GLN F 231 -19.58 9.62 -59.03
C GLN F 231 -19.74 10.33 -60.36
N ALA F 232 -18.64 10.55 -61.07
CA ALA F 232 -18.68 11.30 -62.31
C ALA F 232 -19.48 10.52 -63.35
N ASP F 233 -19.28 9.20 -63.37
CA ASP F 233 -19.91 8.35 -64.37
C ASP F 233 -21.37 8.10 -64.12
N THR F 234 -21.78 8.10 -62.86
CA THR F 234 -23.12 7.67 -62.53
C THR F 234 -23.95 8.66 -61.78
N GLY F 235 -23.33 9.69 -61.23
CA GLY F 235 -24.03 10.60 -60.34
C GLY F 235 -24.37 9.98 -58.97
N ILE F 236 -23.74 8.86 -58.62
CA ILE F 236 -23.88 8.32 -57.27
C ILE F 236 -22.79 8.90 -56.35
N ASP F 237 -23.20 9.41 -55.20
CA ASP F 237 -22.28 10.04 -54.26
C ASP F 237 -22.08 9.19 -52.98
N ILE F 238 -21.02 8.38 -52.96
CA ILE F 238 -20.86 7.38 -51.90
C ILE F 238 -19.82 7.74 -50.85
N ASP F 239 -20.18 7.49 -49.59
CA ASP F 239 -19.44 7.99 -48.43
C ASP F 239 -18.59 6.96 -47.74
N MET F 240 -17.60 7.39 -46.96
CA MET F 240 -16.75 6.42 -46.27
C MET F 240 -16.72 6.54 -44.77
N HIS F 241 -16.53 5.41 -44.13
CA HIS F 241 -16.23 5.37 -42.71
C HIS F 241 -15.10 4.36 -42.53
N ILE F 242 -14.02 4.82 -41.90
CA ILE F 242 -12.84 4.02 -41.78
C ILE F 242 -12.87 3.29 -40.48
N ASP F 243 -12.85 1.96 -40.55
CA ASP F 243 -12.63 1.15 -39.37
C ASP F 243 -11.12 1.12 -39.09
N ALA F 244 -10.66 2.13 -38.33
CA ALA F 244 -9.26 2.28 -37.96
C ALA F 244 -8.99 1.74 -36.56
N ALA F 245 -9.74 0.71 -36.18
CA ALA F 245 -9.61 0.14 -34.83
C ALA F 245 -8.16 0.01 -34.39
N SER F 246 -7.30 -0.46 -35.26
CA SER F 246 -5.89 -0.54 -34.92
C SER F 246 -5.04 0.54 -35.60
N GLY F 247 -5.27 0.76 -36.89
CA GLY F 247 -4.50 1.72 -37.67
C GLY F 247 -4.55 3.10 -37.10
N GLY F 248 -5.67 3.42 -36.45
CA GLY F 248 -5.95 4.75 -35.95
C GLY F 248 -4.89 5.38 -35.05
N PHE F 249 -4.15 4.57 -34.30
CA PHE F 249 -3.11 5.10 -33.40
C PHE F 249 -1.74 4.55 -33.76
N LEU F 250 -1.65 3.93 -34.95
CA LEU F 250 -0.34 3.62 -35.53
C LEU F 250 0.07 4.68 -36.53
N ALA F 251 -0.68 4.74 -37.65
CA ALA F 251 -0.24 5.47 -38.85
C ALA F 251 0.05 6.96 -38.66
N PRO F 252 -0.79 7.70 -37.90
CA PRO F 252 -0.49 9.10 -37.62
C PRO F 252 0.93 9.34 -37.08
N PHE F 253 1.51 8.36 -36.37
CA PHE F 253 2.84 8.53 -35.77
C PHE F 253 4.00 8.01 -36.64
N VAL F 254 3.90 6.78 -37.17
CA VAL F 254 5.04 6.21 -37.89
C VAL F 254 4.99 6.41 -39.42
N ALA F 255 3.92 7.03 -39.92
CA ALA F 255 3.66 7.05 -41.37
C ALA F 255 2.68 8.16 -41.75
N PRO F 256 2.97 9.41 -41.32
CA PRO F 256 2.01 10.52 -41.48
C PRO F 256 1.66 10.81 -42.92
N ASP F 257 2.48 10.31 -43.85
CA ASP F 257 2.23 10.40 -45.29
C ASP F 257 1.08 9.53 -45.83
N ILE F 258 0.74 8.45 -45.14
CA ILE F 258 -0.36 7.65 -45.60
C ILE F 258 -1.61 8.49 -45.44
N VAL F 259 -2.30 8.77 -46.55
CA VAL F 259 -3.56 9.58 -46.56
C VAL F 259 -4.79 8.67 -46.46
N TRP F 260 -5.44 8.71 -45.31
CA TRP F 260 -6.48 7.70 -44.99
C TRP F 260 -7.57 8.30 -44.12
N ASP F 261 -7.27 9.48 -43.58
CA ASP F 261 -8.09 10.11 -42.57
C ASP F 261 -8.93 11.19 -43.21
N PHE F 262 -9.38 12.14 -42.40
CA PHE F 262 -10.28 13.21 -42.85
C PHE F 262 -9.70 14.10 -43.95
N ARG F 263 -8.42 13.86 -44.29
CA ARG F 263 -7.77 14.55 -45.40
C ARG F 263 -8.49 14.22 -46.72
N LEU F 264 -9.26 13.14 -46.67
CA LEU F 264 -10.01 12.67 -47.81
C LEU F 264 -11.45 13.08 -47.61
N PRO F 265 -11.97 13.94 -48.52
CA PRO F 265 -13.27 14.55 -48.31
C PRO F 265 -14.43 13.56 -48.22
N ARG F 266 -14.26 12.31 -48.69
CA ARG F 266 -15.37 11.36 -48.63
C ARG F 266 -15.45 10.70 -47.29
N VAL F 267 -14.37 10.79 -46.54
CA VAL F 267 -14.30 10.21 -45.20
C VAL F 267 -15.13 11.08 -44.30
N LYS F 268 -16.31 10.60 -43.92
CA LYS F 268 -17.21 11.37 -43.13
C LYS F 268 -17.14 10.99 -41.66
N SER F 269 -16.48 9.88 -41.36
CA SER F 269 -16.25 9.44 -39.97
C SER F 269 -15.16 8.35 -39.87
N ILE F 270 -14.42 8.39 -38.76
CA ILE F 270 -13.33 7.44 -38.44
C ILE F 270 -13.55 6.94 -37.03
N SER F 271 -13.12 5.71 -36.74
CA SER F 271 -13.31 5.13 -35.42
C SER F 271 -12.11 4.29 -35.07
N ALA F 272 -11.80 4.19 -33.78
CA ALA F 272 -10.67 3.34 -33.35
C ALA F 272 -10.89 2.81 -31.96
N SER F 273 -10.05 1.86 -31.58
CA SER F 273 -10.07 1.35 -30.21
C SER F 273 -8.90 1.96 -29.44
N GLY F 274 -9.24 2.65 -28.36
CA GLY F 274 -8.29 3.15 -27.39
C GLY F 274 -7.48 2.00 -26.84
N HIS F 275 -8.16 0.89 -26.55
CA HIS F 275 -7.55 -0.26 -25.86
C HIS F 275 -6.77 -1.21 -26.75
N LYS F 276 -6.55 -0.80 -27.99
CA LYS F 276 -5.66 -1.55 -28.85
C LYS F 276 -4.33 -0.83 -28.94
N PHE F 277 -4.03 -0.16 -30.05
CA PHE F 277 -2.77 0.56 -30.16
C PHE F 277 -2.84 2.01 -29.69
N GLY F 278 -3.96 2.37 -29.07
CA GLY F 278 -4.08 3.68 -28.41
C GLY F 278 -3.53 3.64 -26.99
N LEU F 279 -3.23 2.42 -26.53
CA LEU F 279 -2.55 2.21 -25.24
C LEU F 279 -3.46 2.42 -24.06
N ALA F 280 -4.73 2.73 -24.31
CA ALA F 280 -5.71 2.88 -23.22
C ALA F 280 -6.04 1.53 -22.66
N PRO F 281 -6.28 1.43 -21.34
CA PRO F 281 -6.68 0.15 -20.73
C PRO F 281 -8.08 -0.27 -21.19
N LEU F 282 -8.36 -1.57 -21.19
CA LEU F 282 -9.67 -2.13 -21.65
C LEU F 282 -10.93 -1.28 -21.43
N GLY F 283 -11.78 -1.25 -22.46
CA GLY F 283 -13.08 -0.60 -22.43
C GLY F 283 -13.07 0.86 -22.82
N CYS F 284 -12.35 1.20 -23.90
CA CYS F 284 -12.26 2.57 -24.38
C CYS F 284 -12.22 2.69 -25.91
N GLY F 285 -13.19 3.41 -26.50
CA GLY F 285 -13.30 3.56 -27.97
C GLY F 285 -13.57 4.98 -28.44
N TRP F 286 -13.19 5.30 -29.67
CA TRP F 286 -13.44 6.64 -30.22
C TRP F 286 -14.13 6.62 -31.60
N VAL F 287 -15.14 7.47 -31.78
CA VAL F 287 -15.55 7.76 -33.12
C VAL F 287 -15.62 9.25 -33.30
N ILE F 288 -15.13 9.72 -34.45
CA ILE F 288 -15.14 11.12 -34.79
C ILE F 288 -15.88 11.33 -36.11
N TRP F 289 -16.70 12.38 -36.16
CA TRP F 289 -17.32 12.85 -37.40
C TRP F 289 -16.59 14.07 -37.95
N ARG F 290 -16.66 14.24 -39.25
CA ARG F 290 -15.87 15.25 -39.94
C ARG F 290 -16.35 16.63 -39.54
N ASP F 291 -17.65 16.76 -39.31
CA ASP F 291 -18.26 18.02 -38.90
C ASP F 291 -19.71 17.82 -38.48
N GLU F 292 -20.34 18.90 -37.98
CA GLU F 292 -21.75 18.93 -37.58
C GLU F 292 -22.63 18.16 -38.53
N GLU F 293 -22.46 18.39 -39.83
CA GLU F 293 -23.36 17.85 -40.83
C GLU F 293 -23.20 16.34 -41.11
N ALA F 294 -22.10 15.76 -40.63
CA ALA F 294 -21.88 14.32 -40.76
C ALA F 294 -22.78 13.49 -39.82
N LEU F 295 -23.18 14.08 -38.71
CA LEU F 295 -24.00 13.39 -37.73
C LEU F 295 -25.44 13.91 -37.78
N PRO F 296 -26.42 13.06 -38.21
CA PRO F 296 -27.84 13.46 -38.33
C PRO F 296 -28.40 13.86 -36.98
N GLN F 297 -29.06 15.02 -36.94
CA GLN F 297 -29.58 15.57 -35.70
C GLN F 297 -30.57 14.63 -34.99
N GLU F 298 -31.26 13.80 -35.78
CA GLU F 298 -32.29 12.89 -35.27
C GLU F 298 -31.74 11.84 -34.33
N LEU F 299 -30.43 11.61 -34.40
CA LEU F 299 -29.79 10.55 -33.60
C LEU F 299 -29.26 11.09 -32.27
N VAL F 300 -28.95 12.38 -32.23
CA VAL F 300 -28.47 13.03 -31.01
C VAL F 300 -29.64 13.27 -30.03
N PHE F 301 -29.52 12.77 -28.81
CA PHE F 301 -30.50 13.09 -27.77
C PHE F 301 -29.97 14.10 -26.76
N ASN F 302 -30.74 15.18 -26.59
CA ASN F 302 -30.44 16.24 -25.63
C ASN F 302 -30.98 15.89 -24.26
N VAL F 303 -30.11 15.94 -23.27
CA VAL F 303 -30.50 15.72 -21.88
C VAL F 303 -30.25 16.99 -21.08
N ASP F 304 -31.23 17.41 -20.30
CA ASP F 304 -31.07 18.58 -19.43
C ASP F 304 -30.18 18.20 -18.25
N TYR F 305 -29.26 19.11 -17.92
CA TYR F 305 -28.49 19.08 -16.67
C TYR F 305 -28.36 20.53 -16.13
N LEU F 306 -27.65 20.74 -15.02
CA LEU F 306 -27.60 22.06 -14.39
C LEU F 306 -26.90 23.18 -15.20
N GLY F 307 -25.79 22.86 -15.86
CA GLY F 307 -24.99 23.86 -16.59
C GLY F 307 -25.26 23.99 -18.09
N GLY F 308 -26.54 24.06 -18.47
CA GLY F 308 -26.94 24.02 -19.89
C GLY F 308 -27.51 22.65 -20.23
N GLN F 309 -27.35 22.23 -21.48
CA GLN F 309 -27.77 20.87 -21.85
C GLN F 309 -26.81 20.19 -22.82
N ILE F 310 -26.24 19.07 -22.38
CA ILE F 310 -25.31 18.32 -23.22
C ILE F 310 -26.05 17.16 -23.89
N GLY F 311 -26.00 17.17 -25.23
CA GLY F 311 -26.61 16.16 -26.08
C GLY F 311 -25.68 15.01 -26.42
N THR F 312 -26.21 13.79 -26.35
CA THR F 312 -25.44 12.58 -26.55
C THR F 312 -25.90 11.72 -27.70
N PHE F 313 -24.96 11.14 -28.43
CA PHE F 313 -25.30 10.09 -29.36
C PHE F 313 -24.49 8.87 -28.98
N ALA F 314 -24.96 8.09 -28.01
CA ALA F 314 -24.21 6.90 -27.60
C ALA F 314 -25.14 5.77 -27.26
N ILE F 315 -24.66 4.54 -27.48
CA ILE F 315 -25.49 3.39 -27.18
C ILE F 315 -25.63 3.16 -25.66
N ASN F 316 -24.50 3.20 -24.96
CA ASN F 316 -24.44 2.95 -23.52
C ASN F 316 -24.79 4.16 -22.72
N PHE F 317 -25.16 3.98 -21.44
CA PHE F 317 -25.52 5.15 -20.62
C PHE F 317 -24.51 5.30 -19.49
N SER F 318 -24.90 5.03 -18.23
CA SER F 318 -23.92 5.06 -17.13
C SER F 318 -22.79 4.09 -17.40
N ARG F 319 -21.56 4.50 -17.08
CA ARG F 319 -20.38 3.63 -17.13
C ARG F 319 -19.16 4.40 -16.57
N PRO F 320 -18.06 3.70 -16.24
CA PRO F 320 -16.93 4.42 -15.62
C PRO F 320 -16.15 5.36 -16.55
N ALA F 321 -15.51 6.35 -15.96
CA ALA F 321 -14.82 7.36 -16.71
C ALA F 321 -13.33 7.07 -16.58
N GLY F 322 -13.00 6.07 -15.78
CA GLY F 322 -11.62 5.60 -15.65
C GLY F 322 -10.82 5.54 -16.94
N GLN F 323 -11.38 4.91 -17.95
CA GLN F 323 -10.68 4.66 -19.22
C GLN F 323 -10.39 5.90 -20.02
N VAL F 324 -11.32 6.84 -20.01
CA VAL F 324 -11.09 8.13 -20.64
C VAL F 324 -9.96 8.79 -19.91
N ILE F 325 -9.95 8.67 -18.58
CA ILE F 325 -8.94 9.40 -17.81
C ILE F 325 -7.61 8.75 -18.14
N ALA F 326 -7.58 7.43 -18.06
CA ALA F 326 -6.37 6.71 -18.38
C ALA F 326 -5.90 7.11 -19.78
N GLN F 327 -6.84 7.19 -20.74
CA GLN F 327 -6.51 7.49 -22.15
C GLN F 327 -5.81 8.85 -22.23
N TYR F 328 -6.35 9.80 -21.48
CA TYR F 328 -5.79 11.13 -21.38
C TYR F 328 -4.34 11.07 -20.83
N TYR F 329 -4.12 10.29 -19.75
CA TYR F 329 -2.79 10.12 -19.17
C TYR F 329 -1.77 9.76 -20.24
N GLU F 330 -2.09 8.69 -20.96
CA GLU F 330 -1.28 8.19 -22.04
C GLU F 330 -1.02 9.29 -23.03
N PHE F 331 -2.07 9.99 -23.45
CA PHE F 331 -1.91 11.09 -24.42
C PHE F 331 -0.92 12.13 -23.94
N LEU F 332 -1.13 12.56 -22.70
CA LEU F 332 -0.40 13.64 -22.08
C LEU F 332 1.05 13.31 -21.89
N ARG F 333 1.33 12.10 -21.44
CA ARG F 333 2.69 11.79 -21.00
C ARG F 333 3.57 11.42 -22.17
N LEU F 334 2.96 10.98 -23.28
CA LEU F 334 3.69 10.55 -24.49
C LEU F 334 3.68 11.61 -25.60
N GLY F 335 2.50 12.00 -26.05
CA GLY F 335 2.40 12.90 -27.19
C GLY F 335 2.87 12.24 -28.49
N ARG F 336 2.86 13.03 -29.57
CA ARG F 336 3.40 12.59 -30.84
C ARG F 336 4.78 11.95 -30.67
N GLU F 337 5.68 12.71 -30.06
CA GLU F 337 7.04 12.28 -29.84
C GLU F 337 7.05 10.90 -29.23
N GLY F 338 6.34 10.77 -28.12
CA GLY F 338 6.34 9.56 -27.35
C GLY F 338 5.74 8.40 -28.10
N TYR F 339 4.52 8.59 -28.62
CA TYR F 339 3.79 7.53 -29.34
C TYR F 339 4.60 6.97 -30.49
N THR F 340 5.32 7.85 -31.16
CA THR F 340 6.17 7.47 -32.24
C THR F 340 7.17 6.43 -31.75
N LYS F 341 7.91 6.74 -30.68
CA LYS F 341 8.86 5.79 -30.13
C LYS F 341 8.19 4.50 -29.68
N VAL F 342 7.07 4.60 -28.95
CA VAL F 342 6.37 3.37 -28.53
C VAL F 342 5.94 2.54 -29.73
N GLN F 343 5.07 3.12 -30.58
CA GLN F 343 4.58 2.35 -31.70
C GLN F 343 5.77 1.79 -32.45
N ASN F 344 6.80 2.60 -32.61
CA ASN F 344 7.97 2.14 -33.35
C ASN F 344 8.63 0.89 -32.79
N ALA F 345 8.66 0.77 -31.47
CA ALA F 345 9.35 -0.35 -30.86
C ALA F 345 8.72 -1.66 -31.25
N SER F 346 7.40 -1.62 -31.45
CA SER F 346 6.63 -2.78 -31.82
C SER F 346 6.80 -3.13 -33.27
N TYR F 347 6.89 -2.15 -34.13
CA TYR F 347 7.21 -2.43 -35.52
C TYR F 347 8.57 -3.13 -35.67
N GLN F 348 9.55 -2.72 -34.87
CA GLN F 348 10.86 -3.33 -34.96
C GLN F 348 10.82 -4.80 -34.55
N VAL F 349 9.94 -5.16 -33.59
CA VAL F 349 9.88 -6.53 -33.07
C VAL F 349 9.22 -7.38 -34.13
N ALA F 350 8.17 -6.84 -34.70
CA ALA F 350 7.45 -7.56 -35.70
C ALA F 350 8.40 -7.78 -36.87
N ALA F 351 9.04 -6.73 -37.37
CA ALA F 351 10.02 -6.90 -38.44
C ALA F 351 11.02 -8.02 -38.07
N TYR F 352 11.65 -7.92 -36.91
CA TYR F 352 12.63 -8.92 -36.50
C TYR F 352 12.14 -10.39 -36.61
N LEU F 353 11.02 -10.71 -35.94
CA LEU F 353 10.31 -11.99 -36.07
C LEU F 353 10.04 -12.38 -37.50
N ALA F 354 9.45 -11.47 -38.29
CA ALA F 354 9.20 -11.68 -39.72
C ALA F 354 10.42 -12.26 -40.41
N ASP F 355 11.57 -11.59 -40.25
CA ASP F 355 12.85 -12.01 -40.83
C ASP F 355 13.40 -13.34 -40.30
N GLU F 356 13.19 -13.61 -39.01
CA GLU F 356 13.70 -14.82 -38.43
C GLU F 356 12.83 -16.01 -38.80
N ILE F 357 11.53 -15.87 -38.60
CA ILE F 357 10.59 -16.92 -38.93
C ILE F 357 10.71 -17.29 -40.42
N ALA F 358 10.99 -16.30 -41.26
CA ALA F 358 11.20 -16.54 -42.68
C ALA F 358 12.22 -17.67 -42.89
N LYS F 359 13.30 -17.64 -42.12
CA LYS F 359 14.40 -18.58 -42.29
C LYS F 359 14.11 -20.02 -41.89
N LEU F 360 13.01 -20.29 -41.17
CA LEU F 360 12.80 -21.59 -40.50
C LEU F 360 11.91 -22.63 -41.22
N GLY F 361 11.13 -22.19 -42.19
CA GLY F 361 10.25 -23.10 -42.91
C GLY F 361 9.90 -22.56 -44.28
N PRO F 362 9.09 -23.29 -45.05
CA PRO F 362 8.59 -22.83 -46.36
C PRO F 362 7.36 -21.92 -46.23
N TYR F 363 7.60 -20.66 -45.85
CA TYR F 363 6.52 -19.73 -45.50
C TYR F 363 6.30 -18.60 -46.49
N GLU F 364 5.04 -18.34 -46.84
CA GLU F 364 4.70 -17.24 -47.73
C GLU F 364 3.97 -16.19 -46.89
N PHE F 365 4.56 -14.99 -46.78
CA PHE F 365 4.13 -14.03 -45.77
C PHE F 365 3.05 -13.08 -46.24
N ILE F 366 1.86 -13.22 -45.69
CA ILE F 366 0.80 -12.25 -45.97
C ILE F 366 1.12 -10.91 -45.36
N CYS F 367 1.87 -10.90 -44.25
CA CYS F 367 2.16 -9.66 -43.56
C CYS F 367 3.45 -9.71 -42.80
N THR F 368 4.36 -8.81 -43.14
CA THR F 368 5.72 -8.81 -42.58
C THR F 368 5.95 -7.69 -41.57
N GLY F 369 4.91 -6.93 -41.22
CA GLY F 369 4.96 -6.02 -40.09
C GLY F 369 5.75 -4.75 -40.39
N ARG F 370 5.39 -4.13 -41.49
CA ARG F 370 6.12 -2.98 -41.93
C ARG F 370 5.19 -1.79 -41.79
N PRO F 371 5.70 -0.68 -41.25
CA PRO F 371 4.96 0.53 -40.96
C PRO F 371 4.01 0.96 -42.08
N ASP F 372 4.43 0.70 -43.33
CA ASP F 372 3.76 1.29 -44.52
C ASP F 372 2.75 0.37 -45.17
N GLU F 373 2.66 -0.86 -44.64
CA GLU F 373 1.70 -1.86 -45.11
C GLU F 373 0.65 -2.25 -44.09
N GLY F 374 0.87 -1.92 -42.82
CA GLY F 374 -0.06 -2.32 -41.80
C GLY F 374 0.34 -2.14 -40.35
N ILE F 375 -0.34 -2.87 -39.45
CA ILE F 375 -0.08 -2.85 -38.02
C ILE F 375 1.12 -3.75 -37.68
N PRO F 376 1.66 -3.65 -36.43
CA PRO F 376 2.82 -4.43 -36.05
C PRO F 376 2.47 -5.91 -35.86
N ALA F 377 2.36 -6.64 -36.96
CA ALA F 377 1.97 -8.04 -36.90
C ALA F 377 2.70 -8.87 -37.92
N VAL F 378 2.75 -10.17 -37.64
CA VAL F 378 3.34 -11.12 -38.55
C VAL F 378 2.24 -12.10 -38.90
N CYS F 379 2.14 -12.43 -40.17
CA CYS F 379 1.10 -13.31 -40.63
C CYS F 379 1.61 -14.03 -41.87
N PHE F 380 1.46 -15.35 -41.86
CA PHE F 380 2.04 -16.21 -42.87
C PHE F 380 1.31 -17.56 -42.86
N LYS F 381 1.44 -18.29 -43.96
CA LYS F 381 0.83 -19.61 -44.18
C LYS F 381 1.88 -20.46 -44.84
N LEU F 382 1.63 -21.75 -44.98
CA LEU F 382 2.62 -22.57 -45.67
C LEU F 382 2.62 -22.32 -47.19
N LYS F 383 3.79 -22.40 -47.83
CA LYS F 383 3.86 -22.31 -49.30
C LYS F 383 3.06 -23.43 -49.93
N ASP F 384 2.44 -23.16 -51.07
CA ASP F 384 1.58 -24.16 -51.68
C ASP F 384 2.33 -25.46 -51.96
N GLY F 385 1.64 -26.57 -51.69
CA GLY F 385 2.14 -27.89 -52.01
C GLY F 385 3.38 -28.28 -51.22
N GLU F 386 3.89 -27.35 -50.42
CA GLU F 386 5.01 -27.70 -49.58
C GLU F 386 4.47 -28.40 -48.33
N ASP F 387 5.03 -29.58 -48.03
CA ASP F 387 4.71 -30.24 -46.77
C ASP F 387 5.98 -30.38 -45.97
N PRO F 388 6.06 -29.64 -44.86
CA PRO F 388 7.25 -29.70 -44.05
C PRO F 388 7.05 -30.66 -42.91
N GLY F 389 6.01 -31.49 -42.98
CA GLY F 389 5.76 -32.48 -41.94
C GLY F 389 5.11 -31.92 -40.68
N TYR F 390 4.45 -30.77 -40.80
CA TYR F 390 3.55 -30.24 -39.76
C TYR F 390 2.58 -29.29 -40.44
N THR F 391 1.40 -29.14 -39.84
CA THR F 391 0.51 -28.04 -40.20
C THR F 391 0.77 -26.94 -39.18
N LEU F 392 0.40 -25.71 -39.55
CA LEU F 392 0.46 -24.61 -38.61
C LEU F 392 -0.42 -24.87 -37.39
N TYR F 393 -1.39 -25.78 -37.50
CA TYR F 393 -2.11 -26.16 -36.30
C TYR F 393 -1.22 -26.98 -35.36
N ASP F 394 -0.38 -27.83 -35.92
CA ASP F 394 0.45 -28.70 -35.11
C ASP F 394 1.51 -27.88 -34.39
N LEU F 395 1.91 -26.78 -35.02
CA LEU F 395 2.97 -25.96 -34.47
C LEU F 395 2.44 -25.08 -33.33
N SER F 396 1.25 -24.52 -33.51
CA SER F 396 0.59 -23.72 -32.48
C SER F 396 0.44 -24.48 -31.14
N GLU F 397 0.22 -25.79 -31.25
CA GLU F 397 0.00 -26.63 -30.08
C GLU F 397 1.31 -26.95 -29.35
N ARG F 398 2.42 -27.12 -30.07
CA ARG F 398 3.70 -27.32 -29.39
C ARG F 398 4.04 -26.06 -28.64
N LEU F 399 3.73 -24.92 -29.27
CA LEU F 399 3.95 -23.64 -28.64
C LEU F 399 3.09 -23.49 -27.41
N ARG F 400 1.83 -23.91 -27.47
CA ARG F 400 0.98 -23.77 -26.29
C ARG F 400 1.55 -24.51 -25.07
N LEU F 401 2.32 -25.56 -25.32
CA LEU F 401 2.96 -26.31 -24.25
C LEU F 401 4.11 -25.57 -23.61
N ARG F 402 4.54 -24.47 -24.22
CA ARG F 402 5.59 -23.64 -23.64
C ARG F 402 5.06 -22.27 -23.28
N GLY F 403 3.74 -22.18 -23.10
CA GLY F 403 3.05 -20.99 -22.63
C GLY F 403 2.56 -20.03 -23.70
N TRP F 404 2.97 -20.21 -24.95
CA TRP F 404 2.63 -19.23 -25.95
C TRP F 404 1.29 -19.55 -26.56
N GLN F 405 0.45 -18.54 -26.66
CA GLN F 405 -0.77 -18.69 -27.39
C GLN F 405 -0.55 -17.95 -28.67
N VAL F 406 -0.24 -18.71 -29.71
CA VAL F 406 0.00 -18.20 -31.04
C VAL F 406 -1.04 -18.82 -31.96
N PRO F 407 -2.10 -18.07 -32.25
CA PRO F 407 -3.27 -18.62 -32.93
C PRO F 407 -3.03 -19.05 -34.39
N ALA F 408 -3.47 -20.24 -34.76
CA ALA F 408 -3.59 -20.57 -36.17
C ALA F 408 -5.08 -20.70 -36.46
N PHE F 409 -5.52 -20.18 -37.62
CA PHE F 409 -6.93 -20.28 -38.05
C PHE F 409 -7.09 -20.26 -39.58
N THR F 410 -8.32 -20.35 -40.05
CA THR F 410 -8.53 -20.24 -41.48
C THR F 410 -9.09 -18.85 -41.80
N LEU F 411 -8.84 -18.41 -43.03
CA LEU F 411 -9.39 -17.16 -43.54
C LEU F 411 -10.81 -17.36 -44.07
N GLY F 412 -11.53 -16.26 -44.27
CA GLY F 412 -12.93 -16.28 -44.75
C GLY F 412 -13.13 -16.39 -46.26
N GLY F 413 -14.40 -16.31 -46.68
CA GLY F 413 -14.80 -16.36 -48.08
C GLY F 413 -14.28 -17.53 -48.90
N GLU F 414 -13.42 -17.21 -49.86
CA GLU F 414 -12.90 -18.17 -50.82
C GLU F 414 -11.47 -18.60 -50.45
N ALA F 415 -10.92 -17.90 -49.45
CA ALA F 415 -9.64 -18.27 -48.83
C ALA F 415 -9.89 -19.21 -47.68
N THR F 416 -11.13 -19.69 -47.62
CA THR F 416 -11.60 -20.69 -46.65
C THR F 416 -10.70 -21.92 -46.61
N ASP F 417 -9.95 -22.12 -47.68
CA ASP F 417 -9.01 -23.20 -47.80
C ASP F 417 -7.73 -22.93 -47.02
N ILE F 418 -7.27 -21.67 -47.03
CA ILE F 418 -5.98 -21.26 -46.44
C ILE F 418 -5.95 -21.14 -44.90
N VAL F 419 -4.82 -21.59 -44.34
CA VAL F 419 -4.57 -21.60 -42.91
C VAL F 419 -3.42 -20.66 -42.64
N VAL F 420 -3.66 -19.65 -41.82
CA VAL F 420 -2.60 -18.73 -41.47
C VAL F 420 -2.19 -18.91 -40.02
N MET F 421 -1.01 -18.38 -39.68
CA MET F 421 -0.59 -18.22 -38.29
C MET F 421 -0.26 -16.74 -38.15
N ARG F 422 -0.75 -16.10 -37.08
CA ARG F 422 -0.62 -14.65 -36.93
C ARG F 422 -0.05 -14.28 -35.58
N ILE F 423 0.98 -13.46 -35.57
CA ILE F 423 1.57 -13.01 -34.32
C ILE F 423 1.35 -11.49 -34.13
N MET F 424 0.67 -11.10 -33.06
CA MET F 424 0.50 -9.69 -32.78
C MET F 424 1.60 -9.26 -31.84
N CYS F 425 2.23 -8.12 -32.14
CA CYS F 425 3.23 -7.55 -31.27
C CYS F 425 2.69 -6.32 -30.61
N ARG F 426 2.40 -6.37 -29.32
CA ARG F 426 1.87 -5.17 -28.69
C ARG F 426 2.81 -4.69 -27.60
N ARG F 427 2.47 -3.57 -26.96
CA ARG F 427 3.34 -3.03 -25.93
C ARG F 427 3.56 -4.09 -24.84
N GLY F 428 4.81 -4.27 -24.42
CA GLY F 428 5.15 -5.23 -23.39
C GLY F 428 5.84 -6.44 -23.99
N PHE F 429 5.54 -6.73 -25.26
CA PHE F 429 6.23 -7.79 -26.01
C PHE F 429 7.54 -7.30 -26.65
N GLU F 430 8.57 -7.21 -25.81
CA GLU F 430 9.84 -6.63 -26.22
C GLU F 430 10.77 -7.61 -26.91
N MET F 431 11.87 -7.08 -27.45
CA MET F 431 12.90 -7.85 -28.15
C MET F 431 13.29 -9.14 -27.38
N ASP F 432 13.52 -9.02 -26.07
CA ASP F 432 13.86 -10.19 -25.23
C ASP F 432 12.89 -11.34 -25.31
N PHE F 433 11.59 -11.03 -25.33
CA PHE F 433 10.58 -12.06 -25.36
C PHE F 433 10.51 -12.59 -26.77
N ALA F 434 10.37 -11.68 -27.74
CA ALA F 434 10.56 -12.08 -29.12
C ALA F 434 11.68 -13.14 -29.24
N GLU F 435 12.82 -12.93 -28.54
CA GLU F 435 13.95 -13.88 -28.57
C GLU F 435 13.56 -15.24 -28.04
N LEU F 436 12.87 -15.23 -26.91
CA LEU F 436 12.45 -16.45 -26.23
C LEU F 436 11.47 -17.23 -27.11
N LEU F 437 10.51 -16.52 -27.70
CA LEU F 437 9.58 -17.14 -28.66
C LEU F 437 10.35 -17.94 -29.68
N LEU F 438 11.29 -17.28 -30.35
CA LEU F 438 12.12 -17.91 -31.36
C LEU F 438 12.77 -19.19 -30.84
N GLU F 439 13.37 -19.16 -29.67
CA GLU F 439 13.90 -20.40 -29.14
C GLU F 439 12.83 -21.48 -28.98
N ASP F 440 11.67 -21.11 -28.44
CA ASP F 440 10.57 -22.03 -28.33
C ASP F 440 10.00 -22.49 -29.69
N TYR F 441 10.08 -21.63 -30.70
CA TYR F 441 9.70 -22.01 -32.06
C TYR F 441 10.62 -23.09 -32.60
N LYS F 442 11.93 -22.84 -32.53
CA LYS F 442 12.97 -23.79 -32.96
C LYS F 442 12.84 -25.13 -32.26
N ALA F 443 12.66 -25.11 -30.94
CA ALA F 443 12.44 -26.34 -30.19
C ALA F 443 11.25 -27.10 -30.75
N SER F 444 10.15 -26.38 -30.92
CA SER F 444 8.92 -26.99 -31.39
C SER F 444 9.07 -27.64 -32.75
N LEU F 445 9.79 -27.01 -33.68
CA LEU F 445 10.05 -27.61 -34.99
C LEU F 445 10.78 -28.94 -34.89
N LYS F 446 11.86 -28.95 -34.12
CA LYS F 446 12.64 -30.15 -33.89
C LYS F 446 11.77 -31.25 -33.29
N TYR F 447 10.92 -30.90 -32.32
CA TYR F 447 10.08 -31.90 -31.67
C TYR F 447 9.21 -32.57 -32.71
N LEU F 448 8.46 -31.76 -33.45
CA LEU F 448 7.62 -32.24 -34.56
C LEU F 448 8.41 -33.00 -35.59
N SER F 449 9.66 -32.62 -35.80
CA SER F 449 10.49 -33.35 -36.75
C SER F 449 10.76 -34.74 -36.18
N ASP F 450 11.14 -34.77 -34.90
CA ASP F 450 11.50 -35.99 -34.20
C ASP F 450 10.33 -36.92 -33.93
N HIS F 451 9.12 -36.39 -34.06
CA HIS F 451 7.94 -37.20 -33.83
C HIS F 451 6.93 -36.98 -34.96
N PRO F 452 7.12 -37.67 -36.10
CA PRO F 452 6.29 -37.38 -37.29
C PRO F 452 4.81 -37.78 -37.14
N LYS F 453 4.50 -38.62 -36.14
CA LYS F 453 3.14 -39.13 -35.97
C LYS F 453 2.23 -38.01 -35.57
N LEU F 454 2.83 -36.87 -35.23
CA LEU F 454 2.06 -35.75 -34.73
C LEU F 454 1.37 -34.92 -35.82
N GLN F 455 1.65 -35.27 -37.08
CA GLN F 455 1.19 -34.48 -38.22
C GLN F 455 -0.32 -34.60 -38.44
N GLY F 456 -0.93 -33.43 -38.63
CA GLY F 456 -2.32 -33.28 -39.03
C GLY F 456 -3.37 -33.62 -37.99
N ILE F 457 -2.92 -33.96 -36.77
CA ILE F 457 -3.85 -34.37 -35.72
C ILE F 457 -4.67 -33.21 -35.16
N ALA F 458 -4.02 -32.07 -34.88
CA ALA F 458 -4.74 -30.96 -34.23
C ALA F 458 -5.44 -30.07 -35.27
N GLN F 459 -6.71 -29.74 -35.02
CA GLN F 459 -7.52 -29.01 -36.03
C GLN F 459 -8.56 -28.00 -35.50
N GLN F 460 -8.35 -27.47 -34.30
CA GLN F 460 -9.30 -26.55 -33.66
C GLN F 460 -8.88 -25.08 -33.82
N ASN F 461 -9.77 -24.27 -34.39
CA ASN F 461 -9.48 -22.84 -34.65
C ASN F 461 -9.32 -22.00 -33.38
N SER F 462 -8.35 -21.08 -33.40
CA SER F 462 -8.10 -20.21 -32.26
C SER F 462 -8.95 -18.98 -32.41
N PHE F 463 -9.34 -18.39 -31.28
CA PHE F 463 -10.00 -17.08 -31.24
C PHE F 463 -9.17 -16.14 -32.14
N LYS F 464 -9.85 -15.47 -33.07
CA LYS F 464 -9.15 -14.66 -34.07
C LYS F 464 -9.60 -13.21 -34.11
N HIS F 465 -10.69 -12.86 -33.43
CA HIS F 465 -11.30 -11.55 -33.63
C HIS F 465 -10.73 -10.38 -32.81
N THR F 466 -9.93 -10.67 -31.77
CA THR F 466 -9.23 -9.60 -31.04
C THR F 466 -8.42 -10.06 -29.84
N1 PLR G . 12.64 -36.25 2.05
C2 PLR G . 11.42 -36.37 1.45
C2A PLR G . 10.51 -37.55 1.71
C3 PLR G . 10.99 -35.36 0.58
O3 PLR G . 9.76 -35.47 -0.02
C4 PLR G . 11.82 -34.24 0.37
C4A PLR G . 11.41 -33.15 -0.56
C5 PLR G . 13.07 -34.14 0.99
C6 PLR G . 13.46 -35.18 1.85
C5A PLR G . 13.98 -32.95 0.73
O4P PLR G . 13.75 -31.85 1.63
P PLR G . 13.67 -30.28 1.20
O1P PLR G . 12.76 -29.64 2.22
O2P PLR G . 13.06 -30.34 -0.17
O3P PLR G . 15.09 -29.75 1.24
N1 PLR H . 34.18 -16.76 4.93
C2 PLR H . 34.51 -15.48 5.29
C2A PLR H . 35.91 -14.99 5.05
C3 PLR H . 33.55 -14.67 5.86
O3 PLR H . 33.88 -13.39 6.20
C4 PLR H . 32.25 -15.18 6.05
C4A PLR H . 31.11 -14.26 6.43
C5 PLR H . 31.95 -16.50 5.67
C6 PLR H . 32.95 -17.27 5.10
C5A PLR H . 30.57 -17.11 5.86
O4P PLR H . 29.65 -16.63 4.89
P PLR H . 28.04 -16.85 5.07
O1P PLR H . 27.46 -16.47 3.74
O2P PLR H . 27.65 -15.90 6.20
O3P PLR H . 27.87 -18.33 5.31
N1 PLR I . 0.43 17.51 34.00
C2 PLR I . 0.74 16.27 34.48
C2A PLR I . 0.30 15.83 35.83
C3 PLR I . 1.46 15.39 33.69
O3 PLR I . 1.77 14.14 34.16
C4 PLR I . 1.88 15.82 32.42
C4A PLR I . 2.69 14.86 31.60
C5 PLR I . 1.55 17.10 31.94
C6 PLR I . 0.81 17.93 32.78
C5A PLR I . 1.98 17.59 30.57
O4P PLR I . 1.07 17.09 29.56
P PLR I . 1.25 17.16 27.95
O1P PLR I . 0.02 16.45 27.53
O2P PLR I . 2.50 16.38 27.60
O3P PLR I . 1.24 18.63 27.54
N1 PLR J . -0.63 36.28 12.19
C2 PLR J . -0.96 36.55 10.90
C2A PLR J . -0.48 37.81 10.25
C3 PLR J . -1.72 35.66 10.16
O3 PLR J . -2.01 35.96 8.87
C4 PLR J . -2.16 34.48 10.76
C4A PLR J . -2.82 33.35 9.92
C5 PLR J . -1.83 34.21 12.09
C6 PLR J . -1.07 35.16 12.78
C5A PLR J . -2.29 32.91 12.78
O4P PLR J . -1.21 31.97 12.69
P PLR J . -1.40 30.39 12.88
O1P PLR J . -0.17 29.76 12.27
O2P PLR J . -2.63 30.10 12.06
O3P PLR J . -1.51 30.17 14.38
N1 PLR K . -34.18 2.24 -17.33
C2 PLR K . -34.38 2.73 -16.09
C2A PLR K . -35.76 2.58 -15.47
C3 PLR K . -33.34 3.34 -15.39
O3 PLR K . -33.53 3.82 -14.13
C4 PLR K . -32.10 3.46 -16.00
C4A PLR K . -30.96 4.12 -15.30
C5 PLR K . -31.91 2.97 -17.27
C6 PLR K . -32.98 2.36 -17.93
C5A PLR K . -30.55 3.08 -17.94
O4P PLR K . -29.67 2.12 -17.38
P PLR K . -28.07 2.32 -17.38
O1P PLR K . -27.72 1.10 -16.58
O2P PLR K . -27.77 3.63 -16.66
O3P PLR K . -27.69 2.25 -18.84
N1 PLR L . -12.46 -3.60 -35.88
C2 PLR L . -11.22 -4.19 -35.86
C2A PLR L . -10.29 -4.16 -37.05
C3 PLR L . -10.79 -4.83 -34.71
O3 PLR L . -9.57 -5.42 -34.71
C4 PLR L . -11.60 -4.88 -33.59
C4A PLR L . -11.09 -5.25 -32.28
C5 PLR L . -12.87 -4.29 -33.61
C6 PLR L . -13.26 -3.64 -34.79
C5A PLR L . -13.76 -4.34 -32.37
O4P PLR L . -13.32 -3.38 -31.40
P PLR L . -13.55 -3.47 -29.80
O1P PLR L . -12.84 -2.27 -29.22
O2P PLR L . -12.93 -4.81 -29.44
O3P PLR L . -15.07 -3.38 -29.76
#